data_9ARI
#
_entry.id   9ARI
#
_cell.length_a   1.00
_cell.length_b   1.00
_cell.length_c   1.00
_cell.angle_alpha   90.00
_cell.angle_beta   90.00
_cell.angle_gamma   90.00
#
_symmetry.space_group_name_H-M   'P 1'
#
loop_
_entity.id
_entity.type
_entity.pdbx_description
1 polymer 'Isoform B of Glutamate receptor ionotropic, NMDA 1'
2 polymer 'Glutamate receptor ionotropic, NMDA 2B'
3 non-polymer 'GLUTAMIC ACID'
#
loop_
_entity_poly.entity_id
_entity_poly.type
_entity_poly.pdbx_seq_one_letter_code
_entity_poly.pdbx_strand_id
1 'polypeptide(L)'
;MSTMHLLTFALLFSCSFARAASDPKIVNIGAVLSTRKHEQMFREAVNQANKRHGSWKIQLQATSVTHKPNAIQMALSVCE
DLISSQVYAILVSHPPTPNDHFTPTPVSYTAGFYRIPVLGLTTRMSIYSDKSIHLSFLRTVPPYSHQSSVWFEMMRVYNW
NHIILLVSDDHEGRAAQKRLETLLEERESKSKKRNYENLDQLSYDNKRGPKAEKVLQFDPGTKNVTALLMEARELEARVI
ILSASEDDAATVYRAAAMLDMTGSGYVWLVGEREISGNALRYAPDGIIGLQLINGKNESAHISDAVGVVAQAVHELLEKE
NITDPPRGCVGNTNIWKTGPLFKRVLMSSKYADGVTGRVEFNEDGDRKFAQYSIMNLQNRKLVQVGIYNGTHVIPNDRKI
IWPGGETEKPRGYQMSTRLKIVTIHQEPFVYVKPTMSDGTCKEEFTVNGDPVKKVICTGPNDTSPGSPRHTVPQCCYGFC
IDLLIKLARTMQFTYEVHLVADGKFGTQERVQNSNKKEWNGMMGELLSGQADMIVAPLTINNERAQYIEFSKPFKYQGLT
ILVKKEIPRSTLDSFMQPFQSTLWLLVGLSVHVVAVMLYLLDRFSPFGRFKVNSQSESTDALTLSSAMWFSWGVLLNSGI
GEGAPRSFSARILGMVWAGFAMIIVASYTANLAAFLVLDRPEERITGINDPRLRNPSDKFIYATVKQSSVDIYFRRQVEL
STMYRHMEKHNYESAAEAIQAVRDNKLHAFIWDSAVLEFEASQKCDLVTTGELFFRSGFGIGMRKDSPWKQQVSLSILKS
HENGFMEDLDKTWVRYQECDSRSNAPATLTCENMAGVFMLVAGGIVAGIFLIFIEIAYKRHKDARRKQMQLAFAAVNVWR
KNLQDRKSGRAEPDPKKKATFRAITSTLASSFKRRRSSKDTSTGGGRGALQNQKDTVLPRRAIEREEGQLQLCSRHRES
;
A,C
2 'polypeptide(L)'
;MGTMRLFLLAVLFLFSFARATGWSHPQFEKGGGSGGGSGGSAWSHPQFEKGALVPRGRSQKSPPSIGIAVILVGTSDEVA
IKDAHEKDDFHHLSVVPRVELVAMNETDPKSIITRICDLMSDRKIQGVVFADDTDQEAIAQILDFISAQTLTPILGIHGG
SSMIMADKDESSMFFQFGPSIEQQASVMLNIMEEYDWYIFSIVTTYFPGYQDFVNKIRSTIENSFVGWELEEVLLLDMSL
DDGDSKIQNQLKKLQSPIILLYCTKEEATYIFEVANSVGLTGYGYTWIVPSLVAGDTDTVPSEFPTGLISVSYDEWDYGL
PARVRDGIAIITTAASDMLSEHSFIPEPKSSCYNTHEKRIYQSNMLNRYLINVTFEGRDLSFSEDGYQMHPKLVIILLNK
ERKWERVGKWKDKSLQMKYYVWPRMCPETEEQEDDHLSIVTLEEAPFVIVESVDPLSGTCMRNTVPCQKRIISENKTDEE
PGYIKKCCKGFCIDILKKISKSVKFTYDLYLVTNGKHGKKINGTWNGMIGEVVMKRAYMAVGSLTINEERSEVVDFSVPF
IETGISVMVSRSNGTVSPSAFLEPFSACVWVMMFVMLLIVSAVAVFVFEYFSPVGYNRSLADGREPGGPSFTIGKAIWLL
WGLVFNNSVPVQNPKGTTSKIMVSVWAFFAVIFLASYTANLAAFMIQEEYVDQVSGLSDKKFQRPNDFSPPFRFGTVPNG
STERNIRNNYAEMHAYMGKFNQRGVDDALLSLKTGKLDAFIYDAAVLNYMAGRDEGCKLVTIGSGKVFASTGYGIAIQKD
SGWKRQVDLAILQLFGDGEMEELEALWLTGICHNEKNEVMSSQLDIDNMAGVFYMLGAAMALSLITFISEHLFYWQFRHS
FMG
;
B,D
#
# COMPACT_ATOMS: atom_id res chain seq x y z
N LYS A 25 20.33 -44.13 -58.07
CA LYS A 25 21.34 -44.90 -57.35
C LYS A 25 20.69 -46.07 -56.62
N ILE A 26 21.51 -46.81 -55.86
CA ILE A 26 21.06 -47.97 -55.10
C ILE A 26 21.26 -47.67 -53.62
N VAL A 27 20.20 -47.87 -52.83
CA VAL A 27 20.25 -47.68 -51.38
C VAL A 27 20.19 -49.08 -50.77
N ASN A 28 21.36 -49.65 -50.50
CA ASN A 28 21.46 -50.98 -49.91
C ASN A 28 21.13 -50.88 -48.43
N ILE A 29 19.96 -51.36 -48.04
CA ILE A 29 19.52 -51.26 -46.65
C ILE A 29 20.23 -52.35 -45.84
N GLY A 30 20.99 -51.92 -44.83
CA GLY A 30 21.60 -52.89 -43.93
C GLY A 30 20.60 -53.38 -42.89
N ALA A 31 20.54 -54.69 -42.74
CA ALA A 31 19.56 -55.32 -41.86
C ALA A 31 20.23 -56.39 -41.02
N VAL A 32 19.79 -56.51 -39.78
CA VAL A 32 20.23 -57.56 -38.86
C VAL A 32 19.03 -58.41 -38.50
N LEU A 33 19.17 -59.72 -38.63
CA LEU A 33 18.07 -60.66 -38.40
C LEU A 33 18.52 -61.72 -37.41
N SER A 34 17.56 -62.22 -36.62
CA SER A 34 17.87 -63.26 -35.64
C SER A 34 17.94 -64.63 -36.28
N THR A 35 17.16 -64.85 -37.35
CA THR A 35 17.11 -66.14 -38.04
C THR A 35 17.37 -65.91 -39.53
N ARG A 36 18.09 -66.85 -40.14
CA ARG A 36 18.39 -66.75 -41.57
C ARG A 36 17.13 -66.88 -42.41
N LYS A 37 16.13 -67.63 -41.93
CA LYS A 37 14.87 -67.73 -42.66
C LYS A 37 14.20 -66.37 -42.76
N HIS A 38 14.19 -65.61 -41.67
CA HIS A 38 13.66 -64.25 -41.74
C HIS A 38 14.55 -63.33 -42.57
N GLU A 39 15.85 -63.62 -42.67
CA GLU A 39 16.70 -62.86 -43.57
C GLU A 39 16.31 -63.09 -45.03
N GLN A 40 16.05 -64.34 -45.40
CA GLN A 40 15.59 -64.63 -46.75
C GLN A 40 14.19 -64.04 -46.99
N MET A 41 13.35 -64.05 -45.96
CA MET A 41 12.04 -63.42 -46.07
C MET A 41 12.15 -61.92 -46.32
N PHE A 42 13.06 -61.25 -45.60
CA PHE A 42 13.28 -59.83 -45.82
C PHE A 42 13.90 -59.56 -47.20
N ARG A 43 14.75 -60.45 -47.68
CA ARG A 43 15.28 -60.32 -49.03
C ARG A 43 14.16 -60.41 -50.07
N GLU A 44 13.27 -61.38 -49.92
CA GLU A 44 12.12 -61.48 -50.81
C GLU A 44 11.21 -60.26 -50.70
N ALA A 45 11.05 -59.73 -49.48
CA ALA A 45 10.20 -58.57 -49.27
C ALA A 45 10.78 -57.33 -49.96
N VAL A 46 12.09 -57.12 -49.85
CA VAL A 46 12.69 -55.96 -50.51
C VAL A 46 12.71 -56.16 -52.02
N ASN A 47 12.85 -57.41 -52.49
CA ASN A 47 12.76 -57.68 -53.92
C ASN A 47 11.38 -57.35 -54.45
N GLN A 48 10.33 -57.65 -53.66
CA GLN A 48 8.98 -57.31 -54.07
C GLN A 48 8.71 -55.81 -53.97
N ALA A 49 9.28 -55.15 -52.97
CA ALA A 49 9.08 -53.71 -52.78
C ALA A 49 9.89 -52.86 -53.76
N ASN A 50 10.91 -53.44 -54.40
CA ASN A 50 11.68 -52.71 -55.40
C ASN A 50 10.81 -52.20 -56.53
N LYS A 51 9.66 -52.84 -56.78
CA LYS A 51 8.76 -52.34 -57.82
C LYS A 51 8.14 -51.00 -57.42
N ARG A 52 7.95 -50.77 -56.12
CA ARG A 52 7.38 -49.53 -55.60
C ARG A 52 6.01 -49.22 -56.20
N ILE A 58 15.17 -44.57 -58.48
CA ILE A 58 16.27 -45.23 -57.77
C ILE A 58 15.82 -46.58 -57.24
N GLN A 59 16.75 -47.52 -57.16
CA GLN A 59 16.49 -48.87 -56.68
C GLN A 59 17.13 -49.04 -55.30
N LEU A 60 16.89 -50.20 -54.70
CA LEU A 60 17.41 -50.53 -53.39
C LEU A 60 17.96 -51.94 -53.38
N GLN A 61 19.03 -52.16 -52.62
CA GLN A 61 19.63 -53.46 -52.43
C GLN A 61 19.40 -53.92 -50.99
N ALA A 62 19.99 -55.05 -50.62
CA ALA A 62 19.78 -55.63 -49.30
C ALA A 62 21.11 -56.10 -48.73
N THR A 63 21.41 -55.69 -47.51
CA THR A 63 22.59 -56.13 -46.77
C THR A 63 22.13 -56.77 -45.47
N SER A 64 22.41 -58.06 -45.32
CA SER A 64 21.93 -58.84 -44.18
C SER A 64 23.10 -59.37 -43.39
N VAL A 65 22.90 -59.53 -42.08
CA VAL A 65 23.91 -60.07 -41.18
C VAL A 65 23.20 -60.68 -39.98
N THR A 66 23.67 -61.84 -39.54
CA THR A 66 23.06 -62.54 -38.42
C THR A 66 23.47 -61.87 -37.11
N HIS A 67 22.71 -62.18 -36.05
CA HIS A 67 22.99 -61.59 -34.75
C HIS A 67 24.16 -62.30 -34.08
N LYS A 68 24.76 -61.59 -33.12
CA LYS A 68 25.91 -62.09 -32.37
C LYS A 68 25.52 -62.41 -30.93
N PRO A 69 26.22 -63.36 -30.29
CA PRO A 69 25.88 -63.68 -28.90
C PRO A 69 26.24 -62.58 -27.92
N ASN A 70 27.17 -61.70 -28.28
CA ASN A 70 27.59 -60.61 -27.40
C ASN A 70 27.48 -59.29 -28.14
N ALA A 71 27.55 -58.20 -27.38
CA ALA A 71 27.44 -56.87 -27.97
C ALA A 71 28.74 -56.44 -28.65
N ILE A 72 29.87 -57.04 -28.28
CA ILE A 72 31.14 -56.68 -28.91
C ILE A 72 31.18 -57.16 -30.35
N GLN A 73 30.91 -58.45 -30.56
CA GLN A 73 30.89 -59.00 -31.90
C GLN A 73 29.78 -58.38 -32.75
N MET A 74 28.63 -58.08 -32.14
CA MET A 74 27.53 -57.44 -32.85
C MET A 74 27.94 -56.05 -33.33
N ALA A 75 28.54 -55.26 -32.44
CA ALA A 75 29.00 -53.93 -32.84
C ALA A 75 30.08 -54.00 -33.89
N LEU A 76 30.99 -54.97 -33.78
CA LEU A 76 32.04 -55.13 -34.79
C LEU A 76 31.44 -55.48 -36.15
N SER A 77 30.44 -56.36 -36.17
CA SER A 77 29.80 -56.73 -37.42
C SER A 77 29.00 -55.57 -38.01
N VAL A 78 28.37 -54.75 -37.17
CA VAL A 78 27.63 -53.59 -37.67
C VAL A 78 28.60 -52.56 -38.24
N CYS A 79 29.74 -52.38 -37.59
CA CYS A 79 30.79 -51.53 -38.15
C CYS A 79 31.30 -52.09 -39.47
N GLU A 80 31.41 -53.41 -39.58
CA GLU A 80 31.73 -54.02 -40.87
C GLU A 80 30.58 -53.88 -41.85
N ASP A 81 29.34 -53.89 -41.34
CA ASP A 81 28.18 -53.63 -42.19
C ASP A 81 28.04 -52.16 -42.52
N LEU A 82 28.67 -51.27 -41.75
CA LEU A 82 28.59 -49.85 -42.02
C LEU A 82 29.56 -49.44 -43.11
N ILE A 83 30.78 -49.99 -43.09
CA ILE A 83 31.77 -49.63 -44.09
C ILE A 83 31.35 -50.09 -45.48
N SER A 84 30.39 -51.02 -45.55
CA SER A 84 29.95 -51.52 -46.85
C SER A 84 29.05 -50.51 -47.56
N SER A 85 27.90 -50.20 -46.98
CA SER A 85 26.95 -49.29 -47.59
C SER A 85 26.73 -48.02 -46.78
N GLN A 86 26.35 -48.14 -45.50
CA GLN A 86 26.08 -47.01 -44.61
C GLN A 86 24.97 -46.09 -45.15
N VAL A 87 24.16 -46.57 -46.08
CA VAL A 87 23.05 -45.81 -46.63
C VAL A 87 21.78 -46.62 -46.35
N TYR A 88 21.18 -46.41 -45.19
CA TYR A 88 20.05 -47.22 -44.76
C TYR A 88 19.39 -46.69 -43.49
N ALA A 89 18.30 -47.34 -43.08
CA ALA A 89 17.67 -47.12 -41.78
C ALA A 89 17.64 -48.47 -41.08
N ILE A 90 18.62 -48.72 -40.22
CA ILE A 90 18.81 -50.04 -39.65
C ILE A 90 17.60 -50.45 -38.83
N LEU A 91 17.08 -51.65 -39.11
CA LEU A 91 15.96 -52.21 -38.39
C LEU A 91 16.41 -53.41 -37.57
N VAL A 92 15.59 -53.78 -36.59
CA VAL A 92 15.89 -54.86 -35.66
C VAL A 92 14.58 -55.49 -35.21
N SER A 93 14.65 -56.73 -34.72
CA SER A 93 13.49 -57.45 -34.24
C SER A 93 13.84 -58.10 -32.91
N HIS A 94 12.87 -58.81 -32.34
CA HIS A 94 13.08 -59.43 -31.03
C HIS A 94 13.71 -60.81 -31.20
N PRO A 95 14.78 -61.12 -30.49
CA PRO A 95 15.35 -62.46 -30.50
C PRO A 95 14.47 -63.41 -29.69
N PRO A 96 14.70 -64.73 -29.80
CA PRO A 96 13.92 -65.65 -28.97
C PRO A 96 14.12 -65.44 -27.47
N THR A 97 15.23 -64.84 -27.07
CA THR A 97 15.43 -64.51 -25.67
C THR A 97 14.50 -63.37 -25.26
N PRO A 98 13.96 -63.38 -24.03
CA PRO A 98 13.03 -62.33 -23.62
C PRO A 98 13.67 -60.98 -23.34
N ASN A 99 14.99 -60.85 -23.50
CA ASN A 99 15.64 -59.56 -23.27
C ASN A 99 15.16 -58.52 -24.27
N ASP A 100 15.40 -58.76 -25.56
CA ASP A 100 15.00 -57.89 -26.67
C ASP A 100 15.58 -56.49 -26.56
N HIS A 101 16.57 -56.27 -25.70
CA HIS A 101 17.22 -54.97 -25.56
C HIS A 101 18.72 -55.04 -25.75
N PHE A 102 19.36 -56.11 -25.26
CA PHE A 102 20.83 -56.19 -25.34
C PHE A 102 21.32 -56.31 -26.78
N THR A 103 20.50 -56.85 -27.68
CA THR A 103 20.86 -56.92 -29.08
C THR A 103 20.58 -55.60 -29.82
N PRO A 104 19.38 -54.97 -29.66
CA PRO A 104 19.13 -53.73 -30.41
C PRO A 104 19.83 -52.50 -29.84
N THR A 105 20.33 -52.57 -28.60
CA THR A 105 20.95 -51.40 -28.00
C THR A 105 22.29 -51.01 -28.63
N PRO A 106 23.24 -51.93 -28.85
CA PRO A 106 24.53 -51.49 -29.40
C PRO A 106 24.44 -51.01 -30.84
N VAL A 107 23.55 -51.58 -31.65
CA VAL A 107 23.39 -51.09 -33.01
C VAL A 107 22.80 -49.67 -32.99
N SER A 108 21.87 -49.40 -32.06
CA SER A 108 21.34 -48.05 -31.93
C SER A 108 22.40 -47.08 -31.45
N TYR A 109 23.30 -47.54 -30.56
CA TYR A 109 24.37 -46.66 -30.08
C TYR A 109 25.35 -46.33 -31.20
N THR A 110 25.77 -47.34 -31.95
CA THR A 110 26.73 -47.09 -33.03
C THR A 110 26.07 -46.36 -34.20
N ALA A 111 24.74 -46.38 -34.29
CA ALA A 111 24.05 -45.55 -35.27
C ALA A 111 23.99 -44.11 -34.82
N GLY A 112 23.56 -43.88 -33.57
CA GLY A 112 23.51 -42.54 -33.03
C GLY A 112 24.85 -41.87 -32.88
N PHE A 113 25.94 -42.66 -32.87
CA PHE A 113 27.27 -42.07 -32.89
C PHE A 113 27.44 -41.13 -34.08
N TYR A 114 26.86 -41.50 -35.23
CA TYR A 114 26.87 -40.66 -36.42
C TYR A 114 25.49 -40.09 -36.73
N ARG A 115 24.59 -40.06 -35.74
CA ARG A 115 23.23 -39.53 -35.90
C ARG A 115 22.47 -40.30 -36.97
N ILE A 116 22.60 -41.62 -36.95
CA ILE A 116 21.89 -42.49 -37.90
C ILE A 116 20.66 -43.06 -37.22
N PRO A 117 19.49 -42.99 -37.85
CA PRO A 117 18.28 -43.54 -37.22
C PRO A 117 18.32 -45.06 -37.15
N VAL A 118 17.51 -45.60 -36.24
CA VAL A 118 17.38 -47.04 -36.06
C VAL A 118 15.89 -47.37 -35.97
N LEU A 119 15.53 -48.53 -36.53
CA LEU A 119 14.14 -48.97 -36.58
C LEU A 119 13.96 -50.18 -35.68
N GLY A 120 12.81 -50.23 -34.99
CA GLY A 120 12.47 -51.35 -34.14
C GLY A 120 11.15 -51.98 -34.50
N LEU A 121 11.12 -53.31 -34.60
CA LEU A 121 9.91 -54.04 -34.97
C LEU A 121 9.19 -54.61 -33.75
N THR A 122 9.87 -55.44 -32.97
CA THR A 122 9.28 -56.06 -31.79
C THR A 122 10.26 -55.96 -30.64
N THR A 123 9.83 -55.35 -29.54
CA THR A 123 10.62 -55.19 -28.32
C THR A 123 9.73 -54.56 -27.26
N ARG A 124 10.24 -54.52 -26.03
CA ARG A 124 9.57 -53.81 -24.95
C ARG A 124 9.86 -52.32 -25.07
N MET A 125 8.94 -51.59 -25.71
CA MET A 125 9.15 -50.17 -26.00
C MET A 125 9.05 -49.30 -24.77
N SER A 126 8.87 -49.91 -23.60
CA SER A 126 8.82 -49.14 -22.36
C SER A 126 10.15 -48.46 -22.08
N ILE A 127 11.23 -49.23 -22.05
CA ILE A 127 12.54 -48.66 -21.80
C ILE A 127 13.13 -48.04 -23.07
N TYR A 128 12.70 -48.53 -24.24
CA TYR A 128 13.23 -48.02 -25.50
C TYR A 128 12.68 -46.65 -25.88
N SER A 129 11.58 -46.22 -25.25
CA SER A 129 10.99 -44.91 -25.54
C SER A 129 11.79 -43.80 -24.89
N ASP A 130 12.92 -43.44 -25.49
CA ASP A 130 13.79 -42.39 -24.96
C ASP A 130 14.42 -41.65 -26.13
N LYS A 131 14.01 -40.40 -26.33
CA LYS A 131 14.59 -39.60 -27.40
C LYS A 131 16.05 -39.27 -27.13
N SER A 132 16.43 -39.21 -25.84
CA SER A 132 17.81 -38.91 -25.49
C SER A 132 18.70 -40.12 -25.69
N ILE A 133 18.31 -41.28 -25.13
CA ILE A 133 19.09 -42.49 -25.28
C ILE A 133 19.11 -42.94 -26.73
N HIS A 134 17.93 -43.21 -27.30
CA HIS A 134 17.81 -43.57 -28.70
C HIS A 134 17.63 -42.30 -29.52
N LEU A 135 18.59 -42.03 -30.42
CA LEU A 135 18.56 -40.83 -31.25
C LEU A 135 17.28 -40.76 -32.07
N SER A 136 17.06 -41.74 -32.94
CA SER A 136 15.85 -41.83 -33.73
C SER A 136 15.39 -43.28 -33.74
N PHE A 137 14.22 -43.54 -33.15
CA PHE A 137 13.73 -44.90 -33.01
C PHE A 137 12.23 -44.91 -33.27
N LEU A 138 11.79 -45.83 -34.11
CA LEU A 138 10.38 -46.00 -34.45
C LEU A 138 9.97 -47.41 -34.03
N ARG A 139 9.17 -47.51 -32.98
CA ARG A 139 8.72 -48.79 -32.44
C ARG A 139 7.42 -49.19 -33.13
N THR A 140 7.42 -50.36 -33.79
CA THR A 140 6.21 -50.85 -34.42
C THR A 140 5.18 -51.25 -33.37
N VAL A 141 5.64 -51.86 -32.29
CA VAL A 141 4.76 -52.29 -31.18
C VAL A 141 4.77 -51.18 -30.13
N PRO A 142 3.60 -50.66 -29.73
CA PRO A 142 3.59 -49.58 -28.74
C PRO A 142 3.92 -50.11 -27.37
N PRO A 143 4.45 -49.28 -26.47
CA PRO A 143 4.76 -49.73 -25.11
C PRO A 143 3.52 -49.91 -24.25
N TYR A 144 3.71 -50.21 -22.97
CA TYR A 144 2.60 -50.41 -22.05
C TYR A 144 1.86 -49.11 -21.73
N SER A 145 2.32 -47.97 -22.23
CA SER A 145 1.56 -46.73 -22.11
C SER A 145 0.23 -46.87 -22.85
N HIS A 146 0.25 -47.59 -23.98
CA HIS A 146 -0.99 -47.90 -24.67
C HIS A 146 -1.89 -48.78 -23.82
N GLN A 147 -1.31 -49.68 -23.04
CA GLN A 147 -2.09 -50.51 -22.13
C GLN A 147 -2.74 -49.65 -21.05
N SER A 148 -1.99 -48.69 -20.50
CA SER A 148 -2.57 -47.78 -19.50
C SER A 148 -3.68 -46.95 -20.13
N SER A 149 -3.50 -46.52 -21.38
CA SER A 149 -4.52 -45.72 -22.05
C SER A 149 -5.79 -46.53 -22.28
N VAL A 150 -5.65 -47.79 -22.71
CA VAL A 150 -6.84 -48.60 -22.93
C VAL A 150 -7.49 -48.98 -21.60
N TRP A 151 -6.70 -49.10 -20.52
CA TRP A 151 -7.28 -49.31 -19.21
C TRP A 151 -8.11 -48.10 -18.78
N PHE A 152 -7.58 -46.90 -19.00
CA PHE A 152 -8.34 -45.68 -18.71
C PHE A 152 -9.62 -45.63 -19.54
N GLU A 153 -9.53 -45.96 -20.83
CA GLU A 153 -10.68 -45.97 -21.71
C GLU A 153 -11.75 -46.94 -21.22
N MET A 154 -11.33 -48.15 -20.83
CA MET A 154 -12.28 -49.13 -20.32
C MET A 154 -12.90 -48.69 -19.00
N MET A 155 -12.10 -48.06 -18.12
CA MET A 155 -12.63 -47.57 -16.85
C MET A 155 -13.62 -46.45 -17.07
N ARG A 156 -13.46 -45.68 -18.15
CA ARG A 156 -14.41 -44.62 -18.47
C ARG A 156 -15.73 -45.17 -18.98
N VAL A 157 -15.84 -46.48 -19.20
CA VAL A 157 -17.07 -47.05 -19.73
C VAL A 157 -17.95 -47.59 -18.60
N TYR A 158 -17.37 -48.39 -17.71
CA TYR A 158 -18.11 -49.06 -16.65
C TYR A 158 -18.41 -48.14 -15.46
N ASN A 159 -18.18 -46.85 -15.61
CA ASN A 159 -18.49 -45.82 -14.61
C ASN A 159 -17.76 -46.04 -13.29
N TRP A 160 -16.72 -46.87 -13.26
CA TRP A 160 -15.95 -47.06 -12.05
C TRP A 160 -15.07 -45.83 -11.79
N ASN A 161 -15.26 -45.22 -10.61
CA ASN A 161 -14.62 -43.95 -10.29
C ASN A 161 -13.49 -44.08 -9.28
N HIS A 162 -13.11 -45.29 -8.90
CA HIS A 162 -12.03 -45.49 -7.94
C HIS A 162 -11.27 -46.75 -8.32
N ILE A 163 -9.95 -46.65 -8.41
CA ILE A 163 -9.09 -47.76 -8.82
C ILE A 163 -7.93 -47.87 -7.83
N ILE A 164 -7.62 -49.09 -7.43
CA ILE A 164 -6.47 -49.34 -6.54
C ILE A 164 -5.35 -49.86 -7.44
N LEU A 165 -4.45 -48.95 -7.82
CA LEU A 165 -3.35 -49.29 -8.69
C LEU A 165 -2.09 -49.60 -7.88
N LEU A 166 -1.23 -50.43 -8.47
CA LEU A 166 0.04 -50.79 -7.84
C LEU A 166 0.99 -51.29 -8.93
N VAL A 167 2.27 -51.02 -8.75
CA VAL A 167 3.32 -51.40 -9.69
C VAL A 167 4.49 -51.98 -8.92
N SER A 168 5.28 -52.80 -9.61
CA SER A 168 6.46 -53.43 -9.02
C SER A 168 7.74 -53.04 -9.71
N ASP A 169 7.77 -53.05 -11.04
CA ASP A 169 8.98 -52.68 -11.78
C ASP A 169 9.24 -51.18 -11.62
N ASP A 170 10.50 -50.83 -11.40
CA ASP A 170 10.87 -49.44 -11.19
C ASP A 170 10.61 -48.59 -12.43
N HIS A 171 11.33 -48.87 -13.52
CA HIS A 171 11.28 -48.06 -14.73
C HIS A 171 9.94 -48.16 -15.44
N GLU A 172 9.56 -49.37 -15.84
CA GLU A 172 8.32 -49.55 -16.58
C GLU A 172 7.10 -49.17 -15.74
N GLY A 173 7.12 -49.56 -14.46
CA GLY A 173 6.04 -49.21 -13.56
C GLY A 173 5.91 -47.72 -13.35
N ARG A 174 7.03 -47.03 -13.17
CA ARG A 174 7.00 -45.57 -13.01
C ARG A 174 6.50 -44.90 -14.28
N ALA A 175 6.92 -45.40 -15.45
CA ALA A 175 6.46 -44.81 -16.71
C ALA A 175 4.96 -45.02 -16.88
N ALA A 176 4.47 -46.22 -16.56
CA ALA A 176 3.04 -46.49 -16.67
C ALA A 176 2.24 -45.61 -15.70
N GLN A 177 2.75 -45.45 -14.47
CA GLN A 177 2.07 -44.61 -13.50
C GLN A 177 2.05 -43.15 -13.93
N LYS A 178 3.15 -42.67 -14.52
CA LYS A 178 3.20 -41.29 -15.00
C LYS A 178 2.24 -41.09 -16.16
N ARG A 179 2.16 -42.04 -17.08
CA ARG A 179 1.21 -41.94 -18.19
C ARG A 179 -0.22 -41.97 -17.66
N LEU A 180 -0.50 -42.82 -16.68
CA LEU A 180 -1.85 -42.89 -16.11
C LEU A 180 -2.21 -41.57 -15.42
N GLU A 181 -1.27 -40.99 -14.66
CA GLU A 181 -1.52 -39.72 -14.01
C GLU A 181 -1.72 -38.60 -15.02
N THR A 182 -0.97 -38.62 -16.12
CA THR A 182 -1.14 -37.60 -17.16
C THR A 182 -2.51 -37.74 -17.82
N LEU A 183 -2.95 -38.98 -18.07
CA LEU A 183 -4.29 -39.18 -18.62
C LEU A 183 -5.38 -38.75 -17.65
N LEU A 184 -5.16 -38.97 -16.35
CA LEU A 184 -6.15 -38.58 -15.35
C LEU A 184 -6.14 -37.09 -15.09
N GLU A 185 -5.07 -36.40 -15.48
CA GLU A 185 -4.95 -34.96 -15.26
C GLU A 185 -5.86 -34.17 -16.20
N GLU A 186 -6.63 -34.86 -17.03
CA GLU A 186 -7.54 -34.21 -17.96
C GLU A 186 -8.82 -33.81 -17.22
N ARG A 187 -9.83 -33.37 -17.98
CA ARG A 187 -11.12 -32.94 -17.44
C ARG A 187 -10.93 -31.81 -16.42
N GLU A 188 -10.26 -30.75 -16.87
CA GLU A 188 -9.99 -29.59 -16.03
C GLU A 188 -11.26 -28.77 -15.82
N LYS A 207 -20.40 -36.26 -13.44
CA LYS A 207 -20.15 -37.22 -12.38
C LYS A 207 -18.95 -36.81 -11.54
N ARG A 208 -18.52 -37.70 -10.64
CA ARG A 208 -17.37 -37.40 -9.78
C ARG A 208 -16.07 -37.47 -10.57
N GLY A 209 -15.91 -38.50 -11.41
CA GLY A 209 -14.70 -38.66 -12.19
C GLY A 209 -13.65 -39.46 -11.46
N PRO A 210 -13.13 -40.50 -12.12
CA PRO A 210 -12.09 -41.34 -11.49
C PRO A 210 -10.75 -40.64 -11.42
N LYS A 211 -10.37 -40.16 -10.22
CA LYS A 211 -9.07 -39.50 -10.05
C LYS A 211 -8.02 -40.49 -9.56
N ALA A 212 -8.24 -41.07 -8.37
CA ALA A 212 -7.31 -42.00 -7.76
C ALA A 212 -7.86 -42.56 -6.45
N GLU A 213 -7.30 -43.68 -5.99
CA GLU A 213 -7.59 -44.19 -4.66
C GLU A 213 -6.33 -44.26 -3.81
N LYS A 214 -5.30 -44.99 -4.25
CA LYS A 214 -4.05 -45.10 -3.50
C LYS A 214 -2.99 -45.67 -4.43
N VAL A 215 -1.91 -44.91 -4.63
CA VAL A 215 -0.79 -45.40 -5.43
C VAL A 215 0.14 -46.21 -4.54
N LEU A 216 0.66 -47.32 -5.09
CA LEU A 216 1.51 -48.22 -4.34
C LEU A 216 2.64 -48.73 -5.24
N GLN A 217 3.85 -48.75 -4.69
CA GLN A 217 5.00 -49.35 -5.37
C GLN A 217 5.48 -50.57 -4.60
N PHE A 218 6.20 -51.44 -5.29
CA PHE A 218 6.68 -52.68 -4.69
C PHE A 218 7.98 -53.07 -5.38
N ASP A 219 8.44 -54.29 -5.11
CA ASP A 219 9.67 -54.83 -5.68
C ASP A 219 9.37 -56.06 -6.52
N PRO A 220 10.18 -56.32 -7.56
CA PRO A 220 9.92 -57.50 -8.40
C PRO A 220 10.35 -58.82 -7.78
N GLY A 221 11.08 -58.80 -6.68
CA GLY A 221 11.55 -60.03 -6.06
C GLY A 221 11.01 -60.25 -4.66
N THR A 222 10.05 -59.44 -4.24
CA THR A 222 9.49 -59.56 -2.90
C THR A 222 8.58 -60.78 -2.81
N LYS A 223 8.34 -61.22 -1.56
CA LYS A 223 7.46 -62.35 -1.31
C LYS A 223 6.44 -62.05 -0.22
N ASN A 224 6.32 -60.80 0.22
CA ASN A 224 5.38 -60.43 1.28
C ASN A 224 4.53 -59.22 0.88
N VAL A 225 3.94 -59.27 -0.32
CA VAL A 225 3.11 -58.18 -0.82
C VAL A 225 1.80 -58.13 -0.04
N THR A 226 1.59 -59.12 0.84
CA THR A 226 0.39 -59.13 1.68
C THR A 226 0.31 -57.90 2.57
N ALA A 227 1.46 -57.30 2.91
CA ALA A 227 1.47 -56.07 3.69
C ALA A 227 0.70 -54.97 2.95
N LEU A 228 1.01 -54.78 1.67
CA LEU A 228 0.29 -53.78 0.88
C LEU A 228 -1.13 -54.23 0.56
N LEU A 229 -1.33 -55.54 0.37
CA LEU A 229 -2.66 -56.05 0.05
C LEU A 229 -3.63 -55.88 1.21
N MET A 230 -3.15 -55.90 2.44
CA MET A 230 -4.03 -55.66 3.58
C MET A 230 -4.58 -54.24 3.56
N GLU A 231 -3.71 -53.26 3.31
CA GLU A 231 -4.17 -51.88 3.19
C GLU A 231 -5.07 -51.71 1.97
N ALA A 232 -4.77 -52.43 0.89
CA ALA A 232 -5.60 -52.37 -0.31
C ALA A 232 -7.02 -52.86 -0.01
N ARG A 233 -7.13 -54.06 0.58
CA ARG A 233 -8.43 -54.59 0.95
C ARG A 233 -9.11 -53.75 2.03
N GLU A 234 -8.34 -53.01 2.82
CA GLU A 234 -8.92 -52.12 3.83
C GLU A 234 -9.52 -50.86 3.23
N LEU A 235 -9.30 -50.61 1.95
CA LEU A 235 -9.87 -49.44 1.28
C LEU A 235 -11.31 -49.74 0.90
N GLU A 236 -11.93 -48.86 0.11
CA GLU A 236 -13.34 -48.97 -0.24
C GLU A 236 -13.55 -49.72 -1.56
N ALA A 237 -12.93 -49.24 -2.63
CA ALA A 237 -13.19 -49.79 -3.95
C ALA A 237 -12.46 -51.11 -4.15
N ARG A 238 -13.16 -52.07 -4.72
CA ARG A 238 -12.60 -53.37 -5.11
C ARG A 238 -12.21 -53.38 -6.58
N VAL A 239 -11.39 -52.42 -7.00
CA VAL A 239 -10.94 -52.32 -8.39
C VAL A 239 -9.41 -52.25 -8.34
N ILE A 240 -8.76 -53.36 -8.64
CA ILE A 240 -7.31 -53.47 -8.57
C ILE A 240 -6.73 -53.55 -9.98
N ILE A 241 -5.65 -52.80 -10.20
CA ILE A 241 -4.93 -52.80 -11.48
C ILE A 241 -3.44 -52.90 -11.17
N LEU A 242 -2.77 -53.87 -11.78
CA LEU A 242 -1.36 -54.10 -11.54
C LEU A 242 -0.63 -54.27 -12.86
N SER A 243 0.67 -53.92 -12.85
CA SER A 243 1.51 -54.07 -14.03
C SER A 243 2.88 -54.66 -13.68
N ALA A 244 2.90 -55.68 -12.82
CA ALA A 244 4.16 -56.24 -12.34
C ALA A 244 4.75 -57.19 -13.38
N SER A 245 5.83 -57.87 -13.01
CA SER A 245 6.50 -58.82 -13.89
C SER A 245 5.78 -60.16 -13.79
N GLU A 246 6.39 -61.21 -14.36
CA GLU A 246 5.75 -62.52 -14.38
C GLU A 246 5.75 -63.18 -13.00
N ASP A 247 6.94 -63.36 -12.41
CA ASP A 247 7.03 -63.95 -11.09
C ASP A 247 6.38 -63.06 -10.03
N ASP A 248 6.48 -61.75 -10.21
CA ASP A 248 5.83 -60.82 -9.28
C ASP A 248 4.32 -60.98 -9.36
N ALA A 249 3.77 -61.09 -10.57
CA ALA A 249 2.33 -61.28 -10.70
C ALA A 249 1.91 -62.63 -10.15
N ALA A 250 2.76 -63.65 -10.30
CA ALA A 250 2.44 -64.96 -9.73
C ALA A 250 2.38 -64.89 -8.21
N THR A 251 3.33 -64.19 -7.59
CA THR A 251 3.32 -64.03 -6.15
C THR A 251 2.12 -63.22 -5.70
N VAL A 252 1.75 -62.18 -6.45
CA VAL A 252 0.57 -61.39 -6.11
C VAL A 252 -0.69 -62.23 -6.21
N TYR A 253 -0.78 -63.09 -7.23
CA TYR A 253 -1.93 -63.96 -7.37
C TYR A 253 -2.01 -64.95 -6.22
N ARG A 254 -0.86 -65.50 -5.81
CA ARG A 254 -0.85 -66.42 -4.67
C ARG A 254 -1.29 -65.73 -3.39
N ALA A 255 -0.80 -64.51 -3.17
CA ALA A 255 -1.17 -63.76 -1.97
C ALA A 255 -2.65 -63.40 -1.98
N ALA A 256 -3.19 -63.07 -3.16
CA ALA A 256 -4.61 -62.76 -3.28
C ALA A 256 -5.47 -63.99 -3.06
N ALA A 257 -5.02 -65.15 -3.55
CA ALA A 257 -5.75 -66.39 -3.28
C ALA A 257 -5.70 -66.75 -1.81
N MET A 258 -4.59 -66.42 -1.13
CA MET A 258 -4.53 -66.60 0.31
C MET A 258 -5.46 -65.63 1.02
N LEU A 259 -5.76 -64.48 0.39
CA LEU A 259 -6.67 -63.49 0.95
C LEU A 259 -8.07 -63.57 0.36
N ASP A 260 -8.26 -64.35 -0.71
CA ASP A 260 -9.55 -64.51 -1.38
C ASP A 260 -10.09 -63.17 -1.87
N MET A 261 -9.28 -62.50 -2.69
CA MET A 261 -9.64 -61.21 -3.28
C MET A 261 -10.42 -61.38 -4.57
N THR A 262 -11.51 -62.16 -4.52
CA THR A 262 -12.34 -62.39 -5.68
C THR A 262 -13.82 -62.50 -5.34
N GLY A 263 -14.27 -61.90 -4.24
CA GLY A 263 -15.64 -62.05 -3.81
C GLY A 263 -16.66 -61.27 -4.63
N SER A 264 -16.69 -61.54 -5.94
CA SER A 264 -17.72 -61.02 -6.85
C SER A 264 -17.68 -59.49 -6.96
N GLY A 265 -16.70 -58.86 -6.34
CA GLY A 265 -16.58 -57.40 -6.39
C GLY A 265 -15.24 -56.93 -6.90
N TYR A 266 -14.22 -57.78 -6.77
CA TYR A 266 -12.86 -57.41 -7.15
C TYR A 266 -12.68 -57.41 -8.67
N VAL A 267 -12.72 -56.22 -9.27
CA VAL A 267 -12.46 -56.10 -10.70
C VAL A 267 -10.96 -56.10 -10.96
N TRP A 268 -10.53 -56.85 -11.97
CA TRP A 268 -9.12 -57.02 -12.28
C TRP A 268 -8.83 -56.53 -13.70
N LEU A 269 -7.70 -55.84 -13.85
CA LEU A 269 -7.20 -55.43 -15.15
C LEU A 269 -5.70 -55.69 -15.17
N VAL A 270 -5.27 -56.65 -15.99
CA VAL A 270 -3.90 -57.12 -16.00
C VAL A 270 -3.31 -56.92 -17.40
N GLY A 271 -2.03 -56.57 -17.45
CA GLY A 271 -1.36 -56.40 -18.72
C GLY A 271 -0.98 -57.71 -19.38
N GLU A 272 -0.39 -57.60 -20.56
CA GLU A 272 0.00 -58.78 -21.32
C GLU A 272 1.26 -59.43 -20.74
N ARG A 273 2.00 -58.71 -19.91
CA ARG A 273 3.24 -59.23 -19.36
C ARG A 273 3.00 -60.25 -18.25
N GLU A 274 1.74 -60.47 -17.90
CA GLU A 274 1.40 -61.38 -16.82
C GLU A 274 0.36 -62.44 -17.21
N ILE A 275 0.03 -62.57 -18.48
CA ILE A 275 -0.96 -63.55 -18.93
C ILE A 275 -0.27 -64.87 -19.25
N SER A 276 1.01 -64.98 -18.91
CA SER A 276 1.76 -66.19 -19.19
C SER A 276 1.23 -67.36 -18.38
N GLY A 277 1.55 -68.58 -18.82
CA GLY A 277 1.12 -69.77 -18.12
C GLY A 277 1.73 -69.94 -16.74
N ASN A 278 2.95 -69.43 -16.53
CA ASN A 278 3.55 -69.50 -15.20
C ASN A 278 2.71 -68.72 -14.19
N ALA A 279 2.18 -67.57 -14.60
CA ALA A 279 1.27 -66.82 -13.74
C ALA A 279 -0.11 -67.47 -13.71
N LEU A 280 -0.54 -68.05 -14.82
CA LEU A 280 -1.83 -68.74 -14.87
C LEU A 280 -1.89 -69.93 -13.93
N ARG A 281 -0.74 -70.52 -13.60
CA ARG A 281 -0.72 -71.59 -12.61
C ARG A 281 -1.18 -71.12 -11.24
N TYR A 282 -1.08 -69.81 -10.97
CA TYR A 282 -1.58 -69.22 -9.73
C TYR A 282 -2.68 -68.19 -9.94
N ALA A 283 -2.96 -67.80 -11.18
CA ALA A 283 -3.95 -66.76 -11.44
C ALA A 283 -5.37 -67.32 -11.30
N PRO A 284 -6.20 -66.74 -10.45
CA PRO A 284 -7.62 -67.17 -10.40
C PRO A 284 -8.34 -66.76 -11.67
N ASP A 285 -9.38 -67.51 -12.01
CA ASP A 285 -10.15 -67.22 -13.22
C ASP A 285 -10.96 -65.94 -13.05
N GLY A 286 -11.44 -65.41 -14.18
CA GLY A 286 -12.23 -64.20 -14.18
C GLY A 286 -11.47 -62.91 -14.37
N ILE A 287 -10.14 -62.95 -14.31
CA ILE A 287 -9.34 -61.73 -14.49
C ILE A 287 -9.40 -61.31 -15.95
N ILE A 288 -9.03 -60.06 -16.22
CA ILE A 288 -9.09 -59.48 -17.56
C ILE A 288 -7.65 -59.28 -18.03
N GLY A 289 -7.29 -59.94 -19.12
CA GLY A 289 -5.97 -59.80 -19.71
C GLY A 289 -6.03 -59.01 -21.01
N LEU A 290 -4.86 -58.57 -21.45
CA LEU A 290 -4.72 -57.79 -22.67
C LEU A 290 -3.77 -58.49 -23.64
N GLN A 291 -3.96 -58.19 -24.92
CA GLN A 291 -3.12 -58.77 -25.97
C GLN A 291 -3.24 -57.89 -27.21
N LEU A 292 -2.12 -57.30 -27.61
CA LEU A 292 -2.12 -56.43 -28.78
C LEU A 292 -2.12 -57.26 -30.06
N ILE A 293 -2.56 -56.62 -31.15
CA ILE A 293 -2.62 -57.29 -32.44
C ILE A 293 -1.20 -57.45 -32.99
N ASN A 294 -1.01 -58.51 -33.78
CA ASN A 294 0.28 -58.83 -34.39
C ASN A 294 1.38 -58.96 -33.33
N GLY A 295 1.12 -59.82 -32.36
CA GLY A 295 2.03 -60.04 -31.26
C GLY A 295 3.32 -60.71 -31.68
N LYS A 296 3.22 -61.93 -32.23
CA LYS A 296 4.39 -62.69 -32.67
C LYS A 296 4.50 -62.78 -34.18
N ASN A 297 3.77 -61.94 -34.93
CA ASN A 297 3.84 -61.93 -36.38
C ASN A 297 5.12 -61.23 -36.81
N GLU A 298 6.20 -62.01 -36.90
CA GLU A 298 7.51 -61.45 -37.24
C GLU A 298 7.56 -61.09 -38.73
N SER A 299 7.09 -61.99 -39.59
CA SER A 299 7.13 -61.72 -41.02
C SER A 299 6.26 -60.53 -41.40
N ALA A 300 5.08 -60.40 -40.77
CA ALA A 300 4.23 -59.24 -41.04
C ALA A 300 4.90 -57.96 -40.59
N HIS A 301 5.58 -57.99 -39.44
CA HIS A 301 6.30 -56.81 -38.97
C HIS A 301 7.44 -56.45 -39.92
N ILE A 302 8.13 -57.45 -40.46
CA ILE A 302 9.22 -57.19 -41.41
C ILE A 302 8.66 -56.59 -42.69
N SER A 303 7.50 -57.08 -43.13
CA SER A 303 6.87 -56.53 -44.33
C SER A 303 6.47 -55.08 -44.11
N ASP A 304 5.85 -54.78 -42.96
CA ASP A 304 5.50 -53.41 -42.64
C ASP A 304 6.75 -52.52 -42.56
N ALA A 305 7.84 -53.05 -42.01
CA ALA A 305 9.07 -52.27 -41.88
C ALA A 305 9.67 -51.95 -43.24
N VAL A 306 9.74 -52.96 -44.12
CA VAL A 306 10.31 -52.70 -45.44
C VAL A 306 9.42 -51.76 -46.24
N GLY A 307 8.10 -51.87 -46.07
CA GLY A 307 7.21 -50.93 -46.74
C GLY A 307 7.39 -49.50 -46.26
N VAL A 308 7.49 -49.32 -44.93
CA VAL A 308 7.61 -47.97 -44.39
C VAL A 308 8.98 -47.37 -44.73
N VAL A 309 10.03 -48.21 -44.79
CA VAL A 309 11.34 -47.65 -45.15
C VAL A 309 11.41 -47.36 -46.64
N ALA A 310 10.68 -48.13 -47.47
CA ALA A 310 10.59 -47.79 -48.88
C ALA A 310 9.87 -46.45 -49.07
N GLN A 311 8.76 -46.26 -48.36
CA GLN A 311 8.08 -44.96 -48.42
C GLN A 311 8.98 -43.84 -47.93
N ALA A 312 9.77 -44.11 -46.87
CA ALA A 312 10.64 -43.08 -46.31
C ALA A 312 11.75 -42.70 -47.28
N VAL A 313 12.35 -43.69 -47.94
CA VAL A 313 13.42 -43.37 -48.89
C VAL A 313 12.86 -42.70 -50.13
N HIS A 314 11.64 -43.08 -50.55
CA HIS A 314 11.01 -42.39 -51.66
C HIS A 314 10.68 -40.95 -51.31
N GLU A 315 10.36 -40.68 -50.04
CA GLU A 315 10.08 -39.31 -49.63
C GLU A 315 11.36 -38.50 -49.44
N LEU A 316 12.45 -39.14 -49.00
CA LEU A 316 13.68 -38.39 -48.76
C LEU A 316 14.43 -38.11 -50.06
N LEU A 317 14.33 -39.02 -51.04
CA LEU A 317 15.05 -38.79 -52.29
C LEU A 317 14.42 -37.70 -53.16
N GLU A 318 13.36 -37.03 -52.71
CA GLU A 318 12.77 -35.96 -53.50
C GLU A 318 13.23 -34.59 -53.03
N LYS A 319 13.98 -34.53 -51.94
CA LYS A 319 14.45 -33.26 -51.40
C LYS A 319 15.56 -32.68 -52.28
N GLU A 320 16.02 -31.48 -51.92
CA GLU A 320 17.08 -30.82 -52.69
C GLU A 320 18.45 -31.32 -52.28
N ASN A 321 18.81 -31.15 -51.00
CA ASN A 321 20.11 -31.54 -50.50
C ASN A 321 20.05 -32.95 -49.92
N ILE A 322 20.89 -33.83 -50.44
CA ILE A 322 20.97 -35.22 -49.98
C ILE A 322 22.45 -35.51 -49.73
N THR A 323 22.88 -35.41 -48.47
CA THR A 323 24.25 -35.73 -48.08
C THR A 323 24.26 -37.16 -47.54
N ASP A 324 24.48 -38.10 -48.46
CA ASP A 324 24.47 -39.50 -48.12
C ASP A 324 25.55 -39.80 -47.07
N PRO A 325 25.27 -40.63 -46.08
CA PRO A 325 26.26 -40.94 -45.05
C PRO A 325 27.46 -41.64 -45.66
N PRO A 326 28.67 -41.33 -45.18
CA PRO A 326 29.87 -41.95 -45.76
C PRO A 326 29.91 -43.45 -45.46
N ARG A 327 30.31 -44.23 -46.46
CA ARG A 327 30.39 -45.68 -46.30
C ARG A 327 31.62 -46.05 -45.47
N GLY A 328 31.60 -45.69 -44.19
CA GLY A 328 32.71 -45.96 -43.31
C GLY A 328 32.37 -45.79 -41.85
N CYS A 329 32.75 -46.77 -41.03
CA CYS A 329 32.50 -46.73 -39.59
C CYS A 329 33.66 -46.11 -38.82
N VAL A 330 34.87 -46.19 -39.35
CA VAL A 330 36.04 -45.60 -38.71
C VAL A 330 36.30 -44.22 -39.30
N GLY A 331 36.74 -43.29 -38.45
CA GLY A 331 37.05 -41.94 -38.88
C GLY A 331 35.86 -41.07 -39.22
N ASN A 332 34.65 -41.62 -39.19
CA ASN A 332 33.45 -40.85 -39.52
C ASN A 332 32.90 -40.15 -38.27
N THR A 333 33.69 -39.20 -37.76
CA THR A 333 33.31 -38.44 -36.58
C THR A 333 32.66 -37.12 -37.02
N ASN A 334 31.50 -37.26 -37.63
CA ASN A 334 30.71 -36.13 -38.11
C ASN A 334 29.25 -36.50 -38.04
N ILE A 335 28.39 -35.65 -38.61
CA ILE A 335 26.95 -35.86 -38.63
C ILE A 335 26.48 -35.83 -40.08
N TRP A 336 25.82 -36.92 -40.50
CA TRP A 336 25.26 -37.00 -41.84
C TRP A 336 24.02 -36.12 -41.92
N LYS A 337 24.01 -35.19 -42.87
CA LYS A 337 22.89 -34.27 -43.02
C LYS A 337 21.58 -34.96 -43.35
N THR A 338 21.63 -36.19 -43.89
CA THR A 338 20.40 -36.89 -44.20
C THR A 338 19.70 -37.41 -42.95
N GLY A 339 20.41 -37.47 -41.83
CA GLY A 339 19.86 -37.98 -40.59
C GLY A 339 18.68 -37.18 -40.06
N PRO A 340 18.93 -35.93 -39.66
CA PRO A 340 17.85 -35.10 -39.10
C PRO A 340 16.71 -34.86 -40.08
N LEU A 341 17.04 -34.54 -41.33
CA LEU A 341 16.01 -34.31 -42.33
C LEU A 341 15.19 -35.57 -42.59
N PHE A 342 15.86 -36.73 -42.65
CA PHE A 342 15.17 -38.00 -42.85
C PHE A 342 14.23 -38.29 -41.69
N LYS A 343 14.69 -38.06 -40.46
CA LYS A 343 13.83 -38.24 -39.30
C LYS A 343 12.63 -37.31 -39.37
N ARG A 344 12.85 -36.05 -39.74
CA ARG A 344 11.77 -35.07 -39.78
C ARG A 344 10.76 -35.38 -40.89
N VAL A 345 11.20 -35.96 -42.00
CA VAL A 345 10.27 -36.22 -43.11
C VAL A 345 9.59 -37.57 -42.91
N LEU A 346 10.18 -38.45 -42.10
CA LEU A 346 9.51 -39.71 -41.80
C LEU A 346 8.51 -39.54 -40.67
N MET A 347 8.77 -38.63 -39.73
CA MET A 347 7.88 -38.43 -38.60
C MET A 347 6.73 -37.47 -38.90
N SER A 348 6.90 -36.55 -39.85
CA SER A 348 5.88 -35.54 -40.13
C SER A 348 4.59 -36.14 -40.65
N SER A 349 4.64 -36.74 -41.85
CA SER A 349 3.42 -37.23 -42.50
C SER A 349 3.56 -38.60 -43.13
N LYS A 350 4.75 -39.20 -43.19
CA LYS A 350 4.91 -40.49 -43.85
C LYS A 350 4.07 -41.56 -43.17
N TYR A 351 3.30 -42.29 -43.97
CA TYR A 351 2.43 -43.36 -43.48
C TYR A 351 2.20 -44.35 -44.62
N ALA A 352 2.91 -45.47 -44.57
CA ALA A 352 2.82 -46.50 -45.59
C ALA A 352 1.91 -47.63 -45.11
N ASP A 353 1.15 -48.20 -46.03
CA ASP A 353 0.24 -49.29 -45.70
C ASP A 353 1.03 -50.55 -45.34
N GLY A 354 0.33 -51.51 -44.74
CA GLY A 354 0.96 -52.76 -44.34
C GLY A 354 0.03 -53.69 -43.59
N VAL A 355 0.52 -54.25 -42.48
CA VAL A 355 -0.27 -55.20 -41.70
C VAL A 355 -0.87 -54.58 -40.45
N THR A 356 -0.32 -53.46 -39.96
CA THR A 356 -0.81 -52.80 -38.76
C THR A 356 -1.89 -51.77 -39.05
N GLY A 357 -2.59 -51.90 -40.18
CA GLY A 357 -3.63 -50.96 -40.52
C GLY A 357 -3.07 -49.58 -40.88
N ARG A 358 -3.85 -48.55 -40.55
CA ARG A 358 -3.44 -47.17 -40.80
C ARG A 358 -2.43 -46.76 -39.74
N VAL A 359 -1.18 -47.15 -39.97
CA VAL A 359 -0.10 -46.84 -39.03
C VAL A 359 0.16 -45.34 -39.03
N GLU A 360 0.45 -44.80 -37.84
CA GLU A 360 0.75 -43.39 -37.69
C GLU A 360 1.72 -43.22 -36.52
N PHE A 361 2.75 -42.41 -36.74
CA PHE A 361 3.77 -42.17 -35.72
C PHE A 361 3.39 -40.95 -34.90
N ASN A 362 3.11 -41.16 -33.62
CA ASN A 362 2.84 -40.05 -32.72
C ASN A 362 4.11 -39.24 -32.48
N GLU A 363 3.98 -38.19 -31.67
CA GLU A 363 5.12 -37.34 -31.37
C GLU A 363 5.98 -37.93 -30.26
N ASP A 364 6.33 -39.21 -30.40
CA ASP A 364 7.24 -39.88 -29.47
C ASP A 364 8.11 -40.92 -30.14
N GLY A 365 8.00 -41.11 -31.44
CA GLY A 365 8.73 -42.17 -32.12
C GLY A 365 8.11 -43.54 -31.95
N ASP A 366 6.78 -43.62 -31.85
CA ASP A 366 6.06 -44.87 -31.64
C ASP A 366 4.84 -44.92 -32.55
N ARG A 367 4.51 -46.12 -33.03
CA ARG A 367 3.35 -46.34 -33.87
C ARG A 367 2.06 -46.19 -33.08
N LYS A 368 1.21 -45.26 -33.48
CA LYS A 368 -0.05 -45.01 -32.81
C LYS A 368 -1.21 -45.66 -33.56
N PHE A 369 -2.39 -45.61 -32.95
CA PHE A 369 -3.64 -46.13 -33.53
C PHE A 369 -3.51 -47.64 -33.81
N ALA A 370 -3.19 -48.37 -32.76
CA ALA A 370 -3.03 -49.82 -32.82
C ALA A 370 -4.30 -50.50 -32.32
N GLN A 371 -4.38 -51.80 -32.59
CA GLN A 371 -5.51 -52.62 -32.18
C GLN A 371 -5.12 -53.50 -31.00
N TYR A 372 -6.03 -53.66 -30.05
CA TYR A 372 -5.78 -54.42 -28.84
C TYR A 372 -6.97 -55.33 -28.57
N SER A 373 -6.72 -56.63 -28.51
CA SER A 373 -7.78 -57.61 -28.23
C SER A 373 -8.05 -57.63 -26.73
N ILE A 374 -9.29 -57.29 -26.35
CA ILE A 374 -9.68 -57.28 -24.95
C ILE A 374 -10.09 -58.69 -24.53
N MET A 375 -9.13 -59.46 -24.03
CA MET A 375 -9.40 -60.84 -23.62
C MET A 375 -9.82 -60.87 -22.15
N ASN A 376 -10.11 -62.09 -21.67
CA ASN A 376 -10.52 -62.28 -20.29
C ASN A 376 -10.30 -63.74 -19.93
N LEU A 377 -10.29 -64.02 -18.63
CA LEU A 377 -10.08 -65.37 -18.11
C LEU A 377 -11.42 -66.04 -17.83
N GLN A 378 -12.18 -66.28 -18.91
CA GLN A 378 -13.48 -66.93 -18.81
C GLN A 378 -13.26 -68.43 -18.68
N ASN A 379 -12.99 -68.86 -17.44
CA ASN A 379 -12.73 -70.26 -17.10
C ASN A 379 -11.55 -70.80 -17.92
N ARG A 380 -10.39 -70.18 -17.71
CA ARG A 380 -9.13 -70.55 -18.35
C ARG A 380 -9.22 -70.51 -19.87
N LYS A 381 -10.08 -69.67 -20.42
CA LYS A 381 -10.25 -69.51 -21.86
C LYS A 381 -10.06 -68.04 -22.21
N LEU A 382 -8.97 -67.73 -22.91
CA LEU A 382 -8.67 -66.34 -23.27
C LEU A 382 -9.54 -65.89 -24.45
N VAL A 383 -10.84 -65.72 -24.20
CA VAL A 383 -11.77 -65.27 -25.22
C VAL A 383 -11.75 -63.75 -25.27
N GLN A 384 -11.74 -63.20 -26.48
CA GLN A 384 -11.66 -61.76 -26.67
C GLN A 384 -13.07 -61.17 -26.52
N VAL A 385 -13.31 -60.51 -25.39
CA VAL A 385 -14.59 -59.85 -25.16
C VAL A 385 -14.78 -58.61 -26.02
N GLY A 386 -13.70 -58.09 -26.58
CA GLY A 386 -13.81 -56.93 -27.45
C GLY A 386 -12.49 -56.61 -28.10
N ILE A 387 -12.54 -55.65 -29.02
CA ILE A 387 -11.35 -55.21 -29.75
C ILE A 387 -11.32 -53.68 -29.72
N TYR A 388 -10.23 -53.15 -29.19
CA TYR A 388 -10.03 -51.70 -29.09
C TYR A 388 -8.99 -51.26 -30.11
N ASN A 389 -9.37 -50.32 -30.96
CA ASN A 389 -8.47 -49.79 -31.98
C ASN A 389 -8.72 -48.30 -32.13
N GLY A 390 -7.65 -47.51 -31.95
CA GLY A 390 -7.78 -46.07 -31.98
C GLY A 390 -8.62 -45.54 -30.84
N THR A 391 -9.84 -45.09 -31.16
CA THR A 391 -10.77 -44.60 -30.15
C THR A 391 -12.07 -45.39 -30.10
N HIS A 392 -12.27 -46.35 -31.02
CA HIS A 392 -13.50 -47.11 -31.09
C HIS A 392 -13.50 -48.21 -30.03
N VAL A 393 -14.31 -48.03 -28.99
CA VAL A 393 -14.51 -49.06 -27.98
C VAL A 393 -15.56 -50.03 -28.50
N ILE A 394 -15.12 -51.17 -29.04
CA ILE A 394 -16.00 -52.12 -29.70
C ILE A 394 -15.98 -53.43 -28.91
N PRO A 395 -17.06 -53.78 -28.21
CA PRO A 395 -17.12 -55.09 -27.56
C PRO A 395 -17.60 -56.18 -28.52
N ASN A 396 -17.12 -57.40 -28.27
CA ASN A 396 -17.48 -58.54 -29.11
C ASN A 396 -18.85 -59.11 -28.79
N ASP A 397 -19.62 -58.46 -27.92
CA ASP A 397 -20.97 -58.88 -27.54
C ASP A 397 -20.99 -60.29 -26.95
N ARG A 398 -19.90 -60.73 -26.33
CA ARG A 398 -19.84 -62.05 -25.73
C ARG A 398 -20.31 -62.00 -24.28
N LYS A 399 -20.73 -63.16 -23.78
CA LYS A 399 -21.20 -63.29 -22.40
C LYS A 399 -20.00 -63.23 -21.48
N ILE A 400 -19.69 -62.04 -20.99
CA ILE A 400 -18.54 -61.85 -20.10
C ILE A 400 -18.94 -62.17 -18.67
N ILE A 401 -18.12 -62.96 -17.99
CA ILE A 401 -18.34 -63.32 -16.60
C ILE A 401 -17.26 -62.67 -15.75
N TRP A 402 -17.68 -62.10 -14.61
CA TRP A 402 -16.79 -61.45 -13.67
C TRP A 402 -16.27 -62.45 -12.64
N PRO A 403 -15.08 -62.22 -12.09
CA PRO A 403 -14.51 -63.19 -11.15
C PRO A 403 -15.38 -63.36 -9.90
N GLY A 404 -15.41 -64.59 -9.38
CA GLY A 404 -16.23 -64.91 -8.24
C GLY A 404 -17.59 -65.47 -8.56
N GLY A 405 -17.85 -65.86 -9.81
CA GLY A 405 -19.13 -66.42 -10.19
C GLY A 405 -20.22 -65.40 -10.45
N GLU A 406 -19.98 -64.12 -10.21
CA GLU A 406 -20.99 -63.10 -10.43
C GLU A 406 -21.19 -62.86 -11.92
N THR A 407 -22.46 -62.76 -12.32
CA THR A 407 -22.82 -62.50 -13.71
C THR A 407 -23.18 -61.04 -13.98
N GLU A 408 -23.45 -60.26 -12.94
CA GLU A 408 -23.79 -58.85 -13.07
C GLU A 408 -22.54 -57.99 -12.87
N LYS A 409 -22.53 -56.82 -13.51
CA LYS A 409 -21.42 -55.89 -13.40
C LYS A 409 -21.27 -55.40 -11.97
N PRO A 410 -20.13 -55.61 -11.33
CA PRO A 410 -19.94 -55.12 -9.96
C PRO A 410 -20.03 -53.60 -9.91
N ARG A 411 -20.64 -53.11 -8.83
CA ARG A 411 -20.84 -51.68 -8.63
C ARG A 411 -19.54 -51.04 -8.16
N GLY A 412 -19.61 -49.77 -7.76
CA GLY A 412 -18.44 -49.06 -7.29
C GLY A 412 -17.98 -49.48 -5.91
N TYR A 413 -17.37 -48.55 -5.18
CA TYR A 413 -16.88 -48.85 -3.85
C TYR A 413 -18.04 -49.14 -2.89
N GLN A 414 -17.77 -50.00 -1.92
CA GLN A 414 -18.74 -50.31 -0.88
C GLN A 414 -18.57 -49.33 0.26
N MET A 415 -19.64 -48.60 0.58
CA MET A 415 -19.59 -47.57 1.61
C MET A 415 -19.34 -48.23 2.97
N SER A 416 -18.12 -48.08 3.47
CA SER A 416 -17.75 -48.65 4.76
C SER A 416 -18.21 -47.75 5.90
N THR A 417 -19.28 -48.16 6.59
CA THR A 417 -19.78 -47.38 7.71
C THR A 417 -18.93 -47.61 8.95
N ARG A 418 -17.64 -47.29 8.87
CA ARG A 418 -16.72 -47.46 9.98
C ARG A 418 -15.52 -46.55 9.74
N LEU A 419 -15.29 -45.64 10.68
CA LEU A 419 -14.28 -44.61 10.53
C LEU A 419 -13.26 -44.70 11.66
N LYS A 420 -12.04 -44.26 11.38
CA LYS A 420 -10.95 -44.22 12.35
C LYS A 420 -10.63 -42.76 12.62
N ILE A 421 -11.04 -42.28 13.79
CA ILE A 421 -10.89 -40.88 14.18
C ILE A 421 -9.61 -40.76 15.00
N VAL A 422 -8.73 -39.83 14.60
CA VAL A 422 -7.53 -39.52 15.37
C VAL A 422 -7.76 -38.22 16.12
N THR A 423 -7.19 -38.12 17.32
CA THR A 423 -7.38 -36.96 18.19
C THR A 423 -6.06 -36.68 18.88
N ILE A 424 -6.05 -35.70 19.79
CA ILE A 424 -4.87 -35.29 20.52
C ILE A 424 -5.30 -34.83 21.91
N HIS A 425 -4.35 -34.80 22.84
CA HIS A 425 -4.66 -34.40 24.21
C HIS A 425 -4.78 -32.88 24.30
N GLN A 426 -5.96 -32.43 24.71
CA GLN A 426 -6.21 -31.00 24.91
C GLN A 426 -7.29 -30.81 25.97
N GLU A 427 -6.94 -30.16 27.08
CA GLU A 427 -7.77 -30.06 28.27
C GLU A 427 -9.20 -29.60 28.02
N PRO A 428 -9.43 -28.44 27.36
CA PRO A 428 -10.80 -27.93 27.27
C PRO A 428 -11.69 -28.70 26.29
N PHE A 429 -11.11 -29.62 25.54
CA PHE A 429 -11.93 -30.27 24.49
C PHE A 429 -11.92 -31.77 24.53
N VAL A 430 -10.80 -32.35 24.89
CA VAL A 430 -10.79 -33.83 24.90
C VAL A 430 -10.15 -34.26 26.20
N TYR A 431 -10.55 -35.35 26.83
CA TYR A 431 -9.96 -35.64 28.15
C TYR A 431 -9.31 -37.01 28.21
N VAL A 432 -8.26 -37.18 29.02
CA VAL A 432 -7.65 -38.49 28.96
C VAL A 432 -7.57 -39.03 30.38
N LYS A 433 -8.44 -40.00 30.70
CA LYS A 433 -8.50 -40.57 32.03
C LYS A 433 -8.33 -42.07 31.99
N PRO A 434 -7.58 -42.65 32.93
CA PRO A 434 -7.42 -44.10 32.96
C PRO A 434 -8.72 -44.81 33.31
N THR A 435 -8.86 -46.02 32.78
CA THR A 435 -10.04 -46.83 33.04
C THR A 435 -9.92 -47.52 34.41
N MET A 436 -10.98 -48.21 34.79
CA MET A 436 -11.02 -48.96 36.04
C MET A 436 -10.45 -50.36 35.82
N SER A 437 -10.63 -51.24 36.79
CA SER A 437 -10.12 -52.61 36.73
C SER A 437 -10.79 -53.40 35.62
N ASP A 438 -12.12 -53.40 35.59
CA ASP A 438 -12.87 -54.19 34.62
C ASP A 438 -12.71 -53.66 33.19
N GLY A 439 -12.32 -52.41 33.00
CA GLY A 439 -12.15 -51.83 31.69
C GLY A 439 -12.96 -50.59 31.43
N THR A 440 -13.95 -50.29 32.26
CA THR A 440 -14.76 -49.09 32.09
C THR A 440 -14.16 -47.96 32.93
N CYS A 441 -14.87 -46.84 33.03
CA CYS A 441 -14.43 -45.72 33.83
C CYS A 441 -15.60 -45.17 34.62
N LYS A 442 -15.28 -44.49 35.72
CA LYS A 442 -16.29 -43.98 36.63
C LYS A 442 -17.23 -43.01 35.93
N GLU A 443 -18.51 -43.37 35.85
CA GLU A 443 -19.51 -42.51 35.21
C GLU A 443 -19.90 -41.37 36.13
N GLU A 444 -19.10 -40.31 36.15
CA GLU A 444 -19.36 -39.16 37.00
C GLU A 444 -20.49 -38.32 36.40
N PHE A 445 -20.90 -37.29 37.14
CA PHE A 445 -21.98 -36.42 36.71
C PHE A 445 -21.57 -34.97 36.98
N THR A 446 -22.43 -34.04 36.62
CA THR A 446 -22.22 -32.62 36.83
C THR A 446 -23.32 -32.08 37.75
N VAL A 447 -23.37 -30.75 37.89
CA VAL A 447 -24.41 -30.12 38.70
C VAL A 447 -25.79 -30.39 38.13
N ASN A 448 -25.88 -30.66 36.83
CA ASN A 448 -27.15 -30.99 36.20
C ASN A 448 -27.52 -32.46 36.37
N GLY A 449 -26.61 -33.29 36.84
CA GLY A 449 -26.89 -34.70 37.01
C GLY A 449 -26.97 -35.50 35.73
N ASP A 450 -26.37 -35.00 34.65
CA ASP A 450 -26.39 -35.70 33.38
C ASP A 450 -25.18 -36.61 33.25
N PRO A 451 -25.32 -37.74 32.57
CA PRO A 451 -24.18 -38.65 32.38
C PRO A 451 -23.11 -38.00 31.51
N VAL A 452 -21.87 -38.45 31.72
CA VAL A 452 -20.73 -37.92 30.96
C VAL A 452 -20.58 -38.58 29.59
N LYS A 453 -21.32 -39.66 29.33
CA LYS A 453 -21.31 -40.40 28.06
C LYS A 453 -19.90 -40.53 27.49
N LYS A 454 -19.02 -41.03 28.33
CA LYS A 454 -17.62 -41.18 27.92
C LYS A 454 -17.52 -42.28 26.85
N VAL A 455 -16.37 -42.37 26.16
CA VAL A 455 -16.09 -43.42 25.15
C VAL A 455 -14.66 -43.85 25.33
N ILE A 456 -14.34 -45.04 24.82
CA ILE A 456 -13.04 -45.75 25.00
C ILE A 456 -12.13 -45.71 23.79
N CYS A 457 -11.04 -44.95 23.88
CA CYS A 457 -10.17 -44.89 22.70
C CYS A 457 -8.78 -45.44 23.00
N THR A 458 -8.36 -46.35 22.15
CA THR A 458 -7.08 -47.06 22.24
C THR A 458 -6.04 -46.10 21.76
N GLY A 459 -5.07 -45.68 22.55
CA GLY A 459 -4.09 -44.80 21.90
C GLY A 459 -2.72 -44.85 22.50
N PRO A 460 -1.56 -44.73 21.80
CA PRO A 460 -0.39 -44.79 22.68
C PRO A 460 -0.41 -43.66 23.68
N ASN A 461 -1.47 -43.58 24.49
CA ASN A 461 -1.70 -42.44 25.37
C ASN A 461 -1.23 -42.66 26.79
N ASP A 462 -1.24 -43.89 27.29
CA ASP A 462 -0.80 -44.19 28.64
C ASP A 462 0.71 -44.43 28.75
N THR A 463 1.41 -44.60 27.63
CA THR A 463 2.85 -44.77 27.65
C THR A 463 3.54 -43.42 27.54
N SER A 464 4.84 -43.43 27.34
CA SER A 464 5.64 -42.21 27.23
C SER A 464 6.51 -42.28 25.99
N PRO A 465 7.03 -41.16 25.49
CA PRO A 465 7.91 -41.20 24.32
C PRO A 465 9.24 -41.90 24.60
N GLY A 466 9.50 -42.20 25.86
CA GLY A 466 10.69 -42.92 26.24
C GLY A 466 10.57 -44.41 26.01
N SER A 467 9.40 -44.97 26.33
CA SER A 467 9.10 -46.39 26.13
C SER A 467 7.76 -46.50 25.41
N PRO A 468 7.76 -46.33 24.09
CA PRO A 468 6.49 -46.42 23.35
C PRO A 468 5.98 -47.85 23.29
N ARG A 469 4.66 -47.99 23.47
CA ARG A 469 4.01 -49.30 23.46
C ARG A 469 2.50 -49.16 23.35
N HIS A 470 1.85 -50.13 22.70
CA HIS A 470 0.40 -50.13 22.59
C HIS A 470 -0.23 -50.31 23.97
N THR A 471 -0.93 -49.28 24.45
CA THR A 471 -1.49 -49.28 25.80
C THR A 471 -2.82 -50.03 25.81
N VAL A 472 -3.27 -50.05 27.03
CA VAL A 472 -4.64 -50.48 27.35
C VAL A 472 -5.47 -49.31 26.83
N PRO A 473 -6.60 -49.60 26.19
CA PRO A 473 -7.46 -48.55 25.72
C PRO A 473 -7.82 -47.64 26.89
N GLN A 474 -7.62 -46.33 26.75
CA GLN A 474 -7.98 -45.35 27.80
C GLN A 474 -9.39 -44.84 27.49
N CYS A 475 -10.17 -44.50 28.51
CA CYS A 475 -11.55 -43.99 28.35
C CYS A 475 -11.42 -42.49 28.26
N CYS A 476 -11.96 -41.85 27.19
CA CYS A 476 -11.78 -40.42 27.04
C CYS A 476 -13.11 -39.75 26.73
N TYR A 477 -13.22 -38.49 27.10
CA TYR A 477 -14.45 -37.71 26.91
C TYR A 477 -14.10 -36.24 26.85
N GLY A 478 -15.06 -35.43 26.44
CA GLY A 478 -14.87 -34.00 26.38
C GLY A 478 -15.84 -33.37 25.39
N PHE A 479 -15.56 -32.10 25.05
CA PHE A 479 -16.39 -31.33 24.09
C PHE A 479 -16.38 -31.96 22.73
N CYS A 480 -15.19 -32.21 22.20
CA CYS A 480 -15.10 -32.85 20.89
C CYS A 480 -15.72 -34.25 20.92
N ILE A 481 -15.63 -34.93 22.05
CA ILE A 481 -16.21 -36.26 22.16
C ILE A 481 -17.74 -36.18 22.10
N ASP A 482 -18.31 -35.17 22.76
CA ASP A 482 -19.76 -34.98 22.69
C ASP A 482 -20.19 -34.56 21.28
N LEU A 483 -19.37 -33.76 20.61
CA LEU A 483 -19.65 -33.40 19.22
C LEU A 483 -19.64 -34.64 18.33
N LEU A 484 -18.68 -35.54 18.54
CA LEU A 484 -18.64 -36.78 17.77
C LEU A 484 -19.83 -37.67 18.11
N ILE A 485 -20.26 -37.67 19.37
CA ILE A 485 -21.47 -38.40 19.76
C ILE A 485 -22.68 -37.89 18.98
N LYS A 486 -22.83 -36.56 18.91
CA LYS A 486 -23.94 -35.98 18.18
C LYS A 486 -23.86 -36.31 16.69
N LEU A 487 -22.66 -36.22 16.11
CA LEU A 487 -22.47 -36.55 14.70
C LEU A 487 -22.84 -38.00 14.42
N ALA A 488 -22.42 -38.91 15.30
CA ALA A 488 -22.73 -40.32 15.13
C ALA A 488 -24.23 -40.56 15.24
N ARG A 489 -24.86 -39.98 16.27
CA ARG A 489 -26.30 -40.11 16.42
C ARG A 489 -27.08 -39.50 15.26
N THR A 490 -26.51 -38.53 14.57
CA THR A 490 -27.15 -37.93 13.41
C THR A 490 -26.97 -38.78 12.14
N MET A 491 -25.79 -39.34 11.95
CA MET A 491 -25.45 -40.06 10.72
C MET A 491 -25.34 -41.56 10.89
N GLN A 492 -25.62 -42.09 12.08
CA GLN A 492 -25.58 -43.53 12.36
C GLN A 492 -24.20 -44.11 12.04
N PHE A 493 -23.17 -43.59 12.69
CA PHE A 493 -21.82 -44.11 12.46
C PHE A 493 -21.49 -45.23 13.44
N THR A 494 -20.44 -45.93 13.07
CA THR A 494 -19.83 -46.97 13.92
C THR A 494 -18.37 -46.59 14.08
N TYR A 495 -18.07 -45.82 15.12
CA TYR A 495 -16.79 -45.17 15.27
C TYR A 495 -15.91 -45.92 16.27
N GLU A 496 -14.60 -45.77 16.09
CA GLU A 496 -13.62 -46.25 17.06
C GLU A 496 -12.44 -45.28 17.03
N VAL A 497 -12.45 -44.31 17.93
CA VAL A 497 -11.49 -43.22 17.92
C VAL A 497 -10.25 -43.64 18.69
N HIS A 498 -9.15 -42.93 18.42
CA HIS A 498 -7.87 -43.22 19.06
C HIS A 498 -6.93 -42.03 18.89
N LEU A 499 -6.01 -41.86 19.83
CA LEU A 499 -5.08 -40.73 19.79
C LEU A 499 -3.97 -41.01 18.78
N VAL A 500 -2.95 -40.15 18.78
CA VAL A 500 -1.83 -40.26 17.86
C VAL A 500 -0.57 -40.62 18.63
N ALA A 501 0.52 -40.81 17.89
CA ALA A 501 1.74 -41.33 18.50
C ALA A 501 2.49 -40.23 19.26
N ASP A 502 2.94 -39.20 18.55
CA ASP A 502 3.74 -38.13 19.15
C ASP A 502 3.07 -36.77 19.10
N GLY A 503 1.76 -36.69 19.30
CA GLY A 503 1.07 -35.42 19.22
C GLY A 503 1.11 -34.84 17.83
N LYS A 504 1.87 -33.76 17.64
CA LYS A 504 2.15 -33.22 16.32
C LYS A 504 0.89 -32.83 15.56
N PHE A 505 0.21 -31.77 16.01
CA PHE A 505 -0.96 -31.19 15.35
C PHE A 505 -0.82 -31.23 13.83
N GLY A 506 0.35 -30.86 13.32
CA GLY A 506 0.64 -31.00 11.91
C GLY A 506 1.90 -30.26 11.51
N THR A 507 2.72 -30.90 10.68
CA THR A 507 4.00 -30.34 10.26
C THR A 507 4.31 -30.77 8.84
N GLN A 508 4.73 -29.81 8.01
CA GLN A 508 5.22 -30.08 6.67
C GLN A 508 6.73 -30.28 6.63
N GLU A 509 7.25 -31.22 7.43
CA GLU A 509 8.68 -31.43 7.53
C GLU A 509 9.28 -31.78 6.17
N ARG A 510 10.35 -31.06 5.80
CA ARG A 510 11.07 -31.30 4.56
C ARG A 510 12.53 -31.56 4.89
N VAL A 511 13.18 -32.30 4.00
CA VAL A 511 14.59 -32.65 4.17
C VAL A 511 15.21 -32.92 2.82
N GLN A 512 16.55 -32.85 2.74
CA GLN A 512 17.28 -33.10 1.50
C GLN A 512 17.67 -34.56 1.34
N ASN A 513 17.31 -35.42 2.29
CA ASN A 513 17.64 -36.84 2.17
C ASN A 513 16.85 -37.48 1.03
N SER A 514 15.57 -37.15 0.91
CA SER A 514 14.72 -37.67 -0.15
C SER A 514 14.16 -36.58 -1.06
N ASN A 515 14.48 -35.32 -0.80
CA ASN A 515 14.06 -34.15 -1.57
C ASN A 515 12.53 -34.02 -1.64
N LYS A 516 11.80 -34.59 -0.68
CA LYS A 516 10.36 -34.51 -0.66
C LYS A 516 9.88 -34.16 0.74
N LYS A 517 8.78 -33.40 0.79
CA LYS A 517 8.17 -33.00 2.05
C LYS A 517 6.90 -33.79 2.29
N GLU A 518 6.76 -34.32 3.51
CA GLU A 518 5.62 -35.13 3.89
C GLU A 518 5.06 -34.65 5.22
N TRP A 519 3.76 -34.90 5.41
CA TRP A 519 3.07 -34.52 6.64
C TRP A 519 3.28 -35.63 7.68
N ASN A 520 3.73 -35.24 8.87
CA ASN A 520 3.99 -36.18 9.96
C ASN A 520 3.23 -35.71 11.19
N GLY A 521 2.34 -36.56 11.70
CA GLY A 521 1.56 -36.25 12.87
C GLY A 521 0.13 -36.74 12.70
N MET A 522 -0.80 -35.98 13.28
CA MET A 522 -2.22 -36.29 13.11
C MET A 522 -2.62 -36.18 11.64
N MET A 523 -2.24 -35.07 10.99
CA MET A 523 -2.53 -34.91 9.57
C MET A 523 -1.79 -35.94 8.72
N GLY A 524 -0.61 -36.38 9.16
CA GLY A 524 0.11 -37.43 8.46
C GLY A 524 -0.64 -38.76 8.51
N GLU A 525 -1.08 -39.14 9.71
CA GLU A 525 -1.89 -40.35 9.85
C GLU A 525 -3.19 -40.23 9.07
N LEU A 526 -3.74 -39.02 8.97
CA LEU A 526 -4.94 -38.79 8.18
C LEU A 526 -4.68 -39.05 6.70
N LEU A 527 -3.61 -38.45 6.17
CA LEU A 527 -3.29 -38.60 4.75
C LEU A 527 -2.73 -39.99 4.45
N SER A 528 -2.21 -40.68 5.46
CA SER A 528 -1.64 -42.01 5.23
C SER A 528 -2.71 -42.99 4.76
N GLY A 529 -3.91 -42.88 5.32
CA GLY A 529 -5.01 -43.75 4.93
C GLY A 529 -5.60 -44.52 6.09
N GLN A 530 -4.87 -44.58 7.21
CA GLN A 530 -5.36 -45.32 8.37
C GLN A 530 -6.42 -44.53 9.13
N ALA A 531 -6.34 -43.20 9.09
CA ALA A 531 -7.31 -42.36 9.77
C ALA A 531 -8.38 -41.91 8.78
N ASP A 532 -9.48 -41.37 9.30
CA ASP A 532 -10.61 -40.97 8.45
C ASP A 532 -10.87 -39.48 8.50
N MET A 533 -11.00 -38.93 9.71
CA MET A 533 -11.38 -37.53 9.87
C MET A 533 -10.82 -36.99 11.18
N ILE A 534 -10.53 -35.69 11.21
CA ILE A 534 -10.04 -35.02 12.41
C ILE A 534 -11.23 -34.45 13.17
N VAL A 535 -11.31 -34.77 14.47
CA VAL A 535 -12.37 -34.23 15.32
C VAL A 535 -11.70 -33.47 16.46
N ALA A 536 -10.37 -33.44 16.44
CA ALA A 536 -9.59 -32.69 17.42
C ALA A 536 -9.74 -31.20 17.13
N PRO A 537 -9.44 -30.34 18.12
CA PRO A 537 -9.50 -28.90 17.85
C PRO A 537 -8.38 -28.44 16.95
N LEU A 538 -8.53 -28.67 15.66
CA LEU A 538 -7.52 -28.33 14.66
C LEU A 538 -7.79 -26.96 14.09
N THR A 539 -6.76 -26.11 14.08
CA THR A 539 -6.89 -24.76 13.54
C THR A 539 -6.93 -24.81 12.01
N ILE A 540 -7.25 -23.67 11.40
CA ILE A 540 -7.35 -23.56 9.95
C ILE A 540 -6.34 -22.54 9.46
N ASN A 541 -5.83 -22.78 8.25
CA ASN A 541 -4.85 -21.91 7.62
C ASN A 541 -4.69 -22.35 6.16
N ASN A 542 -4.01 -21.51 5.37
CA ASN A 542 -3.84 -21.80 3.96
C ASN A 542 -2.93 -23.01 3.74
N GLU A 543 -2.02 -23.27 4.67
CA GLU A 543 -1.07 -24.38 4.50
C GLU A 543 -1.79 -25.72 4.56
N ARG A 544 -2.53 -25.97 5.65
CA ARG A 544 -3.21 -27.25 5.82
C ARG A 544 -4.39 -27.41 4.87
N ALA A 545 -4.88 -26.30 4.28
CA ALA A 545 -5.99 -26.38 3.35
C ALA A 545 -5.57 -26.87 1.97
N GLN A 546 -4.26 -27.00 1.71
CA GLN A 546 -3.77 -27.47 0.42
C GLN A 546 -4.05 -28.97 0.24
N TYR A 547 -3.59 -29.78 1.19
CA TYR A 547 -3.74 -31.23 1.05
C TYR A 547 -5.17 -31.67 1.34
N ILE A 548 -5.75 -31.20 2.44
CA ILE A 548 -7.09 -31.60 2.83
C ILE A 548 -8.01 -30.39 2.81
N GLU A 549 -9.31 -30.63 2.96
CA GLU A 549 -10.31 -29.58 3.00
C GLU A 549 -11.08 -29.68 4.30
N PHE A 550 -11.35 -28.53 4.92
CA PHE A 550 -12.02 -28.47 6.20
C PHE A 550 -13.51 -28.27 6.00
N SER A 551 -14.24 -28.07 7.10
CA SER A 551 -15.67 -27.84 7.09
C SER A 551 -15.98 -26.51 7.75
N LYS A 552 -17.27 -26.24 7.92
CA LYS A 552 -17.69 -25.01 8.57
C LYS A 552 -17.28 -25.05 10.04
N PRO A 553 -16.83 -23.94 10.60
CA PRO A 553 -16.34 -23.94 11.98
C PRO A 553 -17.47 -24.06 12.99
N PHE A 554 -17.13 -24.62 14.15
CA PHE A 554 -18.06 -24.75 15.27
C PHE A 554 -17.63 -23.88 16.44
N LYS A 555 -16.61 -23.05 16.23
CA LYS A 555 -16.06 -22.19 17.27
C LYS A 555 -15.24 -21.10 16.57
N TYR A 556 -14.95 -20.02 17.30
CA TYR A 556 -14.13 -18.93 16.77
C TYR A 556 -13.09 -18.58 17.84
N GLN A 557 -11.92 -19.21 17.72
CA GLN A 557 -10.87 -19.05 18.71
C GLN A 557 -9.95 -17.90 18.32
N GLY A 558 -8.85 -17.75 19.05
CA GLY A 558 -7.92 -16.67 18.78
C GLY A 558 -6.75 -16.74 19.74
N LEU A 559 -6.08 -15.61 19.88
CA LEU A 559 -4.93 -15.49 20.79
C LEU A 559 -5.11 -14.24 21.63
N THR A 560 -5.30 -14.43 22.94
CA THR A 560 -5.44 -13.30 23.86
C THR A 560 -4.41 -13.46 24.96
N ILE A 561 -3.93 -12.32 25.47
CA ILE A 561 -2.90 -12.32 26.50
C ILE A 561 -3.53 -12.69 27.84
N LEU A 562 -2.72 -13.21 28.77
CA LEU A 562 -3.18 -13.60 30.08
C LEU A 562 -2.32 -12.94 31.16
N VAL A 563 -2.96 -12.57 32.26
CA VAL A 563 -2.26 -11.87 33.34
C VAL A 563 -2.99 -12.16 34.64
N LYS A 564 -2.15 -12.29 35.67
CA LYS A 564 -2.50 -12.69 37.07
C LYS A 564 -3.35 -11.58 37.65
N LYS A 565 -4.35 -11.92 38.46
CA LYS A 565 -5.22 -10.85 39.03
C LYS A 565 -5.28 -10.97 40.54
N GLU A 566 -5.00 -9.87 41.24
CA GLU A 566 -4.97 -9.84 42.73
C GLU A 566 -5.93 -8.77 43.23
N ILE A 567 -6.41 -8.93 44.46
CA ILE A 567 -7.36 -7.97 45.07
C ILE A 567 -6.69 -6.60 45.12
N PRO A 568 -7.41 -5.48 44.96
CA PRO A 568 -6.80 -4.16 44.80
C PRO A 568 -5.88 -3.57 45.87
N ARG A 569 -6.22 -3.70 47.15
CA ARG A 569 -5.40 -3.28 48.31
C ARG A 569 -5.54 -1.78 48.65
N SER A 570 -5.47 -1.42 49.94
CA SER A 570 -5.77 -0.04 50.38
C SER A 570 -4.83 1.03 49.83
N THR A 571 -3.52 0.81 49.94
CA THR A 571 -2.31 1.61 49.58
C THR A 571 -1.95 2.66 50.62
N LEU A 572 -2.71 2.84 51.69
CA LEU A 572 -2.36 3.97 52.61
C LEU A 572 -1.55 3.44 53.79
N ASP A 573 -0.35 3.96 53.92
CA ASP A 573 0.58 3.47 54.96
C ASP A 573 0.06 3.66 56.37
N SER A 574 -0.38 4.87 56.67
CA SER A 574 -0.72 5.42 57.97
C SER A 574 -1.57 6.67 57.77
N PHE A 575 -2.04 7.21 58.90
CA PHE A 575 -2.93 8.38 58.84
C PHE A 575 -2.14 9.66 58.60
N MET A 576 -0.86 9.68 58.98
CA MET A 576 -0.01 10.87 58.83
C MET A 576 0.45 11.11 57.38
N GLN A 577 -0.08 10.35 56.43
CA GLN A 577 0.31 10.41 55.03
C GLN A 577 0.01 11.74 54.35
N PRO A 578 -1.23 12.28 54.42
CA PRO A 578 -1.62 13.33 53.47
C PRO A 578 -0.86 14.66 53.55
N PHE A 579 -0.65 15.21 54.75
CA PHE A 579 -0.08 16.56 54.79
C PHE A 579 1.44 16.57 54.88
N GLN A 580 1.95 16.20 56.04
CA GLN A 580 3.37 16.29 56.36
C GLN A 580 3.60 15.86 57.80
N SER A 581 4.87 15.84 58.24
CA SER A 581 5.15 15.88 59.67
C SER A 581 5.31 17.33 60.13
N THR A 582 5.99 18.15 59.32
CA THR A 582 6.17 19.55 59.65
C THR A 582 4.84 20.29 59.69
N LEU A 583 3.86 19.83 58.91
CA LEU A 583 2.54 20.47 58.93
C LEU A 583 1.88 20.27 60.28
N TRP A 584 1.91 19.04 60.81
CA TRP A 584 1.34 18.77 62.12
C TRP A 584 2.10 19.52 63.21
N LEU A 585 3.43 19.54 63.11
CA LEU A 585 4.22 20.29 64.10
C LEU A 585 3.86 21.77 64.08
N LEU A 586 3.71 22.35 62.88
CA LEU A 586 3.40 23.76 62.76
C LEU A 586 1.99 24.05 63.29
N VAL A 587 1.03 23.18 62.98
CA VAL A 587 -0.33 23.43 63.46
C VAL A 587 -0.40 23.28 64.98
N GLY A 588 0.40 22.39 65.55
CA GLY A 588 0.45 22.27 67.00
C GLY A 588 1.04 23.49 67.68
N LEU A 589 2.19 23.94 67.18
CA LEU A 589 2.77 25.16 67.74
C LEU A 589 1.87 26.36 67.52
N SER A 590 1.10 26.37 66.42
CA SER A 590 0.15 27.45 66.18
C SER A 590 -1.01 27.40 67.17
N VAL A 591 -1.47 26.19 67.50
CA VAL A 591 -2.50 26.04 68.54
C VAL A 591 -1.99 26.62 69.85
N HIS A 592 -0.76 26.27 70.22
CA HIS A 592 -0.20 26.78 71.47
C HIS A 592 -0.06 28.30 71.45
N VAL A 593 0.41 28.85 70.32
CA VAL A 593 0.63 30.28 70.21
C VAL A 593 -0.70 31.03 70.28
N VAL A 594 -1.72 30.52 69.57
CA VAL A 594 -3.01 31.20 69.60
C VAL A 594 -3.68 31.07 70.97
N ALA A 595 -3.45 29.96 71.69
CA ALA A 595 -4.00 29.83 73.03
C ALA A 595 -3.36 30.84 73.98
N VAL A 596 -2.03 30.94 73.96
CA VAL A 596 -1.37 31.89 74.85
C VAL A 596 -1.69 33.32 74.44
N MET A 597 -1.93 33.57 73.14
CA MET A 597 -2.31 34.91 72.71
C MET A 597 -3.72 35.26 73.15
N LEU A 598 -4.64 34.29 73.11
CA LEU A 598 -5.97 34.49 73.66
C LEU A 598 -5.90 34.83 75.14
N TYR A 599 -5.05 34.10 75.88
CA TYR A 599 -4.89 34.40 77.29
C TYR A 599 -4.36 35.80 77.51
N LEU A 600 -3.33 36.20 76.75
CA LEU A 600 -2.74 37.52 76.89
C LEU A 600 -3.76 38.62 76.58
N LEU A 601 -4.53 38.44 75.50
CA LEU A 601 -5.51 39.46 75.12
C LEU A 601 -6.70 39.49 76.06
N ASP A 602 -6.98 38.39 76.77
CA ASP A 602 -8.13 38.33 77.66
C ASP A 602 -7.87 39.05 78.98
N ARG A 603 -6.76 38.72 79.65
CA ARG A 603 -6.50 39.29 80.96
C ARG A 603 -6.06 40.74 80.87
N PHE A 604 -5.39 41.12 79.78
CA PHE A 604 -4.88 42.48 79.66
C PHE A 604 -6.03 43.49 79.53
N SER A 605 -7.03 43.17 78.71
CA SER A 605 -8.14 44.07 78.47
C SER A 605 -8.99 44.23 79.74
N PRO A 606 -9.78 45.30 79.86
CA PRO A 606 -10.62 45.55 81.04
C PRO A 606 -12.11 45.34 80.75
N ALA A 621 -13.69 35.63 81.85
CA ALA A 621 -12.31 35.73 82.34
C ALA A 621 -11.59 34.45 81.98
N LEU A 622 -10.76 34.40 80.95
CA LEU A 622 -10.23 33.05 80.65
C LEU A 622 -9.01 32.76 81.50
N THR A 623 -9.09 31.88 82.49
CA THR A 623 -7.80 31.51 83.11
C THR A 623 -7.12 30.66 82.06
N LEU A 624 -5.83 30.84 81.92
CA LEU A 624 -5.05 30.31 80.82
C LEU A 624 -5.33 28.84 80.52
N SER A 625 -5.43 28.02 81.56
CA SER A 625 -5.75 26.60 81.37
C SER A 625 -7.07 26.44 80.61
N SER A 626 -8.09 27.19 81.00
CA SER A 626 -9.39 27.07 80.37
C SER A 626 -9.36 27.54 78.92
N ALA A 627 -8.61 28.61 78.64
CA ALA A 627 -8.50 29.11 77.28
C ALA A 627 -7.76 28.11 76.39
N MET A 628 -6.70 27.50 76.92
CA MET A 628 -5.98 26.48 76.16
C MET A 628 -6.85 25.25 75.92
N TRP A 629 -7.66 24.88 76.91
CA TRP A 629 -8.60 23.78 76.72
C TRP A 629 -9.62 24.11 75.64
N PHE A 630 -10.16 25.33 75.68
CA PHE A 630 -11.11 25.76 74.65
C PHE A 630 -10.49 25.69 73.26
N SER A 631 -9.25 26.18 73.13
CA SER A 631 -8.58 26.14 71.83
C SER A 631 -8.35 24.72 71.35
N TRP A 632 -7.78 23.95 72.24
CA TRP A 632 -7.41 22.57 71.96
C TRP A 632 -8.65 21.73 71.73
N GLY A 633 -9.82 22.13 72.15
CA GLY A 633 -11.07 21.44 71.92
C GLY A 633 -11.75 21.85 70.63
N VAL A 634 -11.61 23.14 70.28
CA VAL A 634 -12.30 23.69 69.08
C VAL A 634 -11.43 23.50 67.88
N LEU A 635 -10.50 22.58 67.94
CA LEU A 635 -9.77 22.26 66.69
C LEU A 635 -10.04 20.82 66.44
N LEU A 636 -10.08 20.09 67.49
CA LEU A 636 -10.46 18.74 67.18
C LEU A 636 -11.90 18.44 67.56
N ASN A 637 -12.78 19.38 67.31
CA ASN A 637 -14.21 19.23 67.10
C ASN A 637 -14.99 18.89 68.31
N SER A 638 -14.38 18.42 69.36
CA SER A 638 -15.00 18.59 70.65
C SER A 638 -14.10 18.03 71.67
N GLY A 639 -14.61 18.03 72.85
CA GLY A 639 -13.85 17.68 73.99
C GLY A 639 -14.57 18.45 75.05
N ILE A 640 -13.82 18.85 76.03
CA ILE A 640 -14.45 19.18 77.27
C ILE A 640 -14.22 20.64 77.50
N GLY A 641 -14.57 21.12 78.67
CA GLY A 641 -14.16 22.45 79.01
C GLY A 641 -15.06 23.56 78.56
N GLU A 642 -16.20 23.67 79.18
CA GLU A 642 -16.94 24.91 79.13
C GLU A 642 -16.02 26.05 79.49
N GLY A 643 -16.40 27.25 79.09
CA GLY A 643 -15.55 28.39 79.30
C GLY A 643 -15.05 28.91 77.98
N ALA A 644 -15.27 30.17 77.72
CA ALA A 644 -14.89 30.71 76.44
C ALA A 644 -14.70 32.21 76.62
N PRO A 645 -13.75 32.79 75.89
CA PRO A 645 -13.23 34.07 76.22
C PRO A 645 -14.37 35.07 76.33
N ARG A 646 -14.24 36.03 77.24
CA ARG A 646 -15.24 37.13 77.42
C ARG A 646 -14.59 38.46 77.07
N SER A 647 -13.30 38.47 76.75
CA SER A 647 -12.53 39.70 76.39
C SER A 647 -12.85 40.07 74.95
N PHE A 648 -13.17 41.31 74.60
CA PHE A 648 -13.53 41.55 73.18
C PHE A 648 -12.37 41.21 72.26
N SER A 649 -11.12 41.42 72.63
CA SER A 649 -10.04 41.00 71.72
C SER A 649 -10.14 39.51 71.50
N ALA A 650 -10.27 38.72 72.55
CA ALA A 650 -10.28 37.25 72.30
C ALA A 650 -11.49 36.84 71.50
N ARG A 651 -12.63 37.47 71.74
CA ARG A 651 -13.84 37.04 71.04
C ARG A 651 -13.59 37.28 69.59
N ILE A 652 -13.05 38.43 69.19
CA ILE A 652 -12.75 38.52 67.73
C ILE A 652 -11.61 37.59 67.35
N LEU A 653 -10.69 37.23 68.24
CA LEU A 653 -9.72 36.25 67.79
C LEU A 653 -10.35 34.90 67.52
N GLY A 654 -11.14 34.31 68.42
CA GLY A 654 -11.45 32.88 68.21
C GLY A 654 -12.20 32.59 66.95
N MET A 655 -13.26 33.31 66.79
CA MET A 655 -14.04 33.13 65.58
C MET A 655 -13.16 32.71 64.41
N VAL A 656 -12.11 33.49 64.16
CA VAL A 656 -11.22 33.17 63.04
C VAL A 656 -10.47 31.87 63.29
N TRP A 657 -10.25 31.51 64.56
CA TRP A 657 -9.60 30.24 64.86
C TRP A 657 -10.52 29.07 64.55
N ALA A 658 -11.81 29.19 64.85
CA ALA A 658 -12.78 28.18 64.46
C ALA A 658 -12.83 28.06 62.94
N GLY A 659 -12.78 29.21 62.25
CA GLY A 659 -12.71 29.20 60.80
C GLY A 659 -11.47 28.48 60.28
N PHE A 660 -10.34 28.72 60.92
CA PHE A 660 -9.09 28.04 60.56
C PHE A 660 -9.22 26.53 60.75
N ALA A 661 -9.79 26.10 61.87
CA ALA A 661 -9.96 24.67 62.12
C ALA A 661 -10.89 24.05 61.08
N MET A 662 -11.97 24.75 60.74
CA MET A 662 -12.89 24.26 59.71
C MET A 662 -12.16 24.12 58.38
N ILE A 663 -11.36 25.12 58.01
CA ILE A 663 -10.61 25.05 56.75
C ILE A 663 -9.62 23.90 56.75
N ILE A 664 -8.94 23.68 57.88
CA ILE A 664 -7.96 22.59 57.99
C ILE A 664 -8.66 21.25 57.82
N VAL A 665 -9.78 21.04 58.53
CA VAL A 665 -10.51 19.79 58.42
C VAL A 665 -11.03 19.57 57.00
N ALA A 666 -11.54 20.63 56.37
CA ALA A 666 -12.05 20.50 55.01
C ALA A 666 -10.94 20.16 54.03
N SER A 667 -9.76 20.78 54.19
CA SER A 667 -8.64 20.47 53.31
C SER A 667 -8.15 19.05 53.52
N TYR A 668 -8.15 18.57 54.78
CA TYR A 668 -7.79 17.20 55.09
C TYR A 668 -8.73 16.23 54.37
N THR A 669 -10.02 16.26 54.58
CA THR A 669 -10.66 15.17 53.87
C THR A 669 -10.59 15.38 52.40
N ALA A 670 -10.56 16.56 51.84
CA ALA A 670 -10.50 16.56 50.36
C ALA A 670 -9.22 15.91 49.97
N ASN A 671 -8.10 16.28 50.56
CA ASN A 671 -6.82 15.74 50.07
C ASN A 671 -6.75 14.25 50.27
N LEU A 672 -7.11 13.67 51.38
CA LEU A 672 -7.06 12.21 51.46
C LEU A 672 -8.08 11.68 50.51
N ALA A 673 -9.28 12.22 50.33
CA ALA A 673 -10.12 11.56 49.29
C ALA A 673 -9.58 11.75 47.89
N ALA A 674 -8.94 12.86 47.60
CA ALA A 674 -8.35 12.94 46.26
C ALA A 674 -7.28 11.89 46.17
N PHE A 675 -6.43 11.68 47.17
CA PHE A 675 -5.44 10.59 46.94
C PHE A 675 -6.13 9.25 46.93
N LEU A 676 -7.26 9.00 47.58
CA LEU A 676 -7.82 7.65 47.48
C LEU A 676 -8.60 7.45 46.18
N VAL A 677 -8.76 8.43 45.29
CA VAL A 677 -9.43 8.10 43.98
C VAL A 677 -8.52 8.18 42.76
N LEU A 678 -7.27 8.58 42.84
CA LEU A 678 -6.32 8.64 41.74
C LEU A 678 -5.26 7.54 41.83
N ASP A 679 -5.59 6.41 42.43
CA ASP A 679 -4.65 5.29 42.58
C ASP A 679 -5.13 4.14 41.70
N ARG A 680 -4.52 4.03 40.52
CA ARG A 680 -4.83 2.96 39.57
C ARG A 680 -3.55 2.24 39.20
N PRO A 681 -3.11 1.28 40.02
CA PRO A 681 -1.84 0.57 39.77
C PRO A 681 -1.92 -0.61 38.83
N GLU A 682 -3.00 -0.77 38.06
CA GLU A 682 -3.19 -1.93 37.21
C GLU A 682 -2.52 -1.76 35.85
N GLU A 683 -2.93 -0.73 35.10
CA GLU A 683 -2.41 -0.46 33.75
C GLU A 683 -2.50 -1.73 32.89
N ARG A 684 -3.72 -2.25 32.80
CA ARG A 684 -3.95 -3.53 32.15
C ARG A 684 -3.69 -3.43 30.65
N ILE A 685 -3.12 -4.50 30.09
CA ILE A 685 -2.82 -4.58 28.66
C ILE A 685 -4.13 -4.71 27.91
N THR A 686 -4.42 -3.71 27.08
CA THR A 686 -5.69 -3.68 26.35
C THR A 686 -5.67 -4.47 25.05
N GLY A 687 -4.49 -4.81 24.52
CA GLY A 687 -4.42 -5.57 23.29
C GLY A 687 -3.04 -5.65 22.68
N ILE A 688 -2.94 -5.47 21.38
CA ILE A 688 -1.67 -5.53 20.65
C ILE A 688 -1.11 -4.15 20.35
N ASN A 689 -1.88 -3.09 20.55
CA ASN A 689 -1.42 -1.72 20.34
C ASN A 689 -0.78 -1.13 21.59
N ASP A 690 -0.28 -1.97 22.48
CA ASP A 690 0.34 -1.60 23.74
C ASP A 690 1.85 -1.50 23.59
N PRO A 691 2.56 -0.94 24.59
CA PRO A 691 4.03 -0.84 24.50
C PRO A 691 4.74 -2.17 24.27
N ARG A 692 4.02 -3.28 24.44
CA ARG A 692 4.59 -4.58 24.09
C ARG A 692 4.99 -4.62 22.63
N LEU A 693 4.19 -4.00 21.76
CA LEU A 693 4.54 -3.90 20.35
C LEU A 693 5.59 -2.82 20.10
N ARG A 694 5.55 -1.73 20.86
CA ARG A 694 6.48 -0.63 20.64
C ARG A 694 7.90 -1.03 21.05
N ASN A 695 8.09 -1.36 22.33
CA ASN A 695 9.40 -1.72 22.85
C ASN A 695 9.26 -2.46 24.17
N PRO A 696 9.88 -3.62 24.31
CA PRO A 696 9.84 -4.36 25.58
C PRO A 696 10.77 -3.74 26.62
N SER A 697 10.65 -4.23 27.84
CA SER A 697 11.45 -3.75 28.96
C SER A 697 11.88 -4.95 29.79
N ASP A 698 12.52 -4.67 30.94
CA ASP A 698 12.99 -5.70 31.85
C ASP A 698 12.06 -5.92 33.03
N LYS A 699 10.99 -5.14 33.15
CA LYS A 699 10.06 -5.30 34.26
C LYS A 699 9.19 -6.54 34.06
N PHE A 700 8.44 -6.57 32.95
CA PHE A 700 7.61 -7.72 32.61
C PHE A 700 8.10 -8.31 31.29
N ILE A 701 7.79 -9.60 31.11
CA ILE A 701 8.20 -10.33 29.91
C ILE A 701 6.98 -10.93 29.24
N TYR A 702 7.12 -11.21 27.94
CA TYR A 702 6.04 -11.81 27.17
C TYR A 702 6.59 -12.62 26.00
N ALA A 703 6.15 -13.86 25.89
CA ALA A 703 6.62 -14.78 24.85
C ALA A 703 5.60 -15.91 24.74
N THR A 704 5.93 -16.94 23.97
CA THR A 704 5.07 -18.10 23.81
C THR A 704 5.87 -19.39 23.76
N VAL A 705 5.21 -20.50 23.44
CA VAL A 705 5.89 -21.79 23.35
C VAL A 705 6.57 -21.91 21.99
N LYS A 706 7.82 -22.38 22.00
CA LYS A 706 8.56 -22.54 20.76
C LYS A 706 7.95 -23.65 19.91
N GLN A 707 8.12 -23.53 18.60
CA GLN A 707 7.61 -24.49 17.61
C GLN A 707 6.09 -24.64 17.74
N SER A 708 5.40 -23.52 17.52
CA SER A 708 3.96 -23.47 17.59
C SER A 708 3.43 -22.64 16.43
N SER A 709 2.11 -22.71 16.22
CA SER A 709 1.49 -21.94 15.15
C SER A 709 1.54 -20.46 15.43
N VAL A 710 1.42 -20.07 16.70
CA VAL A 710 1.53 -18.65 17.07
C VAL A 710 2.92 -18.13 16.76
N ASP A 711 3.95 -18.96 16.96
CA ASP A 711 5.31 -18.57 16.61
C ASP A 711 5.46 -18.37 15.11
N ILE A 712 4.82 -19.22 14.31
CA ILE A 712 4.87 -19.06 12.86
C ILE A 712 4.17 -17.78 12.44
N TYR A 713 2.99 -17.51 13.01
CA TYR A 713 2.28 -16.29 12.68
C TYR A 713 3.03 -15.03 13.12
N PHE A 714 3.79 -15.12 14.22
CA PHE A 714 4.63 -14.01 14.63
C PHE A 714 5.82 -13.82 13.70
N ARG A 715 6.47 -14.91 13.29
CA ARG A 715 7.56 -14.82 12.33
C ARG A 715 7.08 -14.43 10.93
N ARG A 716 5.77 -14.45 10.69
CA ARG A 716 5.21 -14.13 9.39
C ARG A 716 5.30 -12.63 9.07
N GLN A 717 4.70 -11.79 9.91
CA GLN A 717 4.60 -10.37 9.62
C GLN A 717 5.93 -9.66 9.83
N VAL A 718 5.92 -8.36 9.55
CA VAL A 718 7.16 -7.57 9.60
C VAL A 718 7.45 -7.10 11.02
N GLU A 719 6.55 -6.30 11.60
CA GLU A 719 6.73 -5.87 12.99
C GLU A 719 6.59 -7.05 13.94
N LEU A 720 5.68 -7.97 13.63
CA LEU A 720 5.56 -9.20 14.41
C LEU A 720 6.85 -10.01 14.40
N SER A 721 7.69 -9.84 13.37
CA SER A 721 8.98 -10.52 13.36
C SER A 721 9.89 -9.99 14.47
N THR A 722 9.97 -8.66 14.62
CA THR A 722 10.75 -8.08 15.71
C THR A 722 10.14 -8.43 17.05
N MET A 723 8.81 -8.45 17.14
CA MET A 723 8.15 -8.87 18.38
C MET A 723 8.50 -10.30 18.73
N TYR A 724 8.49 -11.19 17.73
CA TYR A 724 8.82 -12.59 17.97
C TYR A 724 10.29 -12.76 18.35
N ARG A 725 11.17 -11.93 17.78
CA ARG A 725 12.58 -11.97 18.19
C ARG A 725 12.72 -11.58 19.65
N HIS A 726 12.13 -10.44 20.03
CA HIS A 726 12.21 -9.97 21.41
C HIS A 726 11.55 -10.94 22.38
N MET A 727 10.57 -11.72 21.92
CA MET A 727 9.91 -12.70 22.78
C MET A 727 10.73 -13.98 22.91
N GLU A 728 11.18 -14.53 21.78
CA GLU A 728 11.94 -15.78 21.74
C GLU A 728 13.35 -15.59 22.29
N LYS A 729 13.74 -14.34 22.55
CA LYS A 729 14.96 -14.11 23.31
C LYS A 729 14.94 -14.85 24.65
N HIS A 730 13.76 -14.94 25.27
CA HIS A 730 13.57 -15.67 26.52
C HIS A 730 12.27 -16.47 26.52
N ASN A 731 11.93 -17.11 25.40
CA ASN A 731 10.67 -17.82 25.29
C ASN A 731 10.67 -19.09 26.13
N TYR A 732 9.47 -19.56 26.48
CA TYR A 732 9.29 -20.82 27.19
C TYR A 732 9.09 -21.96 26.18
N GLU A 733 8.90 -23.17 26.71
CA GLU A 733 8.72 -24.34 25.86
C GLU A 733 7.64 -25.28 26.38
N SER A 734 6.65 -24.75 27.10
CA SER A 734 5.58 -25.56 27.64
C SER A 734 4.40 -24.66 27.98
N ALA A 735 3.21 -25.27 28.02
CA ALA A 735 1.99 -24.55 28.36
C ALA A 735 1.72 -24.58 29.86
N ALA A 736 1.72 -25.77 30.45
CA ALA A 736 1.50 -25.90 31.88
C ALA A 736 2.61 -25.24 32.69
N GLU A 737 3.86 -25.36 32.21
CA GLU A 737 4.97 -24.69 32.88
C GLU A 737 4.80 -23.18 32.84
N ALA A 738 4.34 -22.65 31.70
CA ALA A 738 4.09 -21.22 31.60
C ALA A 738 2.95 -20.79 32.52
N ILE A 739 1.89 -21.60 32.61
CA ILE A 739 0.80 -21.30 33.54
C ILE A 739 1.32 -21.24 34.97
N GLN A 740 2.11 -22.24 35.37
CA GLN A 740 2.67 -22.26 36.71
C GLN A 740 3.56 -21.05 36.96
N ALA A 741 4.39 -20.68 35.97
CA ALA A 741 5.26 -19.53 36.11
C ALA A 741 4.44 -18.25 36.28
N VAL A 742 3.34 -18.12 35.56
CA VAL A 742 2.45 -16.97 35.73
C VAL A 742 1.83 -16.98 37.12
N ARG A 743 1.53 -18.18 37.65
CA ARG A 743 0.89 -18.26 38.97
C ARG A 743 1.83 -17.85 40.09
N ASP A 744 3.15 -17.97 39.90
CA ASP A 744 4.12 -17.58 40.93
C ASP A 744 4.98 -16.41 40.48
N ASN A 745 4.44 -15.58 39.59
CA ASN A 745 5.06 -14.34 39.13
C ASN A 745 6.42 -14.53 38.45
N LYS A 746 6.74 -15.76 38.02
CA LYS A 746 7.99 -15.97 37.29
C LYS A 746 7.91 -15.32 35.91
N LEU A 747 6.93 -15.71 35.10
CA LEU A 747 6.65 -15.08 33.83
C LEU A 747 5.35 -14.28 33.94
N HIS A 748 5.34 -13.11 33.31
CA HIS A 748 4.25 -12.17 33.51
C HIS A 748 3.07 -12.38 32.58
N ALA A 749 3.30 -12.71 31.31
CA ALA A 749 2.23 -12.89 30.35
C ALA A 749 2.68 -13.71 29.15
N PHE A 750 1.87 -14.69 28.74
CA PHE A 750 2.18 -15.52 27.59
C PHE A 750 0.96 -15.62 26.69
N ILE A 751 1.18 -15.69 25.38
CA ILE A 751 0.08 -15.74 24.43
C ILE A 751 -0.11 -17.18 23.95
N TRP A 752 -1.37 -17.61 23.88
CA TRP A 752 -1.71 -18.96 23.45
C TRP A 752 -3.13 -18.94 22.92
N ASP A 753 -3.65 -20.12 22.60
CA ASP A 753 -5.01 -20.24 22.06
C ASP A 753 -6.02 -19.69 23.06
N SER A 754 -7.08 -19.06 22.52
CA SER A 754 -8.08 -18.40 23.34
C SER A 754 -8.82 -19.38 24.25
N ALA A 755 -9.32 -20.47 23.69
CA ALA A 755 -10.14 -21.40 24.45
C ALA A 755 -9.35 -22.04 25.59
N VAL A 756 -8.07 -22.35 25.34
CA VAL A 756 -7.27 -23.03 26.35
C VAL A 756 -7.15 -22.18 27.61
N LEU A 757 -6.68 -20.94 27.45
CA LEU A 757 -6.51 -20.06 28.60
C LEU A 757 -7.85 -19.61 29.16
N GLU A 758 -8.89 -19.55 28.31
CA GLU A 758 -10.22 -19.20 28.80
C GLU A 758 -10.74 -20.27 29.74
N PHE A 759 -10.47 -21.55 29.43
CA PHE A 759 -10.83 -22.63 30.35
C PHE A 759 -9.93 -22.61 31.58
N GLU A 760 -8.63 -22.37 31.37
CA GLU A 760 -7.68 -22.36 32.48
C GLU A 760 -7.93 -21.21 33.45
N ALA A 761 -8.64 -20.16 33.04
CA ALA A 761 -8.92 -19.03 33.92
C ALA A 761 -10.14 -19.29 34.80
N SER A 762 -11.17 -19.92 34.23
CA SER A 762 -12.42 -20.13 34.94
C SER A 762 -12.41 -21.40 35.78
N GLN A 763 -11.25 -22.06 35.86
CA GLN A 763 -11.13 -23.28 36.65
C GLN A 763 -10.43 -23.07 37.99
N LYS A 764 -9.62 -22.02 38.11
CA LYS A 764 -8.92 -21.70 39.36
C LYS A 764 -9.36 -20.38 39.96
N CYS A 765 -9.89 -19.47 39.14
CA CYS A 765 -10.31 -18.14 39.59
C CYS A 765 -9.16 -17.39 40.27
N ASP A 766 -7.97 -17.48 39.69
CA ASP A 766 -6.81 -16.74 40.17
C ASP A 766 -6.25 -15.77 39.15
N LEU A 767 -6.33 -16.07 37.85
CA LEU A 767 -5.88 -15.17 36.81
C LEU A 767 -6.98 -15.05 35.76
N VAL A 768 -7.06 -13.86 35.15
CA VAL A 768 -8.09 -13.55 34.17
C VAL A 768 -7.42 -13.23 32.84
N THR A 769 -8.21 -13.30 31.78
CA THR A 769 -7.71 -13.00 30.44
C THR A 769 -7.75 -11.48 30.21
N THR A 770 -7.15 -11.03 29.12
CA THR A 770 -7.12 -9.61 28.78
C THR A 770 -6.93 -9.42 27.28
N GLY A 771 -6.87 -8.17 26.84
CA GLY A 771 -6.71 -7.87 25.44
C GLY A 771 -7.93 -8.25 24.61
N GLU A 772 -7.78 -8.20 23.29
CA GLU A 772 -8.85 -8.54 22.36
C GLU A 772 -8.32 -9.51 21.31
N LEU A 773 -9.14 -10.49 20.95
CA LEU A 773 -8.75 -11.48 19.95
C LEU A 773 -8.76 -10.84 18.56
N PHE A 774 -7.62 -10.91 17.87
CA PHE A 774 -7.50 -10.35 16.53
C PHE A 774 -7.34 -11.45 15.47
N PHE A 775 -6.57 -12.49 15.76
CA PHE A 775 -6.46 -13.62 14.84
C PHE A 775 -7.76 -14.40 14.83
N ARG A 776 -8.48 -14.36 13.72
CA ARG A 776 -9.85 -14.87 13.64
C ARG A 776 -9.92 -16.26 13.03
N SER A 777 -8.92 -17.10 13.31
CA SER A 777 -8.93 -18.48 12.83
C SER A 777 -9.60 -19.38 13.86
N GLY A 778 -10.67 -20.04 13.43
CA GLY A 778 -11.42 -20.94 14.28
C GLY A 778 -11.13 -22.40 13.99
N PHE A 779 -11.61 -23.26 14.87
CA PHE A 779 -11.42 -24.70 14.71
C PHE A 779 -12.33 -25.22 13.59
N GLY A 780 -12.26 -26.52 13.36
CA GLY A 780 -13.03 -27.13 12.30
C GLY A 780 -12.72 -28.61 12.11
N ILE A 781 -13.77 -29.40 11.82
CA ILE A 781 -13.62 -30.82 11.57
C ILE A 781 -12.76 -31.02 10.33
N GLY A 782 -11.68 -31.78 10.47
CA GLY A 782 -10.80 -32.06 9.35
C GLY A 782 -11.20 -33.32 8.62
N MET A 783 -11.62 -33.18 7.37
CA MET A 783 -12.09 -34.29 6.56
C MET A 783 -11.06 -34.69 5.52
N ARG A 784 -11.16 -35.92 5.05
CA ARG A 784 -10.31 -36.42 3.98
C ARG A 784 -10.82 -35.88 2.65
N LYS A 785 -9.90 -35.65 1.72
CA LYS A 785 -10.18 -34.96 0.46
C LYS A 785 -11.24 -35.68 -0.37
N ASP A 786 -12.23 -34.92 -0.82
CA ASP A 786 -13.24 -35.37 -1.79
C ASP A 786 -14.00 -36.60 -1.26
N SER A 787 -14.72 -36.36 -0.16
CA SER A 787 -15.63 -37.36 0.38
C SER A 787 -17.00 -36.75 0.62
N PRO A 788 -18.07 -37.52 0.41
CA PRO A 788 -19.42 -37.00 0.71
C PRO A 788 -19.63 -36.69 2.18
N TRP A 789 -18.92 -37.38 3.08
CA TRP A 789 -18.97 -37.05 4.50
C TRP A 789 -18.56 -35.62 4.79
N LYS A 790 -17.71 -35.02 3.95
CA LYS A 790 -17.36 -33.61 4.12
C LYS A 790 -18.59 -32.72 4.05
N GLN A 791 -19.31 -32.79 2.93
CA GLN A 791 -20.52 -31.97 2.77
C GLN A 791 -21.57 -32.37 3.80
N GLN A 792 -21.70 -33.65 4.04
CA GLN A 792 -22.75 -33.95 5.00
C GLN A 792 -22.32 -33.34 6.30
N VAL A 793 -21.04 -33.45 6.58
CA VAL A 793 -20.62 -32.90 7.88
C VAL A 793 -20.85 -31.41 7.92
N SER A 794 -20.58 -30.65 6.88
CA SER A 794 -20.78 -29.21 7.09
C SER A 794 -22.24 -28.89 7.31
N LEU A 795 -23.11 -29.52 6.58
CA LEU A 795 -24.53 -29.19 6.83
C LEU A 795 -24.91 -29.61 8.25
N SER A 796 -24.48 -30.76 8.72
CA SER A 796 -24.86 -31.03 10.13
C SER A 796 -24.20 -30.07 11.10
N ILE A 797 -22.91 -29.72 10.97
CA ILE A 797 -22.44 -28.78 12.02
C ILE A 797 -23.15 -27.46 11.93
N LEU A 798 -23.46 -26.93 10.77
CA LEU A 798 -24.20 -25.64 10.83
C LEU A 798 -25.57 -25.81 11.48
N LYS A 799 -26.26 -26.91 11.24
CA LYS A 799 -27.60 -27.01 11.87
C LYS A 799 -27.44 -27.09 13.37
N SER A 800 -26.44 -27.84 13.78
CA SER A 800 -26.19 -27.90 15.23
C SER A 800 -25.85 -26.51 15.72
N HIS A 801 -25.09 -25.69 15.03
CA HIS A 801 -24.77 -24.33 15.54
C HIS A 801 -26.02 -23.51 15.76
N GLU A 802 -27.03 -23.66 14.92
CA GLU A 802 -28.29 -22.94 15.20
C GLU A 802 -29.10 -23.44 16.40
N ASN A 803 -29.32 -24.73 16.61
CA ASN A 803 -30.28 -25.02 17.73
C ASN A 803 -29.74 -25.08 19.17
N GLY A 804 -29.14 -24.01 19.66
CA GLY A 804 -28.65 -23.95 21.03
C GLY A 804 -27.73 -25.07 21.46
N PHE A 805 -27.37 -25.95 20.53
CA PHE A 805 -26.56 -27.12 20.88
C PHE A 805 -25.14 -26.71 21.25
N MET A 806 -24.49 -25.94 20.37
CA MET A 806 -23.13 -25.49 20.64
C MET A 806 -23.07 -24.58 21.85
N GLU A 807 -24.06 -23.71 22.01
CA GLU A 807 -24.11 -22.84 23.17
C GLU A 807 -24.28 -23.65 24.46
N ASP A 808 -25.13 -24.68 24.41
CA ASP A 808 -25.30 -25.57 25.56
C ASP A 808 -23.99 -26.27 25.92
N LEU A 809 -23.31 -26.83 24.91
CA LEU A 809 -22.06 -27.52 25.18
C LEU A 809 -21.01 -26.56 25.73
N ASP A 810 -20.98 -25.32 25.22
CA ASP A 810 -20.04 -24.32 25.74
C ASP A 810 -20.34 -24.01 27.20
N LYS A 811 -21.61 -23.70 27.51
CA LYS A 811 -21.98 -23.34 28.87
C LYS A 811 -21.81 -24.51 29.83
N THR A 812 -21.81 -25.74 29.30
CA THR A 812 -21.78 -26.91 30.18
C THR A 812 -20.35 -27.38 30.43
N TRP A 813 -19.52 -27.42 29.38
CA TRP A 813 -18.24 -28.10 29.45
C TRP A 813 -17.05 -27.21 29.76
N VAL A 814 -16.96 -26.01 29.17
CA VAL A 814 -15.81 -25.15 29.30
C VAL A 814 -16.07 -23.97 30.23
N ARG A 815 -17.29 -23.46 30.25
CA ARG A 815 -17.68 -22.33 31.10
C ARG A 815 -18.42 -22.90 32.31
N TYR A 816 -17.66 -23.28 33.34
CA TYR A 816 -18.25 -23.85 34.54
C TYR A 816 -19.00 -22.80 35.35
N GLN A 817 -18.31 -21.76 35.81
CA GLN A 817 -18.89 -20.73 36.65
C GLN A 817 -18.26 -19.38 36.34
N GLU A 818 -19.06 -18.33 36.40
CA GLU A 818 -18.57 -16.97 36.16
C GLU A 818 -17.94 -16.40 37.44
N CYS A 819 -16.66 -16.70 37.65
CA CYS A 819 -15.93 -16.22 38.81
C CYS A 819 -15.16 -14.93 38.54
N ASP A 820 -15.61 -14.14 37.57
CA ASP A 820 -14.87 -12.94 37.15
C ASP A 820 -14.76 -11.91 38.27
N SER A 821 -15.90 -11.37 38.71
CA SER A 821 -15.91 -10.26 39.69
C SER A 821 -14.92 -9.17 39.31
N ARG A 822 -14.91 -8.80 38.03
CA ARG A 822 -13.90 -7.91 37.46
C ARG A 822 -14.38 -6.46 37.52
N SER A 823 -13.73 -5.59 36.75
CA SER A 823 -14.10 -4.18 36.56
C SER A 823 -13.71 -3.34 37.78
N ASN A 824 -12.58 -3.69 38.39
CA ASN A 824 -11.81 -2.82 39.30
C ASN A 824 -12.70 -2.23 40.40
N ALA A 825 -13.21 -3.13 41.24
CA ALA A 825 -13.95 -2.70 42.43
C ALA A 825 -13.07 -1.78 43.26
N PRO A 826 -13.60 -0.64 43.72
CA PRO A 826 -12.75 0.38 44.38
C PRO A 826 -12.11 -0.11 45.67
N ALA A 827 -11.19 0.70 46.20
CA ALA A 827 -10.38 0.27 47.33
C ALA A 827 -11.20 0.17 48.60
N THR A 828 -11.40 -1.00 49.17
CA THR A 828 -11.97 -0.83 50.52
C THR A 828 -10.83 -0.41 51.44
N LEU A 829 -11.02 0.40 52.47
CA LEU A 829 -9.93 0.68 53.47
C LEU A 829 -9.86 -0.52 54.40
N THR A 830 -8.75 -0.73 55.08
CA THR A 830 -8.78 -1.95 55.91
C THR A 830 -7.84 -1.94 57.11
N CYS A 831 -8.19 -2.82 58.05
CA CYS A 831 -7.64 -2.88 59.42
C CYS A 831 -6.15 -2.84 59.41
N GLU A 832 -5.56 -2.42 58.31
CA GLU A 832 -4.12 -2.33 58.13
C GLU A 832 -3.60 -0.91 58.05
N ASN A 833 -4.44 0.08 57.72
CA ASN A 833 -4.00 1.47 57.68
C ASN A 833 -4.47 2.24 58.90
N MET A 834 -5.64 1.90 59.44
CA MET A 834 -6.14 2.52 60.66
C MET A 834 -5.39 1.97 61.87
N ALA A 835 -4.55 0.96 61.64
CA ALA A 835 -3.70 0.42 62.70
C ALA A 835 -2.81 1.51 63.29
N GLY A 836 -2.42 2.49 62.48
CA GLY A 836 -1.70 3.64 62.97
C GLY A 836 -2.49 4.43 64.00
N VAL A 837 -3.77 4.67 63.70
CA VAL A 837 -4.61 5.41 64.63
C VAL A 837 -4.88 4.60 65.89
N PHE A 838 -4.98 3.27 65.74
CA PHE A 838 -5.18 2.42 66.91
C PHE A 838 -3.94 2.41 67.80
N MET A 839 -2.75 2.38 67.19
CA MET A 839 -1.52 2.49 67.97
C MET A 839 -1.42 3.86 68.63
N LEU A 840 -1.90 4.90 67.95
CA LEU A 840 -1.90 6.24 68.54
C LEU A 840 -2.81 6.30 69.76
N VAL A 841 -4.00 5.71 69.67
CA VAL A 841 -4.92 5.76 70.80
C VAL A 841 -4.43 4.86 71.94
N ALA A 842 -3.72 3.79 71.60
CA ALA A 842 -3.10 2.97 72.65
C ALA A 842 -2.00 3.72 73.36
N GLY A 843 -1.16 4.44 72.60
CA GLY A 843 -0.16 5.29 73.23
C GLY A 843 -0.79 6.39 74.05
N GLY A 844 -1.95 6.89 73.63
CA GLY A 844 -2.67 7.86 74.43
C GLY A 844 -3.19 7.27 75.73
N ILE A 845 -3.66 6.02 75.68
CA ILE A 845 -4.08 5.29 76.88
C ILE A 845 -2.91 5.18 77.83
N VAL A 846 -1.73 4.82 77.31
CA VAL A 846 -0.55 4.67 78.16
C VAL A 846 -0.15 6.02 78.75
N ALA A 847 -0.20 7.07 77.93
CA ALA A 847 0.10 8.41 78.41
C ALA A 847 -0.87 8.85 79.50
N GLY A 848 -2.14 8.46 79.40
CA GLY A 848 -3.08 8.78 80.45
C GLY A 848 -2.83 7.97 81.71
N ILE A 849 -2.43 6.71 81.56
CA ILE A 849 -2.08 5.88 82.71
C ILE A 849 -0.88 6.46 83.45
N PHE A 850 0.03 7.13 82.72
CA PHE A 850 1.12 7.81 83.39
C PHE A 850 0.67 9.15 83.97
N LEU A 851 -0.19 9.86 83.24
CA LEU A 851 -0.58 11.21 83.63
C LEU A 851 -1.50 11.22 84.84
N ILE A 852 -2.27 10.16 85.07
CA ILE A 852 -3.09 10.12 86.29
C ILE A 852 -2.20 10.14 87.52
N PHE A 853 -1.14 9.32 87.52
CA PHE A 853 -0.20 9.33 88.64
C PHE A 853 0.59 10.64 88.70
N ILE A 854 0.95 11.19 87.53
CA ILE A 854 1.64 12.49 87.52
C ILE A 854 0.79 13.56 88.19
N GLU A 855 -0.50 13.60 87.85
CA GLU A 855 -1.40 14.59 88.43
C GLU A 855 -1.68 14.30 89.90
N ILE A 856 -1.72 13.03 90.29
CA ILE A 856 -1.87 12.69 91.70
C ILE A 856 -0.69 13.25 92.50
N ALA A 857 0.53 13.06 91.97
CA ALA A 857 1.71 13.58 92.63
C ALA A 857 1.70 15.11 92.67
N TYR A 858 1.28 15.74 91.56
CA TYR A 858 1.25 17.20 91.51
C TYR A 858 0.24 17.77 92.50
N LYS A 859 -0.89 17.09 92.69
CA LYS A 859 -1.90 17.55 93.64
C LYS A 859 -1.51 17.27 95.08
N ARG A 860 -0.83 16.15 95.34
CA ARG A 860 -0.37 15.85 96.69
C ARG A 860 0.77 16.77 97.09
N HIS A 861 1.54 17.26 96.12
CA HIS A 861 2.61 18.20 96.42
C HIS A 861 2.05 19.50 97.02
N LYS A 862 0.92 19.96 96.51
CA LYS A 862 0.29 21.19 97.00
C LYS A 862 -0.80 20.87 98.02
N SER B 65 48.83 -56.18 -7.58
CA SER B 65 48.99 -54.98 -8.40
C SER B 65 47.64 -54.49 -8.92
N ILE B 66 47.53 -53.18 -9.13
CA ILE B 66 46.31 -52.57 -9.64
C ILE B 66 46.54 -52.19 -11.10
N GLY B 67 45.69 -52.70 -11.97
CA GLY B 67 45.79 -52.40 -13.39
C GLY B 67 45.01 -51.17 -13.79
N ILE B 68 45.70 -50.05 -13.93
CA ILE B 68 45.07 -48.78 -14.33
C ILE B 68 45.55 -48.41 -15.71
N ALA B 69 44.65 -47.81 -16.49
CA ALA B 69 44.95 -47.38 -17.85
C ALA B 69 44.51 -45.92 -18.02
N VAL B 70 45.36 -45.14 -18.67
CA VAL B 70 45.09 -43.72 -18.93
C VAL B 70 44.95 -43.59 -20.44
N ILE B 71 43.71 -43.55 -20.92
CA ILE B 71 43.42 -43.49 -22.35
C ILE B 71 43.24 -42.03 -22.76
N LEU B 72 43.90 -41.64 -23.84
CA LEU B 72 43.81 -40.28 -24.37
C LEU B 72 43.69 -40.35 -25.88
N VAL B 73 42.76 -39.57 -26.44
CA VAL B 73 42.54 -39.49 -27.87
C VAL B 73 42.41 -38.02 -28.27
N GLY B 74 42.87 -37.70 -29.48
CA GLY B 74 42.77 -36.35 -29.98
C GLY B 74 43.95 -35.48 -29.58
N THR B 75 44.01 -35.10 -28.30
CA THR B 75 45.06 -34.23 -27.80
C THR B 75 46.21 -35.07 -27.24
N SER B 76 47.17 -34.41 -26.60
CA SER B 76 48.33 -35.08 -26.01
C SER B 76 48.63 -34.42 -24.68
N ASP B 77 48.62 -35.21 -23.61
CA ASP B 77 48.83 -34.70 -22.26
C ASP B 77 49.85 -35.58 -21.52
N GLU B 78 50.97 -35.85 -22.17
CA GLU B 78 52.06 -36.61 -21.56
C GLU B 78 52.62 -35.81 -20.40
N VAL B 79 52.40 -36.29 -19.17
CA VAL B 79 52.76 -35.56 -17.97
C VAL B 79 53.56 -36.46 -17.03
N ALA B 80 53.90 -35.93 -15.85
CA ALA B 80 54.68 -36.65 -14.85
C ALA B 80 53.80 -37.47 -13.91
N ILE B 81 52.66 -37.97 -14.39
CA ILE B 81 51.73 -38.76 -13.60
C ILE B 81 52.40 -39.96 -12.95
N LYS B 82 53.59 -40.32 -13.45
CA LYS B 82 54.33 -41.45 -12.90
C LYS B 82 54.72 -41.25 -11.43
N ASP B 83 54.51 -40.05 -10.88
CA ASP B 83 54.80 -39.78 -9.48
C ASP B 83 53.81 -40.45 -8.53
N ALA B 84 52.81 -41.16 -9.05
CA ALA B 84 51.87 -41.86 -8.18
C ALA B 84 52.58 -42.91 -7.32
N HIS B 85 53.53 -43.63 -7.92
CA HIS B 85 54.31 -44.59 -7.16
C HIS B 85 55.26 -43.90 -6.20
N GLU B 86 55.78 -42.73 -6.58
CA GLU B 86 56.66 -41.97 -5.69
C GLU B 86 55.92 -41.35 -4.52
N LYS B 87 54.59 -41.22 -4.62
CA LYS B 87 53.81 -40.67 -3.51
C LYS B 87 53.93 -41.57 -2.28
N ASP B 88 53.82 -42.89 -2.47
CA ASP B 88 53.98 -43.87 -1.40
C ASP B 88 52.99 -43.62 -0.26
N ASP B 89 51.71 -43.74 -0.58
CA ASP B 89 50.65 -43.54 0.39
C ASP B 89 49.78 -44.77 0.62
N PHE B 90 49.92 -45.81 -0.21
CA PHE B 90 49.12 -47.03 -0.06
C PHE B 90 49.68 -47.84 1.10
N HIS B 91 48.90 -47.94 2.19
CA HIS B 91 49.34 -48.70 3.35
C HIS B 91 49.29 -50.20 3.10
N HIS B 92 48.27 -50.67 2.40
CA HIS B 92 48.13 -52.09 2.10
C HIS B 92 49.18 -52.51 1.08
N LEU B 93 49.93 -53.55 1.40
CA LEU B 93 50.98 -54.06 0.51
C LEU B 93 50.44 -55.10 -0.47
N SER B 94 49.35 -54.75 -1.15
CA SER B 94 48.79 -55.62 -2.17
C SER B 94 48.37 -54.88 -3.42
N VAL B 95 48.50 -53.56 -3.49
CA VAL B 95 48.07 -52.76 -4.63
C VAL B 95 49.29 -52.02 -5.16
N VAL B 96 49.63 -52.26 -6.41
CA VAL B 96 50.73 -51.59 -7.10
C VAL B 96 50.15 -50.81 -8.27
N PRO B 97 50.41 -49.51 -8.38
CA PRO B 97 49.83 -48.73 -9.48
C PRO B 97 50.51 -49.00 -10.81
N ARG B 98 50.16 -50.12 -11.44
CA ARG B 98 50.72 -50.48 -12.75
C ARG B 98 49.93 -49.73 -13.82
N VAL B 99 50.24 -48.44 -13.95
CA VAL B 99 49.55 -47.57 -14.90
C VAL B 99 50.01 -47.88 -16.31
N GLU B 100 49.16 -47.54 -17.28
CA GLU B 100 49.45 -47.73 -18.71
C GLU B 100 48.90 -46.53 -19.46
N LEU B 101 49.75 -45.53 -19.70
CA LEU B 101 49.36 -44.31 -20.40
C LEU B 101 49.29 -44.60 -21.90
N VAL B 102 48.19 -45.21 -22.31
CA VAL B 102 47.97 -45.56 -23.71
C VAL B 102 47.32 -44.37 -24.41
N ALA B 103 47.88 -44.01 -25.58
CA ALA B 103 47.39 -42.89 -26.34
C ALA B 103 47.01 -43.34 -27.75
N MET B 104 46.20 -42.53 -28.43
CA MET B 104 45.74 -42.84 -29.77
C MET B 104 45.28 -41.56 -30.44
N ASN B 105 45.21 -41.61 -31.77
CA ASN B 105 44.77 -40.47 -32.57
C ASN B 105 43.36 -40.63 -33.11
N GLU B 106 42.98 -41.83 -33.54
CA GLU B 106 41.65 -42.04 -34.08
C GLU B 106 40.61 -42.08 -32.96
N THR B 107 39.36 -41.79 -33.33
CA THR B 107 38.25 -41.78 -32.39
C THR B 107 37.08 -42.56 -32.96
N ASP B 108 37.35 -43.74 -33.52
CA ASP B 108 36.31 -44.60 -34.08
C ASP B 108 35.79 -45.54 -33.02
N PRO B 109 34.47 -45.77 -32.96
CA PRO B 109 33.92 -46.63 -31.89
C PRO B 109 34.48 -48.04 -31.90
N LYS B 110 34.52 -48.69 -33.07
CA LYS B 110 35.01 -50.06 -33.15
C LYS B 110 36.47 -50.15 -32.72
N SER B 111 37.30 -49.23 -33.21
CA SER B 111 38.72 -49.24 -32.84
C SER B 111 38.90 -49.00 -31.35
N ILE B 112 38.11 -48.08 -30.78
CA ILE B 112 38.20 -47.79 -29.35
C ILE B 112 37.82 -49.02 -28.53
N ILE B 113 36.74 -49.70 -28.93
CA ILE B 113 36.31 -50.88 -28.20
C ILE B 113 37.33 -52.01 -28.32
N THR B 114 37.92 -52.20 -29.50
CA THR B 114 38.94 -53.23 -29.66
C THR B 114 40.17 -52.92 -28.82
N ARG B 115 40.55 -51.64 -28.77
CA ARG B 115 41.69 -51.25 -27.94
C ARG B 115 41.40 -51.46 -26.46
N ILE B 116 40.16 -51.17 -26.04
CA ILE B 116 39.78 -51.38 -24.64
C ILE B 116 39.83 -52.86 -24.29
N CYS B 117 39.31 -53.72 -25.17
CA CYS B 117 39.39 -55.15 -24.92
C CYS B 117 40.83 -55.65 -24.91
N ASP B 118 41.68 -55.16 -25.82
CA ASP B 118 43.08 -55.56 -25.84
C ASP B 118 43.80 -55.13 -24.57
N LEU B 119 43.51 -53.93 -24.07
CA LEU B 119 44.13 -53.46 -22.83
C LEU B 119 43.64 -54.27 -21.64
N MET B 120 42.34 -54.61 -21.62
CA MET B 120 41.81 -55.42 -20.52
C MET B 120 42.35 -56.84 -20.55
N SER B 121 42.70 -57.35 -21.74
CA SER B 121 43.24 -58.69 -21.87
C SER B 121 44.74 -58.75 -21.67
N ASP B 122 45.45 -57.63 -21.87
CA ASP B 122 46.90 -57.61 -21.67
C ASP B 122 47.25 -57.77 -20.20
N ARG B 123 46.76 -56.86 -19.36
CA ARG B 123 47.01 -56.88 -17.92
C ARG B 123 45.69 -56.97 -17.16
N LYS B 124 45.81 -57.10 -15.84
CA LYS B 124 44.63 -57.17 -14.98
C LYS B 124 44.00 -55.79 -14.81
N ILE B 125 43.28 -55.34 -15.83
CA ILE B 125 42.67 -54.01 -15.80
C ILE B 125 41.45 -54.02 -14.89
N GLN B 126 41.42 -53.10 -13.93
CA GLN B 126 40.29 -52.92 -13.03
C GLN B 126 39.62 -51.56 -13.17
N GLY B 127 40.40 -50.51 -13.44
CA GLY B 127 39.85 -49.17 -13.60
C GLY B 127 40.62 -48.33 -14.60
N VAL B 128 39.92 -47.73 -15.56
CA VAL B 128 40.55 -46.99 -16.65
C VAL B 128 40.10 -45.54 -16.55
N VAL B 129 41.05 -44.63 -16.35
CA VAL B 129 40.78 -43.21 -16.45
C VAL B 129 40.84 -42.80 -17.91
N PHE B 130 39.90 -41.96 -18.33
CA PHE B 130 39.73 -41.63 -19.75
C PHE B 130 39.83 -40.13 -19.96
N ALA B 131 40.45 -39.75 -21.07
CA ALA B 131 40.57 -38.36 -21.49
C ALA B 131 40.38 -38.29 -23.00
N ASP B 132 39.84 -37.16 -23.45
CA ASP B 132 39.55 -36.98 -24.87
C ASP B 132 39.54 -35.49 -25.18
N ASP B 133 39.12 -35.14 -26.40
CA ASP B 133 38.99 -33.75 -26.80
C ASP B 133 37.72 -33.48 -27.61
N THR B 134 36.92 -34.49 -27.91
CA THR B 134 35.71 -34.31 -28.70
C THR B 134 34.57 -33.82 -27.81
N ASP B 135 33.36 -33.80 -28.35
CA ASP B 135 32.17 -33.35 -27.61
C ASP B 135 30.96 -34.15 -28.12
N GLN B 136 30.63 -35.23 -27.41
CA GLN B 136 29.52 -36.09 -27.79
C GLN B 136 29.20 -37.01 -26.63
N GLU B 137 27.91 -37.32 -26.46
CA GLU B 137 27.47 -38.26 -25.42
C GLU B 137 27.71 -39.71 -25.80
N ALA B 138 28.18 -39.97 -27.03
CA ALA B 138 28.45 -41.34 -27.44
C ALA B 138 29.56 -41.96 -26.60
N ILE B 139 30.45 -41.13 -26.06
CA ILE B 139 31.50 -41.64 -25.17
C ILE B 139 30.88 -42.25 -23.93
N ALA B 140 29.99 -41.52 -23.26
CA ALA B 140 29.31 -42.06 -22.10
C ALA B 140 28.41 -43.23 -22.48
N GLN B 141 27.84 -43.19 -23.69
CA GLN B 141 27.01 -44.30 -24.15
C GLN B 141 27.83 -45.59 -24.24
N ILE B 142 28.95 -45.56 -24.95
CA ILE B 142 29.77 -46.76 -25.09
C ILE B 142 30.40 -47.13 -23.75
N LEU B 143 30.61 -46.16 -22.87
CA LEU B 143 31.10 -46.47 -21.52
C LEU B 143 30.08 -47.30 -20.75
N ASP B 144 28.81 -46.87 -20.76
CA ASP B 144 27.76 -47.67 -20.13
C ASP B 144 27.62 -49.03 -20.81
N PHE B 145 27.78 -49.08 -22.13
CA PHE B 145 27.66 -50.34 -22.85
C PHE B 145 28.75 -51.33 -22.42
N ILE B 146 29.99 -50.87 -22.33
CA ILE B 146 31.07 -51.77 -21.92
C ILE B 146 30.96 -52.12 -20.45
N SER B 147 30.47 -51.19 -19.62
CA SER B 147 30.25 -51.49 -18.21
C SER B 147 29.11 -52.47 -17.99
N ALA B 148 28.17 -52.57 -18.94
CA ALA B 148 27.11 -53.54 -18.84
C ALA B 148 27.54 -54.89 -19.39
N GLN B 149 28.29 -54.87 -20.51
CA GLN B 149 28.71 -56.12 -21.15
C GLN B 149 29.85 -56.78 -20.38
N THR B 150 31.00 -56.10 -20.30
CA THR B 150 32.17 -56.69 -19.68
C THR B 150 32.24 -56.47 -18.17
N LEU B 151 31.40 -55.59 -17.63
CA LEU B 151 31.36 -55.28 -16.21
C LEU B 151 32.73 -54.80 -15.71
N THR B 152 33.20 -53.72 -16.32
CA THR B 152 34.49 -53.12 -15.99
C THR B 152 34.28 -51.65 -15.65
N PRO B 153 34.57 -51.22 -14.42
CA PRO B 153 34.40 -49.81 -14.07
C PRO B 153 35.53 -48.96 -14.64
N ILE B 154 35.18 -47.82 -15.22
CA ILE B 154 36.14 -46.86 -15.75
C ILE B 154 35.89 -45.51 -15.09
N LEU B 155 36.76 -44.55 -15.42
CA LEU B 155 36.69 -43.22 -14.80
C LEU B 155 36.81 -42.15 -15.87
N GLY B 156 35.80 -41.30 -15.95
CA GLY B 156 35.83 -40.14 -16.83
C GLY B 156 36.45 -38.93 -16.18
N ILE B 157 37.78 -38.89 -16.06
CA ILE B 157 38.46 -37.83 -15.30
C ILE B 157 38.55 -36.63 -16.24
N HIS B 158 37.44 -35.89 -16.30
CA HIS B 158 37.24 -34.66 -17.06
C HIS B 158 37.19 -34.92 -18.56
N GLY B 159 37.62 -36.12 -18.99
CA GLY B 159 37.31 -36.72 -20.27
C GLY B 159 37.08 -35.82 -21.46
N GLY B 160 37.85 -34.74 -21.59
CA GLY B 160 37.49 -33.75 -22.58
C GLY B 160 36.10 -33.21 -22.29
N SER B 161 35.10 -33.64 -23.08
CA SER B 161 33.70 -33.34 -22.81
C SER B 161 32.96 -34.53 -22.21
N SER B 162 33.68 -35.53 -21.71
CA SER B 162 33.02 -36.67 -21.07
C SER B 162 32.57 -36.32 -19.66
N MET B 163 33.04 -35.19 -19.13
CA MET B 163 32.61 -34.70 -17.81
C MET B 163 31.29 -33.93 -17.95
N ILE B 164 30.32 -34.58 -18.58
CA ILE B 164 29.00 -34.02 -18.82
C ILE B 164 28.01 -34.96 -18.15
N MET B 165 27.24 -34.43 -17.19
CA MET B 165 26.26 -35.22 -16.47
C MET B 165 25.23 -35.80 -17.44
N ALA B 166 25.25 -37.13 -17.58
CA ALA B 166 24.33 -37.84 -18.46
C ALA B 166 23.75 -39.05 -17.73
N ASP B 167 22.57 -39.48 -18.18
CA ASP B 167 21.91 -40.62 -17.56
C ASP B 167 22.69 -41.91 -17.84
N LYS B 168 22.36 -42.94 -17.07
CA LYS B 168 23.02 -44.23 -17.20
C LYS B 168 22.00 -45.31 -16.84
N ASP B 169 22.48 -46.53 -16.62
CA ASP B 169 21.62 -47.66 -16.26
C ASP B 169 22.24 -48.36 -15.06
N GLU B 170 21.70 -49.54 -14.72
CA GLU B 170 22.18 -50.31 -13.58
C GLU B 170 23.39 -51.16 -13.98
N SER B 171 24.36 -50.50 -14.59
CA SER B 171 25.62 -51.10 -14.98
C SER B 171 26.72 -50.68 -13.99
N SER B 172 27.96 -51.05 -14.29
CA SER B 172 29.09 -50.64 -13.47
C SER B 172 29.23 -49.12 -13.53
N MET B 173 29.01 -48.46 -12.40
CA MET B 173 28.98 -47.01 -12.35
C MET B 173 30.35 -46.42 -12.68
N PHE B 174 30.40 -45.55 -13.68
CA PHE B 174 31.60 -44.84 -14.06
C PHE B 174 31.42 -43.37 -13.70
N PHE B 175 32.35 -42.83 -12.92
CA PHE B 175 32.21 -41.46 -12.44
C PHE B 175 32.63 -40.46 -13.51
N GLN B 176 31.90 -39.36 -13.57
CA GLN B 176 32.20 -38.25 -14.48
C GLN B 176 32.47 -37.00 -13.65
N PHE B 177 33.49 -36.24 -14.06
CA PHE B 177 33.89 -35.04 -13.31
C PHE B 177 32.93 -33.89 -13.59
N GLY B 178 31.67 -34.04 -13.18
CA GLY B 178 30.69 -33.01 -13.36
C GLY B 178 29.52 -33.15 -12.39
N PRO B 179 28.93 -32.03 -12.01
CA PRO B 179 27.79 -32.06 -11.08
C PRO B 179 26.46 -32.27 -11.78
N SER B 180 25.43 -32.52 -10.98
CA SER B 180 24.08 -32.64 -11.50
C SER B 180 23.54 -31.27 -11.91
N ILE B 181 22.54 -31.28 -12.79
CA ILE B 181 21.88 -30.05 -13.19
C ILE B 181 21.18 -29.39 -12.00
N GLU B 182 20.78 -30.20 -11.01
CA GLU B 182 20.18 -29.65 -9.80
C GLU B 182 21.17 -28.77 -9.06
N GLN B 183 22.43 -29.20 -8.99
CA GLN B 183 23.47 -28.38 -8.37
C GLN B 183 23.70 -27.09 -9.14
N GLN B 184 23.64 -27.14 -10.46
CA GLN B 184 23.78 -25.94 -11.30
C GLN B 184 22.65 -24.97 -11.01
N ALA B 185 21.42 -25.48 -10.97
CA ALA B 185 20.29 -24.63 -10.62
C ALA B 185 20.42 -24.05 -9.22
N SER B 186 20.91 -24.83 -8.26
CA SER B 186 21.04 -24.34 -6.89
C SER B 186 22.08 -23.23 -6.81
N VAL B 187 23.23 -23.41 -7.47
CA VAL B 187 24.26 -22.37 -7.43
C VAL B 187 23.81 -21.14 -8.21
N MET B 188 23.01 -21.33 -9.26
CA MET B 188 22.47 -20.19 -9.99
C MET B 188 21.50 -19.39 -9.13
N LEU B 189 20.63 -20.11 -8.39
CA LEU B 189 19.74 -19.41 -7.46
C LEU B 189 20.50 -18.73 -6.34
N ASN B 190 21.59 -19.34 -5.87
CA ASN B 190 22.42 -18.70 -4.85
C ASN B 190 23.05 -17.42 -5.38
N ILE B 191 23.55 -17.45 -6.62
CA ILE B 191 24.11 -16.24 -7.22
C ILE B 191 23.03 -15.18 -7.39
N MET B 192 21.83 -15.59 -7.81
CA MET B 192 20.72 -14.65 -7.93
C MET B 192 20.36 -14.03 -6.58
N GLU B 193 20.40 -14.82 -5.52
CA GLU B 193 20.18 -14.31 -4.17
C GLU B 193 21.29 -13.40 -3.69
N GLU B 194 22.53 -13.61 -4.18
CA GLU B 194 23.60 -12.67 -3.89
C GLU B 194 23.35 -11.31 -4.53
N TYR B 195 22.62 -11.28 -5.64
CA TYR B 195 22.20 -10.04 -6.28
C TYR B 195 20.81 -9.59 -5.82
N ASP B 196 20.12 -10.41 -5.03
CA ASP B 196 18.81 -10.07 -4.48
C ASP B 196 17.76 -9.84 -5.58
N TRP B 197 17.94 -10.54 -6.71
CA TRP B 197 16.99 -10.47 -7.81
C TRP B 197 16.10 -11.72 -7.76
N TYR B 198 15.15 -11.70 -6.83
CA TYR B 198 14.27 -12.85 -6.64
C TYR B 198 13.07 -12.82 -7.57
N ILE B 199 13.32 -12.62 -8.86
CA ILE B 199 12.28 -12.67 -9.89
C ILE B 199 12.89 -13.31 -11.12
N PHE B 200 12.30 -14.43 -11.56
CA PHE B 200 12.85 -15.18 -12.68
C PHE B 200 11.73 -15.96 -13.35
N SER B 201 12.01 -16.40 -14.58
CA SER B 201 11.10 -17.22 -15.35
C SER B 201 11.87 -18.34 -16.01
N ILE B 202 11.16 -19.40 -16.41
CA ILE B 202 11.77 -20.58 -17.00
C ILE B 202 11.27 -20.73 -18.43
N VAL B 203 12.21 -20.73 -19.38
CA VAL B 203 11.91 -20.91 -20.80
C VAL B 203 12.84 -21.98 -21.35
N THR B 204 12.27 -23.10 -21.77
CA THR B 204 13.06 -24.21 -22.27
C THR B 204 12.29 -24.91 -23.39
N THR B 205 13.03 -25.67 -24.20
CA THR B 205 12.47 -26.44 -25.30
C THR B 205 12.33 -27.90 -24.89
N TYR B 206 11.98 -28.74 -25.86
CA TYR B 206 11.82 -30.17 -25.60
C TYR B 206 13.17 -30.86 -25.52
N PHE B 207 14.00 -30.46 -24.56
CA PHE B 207 15.33 -30.98 -24.31
C PHE B 207 15.30 -32.00 -23.18
N PRO B 208 16.15 -33.01 -23.23
CA PRO B 208 16.17 -34.01 -22.15
C PRO B 208 16.62 -33.39 -20.83
N GLY B 209 15.97 -33.82 -19.75
CA GLY B 209 16.28 -33.35 -18.43
C GLY B 209 15.50 -32.13 -17.98
N TYR B 210 14.63 -31.59 -18.83
CA TYR B 210 13.86 -30.40 -18.49
C TYR B 210 12.93 -30.64 -17.32
N GLN B 211 12.24 -31.78 -17.31
CA GLN B 211 11.27 -32.07 -16.26
C GLN B 211 11.95 -32.14 -14.89
N ASP B 212 13.02 -32.92 -14.78
CA ASP B 212 13.74 -33.03 -13.52
C ASP B 212 14.31 -31.69 -13.08
N PHE B 213 14.79 -30.90 -14.05
CA PHE B 213 15.36 -29.59 -13.74
C PHE B 213 14.31 -28.66 -13.15
N VAL B 214 13.15 -28.57 -13.80
CA VAL B 214 12.12 -27.66 -13.32
C VAL B 214 11.53 -28.16 -12.01
N ASN B 215 11.50 -29.48 -11.81
CA ASN B 215 11.03 -30.01 -10.54
C ASN B 215 12.00 -29.68 -9.41
N LYS B 216 13.30 -29.79 -9.66
CA LYS B 216 14.29 -29.41 -8.66
C LYS B 216 14.22 -27.92 -8.36
N ILE B 217 14.00 -27.10 -9.40
CA ILE B 217 13.87 -25.66 -9.20
C ILE B 217 12.66 -25.35 -8.34
N ARG B 218 11.52 -25.97 -8.65
CA ARG B 218 10.31 -25.75 -7.86
C ARG B 218 10.50 -26.21 -6.42
N SER B 219 11.21 -27.32 -6.22
CA SER B 219 11.46 -27.79 -4.86
C SER B 219 12.36 -26.82 -4.09
N THR B 220 13.36 -26.26 -4.76
CA THR B 220 14.21 -25.26 -4.12
C THR B 220 13.43 -23.98 -3.82
N ILE B 221 12.44 -23.65 -4.65
CA ILE B 221 11.62 -22.47 -4.39
C ILE B 221 10.78 -22.68 -3.13
N GLU B 222 10.19 -23.86 -2.99
CA GLU B 222 9.33 -24.19 -1.85
C GLU B 222 10.12 -24.62 -0.62
N ASN B 223 11.43 -24.36 -0.58
CA ASN B 223 12.26 -24.71 0.56
C ASN B 223 12.91 -23.48 1.18
N SER B 224 12.38 -22.30 0.88
CA SER B 224 12.89 -21.04 1.40
C SER B 224 11.74 -20.19 1.92
N PHE B 225 12.09 -19.02 2.46
CA PHE B 225 11.11 -18.07 2.99
C PHE B 225 11.23 -16.72 2.30
N VAL B 226 11.72 -16.71 1.05
CA VAL B 226 11.85 -15.49 0.27
C VAL B 226 10.89 -15.57 -0.89
N GLY B 227 10.47 -14.40 -1.38
CA GLY B 227 9.49 -14.33 -2.45
C GLY B 227 10.05 -14.67 -3.81
N TRP B 228 10.47 -15.92 -4.00
CA TRP B 228 10.92 -16.40 -5.30
C TRP B 228 9.69 -16.69 -6.15
N GLU B 229 9.36 -15.77 -7.06
CA GLU B 229 8.15 -15.85 -7.86
C GLU B 229 8.53 -16.28 -9.27
N LEU B 230 8.17 -17.51 -9.65
CA LEU B 230 8.38 -18.01 -11.00
C LEU B 230 7.27 -17.43 -11.87
N GLU B 231 7.65 -16.48 -12.74
CA GLU B 231 6.66 -15.78 -13.55
C GLU B 231 5.95 -16.72 -14.51
N GLU B 232 6.69 -17.54 -15.25
CA GLU B 232 6.10 -18.43 -16.23
C GLU B 232 7.07 -19.54 -16.66
N VAL B 233 6.60 -20.78 -16.62
CA VAL B 233 7.38 -21.92 -17.11
C VAL B 233 6.92 -22.23 -18.53
N LEU B 234 7.89 -22.40 -19.43
CA LEU B 234 7.60 -22.56 -20.86
C LEU B 234 8.28 -23.81 -21.38
N LEU B 235 7.51 -24.71 -21.96
CA LEU B 235 8.02 -25.88 -22.66
C LEU B 235 7.79 -25.67 -24.15
N LEU B 236 8.86 -25.55 -24.91
CA LEU B 236 8.80 -25.16 -26.32
C LEU B 236 9.36 -26.28 -27.19
N ASP B 237 9.44 -26.01 -28.49
CA ASP B 237 9.99 -26.94 -29.47
C ASP B 237 10.30 -26.18 -30.75
N MET B 238 11.40 -26.58 -31.40
CA MET B 238 11.80 -25.98 -32.67
C MET B 238 11.29 -26.83 -33.83
N SER B 239 9.99 -26.65 -34.13
CA SER B 239 9.30 -27.44 -35.13
C SER B 239 9.04 -26.67 -36.43
N LEU B 240 8.39 -25.52 -36.33
CA LEU B 240 8.01 -24.77 -37.52
C LEU B 240 8.03 -23.28 -37.17
N ASP B 241 7.41 -22.46 -38.03
CA ASP B 241 7.39 -21.01 -37.88
C ASP B 241 6.25 -20.51 -37.02
N ASP B 242 5.10 -21.20 -37.04
CA ASP B 242 4.01 -20.83 -36.14
C ASP B 242 4.40 -21.03 -34.69
N GLY B 243 5.12 -22.11 -34.39
CA GLY B 243 5.68 -22.29 -33.06
C GLY B 243 6.65 -21.18 -32.70
N ASP B 244 7.44 -20.71 -33.68
CA ASP B 244 8.35 -19.60 -33.42
C ASP B 244 7.60 -18.32 -33.12
N SER B 245 6.48 -18.07 -33.82
CA SER B 245 5.68 -16.89 -33.55
C SER B 245 5.05 -16.97 -32.15
N LYS B 246 4.58 -18.16 -31.78
CA LYS B 246 4.05 -18.35 -30.44
C LYS B 246 5.12 -18.15 -29.37
N ILE B 247 6.34 -18.60 -29.64
CA ILE B 247 7.45 -18.41 -28.70
C ILE B 247 7.77 -16.93 -28.57
N GLN B 248 7.75 -16.20 -29.69
CA GLN B 248 8.01 -14.77 -29.66
C GLN B 248 6.93 -14.04 -28.85
N ASN B 249 5.67 -14.44 -29.04
CA ASN B 249 4.58 -13.83 -28.26
C ASN B 249 4.75 -14.11 -26.78
N GLN B 250 5.05 -15.36 -26.42
CA GLN B 250 5.22 -15.72 -25.01
C GLN B 250 6.42 -15.02 -24.40
N LEU B 251 7.47 -14.77 -25.19
CA LEU B 251 8.63 -14.05 -24.69
C LEU B 251 8.32 -12.57 -24.51
N LYS B 252 7.50 -12.00 -25.41
CA LYS B 252 7.01 -10.65 -25.21
C LYS B 252 6.11 -10.55 -23.99
N LYS B 253 5.43 -11.62 -23.62
CA LYS B 253 4.61 -11.66 -22.43
C LYS B 253 5.36 -12.19 -21.21
N LEU B 254 6.69 -12.34 -21.31
CA LEU B 254 7.47 -12.86 -20.19
C LEU B 254 7.62 -11.80 -19.10
N GLN B 255 8.22 -10.66 -19.44
CA GLN B 255 8.43 -9.53 -18.54
C GLN B 255 9.29 -9.88 -17.34
N SER B 256 10.22 -10.84 -17.49
CA SER B 256 11.10 -11.23 -16.39
C SER B 256 12.54 -10.85 -16.70
N PRO B 257 13.28 -10.32 -15.71
CA PRO B 257 14.69 -9.97 -15.95
C PRO B 257 15.65 -11.14 -15.88
N ILE B 258 15.23 -12.27 -15.34
CA ILE B 258 16.07 -13.46 -15.22
C ILE B 258 15.38 -14.61 -15.94
N ILE B 259 16.06 -15.18 -16.94
CA ILE B 259 15.51 -16.28 -17.72
C ILE B 259 16.55 -17.39 -17.78
N LEU B 260 16.09 -18.63 -17.62
CA LEU B 260 16.95 -19.80 -17.66
C LEU B 260 16.52 -20.72 -18.79
N LEU B 261 17.49 -21.20 -19.56
CA LEU B 261 17.24 -22.10 -20.67
C LEU B 261 18.29 -23.20 -20.67
N TYR B 262 18.02 -24.26 -21.43
CA TYR B 262 18.93 -25.41 -21.51
C TYR B 262 18.72 -26.10 -22.85
N CYS B 263 19.63 -25.88 -23.79
CA CYS B 263 19.61 -26.55 -25.09
C CYS B 263 20.97 -26.36 -25.73
N THR B 264 21.13 -26.97 -26.91
CA THR B 264 22.42 -27.01 -27.60
C THR B 264 22.88 -25.63 -28.04
N LYS B 265 24.10 -25.54 -28.58
CA LYS B 265 24.67 -24.24 -28.93
C LYS B 265 23.96 -23.63 -30.14
N GLU B 266 23.55 -24.45 -31.10
CA GLU B 266 22.87 -23.92 -32.28
C GLU B 266 21.49 -23.37 -31.91
N GLU B 267 20.72 -24.12 -31.13
CA GLU B 267 19.44 -23.63 -30.66
C GLU B 267 19.60 -22.43 -29.75
N ALA B 268 20.69 -22.39 -28.97
CA ALA B 268 20.96 -21.21 -28.15
C ALA B 268 21.22 -19.98 -29.02
N THR B 269 22.00 -20.15 -30.09
CA THR B 269 22.23 -19.06 -31.03
C THR B 269 20.92 -18.59 -31.66
N TYR B 270 20.07 -19.55 -32.06
CA TYR B 270 18.80 -19.20 -32.68
C TYR B 270 17.90 -18.44 -31.71
N ILE B 271 17.81 -18.91 -30.46
CA ILE B 271 16.93 -18.26 -29.50
C ILE B 271 17.47 -16.90 -29.09
N PHE B 272 18.80 -16.74 -29.04
CA PHE B 272 19.37 -15.43 -28.78
C PHE B 272 19.13 -14.47 -29.94
N GLU B 273 19.19 -14.98 -31.17
CA GLU B 273 18.89 -14.15 -32.33
C GLU B 273 17.44 -13.66 -32.30
N VAL B 274 16.49 -14.58 -32.07
CA VAL B 274 15.10 -14.17 -32.03
C VAL B 274 14.82 -13.30 -30.82
N ALA B 275 15.59 -13.45 -29.75
CA ALA B 275 15.40 -12.63 -28.56
C ALA B 275 15.86 -11.19 -28.79
N ASN B 276 17.06 -11.03 -29.38
CA ASN B 276 17.50 -9.67 -29.70
C ASN B 276 16.70 -9.08 -30.84
N SER B 277 16.01 -9.91 -31.62
CA SER B 277 15.10 -9.39 -32.63
C SER B 277 13.83 -8.85 -31.98
N VAL B 278 13.24 -9.62 -31.06
CA VAL B 278 12.02 -9.15 -30.39
C VAL B 278 12.32 -8.12 -29.32
N GLY B 279 13.59 -7.93 -28.95
CA GLY B 279 13.95 -6.88 -28.02
C GLY B 279 14.46 -7.36 -26.68
N LEU B 280 15.16 -8.50 -26.66
CA LEU B 280 15.78 -9.03 -25.45
C LEU B 280 17.30 -8.93 -25.62
N THR B 281 17.91 -7.94 -24.97
CA THR B 281 19.34 -7.70 -25.05
C THR B 281 19.92 -7.73 -23.64
N GLY B 282 21.21 -7.42 -23.53
CA GLY B 282 21.92 -7.39 -22.28
C GLY B 282 21.81 -6.10 -21.49
N TYR B 283 20.85 -5.23 -21.83
CA TYR B 283 20.69 -3.97 -21.10
C TYR B 283 20.23 -4.23 -19.67
N GLY B 284 19.07 -4.88 -19.52
CA GLY B 284 18.54 -5.18 -18.21
C GLY B 284 18.11 -6.62 -18.06
N TYR B 285 18.11 -7.36 -19.17
CA TYR B 285 17.67 -8.76 -19.17
C TYR B 285 18.90 -9.65 -19.21
N THR B 286 19.25 -10.23 -18.07
CA THR B 286 20.37 -11.16 -17.95
C THR B 286 19.85 -12.60 -17.94
N TRP B 287 20.71 -13.52 -18.38
CA TRP B 287 20.35 -14.91 -18.55
C TRP B 287 21.24 -15.80 -17.69
N ILE B 288 20.76 -16.99 -17.41
CA ILE B 288 21.51 -18.02 -16.68
C ILE B 288 21.36 -19.34 -17.43
N VAL B 289 22.44 -19.78 -18.07
CA VAL B 289 22.42 -21.02 -18.86
C VAL B 289 23.48 -21.97 -18.32
N PRO B 290 23.14 -23.23 -18.09
CA PRO B 290 24.16 -24.19 -17.62
C PRO B 290 25.18 -24.49 -18.71
N SER B 291 26.42 -24.69 -18.28
CA SER B 291 27.51 -24.93 -19.22
C SER B 291 27.44 -26.31 -19.87
N LEU B 292 26.70 -27.25 -19.26
CA LEU B 292 26.59 -28.59 -19.82
C LEU B 292 26.04 -28.55 -21.23
N VAL B 293 25.09 -27.64 -21.49
CA VAL B 293 24.54 -27.49 -22.83
C VAL B 293 25.16 -26.32 -23.60
N ALA B 294 25.80 -25.38 -22.90
CA ALA B 294 26.44 -24.25 -23.58
C ALA B 294 27.85 -24.60 -24.02
N GLY B 295 28.70 -25.01 -23.08
CA GLY B 295 30.06 -25.39 -23.40
C GLY B 295 31.03 -24.23 -23.45
N ASP B 296 32.23 -24.43 -22.89
CA ASP B 296 33.27 -23.40 -22.90
C ASP B 296 34.22 -23.65 -24.07
N THR B 297 33.70 -23.41 -25.27
CA THR B 297 34.48 -23.63 -26.49
C THR B 297 35.45 -22.49 -26.78
N ASP B 298 35.52 -21.46 -25.94
CA ASP B 298 36.39 -20.31 -26.09
C ASP B 298 36.10 -19.48 -27.33
N THR B 299 34.93 -19.68 -27.94
CA THR B 299 34.52 -18.88 -29.10
C THR B 299 33.00 -18.72 -29.05
N VAL B 300 32.55 -17.62 -28.46
CA VAL B 300 31.11 -17.38 -28.33
C VAL B 300 30.59 -16.68 -29.58
N PRO B 301 29.46 -17.11 -30.15
CA PRO B 301 28.92 -16.42 -31.33
C PRO B 301 28.37 -15.04 -31.01
N SER B 302 27.99 -14.29 -32.04
CA SER B 302 27.49 -12.93 -31.83
C SER B 302 26.08 -12.93 -31.26
N GLU B 303 25.39 -14.07 -31.33
CA GLU B 303 24.02 -14.14 -30.82
C GLU B 303 23.98 -13.93 -29.31
N PHE B 304 24.80 -14.67 -28.57
CA PHE B 304 24.84 -14.56 -27.12
C PHE B 304 25.39 -13.20 -26.71
N PRO B 305 24.60 -12.39 -26.02
CA PRO B 305 25.08 -11.05 -25.61
C PRO B 305 26.11 -11.11 -24.50
N THR B 306 26.60 -9.95 -24.09
CA THR B 306 27.59 -9.87 -23.00
C THR B 306 26.93 -9.72 -21.65
N GLY B 307 25.99 -10.61 -21.33
CA GLY B 307 25.33 -10.57 -20.04
C GLY B 307 25.10 -11.96 -19.47
N LEU B 308 25.47 -12.98 -20.22
CA LEU B 308 25.24 -14.35 -19.79
C LEU B 308 26.28 -14.77 -18.77
N ILE B 309 25.85 -15.62 -17.84
CA ILE B 309 26.71 -16.17 -16.79
C ILE B 309 26.45 -17.66 -16.69
N SER B 310 27.49 -18.44 -16.45
CA SER B 310 27.38 -19.89 -16.42
C SER B 310 28.38 -20.44 -15.40
N VAL B 311 28.15 -21.69 -15.01
CA VAL B 311 29.01 -22.40 -14.07
C VAL B 311 29.44 -23.71 -14.71
N SER B 312 30.75 -23.95 -14.73
CA SER B 312 31.32 -25.13 -15.34
C SER B 312 32.33 -25.77 -14.40
N TYR B 313 32.77 -26.97 -14.75
CA TYR B 313 33.82 -27.65 -14.00
C TYR B 313 35.09 -26.81 -13.99
N ASP B 314 35.92 -27.01 -12.97
CA ASP B 314 37.13 -26.22 -12.82
C ASP B 314 38.21 -26.66 -13.80
N GLU B 315 37.94 -26.56 -15.10
CA GLU B 315 38.94 -26.89 -16.11
C GLU B 315 40.09 -25.89 -16.11
N TRP B 316 39.82 -24.62 -15.83
CA TRP B 316 40.88 -23.62 -15.78
C TRP B 316 41.50 -23.51 -14.41
N ASP B 317 40.94 -24.16 -13.41
CA ASP B 317 41.48 -24.11 -12.05
C ASP B 317 41.95 -25.46 -11.51
N TYR B 318 41.27 -26.56 -11.84
CA TYR B 318 41.70 -27.90 -11.44
C TYR B 318 42.26 -28.57 -12.68
N GLY B 319 43.59 -28.58 -12.78
CA GLY B 319 44.27 -29.12 -13.95
C GLY B 319 43.99 -30.57 -14.24
N LEU B 320 44.12 -30.96 -15.51
CA LEU B 320 43.96 -32.35 -15.91
C LEU B 320 44.88 -33.31 -15.17
N PRO B 321 46.16 -33.00 -14.92
CA PRO B 321 46.97 -33.93 -14.10
C PRO B 321 46.41 -34.11 -12.69
N ALA B 322 45.95 -33.03 -12.06
CA ALA B 322 45.34 -33.17 -10.74
C ALA B 322 44.07 -34.01 -10.81
N ARG B 323 43.28 -33.85 -11.87
CA ARG B 323 42.06 -34.62 -12.00
C ARG B 323 42.35 -36.11 -12.16
N VAL B 324 43.30 -36.45 -13.04
CA VAL B 324 43.63 -37.86 -13.25
C VAL B 324 44.30 -38.44 -12.01
N ARG B 325 45.06 -37.62 -11.26
CA ARG B 325 45.65 -38.10 -10.02
C ARG B 325 44.58 -38.41 -8.99
N ASP B 326 43.60 -37.52 -8.84
CA ASP B 326 42.48 -37.80 -7.94
C ASP B 326 41.71 -39.03 -8.38
N GLY B 327 41.52 -39.22 -9.68
CA GLY B 327 40.80 -40.39 -10.16
C GLY B 327 41.53 -41.69 -9.86
N ILE B 328 42.83 -41.73 -10.15
CA ILE B 328 43.59 -42.96 -9.89
C ILE B 328 43.71 -43.19 -8.39
N ALA B 329 43.75 -42.12 -7.59
CA ALA B 329 43.81 -42.28 -6.15
C ALA B 329 42.50 -42.87 -5.62
N ILE B 330 41.37 -42.38 -6.13
CA ILE B 330 40.08 -42.94 -5.73
C ILE B 330 39.99 -44.40 -6.14
N ILE B 331 40.44 -44.73 -7.35
CA ILE B 331 40.40 -46.12 -7.81
C ILE B 331 41.26 -47.01 -6.92
N THR B 332 42.47 -46.53 -6.58
CA THR B 332 43.37 -47.30 -5.74
C THR B 332 42.78 -47.52 -4.35
N THR B 333 42.23 -46.46 -3.75
CA THR B 333 41.66 -46.58 -2.41
C THR B 333 40.45 -47.51 -2.41
N ALA B 334 39.59 -47.41 -3.43
CA ALA B 334 38.43 -48.28 -3.50
C ALA B 334 38.85 -49.74 -3.66
N ALA B 335 39.82 -50.00 -4.54
CA ALA B 335 40.29 -51.37 -4.74
C ALA B 335 40.91 -51.91 -3.46
N SER B 336 41.73 -51.11 -2.78
CA SER B 336 42.35 -51.56 -1.54
C SER B 336 41.29 -51.89 -0.49
N ASP B 337 40.32 -50.98 -0.31
CA ASP B 337 39.27 -51.21 0.67
C ASP B 337 38.47 -52.47 0.35
N MET B 338 38.15 -52.68 -0.92
CA MET B 338 37.36 -53.84 -1.30
C MET B 338 38.13 -55.14 -1.09
N LEU B 339 39.37 -55.20 -1.58
CA LEU B 339 40.16 -56.42 -1.44
C LEU B 339 40.70 -56.62 -0.03
N SER B 340 40.56 -55.63 0.86
CA SER B 340 40.89 -55.82 2.26
C SER B 340 39.69 -56.23 3.10
N GLU B 341 38.50 -55.70 2.79
CA GLU B 341 37.30 -56.10 3.51
C GLU B 341 36.83 -57.48 3.06
N HIS B 342 36.60 -57.65 1.75
CA HIS B 342 36.12 -58.94 1.26
C HIS B 342 37.22 -59.99 1.27
N SER B 343 38.47 -59.58 1.10
CA SER B 343 39.66 -60.43 1.09
C SER B 343 39.66 -61.45 -0.04
N PHE B 344 38.73 -61.36 -0.99
CA PHE B 344 38.65 -62.27 -2.13
C PHE B 344 38.80 -61.44 -3.41
N ILE B 345 39.90 -61.65 -4.12
CA ILE B 345 40.18 -60.89 -5.34
C ILE B 345 39.44 -61.53 -6.51
N PRO B 346 38.49 -60.83 -7.13
CA PRO B 346 37.79 -61.40 -8.28
C PRO B 346 38.71 -61.50 -9.50
N GLU B 347 38.43 -62.50 -10.33
CA GLU B 347 39.21 -62.71 -11.54
C GLU B 347 38.62 -61.90 -12.69
N PRO B 348 39.32 -60.89 -13.20
CA PRO B 348 38.78 -60.10 -14.32
C PRO B 348 38.90 -60.83 -15.66
N LYS B 349 37.96 -61.74 -15.93
CA LYS B 349 37.97 -62.49 -17.19
C LYS B 349 37.78 -61.54 -18.38
N SER B 350 38.85 -61.33 -19.15
CA SER B 350 38.80 -60.46 -20.33
C SER B 350 38.65 -61.34 -21.57
N SER B 351 37.43 -61.83 -21.78
CA SER B 351 37.17 -62.72 -22.91
C SER B 351 36.84 -61.93 -24.18
N CYS B 352 35.83 -61.07 -24.11
CA CYS B 352 35.32 -60.26 -25.22
C CYS B 352 34.65 -61.13 -26.28
N TYR B 353 34.74 -62.45 -26.14
CA TYR B 353 34.14 -63.34 -27.13
C TYR B 353 33.47 -64.57 -26.53
N ASN B 354 33.40 -64.70 -25.20
CA ASN B 354 32.86 -65.89 -24.56
C ASN B 354 31.64 -65.50 -23.73
N THR B 355 30.47 -66.03 -24.10
CA THR B 355 29.27 -65.77 -23.33
C THR B 355 29.21 -66.59 -22.05
N HIS B 356 29.87 -67.75 -22.01
CA HIS B 356 29.89 -68.56 -20.80
C HIS B 356 30.62 -67.85 -19.67
N GLU B 357 31.55 -66.94 -20.02
CA GLU B 357 32.28 -66.19 -19.00
C GLU B 357 31.42 -65.15 -18.31
N LYS B 358 30.18 -64.94 -18.76
CA LYS B 358 29.30 -63.97 -18.12
C LYS B 358 28.83 -64.43 -16.74
N ARG B 359 29.09 -65.69 -16.37
CA ARG B 359 28.72 -66.17 -15.04
C ARG B 359 29.57 -65.57 -13.94
N ILE B 360 30.59 -64.77 -14.28
CA ILE B 360 31.43 -64.11 -13.29
C ILE B 360 30.71 -62.92 -12.69
N TYR B 361 29.52 -62.62 -13.23
CA TYR B 361 28.71 -61.52 -12.72
C TYR B 361 27.91 -61.97 -11.51
N GLN B 362 28.57 -62.53 -10.51
CA GLN B 362 27.92 -62.99 -9.29
C GLN B 362 28.45 -62.35 -8.01
N SER B 363 29.65 -61.80 -8.03
CA SER B 363 30.19 -61.14 -6.85
C SER B 363 29.47 -59.81 -6.60
N ASN B 364 29.81 -59.19 -5.47
CA ASN B 364 29.21 -57.91 -5.12
C ASN B 364 29.59 -56.84 -6.14
N MET B 365 28.65 -55.91 -6.39
CA MET B 365 28.87 -54.83 -7.32
C MET B 365 30.01 -53.93 -6.85
N LEU B 366 31.04 -53.76 -7.68
CA LEU B 366 32.18 -52.93 -7.32
C LEU B 366 31.79 -51.47 -7.18
N ASN B 367 30.71 -51.04 -7.85
CA ASN B 367 30.30 -49.65 -7.79
C ASN B 367 29.85 -49.25 -6.40
N ARG B 368 29.27 -50.19 -5.64
CA ARG B 368 28.81 -49.91 -4.28
C ARG B 368 29.96 -49.44 -3.40
N TYR B 369 31.06 -50.20 -3.40
CA TYR B 369 32.23 -49.80 -2.62
C TYR B 369 33.04 -48.71 -3.30
N LEU B 370 32.86 -48.52 -4.61
CA LEU B 370 33.60 -47.49 -5.32
C LEU B 370 33.03 -46.10 -5.04
N ILE B 371 31.71 -45.98 -4.92
CA ILE B 371 31.08 -44.67 -4.72
C ILE B 371 31.07 -44.22 -3.27
N ASN B 372 31.73 -44.96 -2.37
CA ASN B 372 31.74 -44.64 -0.95
C ASN B 372 33.15 -44.58 -0.37
N VAL B 373 34.11 -44.08 -1.14
CA VAL B 373 35.49 -43.96 -0.67
C VAL B 373 35.97 -42.52 -0.80
N THR B 374 37.09 -42.22 -0.16
CA THR B 374 37.68 -40.88 -0.24
C THR B 374 39.20 -41.03 -0.27
N PHE B 375 39.87 -39.96 -0.68
CA PHE B 375 41.32 -39.97 -0.81
C PHE B 375 41.84 -38.54 -0.73
N GLU B 376 43.15 -38.42 -0.46
CA GLU B 376 43.85 -37.14 -0.40
C GLU B 376 43.28 -36.24 0.69
N GLY B 377 42.70 -36.86 1.72
CA GLY B 377 42.15 -36.12 2.84
C GLY B 377 41.00 -35.21 2.49
N ARG B 378 40.38 -35.44 1.32
CA ARG B 378 39.26 -34.63 0.85
C ARG B 378 38.10 -35.54 0.49
N ASP B 379 36.88 -35.08 0.76
CA ASP B 379 35.68 -35.86 0.47
C ASP B 379 35.50 -35.97 -1.04
N LEU B 380 35.80 -37.14 -1.58
CA LEU B 380 35.71 -37.41 -3.01
C LEU B 380 34.70 -38.54 -3.29
N SER B 381 33.58 -38.52 -2.59
CA SER B 381 32.56 -39.54 -2.79
C SER B 381 31.84 -39.33 -4.13
N PHE B 382 31.05 -40.32 -4.51
CA PHE B 382 30.31 -40.30 -5.76
C PHE B 382 28.83 -40.55 -5.50
N SER B 383 27.99 -39.95 -6.34
CA SER B 383 26.56 -40.11 -6.21
C SER B 383 26.10 -41.42 -6.84
N GLU B 384 24.80 -41.68 -6.76
CA GLU B 384 24.24 -42.91 -7.33
C GLU B 384 24.35 -42.91 -8.85
N ASP B 385 24.19 -41.75 -9.48
CA ASP B 385 24.29 -41.67 -10.94
C ASP B 385 25.73 -41.54 -11.42
N GLY B 386 26.67 -41.25 -10.53
CA GLY B 386 28.05 -41.08 -10.89
C GLY B 386 28.55 -39.66 -10.92
N TYR B 387 27.97 -38.77 -10.13
CA TYR B 387 28.36 -37.37 -10.12
C TYR B 387 29.46 -37.14 -9.09
N GLN B 388 29.83 -35.88 -8.88
CA GLN B 388 30.83 -35.53 -7.88
C GLN B 388 30.16 -35.00 -6.62
N MET B 389 30.62 -35.49 -5.47
CA MET B 389 30.23 -34.96 -4.17
C MET B 389 31.19 -33.88 -3.68
N HIS B 390 31.85 -33.17 -4.61
CA HIS B 390 32.91 -32.23 -4.26
C HIS B 390 32.60 -30.83 -4.75
N PRO B 391 32.72 -29.83 -3.89
CA PRO B 391 32.57 -28.42 -4.31
C PRO B 391 33.75 -27.92 -5.13
N LYS B 392 33.82 -26.60 -5.30
CA LYS B 392 34.88 -25.89 -6.02
C LYS B 392 34.82 -26.09 -7.53
N LEU B 393 33.67 -25.77 -8.13
CA LEU B 393 33.59 -25.48 -9.55
C LEU B 393 34.04 -24.05 -9.79
N VAL B 394 33.82 -23.52 -11.00
CA VAL B 394 34.21 -22.17 -11.34
C VAL B 394 33.03 -21.46 -11.98
N ILE B 395 32.63 -20.32 -11.40
CA ILE B 395 31.57 -19.51 -11.98
C ILE B 395 32.17 -18.64 -13.08
N ILE B 396 31.66 -18.78 -14.30
CA ILE B 396 32.23 -18.15 -15.48
C ILE B 396 31.27 -17.09 -16.00
N LEU B 397 31.77 -15.88 -16.19
CA LEU B 397 31.01 -14.80 -16.79
C LEU B 397 31.82 -14.18 -17.93
N LEU B 398 31.17 -14.02 -19.09
CA LEU B 398 31.82 -13.50 -20.28
C LEU B 398 31.73 -11.98 -20.26
N ASN B 399 32.87 -11.32 -20.43
CA ASN B 399 32.94 -9.86 -20.39
C ASN B 399 32.52 -9.28 -21.75
N LYS B 400 32.67 -7.95 -21.86
CA LYS B 400 32.33 -7.27 -23.11
C LYS B 400 33.32 -7.58 -24.22
N GLU B 401 34.50 -8.11 -23.90
CA GLU B 401 35.51 -8.46 -24.89
C GLU B 401 35.28 -9.83 -25.53
N ARG B 402 34.07 -10.39 -25.38
CA ARG B 402 33.73 -11.69 -25.95
C ARG B 402 34.68 -12.78 -25.47
N LYS B 403 35.07 -12.68 -24.20
CA LYS B 403 35.97 -13.65 -23.59
C LYS B 403 35.42 -14.08 -22.22
N TRP B 404 35.58 -15.36 -21.92
CA TRP B 404 35.07 -15.90 -20.66
C TRP B 404 36.02 -15.56 -19.52
N GLU B 405 35.51 -14.85 -18.51
CA GLU B 405 36.30 -14.44 -17.36
C GLU B 405 35.80 -15.16 -16.12
N ARG B 406 36.74 -15.65 -15.31
CA ARG B 406 36.41 -16.36 -14.07
C ARG B 406 36.30 -15.32 -12.94
N VAL B 407 35.09 -14.80 -12.77
CA VAL B 407 34.81 -13.81 -11.74
C VAL B 407 34.53 -14.51 -10.42
N GLY B 408 33.49 -15.35 -10.40
CA GLY B 408 33.14 -16.07 -9.20
C GLY B 408 33.74 -17.47 -9.17
N LYS B 409 33.79 -18.04 -7.96
CA LYS B 409 34.33 -19.38 -7.74
C LYS B 409 33.46 -20.06 -6.69
N TRP B 410 32.56 -20.94 -7.13
CA TRP B 410 31.69 -21.66 -6.21
C TRP B 410 32.47 -22.75 -5.48
N LYS B 411 33.24 -22.36 -4.46
CA LYS B 411 34.13 -23.26 -3.74
C LYS B 411 33.60 -23.47 -2.33
N ASP B 412 33.63 -24.72 -1.86
CA ASP B 412 33.17 -25.08 -0.52
C ASP B 412 31.71 -24.68 -0.32
N LYS B 413 30.91 -24.86 -1.38
CA LYS B 413 29.50 -24.49 -1.40
C LYS B 413 29.27 -23.02 -1.09
N SER B 414 30.27 -22.18 -1.31
CA SER B 414 30.19 -20.75 -1.06
C SER B 414 30.29 -19.98 -2.37
N LEU B 415 29.67 -18.80 -2.40
CA LEU B 415 29.67 -17.93 -3.58
C LEU B 415 30.76 -16.88 -3.40
N GLN B 416 31.96 -17.19 -3.92
CA GLN B 416 33.08 -16.28 -3.83
C GLN B 416 32.99 -15.17 -4.87
N MET B 417 32.04 -14.26 -4.69
CA MET B 417 31.88 -13.13 -5.60
C MET B 417 32.82 -12.00 -5.23
N LYS B 418 33.00 -11.07 -6.17
CA LYS B 418 33.89 -9.93 -6.00
C LYS B 418 33.11 -8.63 -6.20
N TYR B 419 33.72 -7.53 -5.77
CA TYR B 419 33.20 -6.18 -5.93
C TYR B 419 31.93 -5.93 -5.11
N TYR B 420 31.45 -6.97 -4.41
CA TYR B 420 30.29 -6.88 -3.53
C TYR B 420 29.02 -6.44 -4.27
N VAL B 421 29.08 -6.44 -5.60
CA VAL B 421 27.94 -6.03 -6.43
C VAL B 421 28.17 -6.51 -7.85
N TRP B 422 27.08 -6.79 -8.56
CA TRP B 422 27.17 -7.23 -9.95
C TRP B 422 27.69 -6.11 -10.83
N PRO B 423 28.82 -6.28 -11.52
CA PRO B 423 29.35 -5.20 -12.37
C PRO B 423 28.50 -4.99 -13.62
N ARG B 424 27.38 -4.29 -13.48
CA ARG B 424 26.51 -4.02 -14.62
C ARG B 424 27.15 -2.99 -15.55
N MET B 425 26.51 -2.78 -16.70
CA MET B 425 27.01 -1.84 -17.70
C MET B 425 26.79 -0.40 -17.23
N ASP B 434 25.59 6.87 -14.88
CA ASP B 434 25.31 8.22 -14.39
C ASP B 434 24.13 8.21 -13.43
N ASP B 435 23.30 7.18 -13.52
CA ASP B 435 22.13 7.03 -12.66
C ASP B 435 22.37 6.06 -11.52
N HIS B 436 23.62 5.95 -11.06
CA HIS B 436 23.99 5.09 -9.94
C HIS B 436 24.69 5.98 -8.92
N LEU B 437 23.86 6.53 -8.03
CA LEU B 437 24.30 7.50 -7.00
C LEU B 437 24.54 6.77 -5.69
N SER B 438 25.58 7.14 -5.00
CA SER B 438 25.75 6.65 -3.64
C SER B 438 25.25 7.68 -2.62
N ILE B 439 25.10 7.24 -1.38
CA ILE B 439 24.59 8.08 -0.30
C ILE B 439 25.30 7.73 1.00
N VAL B 440 25.27 8.66 1.94
CA VAL B 440 25.79 8.45 3.28
C VAL B 440 24.61 8.36 4.24
N THR B 441 24.83 7.68 5.36
CA THR B 441 23.76 7.48 6.35
C THR B 441 24.39 7.53 7.74
N LEU B 442 23.53 7.42 8.76
CA LEU B 442 23.98 7.38 10.14
C LEU B 442 22.82 6.88 11.00
N GLU B 443 23.16 6.14 12.05
CA GLU B 443 22.17 5.53 12.92
C GLU B 443 22.00 6.26 14.25
N GLU B 444 22.33 7.55 14.32
CA GLU B 444 22.20 8.29 15.56
C GLU B 444 20.76 8.75 15.84
N ALA B 445 19.87 8.67 14.85
CA ALA B 445 18.50 9.14 15.01
C ALA B 445 17.50 8.04 14.67
N PRO B 446 16.30 8.04 15.26
CA PRO B 446 15.32 6.99 14.96
C PRO B 446 14.61 7.19 13.64
N PHE B 447 15.38 7.51 12.59
CA PHE B 447 14.86 7.59 11.23
C PHE B 447 15.46 6.55 10.29
N VAL B 448 16.66 6.06 10.57
CA VAL B 448 17.28 4.96 9.83
C VAL B 448 18.04 4.11 10.85
N ILE B 449 17.63 2.86 11.00
CA ILE B 449 18.18 1.97 12.01
C ILE B 449 19.20 1.05 11.35
N VAL B 450 19.98 0.35 12.18
CA VAL B 450 21.01 -0.55 11.68
C VAL B 450 20.69 -1.99 12.09
N GLU B 451 20.02 -2.71 11.21
CA GLU B 451 19.76 -4.14 11.43
C GLU B 451 20.93 -4.96 10.88
N SER B 452 21.45 -5.87 11.71
CA SER B 452 22.65 -6.61 11.35
C SER B 452 22.43 -7.47 10.11
N VAL B 453 21.61 -8.51 10.23
CA VAL B 453 21.30 -9.39 9.10
C VAL B 453 20.12 -10.26 9.49
N ASP B 454 19.37 -10.70 8.49
CA ASP B 454 18.36 -11.74 8.71
C ASP B 454 19.01 -13.11 8.64
N PRO B 455 18.90 -13.94 9.67
CA PRO B 455 19.68 -15.19 9.69
C PRO B 455 19.23 -16.22 8.68
N LEU B 456 18.02 -16.09 8.13
CA LEU B 456 17.52 -17.11 7.22
C LEU B 456 18.10 -16.97 5.83
N SER B 457 17.88 -15.81 5.19
CA SER B 457 18.25 -15.62 3.79
C SER B 457 19.75 -15.42 3.59
N GLY B 458 20.52 -15.20 4.66
CA GLY B 458 21.93 -14.88 4.51
C GLY B 458 22.11 -13.44 4.09
N THR B 459 21.00 -12.70 4.06
CA THR B 459 21.01 -11.28 3.69
C THR B 459 19.93 -10.59 4.52
N CYS B 460 19.55 -9.38 4.12
CA CYS B 460 18.53 -8.63 4.82
C CYS B 460 17.15 -9.25 4.61
N MET B 461 16.14 -8.64 5.23
CA MET B 461 14.76 -9.09 5.10
C MET B 461 14.14 -8.57 3.81
N ARG B 462 12.83 -8.74 3.66
CA ARG B 462 12.16 -8.36 2.41
C ARG B 462 11.71 -6.89 2.44
N ASN B 463 11.34 -6.39 3.61
CA ASN B 463 10.78 -5.04 3.69
C ASN B 463 11.85 -3.97 3.51
N THR B 464 12.84 -3.94 4.40
CA THR B 464 13.84 -2.88 4.38
C THR B 464 14.83 -3.08 3.23
N VAL B 465 15.61 -2.03 2.95
CA VAL B 465 16.56 -2.02 1.86
C VAL B 465 17.95 -2.26 2.44
N PRO B 466 18.72 -3.20 1.90
CA PRO B 466 20.06 -3.47 2.46
C PRO B 466 21.01 -2.29 2.24
N CYS B 467 21.76 -1.96 3.30
CA CYS B 467 22.75 -0.89 3.26
C CYS B 467 24.11 -1.49 3.61
N GLN B 468 25.00 -1.56 2.63
CA GLN B 468 26.33 -2.12 2.86
C GLN B 468 27.12 -1.24 3.81
N LYS B 469 28.06 -1.87 4.53
CA LYS B 469 28.89 -1.20 5.52
C LYS B 469 30.35 -1.30 5.07
N ARG B 470 30.78 -0.32 4.27
CA ARG B 470 32.16 -0.27 3.80
C ARG B 470 33.03 0.48 4.82
N ILE B 471 33.07 -0.01 6.05
CA ILE B 471 33.78 0.65 7.14
C ILE B 471 35.01 -0.18 7.49
N ILE B 472 36.15 0.50 7.66
CA ILE B 472 37.35 -0.17 8.15
C ILE B 472 37.08 -0.63 9.57
N SER B 473 37.23 -1.94 9.81
CA SER B 473 36.92 -2.51 11.11
C SER B 473 37.82 -1.95 12.20
N GLU B 474 39.14 -2.09 12.02
CA GLU B 474 40.11 -1.63 13.01
C GLU B 474 41.18 -0.71 12.46
N ASN B 475 41.58 -0.85 11.20
CA ASN B 475 42.64 -0.04 10.63
C ASN B 475 42.47 0.03 9.11
N LYS B 476 43.14 1.00 8.51
CA LYS B 476 43.13 1.20 7.06
C LYS B 476 44.40 0.66 6.41
N THR B 477 44.92 -0.45 6.93
CA THR B 477 46.17 -1.02 6.40
C THR B 477 46.01 -1.43 4.95
N ASP B 478 44.87 -2.00 4.59
CA ASP B 478 44.62 -2.45 3.23
C ASP B 478 43.27 -1.90 2.78
N GLU B 479 42.83 -2.34 1.59
CA GLU B 479 41.56 -1.91 1.02
C GLU B 479 40.39 -2.78 1.47
N GLU B 480 40.52 -3.48 2.60
CA GLU B 480 39.45 -4.32 3.11
C GLU B 480 38.27 -3.46 3.54
N PRO B 481 37.13 -3.56 2.87
CA PRO B 481 35.99 -2.70 3.20
C PRO B 481 35.22 -3.15 4.43
N GLY B 482 35.40 -4.39 4.88
CA GLY B 482 34.61 -4.91 5.99
C GLY B 482 33.13 -4.92 5.66
N TYR B 483 32.81 -5.26 4.41
CA TYR B 483 31.44 -5.20 3.91
C TYR B 483 30.56 -6.24 4.58
N ILE B 484 29.69 -5.80 5.48
CA ILE B 484 28.71 -6.65 6.13
C ILE B 484 27.33 -6.27 5.58
N LYS B 485 26.55 -7.28 5.21
CA LYS B 485 25.24 -7.04 4.61
C LYS B 485 24.25 -6.55 5.65
N LYS B 486 24.38 -5.30 6.07
CA LYS B 486 23.47 -4.69 7.03
C LYS B 486 22.27 -4.11 6.31
N CYS B 487 21.22 -3.82 7.09
CA CYS B 487 19.97 -3.30 6.53
C CYS B 487 19.54 -2.06 7.27
N CYS B 488 19.03 -1.08 6.51
CA CYS B 488 18.61 0.21 7.04
C CYS B 488 17.11 0.34 6.81
N LYS B 489 16.35 0.51 7.90
CA LYS B 489 14.91 0.70 7.85
C LYS B 489 14.53 1.98 8.58
N GLY B 490 13.33 2.47 8.29
CA GLY B 490 12.82 3.65 8.98
C GLY B 490 12.18 4.69 8.07
N PHE B 491 12.32 5.96 8.46
CA PHE B 491 11.68 7.07 7.76
C PHE B 491 12.47 7.50 6.53
N CYS B 492 13.77 7.78 6.71
CA CYS B 492 14.60 8.23 5.60
C CYS B 492 14.73 7.15 4.53
N ILE B 493 14.79 5.88 4.94
CA ILE B 493 14.87 4.79 3.96
C ILE B 493 13.58 4.72 3.15
N ASP B 494 12.44 4.90 3.81
CA ASP B 494 11.17 4.89 3.09
C ASP B 494 11.07 6.07 2.13
N ILE B 495 11.53 7.25 2.55
CA ILE B 495 11.47 8.39 1.65
C ILE B 495 12.44 8.22 0.49
N LEU B 496 13.57 7.55 0.71
CA LEU B 496 14.52 7.29 -0.37
C LEU B 496 13.93 6.29 -1.36
N LYS B 497 13.25 5.28 -0.84
CA LYS B 497 12.56 4.30 -1.69
C LYS B 497 11.48 4.99 -2.52
N LYS B 498 10.75 5.92 -1.91
CA LYS B 498 9.72 6.65 -2.64
C LYS B 498 10.32 7.52 -3.73
N ILE B 499 11.46 8.17 -3.43
CA ILE B 499 12.13 8.98 -4.44
C ILE B 499 12.63 8.11 -5.58
N SER B 500 13.19 6.94 -5.26
CA SER B 500 13.67 6.04 -6.30
C SER B 500 12.53 5.50 -7.14
N LYS B 501 11.36 5.31 -6.53
CA LYS B 501 10.20 4.85 -7.29
C LYS B 501 9.68 5.95 -8.21
N SER B 502 9.66 7.20 -7.73
CA SER B 502 9.23 8.32 -8.56
C SER B 502 10.29 8.69 -9.59
N VAL B 503 11.48 9.05 -9.12
CA VAL B 503 12.61 9.35 -9.98
C VAL B 503 13.45 8.07 -10.11
N LYS B 504 13.52 7.53 -11.32
CA LYS B 504 14.18 6.25 -11.54
C LYS B 504 15.69 6.42 -11.45
N PHE B 505 16.30 5.83 -10.42
CA PHE B 505 17.75 5.80 -10.28
C PHE B 505 18.11 4.68 -9.31
N THR B 506 19.31 4.13 -9.50
CA THR B 506 19.85 3.11 -8.62
C THR B 506 20.76 3.77 -7.59
N TYR B 507 20.94 3.09 -6.46
CA TYR B 507 21.69 3.66 -5.35
C TYR B 507 22.41 2.56 -4.58
N ASP B 508 23.49 2.96 -3.92
CA ASP B 508 24.22 2.09 -3.00
C ASP B 508 24.62 2.92 -1.79
N LEU B 509 24.52 2.33 -0.61
CA LEU B 509 24.65 3.06 0.65
C LEU B 509 26.06 2.90 1.19
N TYR B 510 26.89 3.92 0.98
CA TYR B 510 28.17 4.03 1.67
C TYR B 510 27.90 4.48 3.10
N LEU B 511 27.74 3.51 4.01
CA LEU B 511 27.15 3.72 5.32
C LEU B 511 27.68 4.95 6.05
N VAL B 512 28.97 4.97 6.38
CA VAL B 512 29.55 6.03 7.19
C VAL B 512 31.01 6.20 6.82
N THR B 513 31.51 7.42 6.96
CA THR B 513 32.94 7.68 6.98
C THR B 513 33.54 7.52 8.38
N ASN B 514 32.68 7.52 9.41
CA ASN B 514 33.08 7.25 10.80
C ASN B 514 34.10 8.28 11.31
N GLY B 515 33.84 9.55 11.00
CA GLY B 515 34.66 10.61 11.53
C GLY B 515 33.92 11.59 12.42
N LYS B 516 32.65 11.86 12.07
CA LYS B 516 31.82 12.80 12.82
C LYS B 516 30.41 12.86 12.26
N HIS B 517 29.51 13.56 12.94
CA HIS B 517 28.20 13.84 12.38
C HIS B 517 28.27 15.05 11.44
N GLY B 518 29.41 15.73 11.43
CA GLY B 518 29.63 16.91 10.62
C GLY B 518 30.03 18.12 11.44
N LYS B 519 31.25 18.61 11.22
CA LYS B 519 31.81 19.73 11.96
C LYS B 519 33.06 20.23 11.27
N LYS B 520 33.22 21.55 11.18
CA LYS B 520 34.40 22.15 10.59
C LYS B 520 35.60 22.05 11.53
N ILE B 521 36.58 21.22 11.17
CA ILE B 521 37.80 21.03 11.96
C ILE B 521 38.98 21.53 11.15
N ASN B 522 39.57 22.64 11.60
CA ASN B 522 40.72 23.25 10.94
C ASN B 522 40.43 23.53 9.47
N GLY B 523 39.23 24.01 9.17
CA GLY B 523 38.86 24.30 7.80
C GLY B 523 38.66 23.05 6.96
N THR B 524 38.09 22.01 7.56
CA THR B 524 37.85 20.75 6.86
C THR B 524 36.65 20.06 7.50
N TRP B 525 35.74 19.59 6.65
CA TRP B 525 34.55 18.90 7.10
C TRP B 525 34.82 17.40 7.21
N ASN B 526 34.08 16.76 8.11
CA ASN B 526 34.26 15.34 8.39
C ASN B 526 32.91 14.64 8.35
N GLY B 527 32.96 13.31 8.35
CA GLY B 527 31.75 12.53 8.39
C GLY B 527 30.96 12.59 7.08
N MET B 528 29.65 12.82 7.23
CA MET B 528 28.75 12.89 6.10
C MET B 528 29.08 14.07 5.20
N ILE B 529 29.26 15.25 5.81
CA ILE B 529 29.60 16.44 5.03
C ILE B 529 30.99 16.30 4.42
N GLY B 530 31.92 15.71 5.17
CA GLY B 530 33.25 15.49 4.64
C GLY B 530 33.28 14.55 3.45
N GLU B 531 32.39 13.56 3.47
CA GLU B 531 32.30 12.62 2.34
C GLU B 531 31.54 13.22 1.17
N VAL B 532 30.59 14.11 1.42
CA VAL B 532 29.80 14.73 0.35
C VAL B 532 30.50 15.93 -0.26
N VAL B 533 31.52 16.48 0.40
CA VAL B 533 32.26 17.62 -0.13
C VAL B 533 33.43 17.18 -1.00
N MET B 534 34.00 16.00 -0.74
CA MET B 534 35.13 15.49 -1.49
C MET B 534 34.72 14.61 -2.66
N LYS B 535 33.44 14.67 -3.06
CA LYS B 535 32.91 13.88 -4.17
C LYS B 535 33.08 12.37 -3.94
N ARG B 536 33.15 11.95 -2.68
CA ARG B 536 33.32 10.53 -2.38
C ARG B 536 31.99 9.78 -2.46
N ALA B 537 30.88 10.47 -2.18
CA ALA B 537 29.56 9.83 -2.21
C ALA B 537 28.52 10.57 -3.02
N TYR B 538 28.71 11.86 -3.34
CA TYR B 538 27.84 12.63 -4.22
C TYR B 538 26.48 12.91 -3.59
N MET B 539 26.21 12.35 -2.41
CA MET B 539 24.93 12.55 -1.73
C MET B 539 25.00 12.09 -0.28
N ALA B 540 23.97 12.42 0.50
CA ALA B 540 23.89 12.01 1.90
C ALA B 540 22.43 12.06 2.33
N VAL B 541 22.10 11.28 3.34
CA VAL B 541 20.72 11.18 3.83
C VAL B 541 20.74 10.91 5.33
N GLY B 542 19.60 11.13 5.99
CA GLY B 542 19.51 10.93 7.42
C GLY B 542 19.02 12.16 8.15
N SER B 543 19.86 12.73 9.03
CA SER B 543 19.53 13.92 9.80
C SER B 543 20.62 14.96 9.52
N LEU B 544 20.44 15.85 8.60
CA LEU B 544 21.57 16.78 8.66
C LEU B 544 21.21 17.99 9.50
N THR B 545 19.96 18.43 9.45
CA THR B 545 19.64 19.65 10.20
C THR B 545 20.22 20.90 9.54
N ILE B 546 19.57 21.31 8.47
CA ILE B 546 19.99 22.35 7.51
C ILE B 546 20.52 23.52 8.29
N ASN B 547 21.69 24.04 7.97
CA ASN B 547 22.20 25.19 8.71
C ASN B 547 23.00 26.06 7.76
N GLU B 548 23.17 27.33 8.14
CA GLU B 548 23.92 28.28 7.33
C GLU B 548 25.34 27.78 7.06
N GLU B 549 26.03 27.34 8.10
CA GLU B 549 27.41 26.88 7.95
C GLU B 549 27.50 25.68 7.01
N ARG B 550 26.53 24.77 7.10
CA ARG B 550 26.52 23.62 6.20
C ARG B 550 26.10 24.03 4.79
N SER B 551 25.18 24.98 4.68
CA SER B 551 24.67 25.43 3.39
C SER B 551 25.70 26.28 2.64
N GLU B 552 26.72 26.75 3.36
CA GLU B 552 27.75 27.56 2.71
C GLU B 552 28.49 26.77 1.64
N VAL B 553 28.76 25.48 1.91
CA VAL B 553 29.49 24.62 0.99
C VAL B 553 28.56 23.62 0.30
N VAL B 554 27.87 22.79 1.08
CA VAL B 554 27.01 21.76 0.53
C VAL B 554 25.62 22.34 0.27
N ASP B 555 24.96 21.85 -0.78
CA ASP B 555 23.62 22.27 -1.13
C ASP B 555 22.61 21.46 -0.31
N PHE B 556 21.37 21.96 -0.30
CA PHE B 556 20.33 21.25 0.46
C PHE B 556 19.01 21.40 -0.22
N SER B 557 18.14 20.44 -0.05
CA SER B 557 16.79 20.47 -0.60
C SER B 557 15.86 21.16 0.38
N VAL B 558 14.56 21.07 0.14
CA VAL B 558 13.55 21.70 1.00
C VAL B 558 13.38 20.83 2.24
N PRO B 559 13.12 21.42 3.41
CA PRO B 559 12.94 20.60 4.62
C PRO B 559 11.65 19.79 4.54
N PHE B 560 11.76 18.51 4.88
CA PHE B 560 10.63 17.60 4.87
C PHE B 560 10.08 17.31 6.26
N ILE B 561 10.71 17.82 7.31
CA ILE B 561 10.24 17.60 8.67
C ILE B 561 10.79 18.72 9.54
N GLU B 562 10.00 19.13 10.53
CA GLU B 562 10.39 20.22 11.41
C GLU B 562 11.22 19.71 12.58
N THR B 563 12.05 20.59 13.11
CA THR B 563 12.91 20.30 14.26
C THR B 563 13.30 21.64 14.87
N GLY B 564 14.26 21.61 15.78
CA GLY B 564 14.75 22.82 16.44
C GLY B 564 15.27 22.52 17.83
N ILE B 565 15.95 23.52 18.39
CA ILE B 565 16.49 23.38 19.74
C ILE B 565 15.35 23.29 20.75
N SER B 566 15.34 22.21 21.53
CA SER B 566 14.31 22.00 22.54
C SER B 566 15.00 21.55 23.82
N VAL B 567 14.21 21.38 24.88
CA VAL B 567 14.72 20.95 26.18
C VAL B 567 13.72 19.98 26.80
N MET B 568 14.18 18.80 27.17
CA MET B 568 13.36 17.76 27.76
C MET B 568 13.72 17.59 29.23
N VAL B 569 12.75 17.87 30.10
CA VAL B 569 12.94 17.75 31.54
C VAL B 569 11.97 16.71 32.07
N SER B 570 12.32 16.10 33.20
CA SER B 570 11.48 15.09 33.80
C SER B 570 10.20 15.70 34.36
N ARG B 571 9.15 14.89 34.43
CA ARG B 571 7.88 15.32 34.97
C ARG B 571 7.96 15.43 36.49
N SER B 572 8.21 16.65 36.98
CA SER B 572 8.32 16.87 38.42
C SER B 572 7.04 16.47 39.14
N ASN B 573 7.16 16.27 40.45
CA ASN B 573 6.02 15.89 41.27
C ASN B 573 4.91 16.95 41.17
N GLY B 574 3.67 16.50 41.33
CA GLY B 574 2.52 17.37 41.22
C GLY B 574 2.51 18.52 42.20
N THR B 575 1.83 19.61 41.84
CA THR B 575 1.75 20.81 42.66
C THR B 575 0.30 21.22 42.81
N VAL B 576 0.07 22.31 43.56
CA VAL B 576 -1.27 22.81 43.81
C VAL B 576 -1.19 24.31 44.11
N SER B 577 -2.22 25.05 43.75
CA SER B 577 -2.27 26.50 43.99
C SER B 577 -2.21 26.79 45.48
N PRO B 578 -1.46 27.80 45.90
CA PRO B 578 -1.38 28.12 47.34
C PRO B 578 -2.68 28.65 47.93
N SER B 579 -3.68 28.98 47.11
CA SER B 579 -4.97 29.46 47.57
C SER B 579 -6.05 28.40 47.39
N ALA B 580 -5.68 27.12 47.56
CA ALA B 580 -6.61 26.02 47.41
C ALA B 580 -7.76 26.12 48.41
N PHE B 581 -7.48 26.63 49.62
CA PHE B 581 -8.51 26.73 50.64
C PHE B 581 -9.56 27.78 50.30
N LEU B 582 -9.17 28.85 49.60
CA LEU B 582 -10.09 29.92 49.23
C LEU B 582 -10.64 29.77 47.81
N GLU B 583 -10.12 28.83 47.03
CA GLU B 583 -10.52 28.63 45.65
C GLU B 583 -11.96 28.12 45.47
N PRO B 584 -12.38 27.04 46.15
CA PRO B 584 -13.63 26.37 45.75
C PRO B 584 -14.92 27.13 46.05
N PHE B 585 -14.85 28.37 46.50
CA PHE B 585 -16.05 29.17 46.76
C PHE B 585 -15.79 30.61 46.36
N SER B 586 -16.70 31.18 45.58
CA SER B 586 -16.56 32.57 45.17
C SER B 586 -16.83 33.49 46.35
N ALA B 587 -16.37 34.73 46.09
CA ALA B 587 -16.28 35.85 47.03
C ALA B 587 -17.65 36.46 47.22
N CYS B 588 -18.59 35.95 46.50
CA CYS B 588 -20.00 36.29 46.59
C CYS B 588 -20.70 35.47 47.65
N VAL B 589 -20.43 34.16 47.68
CA VAL B 589 -21.06 33.29 48.67
C VAL B 589 -20.65 33.72 50.08
N TRP B 590 -19.37 34.07 50.27
CA TRP B 590 -18.91 34.48 51.59
C TRP B 590 -19.59 35.76 52.05
N VAL B 591 -19.64 36.78 51.19
CA VAL B 591 -20.24 38.05 51.62
C VAL B 591 -21.75 37.90 51.81
N MET B 592 -22.41 37.11 50.96
CA MET B 592 -23.84 36.91 51.14
C MET B 592 -24.14 36.13 52.41
N MET B 593 -23.31 35.13 52.73
CA MET B 593 -23.45 34.38 53.97
C MET B 593 -23.26 35.30 55.16
N PHE B 594 -22.29 36.20 55.11
CA PHE B 594 -22.14 37.11 56.28
C PHE B 594 -23.33 38.04 56.39
N VAL B 595 -23.81 38.61 55.28
CA VAL B 595 -24.95 39.51 55.38
C VAL B 595 -26.16 38.78 55.96
N MET B 596 -26.42 37.57 55.44
CA MET B 596 -27.54 36.77 55.95
C MET B 596 -27.35 36.42 57.42
N LEU B 597 -26.11 36.12 57.81
CA LEU B 597 -25.81 35.81 59.20
C LEU B 597 -26.11 37.00 60.10
N LEU B 598 -25.63 38.19 59.71
CA LEU B 598 -25.89 39.39 60.51
C LEU B 598 -27.38 39.66 60.63
N ILE B 599 -28.10 39.63 59.52
CA ILE B 599 -29.51 39.99 59.57
C ILE B 599 -30.32 38.92 60.31
N VAL B 600 -29.92 37.64 60.20
CA VAL B 600 -30.62 36.59 60.91
C VAL B 600 -30.41 36.74 62.42
N SER B 601 -29.17 37.01 62.84
CA SER B 601 -28.91 37.23 64.27
C SER B 601 -29.73 38.42 64.78
N ALA B 602 -29.73 39.52 64.02
CA ALA B 602 -30.44 40.71 64.46
C ALA B 602 -31.94 40.45 64.59
N VAL B 603 -32.54 39.88 63.56
CA VAL B 603 -33.98 39.59 63.55
C VAL B 603 -34.31 38.64 64.68
N ALA B 604 -33.57 37.54 64.79
CA ALA B 604 -33.80 36.58 65.86
C ALA B 604 -33.81 37.26 67.22
N VAL B 605 -32.72 37.93 67.57
CA VAL B 605 -32.61 38.58 68.86
C VAL B 605 -33.79 39.52 69.07
N PHE B 606 -33.91 40.53 68.21
CA PHE B 606 -34.88 41.60 68.44
C PHE B 606 -36.31 41.07 68.53
N VAL B 607 -36.72 40.24 67.55
CA VAL B 607 -38.11 39.79 67.51
C VAL B 607 -38.35 38.70 68.56
N PHE B 608 -37.64 37.58 68.46
CA PHE B 608 -37.97 36.42 69.29
C PHE B 608 -37.63 36.66 70.75
N GLU B 609 -36.51 37.31 71.02
CA GLU B 609 -36.03 37.47 72.40
C GLU B 609 -36.98 38.33 73.23
N TYR B 610 -37.24 39.56 72.77
CA TYR B 610 -38.04 40.47 73.57
C TYR B 610 -39.53 40.15 73.48
N PHE B 611 -40.04 39.97 72.26
CA PHE B 611 -41.47 39.80 72.03
C PHE B 611 -41.95 38.36 72.22
N SER B 612 -41.21 37.53 72.95
CA SER B 612 -41.62 36.15 73.18
C SER B 612 -42.88 36.08 74.02
N PRO B 629 -28.01 36.75 82.03
CA PRO B 629 -28.43 35.51 81.39
C PRO B 629 -29.41 35.75 80.24
N SER B 630 -29.28 36.87 79.57
CA SER B 630 -30.15 37.23 78.45
C SER B 630 -29.41 37.03 77.14
N PHE B 631 -30.18 36.90 76.07
CA PHE B 631 -29.63 36.66 74.74
C PHE B 631 -29.36 37.99 74.06
N THR B 632 -28.10 38.45 74.11
CA THR B 632 -27.72 39.68 73.45
C THR B 632 -27.29 39.42 72.01
N ILE B 633 -26.78 40.44 71.33
CA ILE B 633 -26.34 40.26 69.94
C ILE B 633 -24.99 39.57 69.86
N GLY B 634 -24.09 39.80 70.82
CA GLY B 634 -22.79 39.17 70.83
C GLY B 634 -22.88 37.66 71.03
N LYS B 635 -23.68 37.24 72.00
CA LYS B 635 -23.91 35.82 72.24
C LYS B 635 -24.48 35.15 71.00
N ALA B 636 -25.44 35.82 70.34
CA ALA B 636 -26.07 35.22 69.17
C ALA B 636 -25.10 35.11 68.00
N ILE B 637 -24.31 36.16 67.76
CA ILE B 637 -23.37 36.11 66.64
C ILE B 637 -22.28 35.08 66.91
N TRP B 638 -21.86 34.94 68.18
CA TRP B 638 -20.88 33.91 68.52
C TRP B 638 -21.48 32.52 68.32
N LEU B 639 -22.73 32.33 68.74
CA LEU B 639 -23.41 31.06 68.56
C LEU B 639 -23.49 30.69 67.09
N LEU B 640 -23.90 31.64 66.25
CA LEU B 640 -24.03 31.35 64.81
C LEU B 640 -22.67 31.07 64.18
N TRP B 641 -21.66 31.88 64.51
CA TRP B 641 -20.34 31.68 63.94
C TRP B 641 -19.72 30.36 64.38
N GLY B 642 -20.04 29.90 65.58
CA GLY B 642 -19.55 28.60 66.01
C GLY B 642 -20.36 27.46 65.43
N LEU B 643 -21.64 27.69 65.18
CA LEU B 643 -22.50 26.69 64.58
C LEU B 643 -22.20 26.46 63.11
N VAL B 644 -21.72 27.47 62.41
CA VAL B 644 -21.30 27.29 61.01
C VAL B 644 -19.89 26.72 60.91
N PHE B 645 -18.97 27.11 61.78
CA PHE B 645 -17.59 26.60 61.75
C PHE B 645 -17.36 25.48 62.77
N ASN B 646 -18.02 24.40 62.53
CA ASN B 646 -17.61 23.23 63.32
C ASN B 646 -17.35 23.46 64.80
N ASN B 647 -18.41 23.89 65.42
CA ASN B 647 -18.71 23.88 66.86
C ASN B 647 -17.61 24.17 67.84
N SER B 648 -17.69 25.37 68.37
CA SER B 648 -16.82 25.87 69.45
C SER B 648 -17.64 25.67 70.71
N VAL B 649 -18.03 26.72 71.43
CA VAL B 649 -18.85 26.49 72.66
C VAL B 649 -19.86 27.61 72.88
N PRO B 650 -21.09 27.67 72.34
CA PRO B 650 -21.95 28.83 72.63
C PRO B 650 -22.82 28.63 73.85
N VAL B 651 -23.67 29.61 74.14
CA VAL B 651 -24.69 29.50 75.18
C VAL B 651 -26.02 29.31 74.46
N GLN B 652 -26.73 28.24 74.81
CA GLN B 652 -27.96 27.88 74.10
C GLN B 652 -29.00 28.98 74.20
N ASN B 653 -29.77 29.15 73.14
CA ASN B 653 -30.82 30.16 73.11
C ASN B 653 -31.90 29.83 74.15
N PRO B 654 -32.71 30.80 74.56
CA PRO B 654 -33.78 30.51 75.53
C PRO B 654 -34.87 29.62 74.99
N LYS B 655 -35.92 29.42 75.78
CA LYS B 655 -37.00 28.50 75.43
C LYS B 655 -37.88 29.00 74.29
N GLY B 656 -37.51 30.14 73.70
CA GLY B 656 -38.23 30.67 72.56
C GLY B 656 -38.30 29.70 71.39
N THR B 657 -39.52 29.31 71.01
CA THR B 657 -39.69 28.32 69.96
C THR B 657 -39.26 28.85 68.60
N THR B 658 -39.62 30.09 68.27
CA THR B 658 -39.22 30.66 67.00
C THR B 658 -37.71 30.82 66.90
N SER B 659 -37.07 31.21 68.00
CA SER B 659 -35.61 31.31 68.02
C SER B 659 -34.97 29.95 67.79
N LYS B 660 -35.54 28.90 68.40
CA LYS B 660 -35.04 27.55 68.21
C LYS B 660 -35.20 27.10 66.76
N ILE B 661 -36.34 27.44 66.16
CA ILE B 661 -36.57 27.08 64.76
C ILE B 661 -35.57 27.80 63.86
N MET B 662 -35.31 29.08 64.14
CA MET B 662 -34.32 29.85 63.39
C MET B 662 -32.94 29.23 63.52
N VAL B 663 -32.59 28.82 64.75
CA VAL B 663 -31.29 28.19 64.98
C VAL B 663 -31.19 26.87 64.22
N SER B 664 -32.28 26.11 64.18
CA SER B 664 -32.30 24.84 63.46
C SER B 664 -32.10 25.05 61.97
N VAL B 665 -32.82 26.03 61.40
CA VAL B 665 -32.68 26.36 59.98
C VAL B 665 -31.26 26.82 59.68
N TRP B 666 -30.67 27.61 60.58
CA TRP B 666 -29.31 28.09 60.37
C TRP B 666 -28.31 26.94 60.45
N ALA B 667 -28.55 25.98 61.33
CA ALA B 667 -27.67 24.82 61.42
C ALA B 667 -27.79 23.95 60.18
N PHE B 668 -29.00 23.81 59.63
CA PHE B 668 -29.17 23.09 58.37
C PHE B 668 -28.41 23.80 57.24
N PHE B 669 -28.56 25.12 57.15
CA PHE B 669 -27.80 25.89 56.18
C PHE B 669 -26.30 25.70 56.36
N ALA B 670 -25.83 25.68 57.61
CA ALA B 670 -24.41 25.55 57.92
C ALA B 670 -23.87 24.19 57.51
N VAL B 671 -24.60 23.13 57.81
CA VAL B 671 -24.13 21.78 57.49
C VAL B 671 -24.15 21.61 55.97
N ILE B 672 -25.15 22.17 55.30
CA ILE B 672 -25.16 22.11 53.84
C ILE B 672 -24.01 22.92 53.23
N PHE B 673 -23.68 24.07 53.83
CA PHE B 673 -22.56 24.87 53.35
C PHE B 673 -21.25 24.13 53.52
N LEU B 674 -21.06 23.51 54.68
CA LEU B 674 -19.84 22.73 54.93
C LEU B 674 -19.75 21.56 53.96
N ALA B 675 -20.86 20.88 53.72
CA ALA B 675 -20.86 19.76 52.78
C ALA B 675 -20.48 20.22 51.38
N SER B 676 -21.10 21.31 50.90
CA SER B 676 -20.78 21.82 49.57
C SER B 676 -19.33 22.27 49.48
N TYR B 677 -18.82 22.91 50.55
CA TYR B 677 -17.44 23.37 50.59
C TYR B 677 -16.48 22.20 50.47
N THR B 678 -16.66 21.18 51.31
CA THR B 678 -15.82 19.99 51.23
C THR B 678 -15.92 19.30 49.88
N ALA B 679 -17.13 19.22 49.31
CA ALA B 679 -17.30 18.56 48.02
C ALA B 679 -16.55 19.29 46.92
N ASN B 680 -16.78 20.59 46.79
CA ASN B 680 -16.11 21.38 45.76
C ASN B 680 -14.63 21.58 46.03
N LEU B 681 -14.18 21.37 47.26
CA LEU B 681 -12.75 21.40 47.56
C LEU B 681 -12.07 20.09 47.17
N ALA B 682 -12.72 18.96 47.41
CA ALA B 682 -12.20 17.69 46.92
C ALA B 682 -12.19 17.67 45.39
N ALA B 683 -13.25 18.17 44.76
CA ALA B 683 -13.30 18.24 43.30
C ALA B 683 -12.25 19.20 42.77
N PHE B 684 -11.91 20.23 43.55
CA PHE B 684 -10.86 21.16 43.14
C PHE B 684 -9.48 20.52 43.28
N MET B 685 -9.29 19.69 44.31
CA MET B 685 -7.97 19.16 44.61
C MET B 685 -7.63 17.96 43.73
N ILE B 686 -8.64 17.19 43.33
CA ILE B 686 -8.42 16.00 42.53
C ILE B 686 -7.88 16.38 41.15
N GLN B 687 -8.41 17.46 40.58
CA GLN B 687 -8.03 17.89 39.24
C GLN B 687 -7.10 19.10 39.33
N GLU B 688 -5.82 18.80 39.50
CA GLU B 688 -4.76 19.81 39.57
C GLU B 688 -3.54 19.31 38.82
N GLU B 689 -2.91 20.21 38.06
CA GLU B 689 -1.74 19.85 37.28
C GLU B 689 -0.65 20.93 37.42
N TYR B 690 0.51 20.65 36.83
CA TYR B 690 1.61 21.59 36.76
C TYR B 690 1.48 22.42 35.48
N VAL B 691 2.48 23.26 35.22
CA VAL B 691 2.41 24.11 34.04
C VAL B 691 3.49 23.73 33.02
N ASP B 692 4.75 23.97 33.37
CA ASP B 692 5.86 23.75 32.46
C ASP B 692 7.20 24.09 33.10
N GLN B 693 8.29 23.93 32.35
CA GLN B 693 9.53 24.59 32.72
C GLN B 693 9.45 26.07 32.34
N VAL B 694 10.61 26.73 32.31
CA VAL B 694 10.59 28.18 32.12
C VAL B 694 10.69 28.53 30.64
N SER B 695 11.81 28.23 29.99
CA SER B 695 12.02 28.51 28.58
C SER B 695 13.42 28.08 28.17
N GLY B 696 13.71 28.23 26.89
CA GLY B 696 15.05 27.91 26.40
C GLY B 696 16.04 29.04 26.63
N LEU B 697 15.70 30.26 26.18
CA LEU B 697 16.57 31.41 26.36
C LEU B 697 15.84 32.42 27.24
N SER B 698 15.94 32.20 28.55
CA SER B 698 15.31 33.03 29.57
C SER B 698 15.92 32.65 30.91
N ASP B 699 15.27 33.04 32.01
CA ASP B 699 15.59 32.47 33.31
C ASP B 699 17.05 32.75 33.70
N LYS B 700 17.33 34.01 34.03
CA LYS B 700 18.68 34.52 34.30
C LYS B 700 19.55 33.55 35.10
N LYS B 701 18.92 32.67 35.89
CA LYS B 701 19.64 31.54 36.45
C LYS B 701 20.42 30.79 35.37
N PHE B 702 19.91 30.77 34.15
CA PHE B 702 20.66 30.25 33.01
C PHE B 702 21.79 31.19 32.58
N GLN B 703 21.60 32.50 32.69
CA GLN B 703 22.67 33.46 32.44
C GLN B 703 23.55 33.70 33.66
N ARG B 704 23.17 33.16 34.81
CA ARG B 704 23.98 33.24 36.02
C ARG B 704 23.71 31.99 36.84
N PRO B 705 24.57 30.97 36.74
CA PRO B 705 24.26 29.69 37.36
C PRO B 705 24.41 29.68 38.88
N ASN B 706 24.65 30.85 39.47
CA ASN B 706 24.81 30.97 40.91
C ASN B 706 23.52 31.43 41.60
N ASP B 707 22.38 31.37 40.91
CA ASP B 707 21.11 31.79 41.50
C ASP B 707 20.73 30.89 42.67
N PHE B 708 20.50 29.60 42.39
CA PHE B 708 20.11 28.64 43.41
C PHE B 708 20.31 27.23 42.88
N SER B 709 20.90 26.34 43.70
CA SER B 709 21.26 25.00 43.29
C SER B 709 22.11 25.04 42.02
N PRO B 710 23.37 25.46 42.12
CA PRO B 710 24.22 25.64 40.93
C PRO B 710 24.24 24.42 40.03
N PRO B 711 24.31 23.18 40.56
CA PRO B 711 24.27 22.02 39.66
C PRO B 711 22.93 21.78 39.00
N PHE B 712 22.40 22.79 38.31
CA PHE B 712 21.24 22.60 37.45
C PHE B 712 21.68 21.93 36.17
N ARG B 713 21.93 20.62 36.24
CA ARG B 713 22.62 19.88 35.19
C ARG B 713 21.89 19.96 33.86
N PHE B 714 22.63 20.38 32.83
CA PHE B 714 22.19 20.31 31.45
C PHE B 714 23.42 20.24 30.57
N GLY B 715 23.25 19.74 29.35
CA GLY B 715 24.39 19.63 28.46
C GLY B 715 23.96 19.13 27.09
N THR B 716 24.91 19.20 26.16
CA THR B 716 24.69 18.76 24.79
C THR B 716 25.80 17.80 24.40
N VAL B 717 25.55 17.05 23.33
CA VAL B 717 26.57 16.16 22.78
C VAL B 717 27.49 16.99 21.89
N PRO B 718 28.81 16.82 21.99
CA PRO B 718 29.72 17.62 21.15
C PRO B 718 29.61 17.28 19.68
N ASN B 719 30.17 18.12 18.83
CA ASN B 719 30.17 17.92 17.37
C ASN B 719 28.75 17.80 16.82
N GLY B 720 27.87 18.72 17.21
CA GLY B 720 26.49 18.70 16.76
C GLY B 720 26.03 20.07 16.33
N SER B 721 24.80 20.11 15.80
CA SER B 721 24.21 21.37 15.36
C SER B 721 23.93 22.29 16.54
N THR B 722 23.28 21.76 17.57
CA THR B 722 22.97 22.56 18.76
C THR B 722 24.24 23.07 19.43
N GLU B 723 25.31 22.27 19.42
CA GLU B 723 26.58 22.69 19.99
C GLU B 723 27.12 23.92 19.29
N ARG B 724 27.17 23.88 17.95
CA ARG B 724 27.66 25.02 17.17
C ARG B 724 26.74 26.23 17.32
N ASN B 725 25.43 25.98 17.44
CA ASN B 725 24.47 27.07 17.64
C ASN B 725 24.73 27.78 18.95
N ILE B 726 24.88 27.02 20.04
CA ILE B 726 25.17 27.62 21.34
C ILE B 726 26.53 28.31 21.31
N ARG B 727 27.49 27.74 20.57
CA ARG B 727 28.82 28.35 20.44
C ARG B 727 28.72 29.74 19.81
N ASN B 728 28.06 29.82 18.65
CA ASN B 728 27.98 31.10 17.94
C ASN B 728 27.05 32.08 18.66
N ASN B 729 26.10 31.57 19.43
CA ASN B 729 25.13 32.46 20.06
C ASN B 729 25.58 32.90 21.45
N TYR B 730 26.04 31.97 22.27
CA TYR B 730 26.35 32.23 23.66
C TYR B 730 27.81 31.88 23.96
N ALA B 731 28.34 32.50 25.01
CA ALA B 731 29.68 32.20 25.51
C ALA B 731 29.67 31.63 26.92
N GLU B 732 29.05 32.33 27.87
CA GLU B 732 28.97 31.81 29.23
C GLU B 732 28.08 30.59 29.30
N MET B 733 26.95 30.62 28.59
CA MET B 733 26.08 29.45 28.51
C MET B 733 26.82 28.26 27.91
N HIS B 734 27.59 28.49 26.84
CA HIS B 734 28.35 27.41 26.23
C HIS B 734 29.39 26.86 27.18
N ALA B 735 30.07 27.75 27.92
CA ALA B 735 31.09 27.31 28.87
C ALA B 735 30.47 26.46 29.98
N TYR B 736 29.33 26.92 30.52
CA TYR B 736 28.69 26.17 31.60
C TYR B 736 28.09 24.85 31.09
N MET B 737 27.68 24.81 29.83
CA MET B 737 27.21 23.56 29.26
C MET B 737 28.36 22.58 29.06
N GLY B 738 29.50 23.07 28.59
CA GLY B 738 30.68 22.23 28.45
C GLY B 738 31.25 21.77 29.78
N LYS B 739 31.01 22.53 30.85
CA LYS B 739 31.42 22.08 32.18
C LYS B 739 30.65 20.83 32.60
N PHE B 740 29.41 20.69 32.12
CA PHE B 740 28.58 19.52 32.38
C PHE B 740 28.38 18.68 31.12
N ASN B 741 29.43 18.49 30.33
CA ASN B 741 29.33 17.68 29.12
C ASN B 741 28.90 16.26 29.46
N GLN B 742 28.13 15.66 28.56
CA GLN B 742 27.57 14.33 28.78
C GLN B 742 27.97 13.41 27.63
N ARG B 743 27.58 12.15 27.77
CA ARG B 743 27.88 11.13 26.78
C ARG B 743 26.77 11.09 25.72
N GLY B 744 26.74 10.02 24.92
CA GLY B 744 25.76 9.86 23.87
C GLY B 744 24.31 9.98 24.30
N VAL B 745 23.40 10.09 23.33
CA VAL B 745 21.98 10.33 23.58
C VAL B 745 21.41 9.31 24.54
N ASP B 746 21.75 8.03 24.35
CA ASP B 746 21.23 6.99 25.25
C ASP B 746 21.80 7.15 26.65
N ASP B 747 23.12 7.34 26.75
CA ASP B 747 23.74 7.54 28.06
C ASP B 747 23.26 8.83 28.71
N ALA B 748 23.04 9.87 27.90
CA ALA B 748 22.53 11.13 28.44
C ALA B 748 21.13 10.95 29.00
N LEU B 749 20.26 10.23 28.28
CA LEU B 749 18.91 9.99 28.79
C LEU B 749 18.95 9.12 30.03
N LEU B 750 19.86 8.14 30.08
CA LEU B 750 20.00 7.32 31.27
C LEU B 750 20.43 8.15 32.48
N SER B 751 21.39 9.06 32.27
CA SER B 751 21.83 9.93 33.35
C SER B 751 20.72 10.88 33.79
N LEU B 752 19.92 11.35 32.83
CA LEU B 752 18.80 12.23 33.17
C LEU B 752 17.76 11.48 34.00
N LYS B 753 17.50 10.22 33.65
CA LYS B 753 16.50 9.42 34.36
C LYS B 753 16.96 9.01 35.75
N THR B 754 18.26 9.06 36.03
CA THR B 754 18.80 8.65 37.32
C THR B 754 19.08 9.84 38.25
N GLY B 755 18.51 11.00 37.94
CA GLY B 755 18.68 12.18 38.76
C GLY B 755 20.02 12.87 38.64
N LYS B 756 20.99 12.28 37.95
CA LYS B 756 22.29 12.92 37.79
C LYS B 756 22.18 14.19 36.94
N LEU B 757 21.28 14.19 35.96
CA LEU B 757 21.04 15.34 35.10
C LEU B 757 19.65 15.88 35.35
N ASP B 758 19.46 17.16 34.99
CA ASP B 758 18.20 17.84 35.17
C ASP B 758 17.55 18.28 33.86
N ALA B 759 18.34 18.65 32.86
CA ALA B 759 17.82 19.05 31.56
C ALA B 759 18.72 18.51 30.48
N PHE B 760 18.22 18.53 29.24
CA PHE B 760 18.97 18.04 28.09
C PHE B 760 18.55 18.82 26.86
N ILE B 761 19.52 19.14 26.01
CA ILE B 761 19.29 19.93 24.82
C ILE B 761 19.61 19.05 23.61
N TYR B 762 18.68 18.99 22.66
CA TYR B 762 18.82 18.15 21.48
C TYR B 762 17.77 18.59 20.47
N ASP B 763 17.92 18.13 19.22
CA ASP B 763 16.97 18.52 18.18
C ASP B 763 15.56 18.04 18.55
N ALA B 764 14.56 18.76 18.03
CA ALA B 764 13.18 18.54 18.44
C ALA B 764 12.64 17.17 18.04
N ALA B 765 13.05 16.63 16.88
CA ALA B 765 12.47 15.38 16.41
C ALA B 765 12.84 14.21 17.31
N VAL B 766 14.14 14.03 17.56
CA VAL B 766 14.60 12.89 18.37
C VAL B 766 14.08 13.01 19.79
N LEU B 767 14.16 14.21 20.37
CA LEU B 767 13.67 14.40 21.74
C LEU B 767 12.18 14.13 21.85
N ASN B 768 11.39 14.63 20.89
CA ASN B 768 9.96 14.40 20.91
C ASN B 768 9.64 12.91 20.77
N TYR B 769 10.32 12.23 19.85
CA TYR B 769 10.10 10.80 19.66
C TYR B 769 10.41 10.03 20.94
N MET B 770 11.55 10.34 21.57
CA MET B 770 11.96 9.61 22.78
C MET B 770 11.00 9.90 23.93
N ALA B 771 10.63 11.16 24.12
CA ALA B 771 9.73 11.53 25.21
C ALA B 771 8.30 11.06 24.99
N GLY B 772 7.89 10.77 23.76
CA GLY B 772 6.55 10.27 23.55
C GLY B 772 6.47 8.76 23.46
N ARG B 773 7.58 8.12 23.10
CA ARG B 773 7.57 6.67 22.94
C ARG B 773 7.75 5.96 24.28
N ASP B 774 8.57 6.53 25.17
CA ASP B 774 8.81 5.91 26.47
C ASP B 774 7.54 5.87 27.29
N GLU B 775 7.30 4.73 27.93
CA GLU B 775 6.12 4.55 28.76
C GLU B 775 6.33 5.18 30.13
N GLY B 776 5.22 5.45 30.82
CA GLY B 776 5.23 6.06 32.12
C GLY B 776 5.10 7.58 32.09
N CYS B 777 5.40 8.20 30.94
CA CYS B 777 5.32 9.65 30.76
C CYS B 777 6.20 10.41 31.75
N LYS B 778 7.34 9.82 32.13
CA LYS B 778 8.21 10.48 33.11
C LYS B 778 8.99 11.62 32.48
N LEU B 779 9.48 11.44 31.27
CA LEU B 779 10.26 12.46 30.57
C LEU B 779 9.39 13.12 29.50
N VAL B 780 9.18 14.42 29.63
CA VAL B 780 8.38 15.21 28.70
C VAL B 780 9.22 16.42 28.27
N THR B 781 8.62 17.25 27.41
CA THR B 781 9.25 18.47 26.94
C THR B 781 8.55 19.68 27.56
N ILE B 782 9.18 20.85 27.45
CA ILE B 782 8.60 22.05 28.04
C ILE B 782 7.35 22.46 27.25
N GLY B 783 6.35 22.93 27.99
CA GLY B 783 5.09 23.35 27.40
C GLY B 783 4.44 22.27 26.54
N SER B 784 3.73 22.69 25.50
CA SER B 784 3.15 21.77 24.54
C SER B 784 4.09 21.47 23.37
N GLY B 785 5.36 21.87 23.48
CA GLY B 785 6.31 21.68 22.41
C GLY B 785 6.58 22.97 21.64
N LYS B 786 7.72 23.60 21.93
CA LYS B 786 8.07 24.88 21.32
C LYS B 786 9.50 24.82 20.84
N VAL B 787 9.72 25.18 19.57
CA VAL B 787 11.04 25.20 18.97
C VAL B 787 11.58 26.62 19.02
N PHE B 788 12.91 26.75 19.03
CA PHE B 788 13.57 28.03 19.11
C PHE B 788 14.50 28.32 17.94
N ALA B 789 15.02 27.30 17.27
CA ALA B 789 15.92 27.46 16.13
C ALA B 789 15.46 26.54 15.00
N SER B 790 14.15 26.58 14.71
CA SER B 790 13.55 25.68 13.73
C SER B 790 14.10 25.93 12.32
N THR B 791 14.91 25.00 11.83
CA THR B 791 15.44 25.09 10.48
C THR B 791 14.91 23.94 9.63
N GLY B 792 15.00 22.72 10.15
CA GLY B 792 14.47 21.56 9.46
C GLY B 792 15.55 20.63 8.94
N TYR B 793 15.21 19.36 8.78
CA TYR B 793 16.13 18.37 8.22
C TYR B 793 16.19 18.54 6.70
N GLY B 794 16.93 17.67 6.03
CA GLY B 794 17.03 17.74 4.59
C GLY B 794 17.97 16.68 4.07
N ILE B 795 17.87 16.45 2.76
CA ILE B 795 18.72 15.48 2.07
C ILE B 795 19.84 16.26 1.39
N ALA B 796 21.08 15.99 1.79
CA ALA B 796 22.24 16.67 1.22
C ALA B 796 22.39 16.34 -0.25
N ILE B 797 22.92 17.28 -1.03
CA ILE B 797 23.07 17.11 -2.46
C ILE B 797 24.41 17.71 -2.88
N GLN B 798 25.10 17.03 -3.78
CA GLN B 798 26.37 17.52 -4.30
C GLN B 798 26.20 18.92 -4.88
N LYS B 799 27.24 19.74 -4.72
CA LYS B 799 27.19 21.11 -5.22
C LYS B 799 27.01 21.14 -6.72
N ASP B 800 26.13 22.04 -7.18
CA ASP B 800 25.82 22.26 -8.59
C ASP B 800 25.26 21.02 -9.28
N SER B 801 24.67 20.09 -8.53
CA SER B 801 24.07 18.91 -9.13
C SER B 801 22.73 19.25 -9.75
N GLY B 802 22.40 18.61 -10.87
CA GLY B 802 21.15 18.86 -11.55
C GLY B 802 19.99 18.03 -11.04
N TRP B 803 20.20 17.32 -9.94
CA TRP B 803 19.15 16.48 -9.37
C TRP B 803 18.36 17.22 -8.29
N LYS B 804 18.81 18.43 -7.92
CA LYS B 804 18.16 19.18 -6.86
C LYS B 804 16.70 19.50 -7.19
N ARG B 805 16.45 19.96 -8.42
CA ARG B 805 15.08 20.31 -8.81
C ARG B 805 14.19 19.08 -8.83
N GLN B 806 14.72 17.95 -9.29
CA GLN B 806 13.91 16.73 -9.37
C GLN B 806 13.51 16.24 -7.98
N VAL B 807 14.48 16.15 -7.07
CA VAL B 807 14.17 15.69 -5.71
C VAL B 807 13.29 16.72 -4.99
N ASP B 808 13.46 18.00 -5.31
CA ASP B 808 12.63 19.05 -4.75
C ASP B 808 11.17 18.85 -5.14
N LEU B 809 10.93 18.69 -6.44
CA LEU B 809 9.56 18.46 -6.92
C LEU B 809 9.00 17.16 -6.38
N ALA B 810 9.85 16.14 -6.23
CA ALA B 810 9.39 14.85 -5.69
C ALA B 810 8.94 15.00 -4.25
N ILE B 811 9.74 15.68 -3.43
CA ILE B 811 9.38 15.90 -2.03
C ILE B 811 8.11 16.74 -1.93
N LEU B 812 7.97 17.74 -2.80
CA LEU B 812 6.79 18.58 -2.78
C LEU B 812 5.53 17.81 -3.16
N GLN B 813 5.60 17.01 -4.22
CA GLN B 813 4.43 16.23 -4.62
C GLN B 813 4.12 15.11 -3.64
N LEU B 814 5.13 14.62 -2.90
CA LEU B 814 4.86 13.64 -1.85
C LEU B 814 4.18 14.32 -0.66
N PHE B 815 4.59 15.55 -0.36
CA PHE B 815 3.88 16.34 0.65
C PHE B 815 2.43 16.58 0.25
N GLY B 816 2.20 16.87 -1.03
CA GLY B 816 0.84 17.05 -1.50
C GLY B 816 0.04 15.78 -1.56
N ASP B 817 0.72 14.63 -1.61
CA ASP B 817 0.04 13.34 -1.71
C ASP B 817 -0.34 12.76 -0.35
N GLY B 818 0.08 13.40 0.75
CA GLY B 818 -0.27 12.92 2.07
C GLY B 818 0.37 11.60 2.45
N GLU B 819 1.44 11.22 1.76
CA GLU B 819 2.15 9.99 2.08
C GLU B 819 2.96 10.15 3.38
N MET B 820 3.64 11.29 3.52
CA MET B 820 4.42 11.53 4.72
C MET B 820 3.54 11.65 5.95
N GLU B 821 2.28 12.06 5.79
CA GLU B 821 1.35 12.06 6.90
C GLU B 821 1.18 10.64 7.46
N GLU B 822 1.13 9.64 6.58
CA GLU B 822 1.04 8.26 7.03
C GLU B 822 2.40 7.77 7.54
N LEU B 823 3.48 8.21 6.91
CA LEU B 823 4.81 7.82 7.37
C LEU B 823 5.08 8.31 8.79
N GLU B 824 4.49 9.44 9.16
CA GLU B 824 4.61 9.95 10.52
C GLU B 824 4.03 8.97 11.53
N ALA B 825 2.78 8.53 11.30
CA ALA B 825 2.18 7.53 12.18
C ALA B 825 2.93 6.21 12.09
N LEU B 826 3.61 5.98 10.97
CA LEU B 826 4.35 4.73 10.79
C LEU B 826 5.63 4.71 11.62
N TRP B 827 6.30 5.86 11.78
CA TRP B 827 7.61 5.85 12.41
C TRP B 827 7.83 6.93 13.46
N LEU B 828 6.83 7.73 13.81
CA LEU B 828 7.03 8.84 14.75
C LEU B 828 6.09 8.82 15.94
N THR B 829 4.96 8.11 15.85
CA THR B 829 4.02 8.09 16.96
C THR B 829 4.63 7.45 18.20
N GLY B 830 4.19 7.91 19.36
CA GLY B 830 4.70 7.44 20.63
C GLY B 830 3.65 6.73 21.47
N ILE B 831 3.90 6.71 22.77
CA ILE B 831 3.03 6.03 23.74
C ILE B 831 2.32 7.05 24.61
N CYS B 832 3.00 8.15 24.94
CA CYS B 832 2.44 9.18 25.80
C CYS B 832 1.68 10.26 25.03
N HIS B 833 1.12 9.90 23.87
CA HIS B 833 0.30 10.83 23.10
C HIS B 833 -1.15 10.90 23.62
N ASN B 834 -1.40 10.42 24.83
CA ASN B 834 -2.73 10.42 25.41
C ASN B 834 -2.98 11.75 26.11
N GLU B 835 -4.06 11.82 26.89
CA GLU B 835 -4.44 13.06 27.56
C GLU B 835 -3.54 13.41 28.74
N LYS B 836 -2.64 12.50 29.14
CA LYS B 836 -1.72 12.71 30.25
C LYS B 836 -2.49 13.03 31.54
N ASN B 837 -3.19 12.00 32.02
CA ASN B 837 -4.00 12.11 33.23
C ASN B 837 -3.18 12.65 34.40
N GLU B 838 -3.72 13.68 35.05
CA GLU B 838 -3.04 14.35 36.16
C GLU B 838 -3.14 13.49 37.41
N VAL B 839 -2.05 12.77 37.69
CA VAL B 839 -1.96 11.95 38.90
C VAL B 839 -1.45 12.83 40.04
N MET B 840 -2.38 13.46 40.76
CA MET B 840 -2.04 14.41 41.82
C MET B 840 -1.92 13.72 43.18
N SER B 841 -1.08 12.68 43.25
CA SER B 841 -0.81 11.99 44.51
C SER B 841 0.36 12.69 45.21
N SER B 842 0.10 13.92 45.63
CA SER B 842 1.12 14.76 46.23
C SER B 842 0.81 14.98 47.71
N GLN B 843 1.61 15.83 48.37
CA GLN B 843 1.43 16.12 49.79
C GLN B 843 1.12 17.60 49.97
N LEU B 844 1.05 18.05 51.23
CA LEU B 844 0.82 19.45 51.55
C LEU B 844 1.91 19.91 52.52
N ASP B 845 2.99 20.45 51.97
CA ASP B 845 4.04 21.03 52.80
C ASP B 845 3.68 22.47 53.18
N ILE B 846 4.60 23.12 53.89
CA ILE B 846 4.38 24.51 54.28
C ILE B 846 4.27 25.40 53.05
N ASP B 847 5.03 25.11 51.99
CA ASP B 847 4.95 25.92 50.78
C ASP B 847 3.70 25.62 49.98
N ASN B 848 3.15 24.41 50.10
CA ASN B 848 1.95 24.05 49.35
C ASN B 848 0.70 24.70 49.94
N MET B 849 0.74 25.09 51.22
CA MET B 849 -0.40 25.70 51.87
C MET B 849 0.11 26.66 52.94
N ALA B 850 0.08 27.95 52.64
CA ALA B 850 0.55 28.97 53.58
C ALA B 850 -0.47 30.11 53.70
N GLY B 851 -1.45 30.13 52.80
CA GLY B 851 -2.45 31.18 52.84
C GLY B 851 -3.31 31.13 54.09
N VAL B 852 -3.58 29.93 54.60
CA VAL B 852 -4.37 29.79 55.83
C VAL B 852 -3.61 30.38 57.01
N PHE B 853 -2.31 30.09 57.09
CA PHE B 853 -1.49 30.66 58.15
C PHE B 853 -1.35 32.17 57.99
N TYR B 854 -1.29 32.66 56.75
CA TYR B 854 -1.27 34.10 56.51
C TYR B 854 -2.56 34.75 57.02
N MET B 855 -3.68 34.09 56.77
CA MET B 855 -4.91 34.72 57.28
C MET B 855 -4.93 34.65 58.79
N LEU B 856 -4.45 33.56 59.36
CA LEU B 856 -4.43 33.47 60.82
C LEU B 856 -3.57 34.60 61.42
N GLY B 857 -2.43 34.87 60.79
CA GLY B 857 -1.60 35.97 61.25
C GLY B 857 -2.28 37.33 61.08
N ALA B 858 -2.98 37.51 59.97
CA ALA B 858 -3.74 38.74 59.75
C ALA B 858 -4.83 38.89 60.80
N ALA B 859 -5.47 37.79 61.18
CA ALA B 859 -6.49 37.83 62.22
C ALA B 859 -5.88 38.14 63.58
N MET B 860 -4.68 37.61 63.86
CA MET B 860 -3.99 37.95 65.10
C MET B 860 -3.68 39.44 65.14
N ALA B 861 -3.20 40.00 64.03
CA ALA B 861 -2.93 41.44 63.97
C ALA B 861 -4.21 42.24 64.14
N LEU B 862 -5.31 41.79 63.53
CA LEU B 862 -6.59 42.48 63.67
C LEU B 862 -7.09 42.44 65.10
N SER B 863 -6.89 41.32 65.80
CA SER B 863 -7.28 41.24 67.20
C SER B 863 -6.41 42.16 68.06
N LEU B 864 -5.12 42.21 67.76
CA LEU B 864 -4.21 43.07 68.53
C LEU B 864 -4.56 44.54 68.36
N ILE B 865 -4.73 45.00 67.13
CA ILE B 865 -5.09 46.45 67.02
C ILE B 865 -6.45 46.72 67.64
N THR B 866 -7.43 45.81 67.49
CA THR B 866 -8.71 46.09 68.13
C THR B 866 -8.57 46.17 69.65
N PHE B 867 -7.74 45.31 70.25
CA PHE B 867 -7.46 45.40 71.67
C PHE B 867 -6.82 46.75 72.02
N ILE B 868 -5.86 47.18 71.21
CA ILE B 868 -5.21 48.47 71.45
C ILE B 868 -6.22 49.61 71.31
N SER B 869 -7.09 49.53 70.29
CA SER B 869 -8.08 50.57 70.07
C SER B 869 -9.05 50.65 71.25
N GLU B 870 -9.47 49.50 71.77
CA GLU B 870 -10.37 49.49 72.91
C GLU B 870 -9.68 50.04 74.17
N HIS B 871 -8.43 49.65 74.40
CA HIS B 871 -7.70 50.12 75.56
C HIS B 871 -7.50 51.64 75.49
N LEU B 872 -7.31 52.17 74.29
CA LEU B 872 -7.20 53.62 74.12
C LEU B 872 -8.56 54.29 74.27
N PHE B 873 -9.63 53.62 73.83
CA PHE B 873 -10.97 54.17 73.96
C PHE B 873 -11.39 54.29 75.41
N TYR B 874 -10.94 53.37 76.27
CA TYR B 874 -11.34 53.63 77.66
C TYR B 874 -10.64 54.90 78.13
N TRP B 875 -9.37 55.02 77.78
CA TRP B 875 -8.63 56.17 78.28
C TRP B 875 -9.18 57.47 77.70
N LYS C 25 19.71 6.42 -72.69
CA LYS C 25 18.62 7.29 -73.09
C LYS C 25 18.95 8.76 -72.81
N ILE C 26 17.99 9.64 -73.07
CA ILE C 26 18.14 11.07 -72.87
C ILE C 26 17.18 11.53 -71.80
N VAL C 27 17.68 12.23 -70.79
CA VAL C 27 16.87 12.77 -69.71
C VAL C 27 16.81 14.29 -69.94
N ASN C 28 15.77 14.73 -70.64
CA ASN C 28 15.59 16.16 -70.94
C ASN C 28 15.08 16.85 -69.68
N ILE C 29 15.94 17.61 -69.02
CA ILE C 29 15.57 18.28 -67.79
C ILE C 29 14.72 19.51 -68.11
N GLY C 30 13.50 19.54 -67.59
CA GLY C 30 12.67 20.71 -67.76
C GLY C 30 13.05 21.79 -66.75
N ALA C 31 13.22 23.01 -67.26
CA ALA C 31 13.68 24.12 -66.44
C ALA C 31 12.85 25.36 -66.73
N VAL C 32 12.59 26.14 -65.69
CA VAL C 32 11.92 27.42 -65.79
C VAL C 32 12.88 28.51 -65.32
N LEU C 33 13.03 29.55 -66.14
CA LEU C 33 13.96 30.62 -65.85
C LEU C 33 13.24 31.96 -65.93
N SER C 34 13.71 32.91 -65.11
CA SER C 34 13.11 34.24 -65.10
C SER C 34 13.61 35.09 -66.26
N THR C 35 14.83 34.87 -66.71
CA THR C 35 15.45 35.64 -67.79
C THR C 35 15.95 34.68 -68.85
N ARG C 36 15.82 35.08 -70.13
CA ARG C 36 16.28 34.24 -71.22
C ARG C 36 17.80 34.13 -71.22
N LYS C 37 18.51 35.15 -70.73
CA LYS C 37 19.96 35.06 -70.62
C LYS C 37 20.38 33.94 -69.68
N HIS C 38 19.70 33.82 -68.54
CA HIS C 38 19.96 32.70 -67.64
C HIS C 38 19.51 31.37 -68.24
N GLU C 39 18.51 31.38 -69.14
CA GLU C 39 18.15 30.16 -69.83
C GLU C 39 19.27 29.69 -70.75
N GLN C 40 19.87 30.63 -71.50
CA GLN C 40 21.01 30.27 -72.34
C GLN C 40 22.20 29.86 -71.50
N MET C 41 22.39 30.50 -70.33
CA MET C 41 23.46 30.10 -69.43
C MET C 41 23.24 28.67 -68.92
N PHE C 42 22.01 28.31 -68.56
CA PHE C 42 21.72 26.95 -68.14
C PHE C 42 21.88 25.96 -69.28
N ARG C 43 21.54 26.36 -70.51
CA ARG C 43 21.78 25.50 -71.66
C ARG C 43 23.27 25.22 -71.84
N GLU C 44 24.10 26.27 -71.75
CA GLU C 44 25.54 26.08 -71.83
C GLU C 44 26.05 25.22 -70.68
N ALA C 45 25.48 25.39 -69.48
CA ALA C 45 25.90 24.62 -68.33
C ALA C 45 25.58 23.14 -68.50
N VAL C 46 24.39 22.82 -69.01
CA VAL C 46 24.05 21.41 -69.21
C VAL C 46 24.84 20.84 -70.39
N ASN C 47 25.16 21.65 -71.39
CA ASN C 47 26.02 21.19 -72.47
C ASN C 47 27.41 20.84 -71.95
N GLN C 48 27.93 21.64 -71.01
CA GLN C 48 29.23 21.36 -70.43
C GLN C 48 29.17 20.16 -69.49
N ALA C 49 28.06 19.99 -68.76
CA ALA C 49 27.92 18.89 -67.82
C ALA C 49 27.60 17.56 -68.50
N ASN C 50 27.17 17.60 -69.76
CA ASN C 50 26.93 16.37 -70.51
C ASN C 50 28.17 15.49 -70.60
N LYS C 51 29.37 16.08 -70.50
CA LYS C 51 30.58 15.27 -70.49
C LYS C 51 30.70 14.41 -69.24
N ARG C 52 30.13 14.88 -68.13
CA ARG C 52 30.14 14.15 -66.85
C ARG C 52 31.56 13.79 -66.41
N ILE C 58 24.32 7.35 -70.50
CA ILE C 58 23.14 8.10 -70.90
C ILE C 58 23.45 9.59 -70.96
N GLN C 59 22.77 10.29 -71.85
CA GLN C 59 22.94 11.73 -72.03
C GLN C 59 21.73 12.47 -71.49
N LEU C 60 21.79 13.80 -71.52
CA LEU C 60 20.72 14.65 -71.03
C LEU C 60 20.48 15.79 -71.99
N GLN C 61 19.22 16.18 -72.13
CA GLN C 61 18.82 17.32 -72.95
C GLN C 61 18.34 18.45 -72.04
N ALA C 62 17.84 19.52 -72.66
CA ALA C 62 17.41 20.69 -71.90
C ALA C 62 16.07 21.18 -72.44
N THR C 63 15.12 21.38 -71.53
CA THR C 63 13.81 21.95 -71.85
C THR C 63 13.62 23.21 -71.02
N SER C 64 13.51 24.36 -71.68
CA SER C 64 13.44 25.65 -71.02
C SER C 64 12.12 26.33 -71.34
N VAL C 65 11.64 27.14 -70.39
CA VAL C 65 10.41 27.90 -70.56
C VAL C 65 10.48 29.12 -69.64
N THR C 66 10.04 30.26 -70.16
CA THR C 66 10.08 31.50 -69.40
C THR C 66 8.96 31.51 -68.37
N HIS C 67 9.08 32.40 -67.38
CA HIS C 67 8.09 32.50 -66.32
C HIS C 67 6.86 33.27 -66.81
N LYS C 68 5.74 33.05 -66.11
CA LYS C 68 4.47 33.68 -66.43
C LYS C 68 4.11 34.72 -65.38
N PRO C 69 3.34 35.75 -65.76
CA PRO C 69 2.95 36.76 -64.77
C PRO C 69 1.97 36.25 -63.73
N ASN C 70 1.22 35.18 -64.04
CA ASN C 70 0.25 34.63 -63.11
C ASN C 70 0.52 33.14 -62.92
N ALA C 71 -0.10 32.56 -61.89
CA ALA C 71 0.09 31.15 -61.60
C ALA C 71 -0.70 30.25 -62.54
N ILE C 72 -1.77 30.77 -63.17
CA ILE C 72 -2.56 29.97 -64.09
C ILE C 72 -1.77 29.68 -65.36
N GLN C 73 -1.23 30.73 -66.00
CA GLN C 73 -0.43 30.53 -67.19
C GLN C 73 0.83 29.74 -66.90
N MET C 74 1.44 29.96 -65.73
CA MET C 74 2.63 29.22 -65.34
C MET C 74 2.33 27.73 -65.20
N ALA C 75 1.24 27.39 -64.51
CA ALA C 75 0.85 26.00 -64.37
C ALA C 75 0.50 25.38 -65.72
N LEU C 76 -0.17 26.14 -66.59
CA LEU C 76 -0.50 25.62 -67.92
C LEU C 76 0.75 25.34 -68.73
N SER C 77 1.75 26.24 -68.64
CA SER C 77 2.99 26.02 -69.37
C SER C 77 3.79 24.85 -68.80
N VAL C 78 3.75 24.66 -67.48
CA VAL C 78 4.45 23.53 -66.87
C VAL C 78 3.78 22.22 -67.28
N CYS C 79 2.45 22.22 -67.32
CA CYS C 79 1.72 21.07 -67.84
C CYS C 79 2.07 20.82 -69.30
N GLU C 80 2.25 21.88 -70.09
CA GLU C 80 2.73 21.73 -71.46
C GLU C 80 4.19 21.28 -71.47
N ASP C 81 4.97 21.72 -70.47
CA ASP C 81 6.34 21.26 -70.34
C ASP C 81 6.40 19.85 -69.77
N LEU C 82 5.34 19.38 -69.13
CA LEU C 82 5.33 18.04 -68.57
C LEU C 82 5.00 16.99 -69.65
N ILE C 83 4.06 17.31 -70.54
CA ILE C 83 3.69 16.36 -71.58
C ILE C 83 4.84 16.14 -72.56
N SER C 84 5.82 17.04 -72.57
CA SER C 84 6.95 16.90 -73.49
C SER C 84 7.91 15.80 -73.02
N SER C 85 8.53 15.99 -71.85
CA SER C 85 9.51 15.04 -71.34
C SER C 85 9.08 14.38 -70.04
N GLN C 86 8.76 15.17 -69.01
CA GLN C 86 8.35 14.68 -67.69
C GLN C 86 9.41 13.80 -67.04
N VAL C 87 10.65 13.88 -67.51
CA VAL C 87 11.76 13.11 -66.93
C VAL C 87 12.80 14.12 -66.48
N TYR C 88 12.67 14.60 -65.24
CA TYR C 88 13.52 15.68 -64.75
C TYR C 88 13.33 15.93 -63.26
N ALA C 89 14.13 16.85 -62.72
CA ALA C 89 13.95 17.40 -61.38
C ALA C 89 13.83 18.91 -61.54
N ILE C 90 12.59 19.40 -61.56
CA ILE C 90 12.34 20.79 -61.92
C ILE C 90 13.00 21.73 -60.91
N LEU C 91 13.77 22.68 -61.43
CA LEU C 91 14.43 23.69 -60.61
C LEU C 91 13.81 25.05 -60.86
N VAL C 92 14.04 25.97 -59.93
CA VAL C 92 13.48 27.31 -59.96
C VAL C 92 14.45 28.26 -59.27
N SER C 93 14.33 29.55 -59.59
CA SER C 93 15.17 30.59 -59.00
C SER C 93 14.28 31.74 -58.56
N HIS C 94 14.91 32.78 -58.00
CA HIS C 94 14.15 33.92 -57.52
C HIS C 94 13.93 34.94 -58.63
N PRO C 95 12.70 35.38 -58.83
CA PRO C 95 12.45 36.45 -59.80
C PRO C 95 12.90 37.79 -59.25
N PRO C 96 12.97 38.84 -60.08
CA PRO C 96 13.33 40.16 -59.55
C PRO C 96 12.36 40.67 -58.50
N THR C 97 11.12 40.20 -58.50
CA THR C 97 10.18 40.58 -57.47
C THR C 97 10.58 39.94 -56.14
N PRO C 98 10.39 40.63 -55.01
CA PRO C 98 10.80 40.06 -53.71
C PRO C 98 9.91 38.96 -53.19
N ASN C 99 8.86 38.57 -53.93
CA ASN C 99 7.99 37.49 -53.48
C ASN C 99 8.75 36.17 -53.41
N ASP C 100 9.26 35.71 -54.56
CA ASP C 100 10.03 34.47 -54.70
C ASP C 100 9.27 33.23 -54.24
N HIS C 101 7.96 33.33 -54.05
CA HIS C 101 7.14 32.18 -53.66
C HIS C 101 5.98 31.93 -54.60
N PHE C 102 5.36 32.99 -55.13
CA PHE C 102 4.18 32.82 -55.97
C PHE C 102 4.54 32.15 -57.30
N THR C 103 5.77 32.28 -57.76
CA THR C 103 6.21 31.59 -58.97
C THR C 103 6.62 30.14 -58.70
N PRO C 104 7.45 29.85 -57.66
CA PRO C 104 7.85 28.45 -57.44
C PRO C 104 6.78 27.58 -56.80
N THR C 105 5.73 28.18 -56.23
CA THR C 105 4.71 27.38 -55.56
C THR C 105 3.86 26.55 -56.51
N PRO C 106 3.31 27.08 -57.60
CA PRO C 106 2.45 26.25 -58.45
C PRO C 106 3.20 25.13 -59.17
N VAL C 107 4.45 25.36 -59.56
CA VAL C 107 5.22 24.29 -60.18
C VAL C 107 5.49 23.17 -59.17
N SER C 108 5.74 23.53 -57.90
CA SER C 108 5.91 22.52 -56.88
C SER C 108 4.61 21.77 -56.61
N TYR C 109 3.47 22.46 -56.68
CA TYR C 109 2.18 21.80 -56.47
C TYR C 109 1.90 20.81 -57.60
N THR C 110 2.08 21.25 -58.85
CA THR C 110 1.80 20.36 -59.97
C THR C 110 2.85 19.25 -60.09
N ALA C 111 4.01 19.43 -59.47
CA ALA C 111 4.98 18.34 -59.40
C ALA C 111 4.58 17.33 -58.34
N GLY C 112 4.24 17.80 -57.14
CA GLY C 112 3.80 16.93 -56.06
C GLY C 112 2.49 16.23 -56.33
N PHE C 113 1.69 16.75 -57.28
CA PHE C 113 0.49 16.04 -57.70
C PHE C 113 0.83 14.62 -58.17
N TYR C 114 1.97 14.46 -58.84
CA TYR C 114 2.45 13.15 -59.27
C TYR C 114 3.68 12.71 -58.49
N ARG C 115 3.91 13.30 -57.31
CA ARG C 115 5.05 12.97 -56.46
C ARG C 115 6.38 13.22 -57.18
N ILE C 116 6.45 14.34 -57.88
CA ILE C 116 7.67 14.72 -58.61
C ILE C 116 8.45 15.72 -57.77
N PRO C 117 9.75 15.53 -57.56
CA PRO C 117 10.53 16.48 -56.76
C PRO C 117 10.69 17.81 -57.48
N VAL C 118 10.98 18.85 -56.69
CA VAL C 118 11.23 20.19 -57.19
C VAL C 118 12.47 20.74 -56.53
N LEU C 119 13.25 21.51 -57.29
CA LEU C 119 14.51 22.06 -56.82
C LEU C 119 14.40 23.57 -56.68
N GLY C 120 15.01 24.11 -55.63
CA GLY C 120 15.02 25.55 -55.41
C GLY C 120 16.42 26.11 -55.27
N LEU C 121 16.70 27.21 -55.98
CA LEU C 121 18.02 27.83 -55.97
C LEU C 121 18.09 29.01 -55.02
N THR C 122 17.23 30.01 -55.23
CA THR C 122 17.22 31.21 -54.40
C THR C 122 15.78 31.55 -54.06
N THR C 123 15.48 31.63 -52.76
CA THR C 123 14.16 31.98 -52.25
C THR C 123 14.25 32.09 -50.74
N ARG C 124 13.18 32.59 -50.13
CA ARG C 124 13.07 32.61 -48.67
C ARG C 124 12.67 31.23 -48.18
N MET C 125 13.66 30.42 -47.78
CA MET C 125 13.42 29.04 -47.41
C MET C 125 12.72 28.90 -46.07
N SER C 126 12.35 30.03 -45.45
CA SER C 126 11.65 29.98 -44.18
C SER C 126 10.27 29.34 -44.35
N ILE C 127 9.46 29.86 -45.27
CA ILE C 127 8.14 29.30 -45.50
C ILE C 127 8.23 28.06 -46.39
N TYR C 128 9.26 27.97 -47.22
CA TYR C 128 9.38 26.83 -48.13
C TYR C 128 9.83 25.56 -47.43
N SER C 129 10.36 25.65 -46.21
CA SER C 129 10.81 24.48 -45.48
C SER C 129 9.63 23.72 -44.89
N ASP C 130 8.93 22.96 -45.72
CA ASP C 130 7.76 22.19 -45.28
C ASP C 130 7.73 20.89 -46.07
N LYS C 131 7.98 19.77 -45.39
CA LYS C 131 7.92 18.47 -46.05
C LYS C 131 6.50 18.12 -46.45
N SER C 132 5.51 18.64 -45.73
CA SER C 132 4.12 18.35 -46.05
C SER C 132 3.65 19.17 -47.25
N ILE C 133 3.89 20.49 -47.21
CA ILE C 133 3.49 21.35 -48.32
C ILE C 133 4.29 21.02 -49.57
N HIS C 134 5.62 21.14 -49.49
CA HIS C 134 6.51 20.78 -50.57
C HIS C 134 6.88 19.30 -50.44
N LEU C 135 6.50 18.49 -51.43
CA LEU C 135 6.77 17.05 -51.41
C LEU C 135 8.26 16.78 -51.28
N SER C 136 9.04 17.22 -52.26
CA SER C 136 10.50 17.09 -52.22
C SER C 136 11.11 18.39 -52.70
N PHE C 137 11.83 19.08 -51.80
CA PHE C 137 12.38 20.39 -52.12
C PHE C 137 13.77 20.49 -51.51
N LEU C 138 14.73 20.92 -52.33
CA LEU C 138 16.11 21.11 -51.91
C LEU C 138 16.46 22.58 -52.10
N ARG C 139 16.61 23.31 -50.98
CA ARG C 139 16.90 24.74 -51.01
C ARG C 139 18.40 24.93 -51.01
N THR C 140 18.93 25.60 -52.04
CA THR C 140 20.35 25.90 -52.09
C THR C 140 20.74 26.91 -51.01
N VAL C 141 19.88 27.91 -50.80
CA VAL C 141 20.12 28.93 -49.77
C VAL C 141 19.40 28.49 -48.50
N PRO C 142 20.09 28.42 -47.36
CA PRO C 142 19.42 27.99 -46.14
C PRO C 142 18.51 29.07 -45.61
N PRO C 143 17.47 28.72 -44.84
CA PRO C 143 16.58 29.73 -44.28
C PRO C 143 17.20 30.48 -43.12
N TYR C 144 16.42 31.34 -42.47
CA TYR C 144 16.91 32.13 -41.34
C TYR C 144 17.17 31.29 -40.10
N SER C 145 16.85 29.99 -40.13
CA SER C 145 17.24 29.09 -39.05
C SER C 145 18.75 29.05 -38.94
N HIS C 146 19.44 29.10 -40.09
CA HIS C 146 20.89 29.21 -40.08
C HIS C 146 21.34 30.51 -39.43
N GLN C 147 20.59 31.59 -39.65
CA GLN C 147 20.91 32.86 -39.00
C GLN C 147 20.75 32.76 -37.48
N SER C 148 19.69 32.10 -37.02
CA SER C 148 19.53 31.88 -35.59
C SER C 148 20.65 31.03 -35.03
N SER C 149 21.07 30.01 -35.80
CA SER C 149 22.16 29.14 -35.34
C SER C 149 23.48 29.91 -35.23
N VAL C 150 23.78 30.75 -36.22
CA VAL C 150 25.02 31.52 -36.15
C VAL C 150 24.93 32.59 -35.07
N TRP C 151 23.73 33.11 -34.79
CA TRP C 151 23.56 34.03 -33.66
C TRP C 151 23.85 33.32 -32.34
N PHE C 152 23.33 32.11 -32.18
CA PHE C 152 23.64 31.31 -30.99
C PHE C 152 25.14 31.04 -30.88
N GLU C 153 25.78 30.69 -31.99
CA GLU C 153 27.22 30.43 -32.01
C GLU C 153 28.00 31.66 -31.59
N MET C 154 27.63 32.83 -32.13
CA MET C 154 28.32 34.06 -31.75
C MET C 154 28.08 34.41 -30.28
N MET C 155 26.86 34.19 -29.78
CA MET C 155 26.57 34.48 -28.38
C MET C 155 27.35 33.55 -27.46
N ARG C 156 27.65 32.33 -27.93
CA ARG C 156 28.44 31.40 -27.14
C ARG C 156 29.91 31.82 -27.07
N VAL C 157 30.32 32.86 -27.81
CA VAL C 157 31.72 33.26 -27.82
C VAL C 157 31.95 34.40 -26.83
N TYR C 158 31.13 35.45 -26.91
CA TYR C 158 31.31 36.65 -26.10
C TYR C 158 30.79 36.49 -24.68
N ASN C 159 30.48 35.27 -24.26
CA ASN C 159 30.06 34.93 -22.90
C ASN C 159 28.79 35.66 -22.47
N TRP C 160 28.03 36.23 -23.40
CA TRP C 160 26.79 36.88 -23.04
C TRP C 160 25.73 35.83 -22.72
N ASN C 161 25.18 35.92 -21.50
CA ASN C 161 24.28 34.89 -20.99
C ASN C 161 22.83 35.33 -20.93
N HIS C 162 22.50 36.51 -21.46
CA HIS C 162 21.12 36.99 -21.44
C HIS C 162 20.87 37.78 -22.72
N ILE C 163 19.79 37.45 -23.43
CA ILE C 163 19.46 38.08 -24.70
C ILE C 163 17.99 38.48 -24.68
N ILE C 164 17.70 39.69 -25.16
CA ILE C 164 16.32 40.18 -25.26
C ILE C 164 15.92 40.02 -26.73
N LEU C 165 15.23 38.92 -27.01
CA LEU C 165 14.80 38.62 -28.36
C LEU C 165 13.37 39.09 -28.60
N LEU C 166 13.07 39.39 -29.86
CA LEU C 166 11.75 39.83 -30.28
C LEU C 166 11.59 39.59 -31.76
N VAL C 167 10.38 39.25 -32.18
CA VAL C 167 10.05 38.97 -33.57
C VAL C 167 8.75 39.68 -33.93
N SER C 168 8.57 39.92 -35.22
CA SER C 168 7.38 40.58 -35.73
C SER C 168 6.59 39.71 -36.69
N ASP C 169 7.26 39.07 -37.65
CA ASP C 169 6.57 38.21 -38.61
C ASP C 169 6.03 36.97 -37.89
N ASP C 170 4.80 36.58 -38.22
CA ASP C 170 4.17 35.43 -37.60
C ASP C 170 4.91 34.14 -37.92
N HIS C 171 4.90 33.75 -39.19
CA HIS C 171 5.45 32.45 -39.60
C HIS C 171 6.96 32.38 -39.45
N GLU C 172 7.67 33.29 -40.13
CA GLU C 172 9.13 33.25 -40.08
C GLU C 172 9.65 33.52 -38.68
N GLY C 173 9.04 34.48 -37.98
CA GLY C 173 9.42 34.78 -36.62
C GLY C 173 9.20 33.62 -35.67
N ARG C 174 8.04 32.95 -35.80
CA ARG C 174 7.77 31.79 -34.95
C ARG C 174 8.74 30.66 -35.25
N ALA C 175 9.07 30.45 -36.53
CA ALA C 175 10.02 29.40 -36.89
C ALA C 175 11.40 29.70 -36.32
N ALA C 176 11.84 30.96 -36.43
CA ALA C 176 13.13 31.35 -35.89
C ALA C 176 13.17 31.20 -34.38
N GLN C 177 12.08 31.57 -33.70
CA GLN C 177 12.02 31.44 -32.25
C GLN C 177 12.02 29.98 -31.83
N LYS C 178 11.33 29.12 -32.59
CA LYS C 178 11.33 27.70 -32.27
C LYS C 178 12.71 27.09 -32.47
N ARG C 179 13.40 27.47 -33.55
CA ARG C 179 14.75 26.98 -33.78
C ARG C 179 15.70 27.46 -32.67
N LEU C 180 15.55 28.72 -32.25
CA LEU C 180 16.38 29.25 -31.19
C LEU C 180 16.13 28.51 -29.88
N GLU C 181 14.87 28.25 -29.56
CA GLU C 181 14.54 27.51 -28.34
C GLU C 181 15.07 26.09 -28.39
N THR C 182 14.99 25.45 -29.56
CA THR C 182 15.53 24.10 -29.70
C THR C 182 17.04 24.09 -29.52
N LEU C 183 17.73 25.09 -30.07
CA LEU C 183 19.17 25.19 -29.86
C LEU C 183 19.52 25.45 -28.40
N LEU C 184 18.69 26.26 -27.71
CA LEU C 184 18.96 26.56 -26.31
C LEU C 184 18.57 25.40 -25.40
N GLU C 185 17.77 24.46 -25.89
CA GLU C 185 17.33 23.32 -25.09
C GLU C 185 18.47 22.31 -24.90
N GLU C 186 19.65 22.61 -25.41
CA GLU C 186 20.80 21.72 -25.26
C GLU C 186 21.43 21.93 -23.89
N ARG C 187 22.59 21.33 -23.68
CA ARG C 187 23.33 21.41 -22.42
C ARG C 187 22.47 20.91 -21.26
N GLU C 188 21.98 19.69 -21.40
CA GLU C 188 21.14 19.07 -20.39
C GLU C 188 21.97 18.66 -19.17
N LYS C 207 29.58 27.57 -16.40
CA LYS C 207 28.97 28.89 -16.26
C LYS C 207 27.46 28.78 -16.10
N ARG C 208 26.77 29.92 -16.14
CA ARG C 208 25.32 29.92 -15.99
C ARG C 208 24.64 29.40 -17.25
N GLY C 209 25.09 29.84 -18.42
CA GLY C 209 24.52 29.43 -19.67
C GLY C 209 23.38 30.32 -20.12
N PRO C 210 23.44 30.80 -21.35
CA PRO C 210 22.38 31.69 -21.87
C PRO C 210 21.09 30.93 -22.17
N LYS C 211 20.08 31.05 -21.30
CA LYS C 211 18.80 30.38 -21.53
C LYS C 211 17.81 31.32 -22.22
N ALA C 212 17.48 32.43 -21.56
CA ALA C 212 16.51 33.40 -22.08
C ALA C 212 16.39 34.59 -21.14
N GLU C 213 15.86 35.71 -21.66
CA GLU C 213 15.48 36.85 -20.83
C GLU C 213 13.99 37.15 -20.94
N LYS C 214 13.47 37.40 -22.13
CA LYS C 214 12.05 37.68 -22.31
C LYS C 214 11.72 37.55 -23.79
N VAL C 215 10.81 36.65 -24.13
CA VAL C 215 10.36 36.51 -25.51
C VAL C 215 9.24 37.51 -25.78
N LEU C 216 9.26 38.12 -26.96
CA LEU C 216 8.29 39.14 -27.33
C LEU C 216 7.90 38.97 -28.79
N GLN C 217 6.59 39.07 -29.06
CA GLN C 217 6.08 39.08 -30.42
C GLN C 217 5.46 40.45 -30.73
N PHE C 218 5.34 40.75 -32.02
CA PHE C 218 4.82 42.04 -32.46
C PHE C 218 4.15 41.85 -33.81
N ASP C 219 3.81 42.95 -34.46
CA ASP C 219 3.15 42.96 -35.76
C ASP C 219 4.04 43.64 -36.79
N PRO C 220 3.94 43.24 -38.06
CA PRO C 220 4.77 43.87 -39.10
C PRO C 220 4.29 45.24 -39.53
N GLY C 221 3.10 45.66 -39.13
CA GLY C 221 2.58 46.96 -39.54
C GLY C 221 2.34 47.92 -38.40
N THR C 222 2.80 47.57 -37.21
CA THR C 222 2.60 48.41 -36.04
C THR C 222 3.50 49.65 -36.10
N LYS C 223 3.12 50.66 -35.31
CA LYS C 223 3.91 51.89 -35.23
C LYS C 223 4.16 52.32 -33.79
N ASN C 224 3.84 51.47 -32.80
CA ASN C 224 4.01 51.81 -31.40
C ASN C 224 4.75 50.71 -30.65
N VAL C 225 5.87 50.24 -31.19
CA VAL C 225 6.67 49.18 -30.58
C VAL C 225 7.35 49.72 -29.32
N THR C 226 7.23 51.03 -29.09
CA THR C 226 7.80 51.62 -27.89
C THR C 226 7.22 51.02 -26.61
N ALA C 227 5.98 50.51 -26.68
CA ALA C 227 5.39 49.83 -25.54
C ALA C 227 6.23 48.64 -25.12
N LEU C 228 6.62 47.80 -26.08
CA LEU C 228 7.47 46.65 -25.77
C LEU C 228 8.90 47.09 -25.47
N LEU C 229 9.37 48.15 -26.15
CA LEU C 229 10.73 48.63 -25.93
C LEU C 229 10.93 49.19 -24.53
N MET C 230 9.89 49.75 -23.91
CA MET C 230 9.99 50.23 -22.55
C MET C 230 10.25 49.07 -21.58
N GLU C 231 9.50 47.99 -21.72
CA GLU C 231 9.73 46.80 -20.89
C GLU C 231 11.09 46.19 -21.20
N ALA C 232 11.51 46.24 -22.46
CA ALA C 232 12.83 45.72 -22.83
C ALA C 232 13.93 46.48 -22.13
N ARG C 233 13.91 47.81 -22.24
CA ARG C 233 14.90 48.65 -21.56
C ARG C 233 14.78 48.57 -20.04
N GLU C 234 13.61 48.20 -19.52
CA GLU C 234 13.43 48.03 -18.10
C GLU C 234 14.05 46.73 -17.58
N LEU C 235 14.49 45.85 -18.46
CA LEU C 235 15.13 44.61 -18.06
C LEU C 235 16.60 44.89 -17.72
N GLU C 236 17.37 43.82 -17.53
CA GLU C 236 18.77 43.96 -17.08
C GLU C 236 19.74 43.98 -18.26
N ALA C 237 19.71 42.95 -19.10
CA ALA C 237 20.69 42.81 -20.16
C ALA C 237 20.39 43.73 -21.34
N ARG C 238 21.43 44.39 -21.83
CA ARG C 238 21.35 45.23 -23.03
C ARG C 238 21.79 44.45 -24.26
N VAL C 239 21.18 43.30 -24.51
CA VAL C 239 21.50 42.46 -25.67
C VAL C 239 20.17 42.21 -26.40
N ILE C 240 19.96 42.92 -27.51
CA ILE C 240 18.72 42.84 -28.26
C ILE C 240 18.98 42.13 -29.58
N ILE C 241 18.06 41.22 -29.93
CA ILE C 241 18.12 40.49 -31.20
C ILE C 241 16.72 40.51 -31.80
N LEU C 242 16.63 40.94 -33.06
CA LEU C 242 15.35 41.06 -33.75
C LEU C 242 15.45 40.43 -35.13
N SER C 243 14.30 39.96 -35.63
CA SER C 243 14.22 39.38 -36.97
C SER C 243 12.99 39.87 -37.72
N ALA C 244 12.68 41.15 -37.64
CA ALA C 244 11.47 41.70 -38.22
C ALA C 244 11.65 41.91 -39.72
N SER C 245 10.65 42.51 -40.36
CA SER C 245 10.70 42.80 -41.80
C SER C 245 11.46 44.11 -42.02
N GLU C 246 11.41 44.64 -43.24
CA GLU C 246 12.16 45.85 -43.56
C GLU C 246 11.54 47.09 -42.91
N ASP C 247 10.27 47.35 -43.21
CA ASP C 247 9.60 48.51 -42.63
C ASP C 247 9.46 48.35 -41.11
N ASP C 248 9.24 47.13 -40.65
CA ASP C 248 9.17 46.88 -39.21
C ASP C 248 10.51 47.19 -38.54
N ALA C 249 11.62 46.78 -39.16
CA ALA C 249 12.93 47.08 -38.60
C ALA C 249 13.21 48.58 -38.65
N ALA C 250 12.73 49.26 -39.70
CA ALA C 250 12.90 50.70 -39.77
C ALA C 250 12.16 51.40 -38.64
N THR C 251 10.92 50.97 -38.37
CA THR C 251 10.16 51.55 -37.28
C THR C 251 10.81 51.25 -35.93
N VAL C 252 11.36 50.04 -35.77
CA VAL C 252 12.04 49.69 -34.52
C VAL C 252 13.29 50.56 -34.34
N TYR C 253 14.02 50.80 -35.43
CA TYR C 253 15.20 51.65 -35.35
C TYR C 253 14.82 53.08 -35.00
N ARG C 254 13.73 53.58 -35.58
CA ARG C 254 13.27 54.92 -35.25
C ARG C 254 12.87 55.03 -33.78
N ALA C 255 12.16 54.02 -33.28
CA ALA C 255 11.73 54.02 -31.88
C ALA C 255 12.93 53.93 -30.94
N ALA C 256 13.94 53.13 -31.33
CA ALA C 256 15.15 53.03 -30.50
C ALA C 256 15.95 54.32 -30.52
N ALA C 257 16.00 55.01 -31.66
CA ALA C 257 16.66 56.30 -31.71
C ALA C 257 15.91 57.33 -30.87
N MET C 258 14.58 57.23 -30.82
CA MET C 258 13.81 58.07 -29.92
C MET C 258 14.08 57.72 -28.46
N LEU C 259 14.47 56.47 -28.19
CA LEU C 259 14.80 56.02 -26.84
C LEU C 259 16.29 56.02 -26.57
N ASP C 260 17.12 56.18 -27.59
CA ASP C 260 18.58 56.18 -27.47
C ASP C 260 19.08 54.87 -26.87
N MET C 261 18.72 53.77 -27.54
CA MET C 261 19.14 52.43 -27.13
C MET C 261 20.49 52.05 -27.71
N THR C 262 21.49 52.92 -27.49
CA THR C 262 22.83 52.66 -27.98
C THR C 262 23.92 53.11 -27.02
N GLY C 263 23.63 53.22 -25.72
CA GLY C 263 24.59 53.76 -24.78
C GLY C 263 25.75 52.84 -24.44
N SER C 264 26.50 52.43 -25.48
CA SER C 264 27.74 51.68 -25.32
C SER C 264 27.54 50.31 -24.68
N GLY C 265 26.29 49.92 -24.44
CA GLY C 265 25.99 48.64 -23.83
C GLY C 265 25.06 47.78 -24.64
N TYR C 266 24.26 48.43 -25.51
CA TYR C 266 23.26 47.72 -26.29
C TYR C 266 23.90 46.95 -27.45
N VAL C 267 24.05 45.63 -27.27
CA VAL C 267 24.56 44.79 -28.35
C VAL C 267 23.43 44.44 -29.31
N TRP C 268 23.71 44.53 -30.61
CA TRP C 268 22.72 44.32 -31.64
C TRP C 268 23.13 43.17 -32.55
N LEU C 269 22.15 42.33 -32.90
CA LEU C 269 22.33 41.27 -33.87
C LEU C 269 21.14 41.25 -34.80
N VAL C 270 21.36 41.62 -36.06
CA VAL C 270 20.27 41.82 -37.02
C VAL C 270 20.47 40.88 -38.20
N GLY C 271 19.37 40.36 -38.73
CA GLY C 271 19.43 39.49 -39.88
C GLY C 271 19.66 40.24 -41.19
N GLU C 272 19.76 39.46 -42.27
CA GLU C 272 20.01 40.06 -43.58
C GLU C 272 18.76 40.71 -44.14
N ARG C 273 17.59 40.40 -43.60
CA ARG C 273 16.33 40.93 -44.13
C ARG C 273 16.13 42.39 -43.72
N GLU C 274 17.04 42.94 -42.92
CA GLU C 274 16.91 44.30 -42.44
C GLU C 274 18.14 45.17 -42.67
N ILE C 275 19.11 44.69 -43.47
CA ILE C 275 20.33 45.46 -43.74
C ILE C 275 20.11 46.34 -44.97
N SER C 276 18.87 46.41 -45.45
CA SER C 276 18.58 47.21 -46.64
C SER C 276 18.77 48.69 -46.36
N GLY C 277 18.93 49.47 -47.43
CA GLY C 277 19.12 50.90 -47.30
C GLY C 277 17.92 51.63 -46.74
N ASN C 278 16.70 51.12 -46.99
CA ASN C 278 15.51 51.74 -46.40
C ASN C 278 15.57 51.70 -44.87
N ALA C 279 16.05 50.59 -44.32
CA ALA C 279 16.26 50.50 -42.88
C ALA C 279 17.50 51.27 -42.46
N LEU C 280 18.53 51.29 -43.30
CA LEU C 280 19.75 52.04 -43.00
C LEU C 280 19.49 53.54 -42.89
N ARG C 281 18.45 54.05 -43.55
CA ARG C 281 18.08 55.44 -43.39
C ARG C 281 17.68 55.77 -41.96
N TYR C 282 17.25 54.77 -41.19
CA TYR C 282 16.94 54.95 -39.77
C TYR C 282 17.82 54.11 -38.84
N ALA C 283 18.63 53.21 -39.36
CA ALA C 283 19.44 52.34 -38.52
C ALA C 283 20.65 53.09 -37.95
N PRO C 284 20.82 53.14 -36.63
CA PRO C 284 22.05 53.74 -36.08
C PRO C 284 23.26 52.86 -36.39
N ASP C 285 24.43 53.49 -36.45
CA ASP C 285 25.65 52.76 -36.76
C ASP C 285 26.04 51.86 -35.59
N GLY C 286 26.95 50.92 -35.87
CA GLY C 286 27.43 50.00 -34.86
C GLY C 286 26.69 48.69 -34.76
N ILE C 287 25.54 48.55 -35.43
CA ILE C 287 24.78 47.32 -35.37
C ILE C 287 25.51 46.23 -36.15
N ILE C 288 25.16 44.97 -35.92
CA ILE C 288 25.81 43.83 -36.55
C ILE C 288 24.81 43.21 -37.53
N GLY C 289 25.18 43.19 -38.81
CA GLY C 289 24.36 42.60 -39.84
C GLY C 289 24.95 41.28 -40.32
N LEU C 290 24.13 40.52 -41.04
CA LEU C 290 24.52 39.22 -41.57
C LEU C 290 24.34 39.21 -43.08
N GLN C 291 25.11 38.35 -43.75
CA GLN C 291 25.04 38.21 -45.19
C GLN C 291 25.65 36.86 -45.57
N LEU C 292 24.83 35.98 -46.13
CA LEU C 292 25.29 34.67 -46.54
C LEU C 292 26.09 34.74 -47.83
N ILE C 293 26.93 33.73 -48.05
CA ILE C 293 27.75 33.68 -49.26
C ILE C 293 26.87 33.34 -50.46
N ASN C 294 27.28 33.83 -51.63
CA ASN C 294 26.56 33.62 -52.88
C ASN C 294 25.11 34.09 -52.77
N GLY C 295 24.96 35.36 -52.38
CA GLY C 295 23.65 35.94 -52.21
C GLY C 295 22.90 36.13 -53.50
N LYS C 296 23.46 36.91 -54.42
CA LYS C 296 22.82 37.18 -55.71
C LYS C 296 23.51 36.49 -56.87
N ASN C 297 24.38 35.51 -56.60
CA ASN C 297 25.08 34.78 -57.65
C ASN C 297 24.12 33.77 -58.27
N GLU C 298 23.38 34.25 -59.28
CA GLU C 298 22.37 33.41 -59.93
C GLU C 298 23.03 32.36 -60.81
N SER C 299 24.03 32.77 -61.62
CA SER C 299 24.69 31.83 -62.51
C SER C 299 25.43 30.75 -61.73
N ALA C 300 26.08 31.12 -60.61
CA ALA C 300 26.75 30.13 -59.78
C ALA C 300 25.76 29.14 -59.19
N HIS C 301 24.59 29.64 -58.76
CA HIS C 301 23.57 28.75 -58.24
C HIS C 301 23.04 27.81 -59.32
N ILE C 302 22.89 28.31 -60.54
CA ILE C 302 22.43 27.45 -61.64
C ILE C 302 23.48 26.39 -61.96
N SER C 303 24.76 26.76 -61.91
CA SER C 303 25.82 25.79 -62.14
C SER C 303 25.82 24.71 -61.06
N ASP C 304 25.70 25.11 -59.80
CA ASP C 304 25.61 24.13 -58.71
C ASP C 304 24.39 23.25 -58.87
N ALA C 305 23.26 23.80 -59.32
CA ALA C 305 22.04 23.02 -59.48
C ALA C 305 22.20 22.00 -60.60
N VAL C 306 22.75 22.41 -61.75
CA VAL C 306 22.91 21.45 -62.84
C VAL C 306 23.93 20.38 -62.47
N GLY C 307 24.97 20.76 -61.71
CA GLY C 307 25.92 19.74 -61.25
C GLY C 307 25.28 18.73 -60.32
N VAL C 308 24.49 19.22 -59.36
CA VAL C 308 23.91 18.31 -58.38
C VAL C 308 22.84 17.42 -59.04
N VAL C 309 22.11 17.95 -60.03
CA VAL C 309 21.12 17.12 -60.68
C VAL C 309 21.79 16.13 -61.63
N ALA C 310 22.95 16.49 -62.20
CA ALA C 310 23.70 15.51 -62.98
C ALA C 310 24.20 14.37 -62.09
N GLN C 311 24.73 14.71 -60.91
CA GLN C 311 25.13 13.68 -59.97
C GLN C 311 23.94 12.82 -59.55
N ALA C 312 22.78 13.46 -59.35
CA ALA C 312 21.60 12.73 -58.91
C ALA C 312 21.11 11.77 -59.97
N VAL C 313 21.10 12.19 -61.23
CA VAL C 313 20.64 11.31 -62.30
C VAL C 313 21.65 10.19 -62.54
N HIS C 314 22.95 10.49 -62.39
CA HIS C 314 23.96 9.45 -62.50
C HIS C 314 23.82 8.42 -61.38
N GLU C 315 23.38 8.87 -60.20
CA GLU C 315 23.20 7.93 -59.08
C GLU C 315 21.90 7.14 -59.22
N LEU C 316 20.86 7.75 -59.80
CA LEU C 316 19.59 7.05 -59.90
C LEU C 316 19.58 6.07 -61.07
N LEU C 317 20.31 6.37 -62.15
CA LEU C 317 20.32 5.46 -63.28
C LEU C 317 21.14 4.19 -63.03
N GLU C 318 21.70 3.99 -61.84
CA GLU C 318 22.43 2.77 -61.56
C GLU C 318 21.58 1.75 -60.80
N LYS C 319 20.38 2.13 -60.40
CA LYS C 319 19.51 1.24 -59.65
C LYS C 319 18.95 0.15 -60.55
N GLU C 320 18.18 -0.77 -59.95
CA GLU C 320 17.59 -1.87 -60.71
C GLU C 320 16.30 -1.44 -61.39
N ASN C 321 15.31 -1.02 -60.60
CA ASN C 321 14.02 -0.62 -61.13
C ASN C 321 13.99 0.88 -61.37
N ILE C 322 13.68 1.26 -62.62
CA ILE C 322 13.59 2.66 -63.01
C ILE C 322 12.26 2.82 -63.75
N THR C 323 11.24 3.30 -63.04
CA THR C 323 9.93 3.57 -63.64
C THR C 323 9.87 5.05 -63.97
N ASP C 324 10.30 5.37 -65.19
CA ASP C 324 10.35 6.76 -65.63
C ASP C 324 8.95 7.37 -65.61
N PRO C 325 8.80 8.61 -65.17
CA PRO C 325 7.48 9.24 -65.13
C PRO C 325 6.89 9.37 -66.52
N PRO C 326 5.58 9.15 -66.67
CA PRO C 326 4.97 9.23 -67.99
C PRO C 326 5.01 10.66 -68.53
N ARG C 327 5.32 10.78 -69.83
CA ARG C 327 5.38 12.08 -70.46
C ARG C 327 3.98 12.63 -70.70
N GLY C 328 3.28 12.96 -69.63
CA GLY C 328 1.92 13.46 -69.73
C GLY C 328 1.42 14.08 -68.45
N CYS C 329 0.84 15.28 -68.55
CA CYS C 329 0.30 15.98 -67.41
C CYS C 329 -1.17 15.66 -67.15
N VAL C 330 -1.91 15.29 -68.20
CA VAL C 330 -3.32 14.93 -68.08
C VAL C 330 -3.43 13.42 -67.94
N GLY C 331 -4.40 12.97 -67.13
CA GLY C 331 -4.65 11.56 -66.92
C GLY C 331 -3.61 10.82 -66.12
N ASN C 332 -2.50 11.48 -65.73
CA ASN C 332 -1.45 10.83 -64.96
C ASN C 332 -1.74 10.93 -63.46
N THR C 333 -2.82 10.25 -63.05
CA THR C 333 -3.23 10.23 -61.66
C THR C 333 -2.67 8.98 -60.97
N ASN C 334 -1.35 8.97 -60.87
CA ASN C 334 -0.62 7.88 -60.25
C ASN C 334 0.64 8.44 -59.61
N ILE C 335 1.53 7.55 -59.14
CA ILE C 335 2.77 7.94 -58.50
C ILE C 335 3.92 7.28 -59.26
N TRP C 336 4.85 8.09 -59.74
CA TRP C 336 6.03 7.58 -60.44
C TRP C 336 6.98 6.97 -59.41
N LYS C 337 7.35 5.70 -59.61
CA LYS C 337 8.22 5.00 -58.67
C LYS C 337 9.60 5.62 -58.57
N THR C 338 10.02 6.40 -59.56
CA THR C 338 11.34 7.03 -59.49
C THR C 338 11.35 8.20 -58.50
N GLY C 339 10.18 8.69 -58.12
CA GLY C 339 10.08 9.83 -57.22
C GLY C 339 10.67 9.57 -55.84
N PRO C 340 10.06 8.65 -55.08
CA PRO C 340 10.55 8.37 -53.72
C PRO C 340 11.98 7.86 -53.69
N LEU C 341 12.30 6.92 -54.58
CA LEU C 341 13.66 6.38 -54.64
C LEU C 341 14.67 7.44 -55.02
N PHE C 342 14.32 8.32 -55.96
CA PHE C 342 15.21 9.40 -56.36
C PHE C 342 15.43 10.36 -55.20
N LYS C 343 14.37 10.70 -54.47
CA LYS C 343 14.52 11.57 -53.29
C LYS C 343 15.43 10.91 -52.25
N ARG C 344 15.23 9.61 -52.02
CA ARG C 344 16.02 8.91 -51.02
C ARG C 344 17.49 8.77 -51.41
N VAL C 345 17.79 8.65 -52.71
CA VAL C 345 19.17 8.48 -53.12
C VAL C 345 19.85 9.83 -53.28
N LEU C 346 19.07 10.89 -53.46
CA LEU C 346 19.68 12.23 -53.51
C LEU C 346 19.91 12.78 -52.12
N MET C 347 19.06 12.41 -51.15
CA MET C 347 19.20 12.93 -49.80
C MET C 347 20.16 12.13 -48.95
N SER C 348 20.38 10.85 -49.24
CA SER C 348 21.22 10.00 -48.41
C SER C 348 22.67 10.44 -48.40
N SER C 349 23.34 10.35 -49.55
CA SER C 349 24.78 10.63 -49.62
C SER C 349 25.21 11.48 -50.80
N LYS C 350 24.33 11.80 -51.75
CA LYS C 350 24.73 12.55 -52.93
C LYS C 350 25.25 13.93 -52.54
N TYR C 351 26.44 14.27 -53.05
CA TYR C 351 27.07 15.56 -52.78
C TYR C 351 28.00 15.88 -53.95
N ALA C 352 27.55 16.76 -54.83
CA ALA C 352 28.32 17.16 -56.00
C ALA C 352 29.01 18.49 -55.74
N ASP C 353 30.22 18.64 -56.27
CA ASP C 353 30.98 19.88 -56.10
C ASP C 353 30.33 21.01 -56.87
N GLY C 354 30.75 22.23 -56.57
CA GLY C 354 30.21 23.41 -57.22
C GLY C 354 30.75 24.72 -56.67
N VAL C 355 29.85 25.67 -56.41
CA VAL C 355 30.25 26.99 -55.92
C VAL C 355 30.01 27.15 -54.43
N THR C 356 29.12 26.36 -53.83
CA THR C 356 28.81 26.46 -52.42
C THR C 356 29.71 25.58 -51.55
N GLY C 357 30.90 25.24 -52.03
CA GLY C 357 31.81 24.41 -51.27
C GLY C 357 31.31 22.98 -51.14
N ARG C 358 31.64 22.37 -50.01
CA ARG C 358 31.21 21.00 -49.71
C ARG C 358 29.74 21.02 -49.30
N VAL C 359 28.87 21.06 -50.30
CA VAL C 359 27.43 21.10 -50.06
C VAL C 359 26.98 19.78 -49.45
N GLU C 360 26.03 19.86 -48.53
CA GLU C 360 25.48 18.67 -47.87
C GLU C 360 24.04 18.96 -47.48
N PHE C 361 23.16 18.01 -47.77
CA PHE C 361 21.73 18.16 -47.48
C PHE C 361 21.44 17.57 -46.10
N ASN C 362 21.04 18.43 -45.17
CA ASN C 362 20.63 17.95 -43.85
C ASN C 362 19.31 17.19 -43.95
N GLU C 363 18.84 16.72 -42.81
CA GLU C 363 17.59 15.96 -42.78
C GLU C 363 16.38 16.89 -42.74
N ASP C 364 16.36 17.87 -43.64
CA ASP C 364 15.22 18.76 -43.79
C ASP C 364 14.99 19.20 -45.23
N GLY C 365 15.80 18.74 -46.18
CA GLY C 365 15.70 19.22 -47.54
C GLY C 365 16.35 20.57 -47.77
N ASP C 366 17.41 20.87 -47.04
CA ASP C 366 18.11 22.15 -47.14
C ASP C 366 19.62 21.93 -47.16
N ARG C 367 20.32 22.77 -47.92
CA ARG C 367 21.78 22.70 -48.01
C ARG C 367 22.43 23.16 -46.71
N LYS C 368 23.20 22.28 -46.09
CA LYS C 368 23.88 22.60 -44.83
C LYS C 368 25.35 22.94 -45.08
N PHE C 369 26.02 23.36 -44.01
CA PHE C 369 27.43 23.72 -44.03
C PHE C 369 27.70 24.84 -45.02
N ALA C 370 27.00 25.95 -44.81
CA ALA C 370 27.14 27.14 -45.64
C ALA C 370 28.04 28.16 -44.96
N GLN C 371 28.46 29.15 -45.75
CA GLN C 371 29.32 30.22 -45.28
C GLN C 371 28.51 31.50 -45.10
N TYR C 372 28.82 32.23 -44.03
CA TYR C 372 28.09 33.46 -43.68
C TYR C 372 29.09 34.54 -43.32
N SER C 373 29.06 35.65 -44.05
CA SER C 373 29.95 36.77 -43.78
C SER C 373 29.41 37.58 -42.60
N ILE C 374 30.20 37.65 -41.52
CA ILE C 374 29.80 38.39 -40.33
C ILE C 374 30.14 39.86 -40.52
N MET C 375 29.19 40.63 -41.04
CA MET C 375 29.42 42.05 -41.29
C MET C 375 29.01 42.87 -40.07
N ASN C 376 29.21 44.19 -40.17
CA ASN C 376 28.86 45.10 -39.09
C ASN C 376 28.72 46.50 -39.66
N LEU C 377 28.08 47.37 -38.89
CA LEU C 377 27.84 48.75 -39.31
C LEU C 377 28.93 49.66 -38.74
N GLN C 378 30.16 49.45 -39.20
CA GLN C 378 31.30 50.24 -38.79
C GLN C 378 31.29 51.57 -39.54
N ASN C 379 30.48 52.50 -39.03
CA ASN C 379 30.31 53.83 -39.61
C ASN C 379 29.81 53.73 -41.06
N ARG C 380 28.64 53.13 -41.21
CA ARG C 380 27.97 52.95 -42.50
C ARG C 380 28.82 52.17 -43.51
N LYS C 381 29.71 51.30 -43.02
CA LYS C 381 30.57 50.49 -43.86
C LYS C 381 30.36 49.03 -43.49
N LEU C 382 29.76 48.25 -44.38
CA LEU C 382 29.49 46.84 -44.12
C LEU C 382 30.76 46.00 -44.26
N VAL C 383 31.69 46.17 -43.33
CA VAL C 383 32.94 45.42 -43.34
C VAL C 383 32.71 44.08 -42.64
N GLN C 384 33.24 43.01 -43.23
CA GLN C 384 33.06 41.66 -42.69
C GLN C 384 34.06 41.44 -41.57
N VAL C 385 33.58 41.47 -40.33
CA VAL C 385 34.44 41.21 -39.18
C VAL C 385 34.85 39.74 -39.07
N GLY C 386 34.16 38.85 -39.77
CA GLY C 386 34.52 37.45 -39.75
C GLY C 386 33.69 36.67 -40.74
N ILE C 387 34.06 35.40 -40.89
CA ILE C 387 33.38 34.48 -41.80
C ILE C 387 33.09 33.19 -41.06
N TYR C 388 31.82 32.82 -40.99
CA TYR C 388 31.38 31.62 -40.31
C TYR C 388 30.97 30.58 -41.35
N ASN C 389 31.57 29.40 -41.28
CA ASN C 389 31.28 28.32 -42.21
C ASN C 389 31.31 27.00 -41.45
N GLY C 390 30.21 26.27 -41.50
CA GLY C 390 30.11 25.03 -40.74
C GLY C 390 30.14 25.26 -39.25
N THR C 391 31.26 24.89 -38.61
CA THR C 391 31.45 25.10 -37.19
C THR C 391 32.64 26.00 -36.86
N HIS C 392 33.42 26.39 -37.87
CA HIS C 392 34.63 27.19 -37.65
C HIS C 392 34.24 28.66 -37.44
N VAL C 393 34.36 29.13 -36.21
CA VAL C 393 34.16 30.55 -35.92
C VAL C 393 35.46 31.28 -36.20
N ILE C 394 35.55 31.92 -37.36
CA ILE C 394 36.78 32.54 -37.83
C ILE C 394 36.56 34.05 -37.93
N PRO C 395 37.15 34.85 -37.04
CA PRO C 395 37.07 36.31 -37.21
C PRO C 395 38.13 36.84 -38.15
N ASN C 396 37.80 37.93 -38.83
CA ASN C 396 38.71 38.56 -39.79
C ASN C 396 39.79 39.40 -39.13
N ASP C 397 39.88 39.39 -37.79
CA ASP C 397 40.88 40.13 -37.04
C ASP C 397 40.82 41.64 -37.30
N ARG C 398 39.63 42.15 -37.66
CA ARG C 398 39.48 43.57 -37.92
C ARG C 398 39.12 44.31 -36.62
N LYS C 399 39.40 45.62 -36.63
CA LYS C 399 39.10 46.47 -35.48
C LYS C 399 37.59 46.71 -35.44
N ILE C 400 36.89 45.88 -34.68
CA ILE C 400 35.44 45.99 -34.56
C ILE C 400 35.08 47.02 -33.51
N ILE C 401 34.16 47.92 -33.85
CA ILE C 401 33.68 48.95 -32.94
C ILE C 401 32.23 48.65 -32.59
N TRP C 402 31.91 48.77 -31.29
CA TRP C 402 30.57 48.56 -30.77
C TRP C 402 29.76 49.85 -30.82
N PRO C 403 28.44 49.75 -30.94
CA PRO C 403 27.62 50.97 -31.06
C PRO C 403 27.73 51.85 -29.82
N GLY C 404 27.67 53.15 -30.04
CA GLY C 404 27.82 54.12 -28.97
C GLY C 404 29.22 54.64 -28.76
N GLY C 405 30.14 54.40 -29.69
CA GLY C 405 31.50 54.87 -29.56
C GLY C 405 32.40 54.04 -28.68
N GLU C 406 31.87 53.02 -28.01
CA GLU C 406 32.68 52.18 -27.14
C GLU C 406 33.59 51.28 -27.95
N THR C 407 34.85 51.17 -27.53
CA THR C 407 35.82 50.31 -28.19
C THR C 407 36.04 48.98 -27.47
N GLU C 408 35.61 48.87 -26.22
CA GLU C 408 35.74 47.64 -25.45
C GLU C 408 34.46 46.81 -25.54
N LYS C 409 34.60 45.50 -25.41
CA LYS C 409 33.46 44.59 -25.46
C LYS C 409 32.52 44.86 -24.29
N PRO C 410 31.26 45.18 -24.56
CA PRO C 410 30.31 45.40 -23.46
C PRO C 410 30.12 44.15 -22.61
N ARG C 411 30.01 44.35 -21.31
CA ARG C 411 29.85 43.24 -20.38
C ARG C 411 28.40 42.74 -20.40
N GLY C 412 28.07 41.86 -19.46
CA GLY C 412 26.72 41.31 -19.40
C GLY C 412 25.69 42.27 -18.88
N TYR C 413 24.65 41.75 -18.23
CA TYR C 413 23.60 42.59 -17.70
C TYR C 413 24.13 43.48 -16.58
N GLN C 414 23.53 44.66 -16.46
CA GLN C 414 23.84 45.59 -15.38
C GLN C 414 22.96 45.27 -14.18
N MET C 415 23.58 44.97 -13.05
CA MET C 415 22.85 44.59 -11.84
C MET C 415 22.04 45.77 -11.36
N SER C 416 20.72 45.71 -11.57
CA SER C 416 19.83 46.79 -11.14
C SER C 416 19.49 46.65 -9.67
N THR C 417 20.09 47.49 -8.82
CA THR C 417 19.81 47.45 -7.39
C THR C 417 18.49 48.14 -7.08
N ARG C 418 17.40 47.63 -7.66
CA ARG C 418 16.07 48.18 -7.44
C ARG C 418 15.05 47.11 -7.78
N LEU C 419 14.22 46.76 -6.81
CA LEU C 419 13.29 45.65 -6.93
C LEU C 419 11.86 46.14 -6.71
N LYS C 420 10.91 45.45 -7.34
CA LYS C 420 9.49 45.74 -7.21
C LYS C 420 8.85 44.57 -6.48
N ILE C 421 8.52 44.79 -5.20
CA ILE C 421 7.97 43.77 -4.33
C ILE C 421 6.45 43.88 -4.36
N VAL C 422 5.78 42.75 -4.65
CA VAL C 422 4.32 42.69 -4.59
C VAL C 422 3.92 41.98 -3.29
N THR C 423 2.81 42.40 -2.71
CA THR C 423 2.34 41.87 -1.44
C THR C 423 0.82 41.76 -1.51
N ILE C 424 0.20 41.37 -0.39
CA ILE C 424 -1.25 41.21 -0.30
C ILE C 424 -1.68 41.57 1.11
N HIS C 425 -2.96 41.85 1.29
CA HIS C 425 -3.47 42.23 2.60
C HIS C 425 -3.65 40.99 3.47
N GLN C 426 -2.95 40.97 4.61
CA GLN C 426 -3.06 39.88 5.57
C GLN C 426 -2.73 40.39 6.97
N GLU C 427 -3.70 40.34 7.88
CA GLU C 427 -3.64 40.97 9.19
C GLU C 427 -2.38 40.64 9.98
N PRO C 428 -2.02 39.37 10.21
CA PRO C 428 -0.89 39.09 11.11
C PRO C 428 0.47 39.39 10.52
N PHE C 429 0.51 39.73 9.23
CA PHE C 429 1.86 39.89 8.62
C PHE C 429 2.06 41.19 7.91
N VAL C 430 1.01 41.71 7.29
CA VAL C 430 1.24 42.97 6.56
C VAL C 430 0.09 43.88 6.93
N TYR C 431 0.27 45.20 7.04
CA TYR C 431 -0.87 46.01 7.52
C TYR C 431 -1.24 47.12 6.55
N VAL C 432 -2.51 47.51 6.49
CA VAL C 432 -2.79 48.52 5.48
C VAL C 432 -3.51 49.67 6.16
N LYS C 433 -2.80 50.78 6.36
CA LYS C 433 -3.35 51.93 7.07
C LYS C 433 -3.23 53.18 6.20
N PRO C 434 -4.26 54.02 6.18
CA PRO C 434 -4.19 55.26 5.41
C PRO C 434 -3.17 56.24 5.99
N THR C 435 -2.58 57.04 5.10
CA THR C 435 -1.61 58.04 5.50
C THR C 435 -2.30 59.28 6.06
N MET C 436 -1.50 60.22 6.53
CA MET C 436 -2.00 61.49 7.06
C MET C 436 -2.16 62.48 5.92
N SER C 437 -2.37 63.76 6.27
CA SER C 437 -2.56 64.81 5.29
C SER C 437 -1.29 65.05 4.47
N ASP C 438 -0.16 65.22 5.16
CA ASP C 438 1.09 65.52 4.48
C ASP C 438 1.63 64.36 3.65
N GLY C 439 1.19 63.13 3.94
CA GLY C 439 1.63 61.96 3.20
C GLY C 439 2.27 60.88 4.06
N THR C 440 2.63 61.19 5.30
CA THR C 440 3.21 60.19 6.20
C THR C 440 2.09 59.55 7.02
N CYS C 441 2.48 58.74 8.00
CA CYS C 441 1.49 58.10 8.88
C CYS C 441 1.99 58.20 10.31
N LYS C 442 1.05 58.11 11.25
CA LYS C 442 1.35 58.26 12.66
C LYS C 442 2.35 57.22 13.14
N GLU C 443 3.52 57.67 13.57
CA GLU C 443 4.56 56.79 14.07
C GLU C 443 4.23 56.31 15.48
N GLU C 444 3.39 55.28 15.58
CA GLU C 444 2.99 54.75 16.87
C GLU C 444 4.12 53.90 17.46
N PHE C 445 3.93 53.45 18.69
CA PHE C 445 4.92 52.63 19.38
C PHE C 445 4.21 51.47 20.07
N THR C 446 4.98 50.62 20.73
CA THR C 446 4.46 49.47 21.46
C THR C 446 4.84 49.63 22.93
N VAL C 447 4.59 48.56 23.71
CA VAL C 447 4.94 48.57 25.12
C VAL C 447 6.45 48.73 25.31
N ASN C 448 7.24 48.32 24.32
CA ASN C 448 8.68 48.48 24.39
C ASN C 448 9.14 49.88 23.98
N GLY C 449 8.25 50.70 23.42
CA GLY C 449 8.62 52.03 23.01
C GLY C 449 9.48 52.09 21.76
N ASP C 450 9.45 51.05 20.93
CA ASP C 450 10.24 51.02 19.71
C ASP C 450 9.43 51.56 18.54
N PRO C 451 10.09 52.23 17.59
CA PRO C 451 9.36 52.74 16.42
C PRO C 451 8.81 51.61 15.56
N VAL C 452 7.73 51.91 14.84
CA VAL C 452 7.08 50.92 13.98
C VAL C 452 7.77 50.79 12.63
N LYS C 453 8.69 51.69 12.30
CA LYS C 453 9.45 51.71 11.05
C LYS C 453 8.60 51.32 9.84
N LYS C 454 7.49 52.05 9.73
CA LYS C 454 6.56 51.76 8.63
C LYS C 454 7.19 52.17 7.29
N VAL C 455 6.61 51.74 6.18
CA VAL C 455 7.05 52.10 4.80
C VAL C 455 5.81 52.34 3.98
N ILE C 456 6.00 53.07 2.88
CA ILE C 456 4.93 53.58 1.98
C ILE C 456 4.78 52.82 0.67
N CYS C 457 3.70 52.06 0.54
CA CYS C 457 3.57 51.30 -0.71
C CYS C 457 2.33 51.72 -1.49
N THR C 458 2.56 52.00 -2.75
CA THR C 458 1.55 52.49 -3.70
C THR C 458 0.77 51.27 -4.11
N GLY C 459 -0.52 51.15 -3.86
CA GLY C 459 -1.14 49.93 -4.39
C GLY C 459 -2.60 50.08 -4.72
N PRO C 460 -3.22 49.47 -5.75
CA PRO C 460 -4.66 49.79 -5.78
C PRO C 460 -5.34 49.30 -4.51
N ASN C 461 -4.87 49.78 -3.35
CA ASN C 461 -5.31 49.27 -2.06
C ASN C 461 -6.42 50.09 -1.43
N ASP C 462 -6.47 51.40 -1.67
CA ASP C 462 -7.50 52.25 -1.10
C ASP C 462 -8.78 52.29 -1.93
N THR C 463 -8.77 51.79 -3.16
CA THR C 463 -9.96 51.74 -3.98
C THR C 463 -10.70 50.41 -3.75
N SER C 464 -11.69 50.14 -4.58
CA SER C 464 -12.48 48.93 -4.48
C SER C 464 -12.57 48.25 -5.84
N PRO C 465 -12.91 46.96 -5.90
CA PRO C 465 -13.04 46.29 -7.21
C PRO C 465 -14.20 46.84 -8.04
N GLY C 466 -15.03 47.69 -7.44
CA GLY C 466 -16.11 48.31 -8.16
C GLY C 466 -15.66 49.50 -8.98
N SER C 467 -14.75 50.30 -8.42
CA SER C 467 -14.18 51.46 -9.10
C SER C 467 -12.66 51.40 -8.97
N PRO C 468 -12.00 50.61 -9.80
CA PRO C 468 -10.53 50.50 -9.71
C PRO C 468 -9.85 51.78 -10.18
N ARG C 469 -8.83 52.18 -9.43
CA ARG C 469 -8.06 53.39 -9.74
C ARG C 469 -6.76 53.43 -8.96
N HIS C 470 -5.72 54.03 -9.54
CA HIS C 470 -4.45 54.20 -8.86
C HIS C 470 -4.61 55.12 -7.66
N THR C 471 -4.43 54.57 -6.46
CA THR C 471 -4.66 55.32 -5.23
C THR C 471 -3.43 56.16 -4.89
N VAL C 472 -3.67 56.85 -3.80
CA VAL C 472 -2.61 57.58 -3.08
C VAL C 472 -1.84 56.43 -2.44
N PRO C 473 -0.51 56.53 -2.44
CA PRO C 473 0.29 55.54 -1.80
C PRO C 473 -0.16 55.38 -0.35
N GLN C 474 -0.46 54.16 0.08
CA GLN C 474 -0.85 53.89 1.49
C GLN C 474 0.43 53.50 2.25
N CYS C 475 0.49 53.82 3.55
CA CYS C 475 1.66 53.51 4.40
C CYS C 475 1.36 52.15 5.00
N CYS C 476 2.27 51.16 4.84
CA CYS C 476 1.97 49.82 5.35
C CYS C 476 3.16 49.30 6.15
N TYR C 477 2.86 48.40 7.10
CA TYR C 477 3.88 47.83 7.97
C TYR C 477 3.38 46.48 8.48
N GLY C 478 4.28 45.73 9.09
CA GLY C 478 3.92 44.44 9.65
C GLY C 478 5.15 43.55 9.77
N PHE C 479 4.91 42.26 10.00
CA PHE C 479 5.96 41.24 10.14
C PHE C 479 6.77 41.12 8.87
N CYS C 480 6.08 40.90 7.77
CA CYS C 480 6.78 40.79 6.49
C CYS C 480 7.51 42.09 6.15
N ILE C 481 6.95 43.22 6.55
CA ILE C 481 7.60 44.51 6.29
C ILE C 481 8.90 44.62 7.08
N ASP C 482 8.88 44.17 8.34
CA ASP C 482 10.10 44.18 9.14
C ASP C 482 11.13 43.20 8.58
N LEU C 483 10.66 42.05 8.08
CA LEU C 483 11.56 41.11 7.43
C LEU C 483 12.21 41.73 6.19
N LEU C 484 11.43 42.46 5.40
CA LEU C 484 11.99 43.13 4.24
C LEU C 484 12.95 44.25 4.65
N ILE C 485 12.67 44.93 5.76
CA ILE C 485 13.59 45.92 6.30
C ILE C 485 14.93 45.27 6.65
N LYS C 486 14.88 44.12 7.32
CA LYS C 486 16.11 43.42 7.68
C LYS C 486 16.87 42.96 6.43
N LEU C 487 16.14 42.43 5.44
CA LEU C 487 16.77 41.99 4.20
C LEU C 487 17.45 43.14 3.48
N ALA C 488 16.77 44.30 3.43
CA ALA C 488 17.35 45.47 2.78
C ALA C 488 18.59 45.96 3.53
N ARG C 489 18.50 46.04 4.86
CA ARG C 489 19.65 46.45 5.66
C ARG C 489 20.81 45.47 5.54
N THR C 490 20.54 44.21 5.24
CA THR C 490 21.60 43.22 5.06
C THR C 490 22.23 43.29 3.66
N MET C 491 21.41 43.52 2.63
CA MET C 491 21.89 43.47 1.25
C MET C 491 21.94 44.84 0.57
N GLN C 492 21.63 45.92 1.30
CA GLN C 492 21.67 47.28 0.77
C GLN C 492 20.77 47.41 -0.46
N PHE C 493 19.49 47.14 -0.28
CA PHE C 493 18.55 47.27 -1.40
C PHE C 493 17.94 48.68 -1.45
N THR C 494 17.35 48.95 -2.59
CA THR C 494 16.57 50.16 -2.83
C THR C 494 15.20 49.70 -3.29
N TYR C 495 14.29 49.50 -2.34
CA TYR C 495 13.03 48.83 -2.59
C TYR C 495 11.89 49.84 -2.71
N GLU C 496 10.85 49.43 -3.44
CA GLU C 496 9.60 50.19 -3.51
C GLU C 496 8.48 49.17 -3.68
N VAL C 497 7.87 48.78 -2.57
CA VAL C 497 6.90 47.70 -2.55
C VAL C 497 5.52 48.25 -2.87
N HIS C 498 4.62 47.35 -3.27
CA HIS C 498 3.26 47.73 -3.65
C HIS C 498 2.38 46.49 -3.66
N LEU C 499 1.09 46.67 -3.41
CA LEU C 499 0.16 45.55 -3.36
C LEU C 499 -0.21 45.13 -4.79
N VAL C 500 -1.20 44.25 -4.90
CA VAL C 500 -1.65 43.71 -6.17
C VAL C 500 -3.04 44.23 -6.47
N ALA C 501 -3.56 43.87 -7.65
CA ALA C 501 -4.82 44.43 -8.11
C ALA C 501 -6.02 43.76 -7.44
N ASP C 502 -6.19 42.46 -7.67
CA ASP C 502 -7.34 41.73 -7.15
C ASP C 502 -6.95 40.62 -6.16
N GLY C 503 -5.96 40.85 -5.30
CA GLY C 503 -5.55 39.82 -4.37
C GLY C 503 -4.94 38.62 -5.08
N LYS C 504 -5.66 37.50 -5.08
CA LYS C 504 -5.29 36.34 -5.88
C LYS C 504 -3.89 35.81 -5.58
N PHE C 505 -3.73 35.24 -4.38
CA PHE C 505 -2.49 34.58 -3.96
C PHE C 505 -1.81 33.84 -5.10
N GLY C 506 -2.58 33.11 -5.88
CA GLY C 506 -2.08 32.49 -7.09
C GLY C 506 -3.05 31.48 -7.66
N THR C 507 -3.20 31.48 -8.99
CA THR C 507 -4.15 30.62 -9.67
C THR C 507 -3.61 30.25 -11.04
N GLN C 508 -3.68 28.95 -11.37
CA GLN C 508 -3.34 28.45 -12.69
C GLN C 508 -4.57 28.37 -13.60
N GLU C 509 -5.27 29.50 -13.77
CA GLU C 509 -6.50 29.53 -14.55
C GLU C 509 -6.24 29.07 -15.99
N ARG C 510 -7.05 28.12 -16.44
CA ARG C 510 -6.98 27.60 -17.80
C ARG C 510 -8.34 27.77 -18.47
N VAL C 511 -8.32 27.88 -19.80
CA VAL C 511 -9.54 28.06 -20.58
C VAL C 511 -9.31 27.54 -21.99
N GLN C 512 -10.40 27.24 -22.69
CA GLN C 512 -10.34 26.74 -24.06
C GLN C 512 -10.36 27.85 -25.10
N ASN C 513 -10.42 29.11 -24.67
CA ASN C 513 -10.40 30.23 -25.61
C ASN C 513 -9.06 30.32 -26.32
N SER C 514 -7.96 30.17 -25.58
CA SER C 514 -6.62 30.21 -26.13
C SER C 514 -5.86 28.92 -25.95
N ASN C 515 -6.46 27.91 -25.30
CA ASN C 515 -5.87 26.60 -25.05
C ASN C 515 -4.58 26.68 -24.24
N LYS C 516 -4.37 27.73 -23.47
CA LYS C 516 -3.18 27.90 -22.67
C LYS C 516 -3.56 28.34 -21.26
N LYS C 517 -2.78 27.89 -20.28
CA LYS C 517 -2.99 28.25 -18.88
C LYS C 517 -1.92 29.25 -18.45
N GLU C 518 -2.35 30.30 -17.78
CA GLU C 518 -1.46 31.36 -17.31
C GLU C 518 -1.75 31.68 -15.85
N TRP C 519 -0.73 32.18 -15.16
CA TRP C 519 -0.83 32.57 -13.76
C TRP C 519 -1.38 33.99 -13.69
N ASN C 520 -2.44 34.18 -12.90
CA ASN C 520 -3.08 35.48 -12.74
C ASN C 520 -3.15 35.80 -11.24
N GLY C 521 -2.53 36.91 -10.85
CA GLY C 521 -2.53 37.34 -9.47
C GLY C 521 -1.16 37.87 -9.09
N MET C 522 -0.80 37.64 -7.83
CA MET C 522 0.52 38.02 -7.35
C MET C 522 1.61 37.26 -8.11
N MET C 523 1.46 35.95 -8.22
CA MET C 523 2.41 35.15 -8.99
C MET C 523 2.39 35.51 -10.47
N GLY C 524 1.24 35.93 -10.99
CA GLY C 524 1.16 36.38 -12.37
C GLY C 524 1.96 37.65 -12.60
N GLU C 525 1.77 38.64 -11.72
CA GLU C 525 2.57 39.86 -11.78
C GLU C 525 4.05 39.57 -11.59
N LEU C 526 4.38 38.55 -10.79
CA LEU C 526 5.77 38.14 -10.60
C LEU C 526 6.35 37.60 -11.89
N LEU C 527 5.64 36.66 -12.53
CA LEU C 527 6.13 36.06 -13.76
C LEU C 527 6.02 37.01 -14.95
N SER C 528 5.16 38.04 -14.86
CA SER C 528 5.01 38.98 -15.95
C SER C 528 6.31 39.74 -16.20
N GLY C 529 7.01 40.10 -15.13
CA GLY C 529 8.27 40.82 -15.26
C GLY C 529 8.29 42.13 -14.53
N GLN C 530 7.10 42.62 -14.15
CA GLN C 530 7.03 43.91 -13.45
C GLN C 530 7.40 43.75 -11.97
N ALA C 531 7.15 42.59 -11.39
CA ALA C 531 7.48 42.34 -10.00
C ALA C 531 8.83 41.62 -9.91
N ASP C 532 9.40 41.57 -8.71
CA ASP C 532 10.72 40.99 -8.53
C ASP C 532 10.68 39.76 -7.61
N MET C 533 10.08 39.89 -6.44
CA MET C 533 10.10 38.83 -5.44
C MET C 533 8.86 38.93 -4.56
N ILE C 534 8.41 37.78 -4.05
CA ILE C 534 7.27 37.74 -3.14
C ILE C 534 7.78 37.80 -1.70
N VAL C 535 7.24 38.72 -0.91
CA VAL C 535 7.58 38.84 0.50
C VAL C 535 6.32 38.64 1.32
N ALA C 536 5.21 38.42 0.63
CA ALA C 536 3.93 38.14 1.28
C ALA C 536 3.97 36.74 1.87
N PRO C 537 3.07 36.44 2.82
CA PRO C 537 3.04 35.09 3.39
C PRO C 537 2.49 34.08 2.39
N LEU C 538 3.34 33.67 1.45
CA LEU C 538 2.94 32.74 0.39
C LEU C 538 3.25 31.31 0.81
N THR C 539 2.26 30.44 0.68
CA THR C 539 2.44 29.04 1.03
C THR C 539 3.28 28.33 -0.04
N ILE C 540 3.68 27.10 0.25
CA ILE C 540 4.50 26.31 -0.65
C ILE C 540 3.75 25.04 -1.02
N ASN C 541 3.99 24.57 -2.24
CA ASN C 541 3.36 23.37 -2.78
C ASN C 541 4.04 23.01 -4.09
N ASN C 542 3.76 21.81 -4.59
CA ASN C 542 4.39 21.33 -5.81
C ASN C 542 3.94 22.12 -7.03
N GLU C 543 2.72 22.68 -6.99
CA GLU C 543 2.18 23.40 -8.13
C GLU C 543 2.96 24.69 -8.37
N ARG C 544 3.05 25.55 -7.34
CA ARG C 544 3.74 26.83 -7.50
C ARG C 544 5.25 26.67 -7.62
N ALA C 545 5.79 25.51 -7.24
CA ALA C 545 7.22 25.27 -7.36
C ALA C 545 7.66 24.95 -8.78
N GLN C 546 6.72 24.74 -9.70
CA GLN C 546 7.05 24.44 -11.09
C GLN C 546 7.61 25.67 -11.80
N TYR C 547 6.85 26.78 -11.77
CA TYR C 547 7.28 27.97 -12.51
C TYR C 547 8.40 28.71 -11.78
N ILE C 548 8.24 28.93 -10.47
CA ILE C 548 9.23 29.65 -9.70
C ILE C 548 9.83 28.74 -8.64
N GLU C 549 10.88 29.22 -7.98
CA GLU C 549 11.53 28.47 -6.91
C GLU C 549 11.52 29.32 -5.64
N PHE C 550 11.25 28.68 -4.52
CA PHE C 550 11.14 29.36 -3.24
C PHE C 550 12.47 29.30 -2.50
N SER C 551 12.47 29.77 -1.25
CA SER C 551 13.65 29.78 -0.41
C SER C 551 13.36 29.01 0.87
N LYS C 552 14.32 29.04 1.79
CA LYS C 552 14.14 28.37 3.07
C LYS C 552 13.04 29.07 3.87
N PRO C 553 12.19 28.32 4.56
CA PRO C 553 11.07 28.94 5.27
C PRO C 553 11.52 29.70 6.51
N PHE C 554 10.72 30.70 6.87
CA PHE C 554 10.94 31.50 8.07
C PHE C 554 9.83 31.28 9.09
N LYS C 555 8.95 30.31 8.81
CA LYS C 555 7.82 30.00 9.67
C LYS C 555 7.32 28.60 9.30
N TYR C 556 6.53 27.99 10.18
CA TYR C 556 5.95 26.68 9.93
C TYR C 556 4.47 26.75 10.29
N GLN C 557 3.64 27.06 9.30
CA GLN C 557 2.22 27.26 9.52
C GLN C 557 1.47 25.94 9.32
N GLY C 558 0.15 26.02 9.33
CA GLY C 558 -0.67 24.82 9.19
C GLY C 558 -2.14 25.18 9.21
N LEU C 559 -2.95 24.18 9.52
CA LEU C 559 -4.40 24.36 9.62
C LEU C 559 -4.88 23.73 10.91
N THR C 560 -5.37 24.55 11.83
CA THR C 560 -5.90 24.08 13.09
C THR C 560 -7.32 24.59 13.25
N ILE C 561 -8.17 23.80 13.91
CA ILE C 561 -9.57 24.16 14.11
C ILE C 561 -9.68 25.23 15.19
N LEU C 562 -10.76 26.01 15.15
CA LEU C 562 -10.99 27.07 16.12
C LEU C 562 -12.37 26.89 16.74
N VAL C 563 -12.47 27.22 18.03
CA VAL C 563 -13.72 27.05 18.76
C VAL C 563 -13.73 28.05 19.91
N LYS C 564 -14.96 28.54 20.14
CA LYS C 564 -15.33 29.62 21.10
C LYS C 564 -15.08 29.09 22.48
N LYS C 565 -14.62 29.92 23.41
CA LYS C 565 -14.34 29.40 24.78
C LYS C 565 -15.06 30.26 25.81
N GLU C 566 -15.84 29.62 26.69
CA GLU C 566 -16.63 30.32 27.73
C GLU C 566 -16.26 29.79 29.11
N ILE C 567 -16.46 30.61 30.13
CA ILE C 567 -16.12 30.21 31.53
C ILE C 567 -16.93 28.97 31.89
N PRO C 568 -16.40 28.04 32.70
CA PRO C 568 -17.04 26.73 32.91
C PRO C 568 -18.47 26.63 33.47
N ARG C 569 -18.83 27.41 34.47
CA ARG C 569 -20.19 27.51 35.07
C ARG C 569 -20.48 26.40 36.11
N SER C 570 -21.25 26.72 37.15
CA SER C 570 -21.45 25.80 38.30
C SER C 570 -22.12 24.48 37.93
N THR C 571 -23.25 24.53 37.23
CA THR C 571 -24.20 23.48 36.74
C THR C 571 -25.20 23.04 37.79
N LEU C 572 -25.13 23.53 39.03
CA LEU C 572 -26.09 22.97 40.04
C LEU C 572 -27.30 23.87 40.19
N ASP C 573 -28.46 23.32 39.89
CA ASP C 573 -29.70 24.12 39.90
C ASP C 573 -30.03 24.73 41.25
N SER C 574 -30.00 23.90 42.28
CA SER C 574 -30.48 24.12 43.63
C SER C 574 -29.86 23.08 44.56
N PHE C 575 -30.12 23.24 45.85
CA PHE C 575 -29.53 22.33 46.84
C PHE C 575 -30.27 21.00 46.89
N MET C 576 -31.54 20.98 46.50
CA MET C 576 -32.36 19.76 46.53
C MET C 576 -32.04 18.78 45.41
N GLN C 577 -30.98 19.04 44.64
CA GLN C 577 -30.58 18.24 43.48
C GLN C 577 -30.18 16.80 43.82
N PRO C 578 -29.27 16.55 44.78
CA PRO C 578 -28.61 15.24 44.83
C PRO C 578 -29.50 14.04 45.15
N PHE C 579 -30.39 14.13 46.14
CA PHE C 579 -31.08 12.90 46.53
C PHE C 579 -32.41 12.71 45.81
N GLN C 580 -33.40 13.54 46.17
CA GLN C 580 -34.77 13.40 45.70
C GLN C 580 -35.64 14.45 46.38
N SER C 581 -36.92 14.50 46.01
CA SER C 581 -37.91 15.12 46.89
C SER C 581 -38.52 14.08 47.84
N THR C 582 -38.79 12.88 47.31
CA THR C 582 -39.34 11.81 48.14
C THR C 582 -38.34 11.39 49.21
N LEU C 583 -37.05 11.54 48.96
CA LEU C 583 -36.06 11.21 49.98
C LEU C 583 -36.16 12.14 51.18
N TRP C 584 -36.27 13.45 50.92
CA TRP C 584 -36.43 14.41 52.00
C TRP C 584 -37.76 14.19 52.73
N LEU C 585 -38.82 13.93 51.98
CA LEU C 585 -40.11 13.66 52.62
C LEU C 585 -40.03 12.43 53.53
N LEU C 586 -39.38 11.37 53.05
CA LEU C 586 -39.27 10.13 53.82
C LEU C 586 -38.40 10.35 55.06
N VAL C 587 -37.31 11.10 54.92
CA VAL C 587 -36.45 11.32 56.08
C VAL C 587 -37.15 12.20 57.10
N GLY C 588 -37.99 13.13 56.66
CA GLY C 588 -38.75 13.94 57.59
C GLY C 588 -39.80 13.14 58.35
N LEU C 589 -40.57 12.34 57.63
CA LEU C 589 -41.54 11.48 58.31
C LEU C 589 -40.85 10.47 59.21
N SER C 590 -39.64 10.04 58.85
CA SER C 590 -38.89 9.13 59.71
C SER C 590 -38.41 9.83 60.98
N VAL C 591 -38.01 11.10 60.85
CA VAL C 591 -37.66 11.88 62.05
C VAL C 591 -38.86 11.96 62.98
N HIS C 592 -40.03 12.27 62.43
CA HIS C 592 -41.23 12.37 63.26
C HIS C 592 -41.57 11.02 63.91
N VAL C 593 -41.47 9.93 63.15
CA VAL C 593 -41.81 8.61 63.66
C VAL C 593 -40.84 8.20 64.77
N VAL C 594 -39.54 8.43 64.56
CA VAL C 594 -38.58 8.05 65.59
C VAL C 594 -38.70 8.94 66.82
N ALA C 595 -39.10 10.21 66.66
CA ALA C 595 -39.32 11.06 67.83
C ALA C 595 -40.51 10.57 68.65
N VAL C 596 -41.63 10.29 67.98
CA VAL C 596 -42.79 9.81 68.73
C VAL C 596 -42.53 8.43 69.32
N MET C 597 -41.69 7.62 68.66
CA MET C 597 -41.36 6.30 69.20
C MET C 597 -40.45 6.43 70.42
N LEU C 598 -39.51 7.38 70.39
CA LEU C 598 -38.71 7.67 71.57
C LEU C 598 -39.59 8.09 72.73
N TYR C 599 -40.57 8.96 72.45
CA TYR C 599 -41.49 9.38 73.51
C TYR C 599 -42.27 8.20 74.07
N LEU C 600 -42.79 7.34 73.18
CA LEU C 600 -43.56 6.19 73.63
C LEU C 600 -42.72 5.24 74.48
N LEU C 601 -41.49 4.97 74.04
CA LEU C 601 -40.62 4.06 74.78
C LEU C 601 -40.11 4.67 76.08
N ASP C 602 -40.08 5.99 76.18
CA ASP C 602 -39.56 6.64 77.37
C ASP C 602 -40.58 6.65 78.52
N ARG C 603 -41.80 7.10 78.24
CA ARG C 603 -42.80 7.23 79.30
C ARG C 603 -43.34 5.86 79.72
N PHE C 604 -43.40 4.90 78.80
CA PHE C 604 -43.97 3.60 79.11
C PHE C 604 -43.10 2.84 80.11
N SER C 605 -41.79 2.86 79.90
CA SER C 605 -40.87 2.13 80.77
C SER C 605 -40.84 2.75 82.16
N PRO C 606 -40.40 2.00 83.18
CA PRO C 606 -40.34 2.49 84.56
C PRO C 606 -38.90 2.73 85.03
N ALA C 621 -36.65 11.84 81.89
CA ALA C 621 -38.09 11.80 81.55
C ALA C 621 -38.29 12.62 80.30
N LEU C 622 -38.44 12.03 79.12
CA LEU C 622 -38.53 12.95 77.98
C LEU C 622 -39.94 13.45 77.78
N THR C 623 -40.27 14.70 78.09
CA THR C 623 -41.61 15.14 77.68
C THR C 623 -41.50 15.26 76.16
N LEU C 624 -42.55 14.84 75.49
CA LEU C 624 -42.55 14.64 74.04
C LEU C 624 -41.93 15.79 73.26
N SER C 625 -42.26 17.03 73.64
CA SER C 625 -41.67 18.19 72.99
C SER C 625 -40.15 18.16 73.06
N SER C 626 -39.61 17.85 74.24
CA SER C 626 -38.15 17.84 74.40
C SER C 626 -37.51 16.70 73.61
N ALA C 627 -38.17 15.54 73.56
CA ALA C 627 -37.62 14.43 72.78
C ALA C 627 -37.62 14.74 71.29
N MET C 628 -38.71 15.38 70.81
CA MET C 628 -38.75 15.77 69.40
C MET C 628 -37.71 16.83 69.09
N TRP C 629 -37.49 17.76 70.02
CA TRP C 629 -36.42 18.75 69.83
C TRP C 629 -35.05 18.07 69.77
N PHE C 630 -34.81 17.12 70.68
CA PHE C 630 -33.55 16.39 70.67
C PHE C 630 -33.34 15.67 69.34
N SER C 631 -34.38 15.02 68.84
CA SER C 631 -34.27 14.30 67.57
C SER C 631 -33.99 15.26 66.42
N TRP C 632 -34.81 16.28 66.37
CA TRP C 632 -34.76 17.27 65.30
C TRP C 632 -33.47 18.05 65.37
N GLY C 633 -32.77 18.08 66.47
CA GLY C 633 -31.49 18.74 66.62
C GLY C 633 -30.32 17.85 66.28
N VAL C 634 -30.39 16.54 66.60
CA VAL C 634 -29.25 15.59 66.39
C VAL C 634 -29.23 15.00 65.00
N LEU C 635 -29.91 15.62 64.06
CA LEU C 635 -29.75 15.20 62.66
C LEU C 635 -29.30 16.44 61.95
N LEU C 636 -29.83 17.58 62.36
CA LEU C 636 -29.13 18.63 61.67
C LEU C 636 -28.07 19.29 62.55
N ASN C 637 -27.34 18.49 63.29
CA ASN C 637 -26.01 18.73 63.81
C ASN C 637 -25.94 19.73 64.89
N SER C 638 -26.92 20.56 65.08
CA SER C 638 -27.08 21.14 66.40
C SER C 638 -28.29 21.99 66.37
N GLY C 639 -28.46 22.65 67.46
CA GLY C 639 -29.64 23.40 67.69
C GLY C 639 -29.71 23.36 69.17
N ILE C 640 -30.92 23.40 69.67
CA ILE C 640 -31.08 23.82 71.03
C ILE C 640 -31.62 22.64 71.78
N GLY C 641 -32.00 22.85 73.01
CA GLY C 641 -32.73 21.82 73.69
C GLY C 641 -31.92 20.77 74.38
N GLU C 642 -31.28 21.16 75.47
CA GLU C 642 -30.84 20.18 76.42
C GLU C 642 -31.98 19.24 76.76
N GLY C 643 -31.64 18.07 77.26
CA GLY C 643 -32.64 17.07 77.52
C GLY C 643 -32.45 15.90 76.60
N ALA C 644 -32.33 14.72 77.14
CA ALA C 644 -32.07 13.57 76.31
C ALA C 644 -32.54 12.35 77.07
N PRO C 645 -33.06 11.36 76.36
CA PRO C 645 -33.86 10.34 76.94
C PRO C 645 -33.13 9.70 78.10
N ARG C 646 -33.85 9.31 79.15
CA ARG C 646 -33.28 8.60 80.33
C ARG C 646 -33.86 7.19 80.40
N SER C 647 -34.77 6.84 79.50
CA SER C 647 -35.42 5.50 79.46
C SER C 647 -34.46 4.52 78.80
N PHE C 648 -34.20 3.32 79.32
CA PHE C 648 -33.20 2.47 78.64
C PHE C 648 -33.64 2.14 77.22
N SER C 649 -34.92 1.95 76.93
CA SER C 649 -35.29 1.71 75.52
C SER C 649 -34.86 2.90 74.69
N ALA C 650 -35.17 4.11 75.11
CA ALA C 650 -34.81 5.25 74.23
C ALA C 650 -33.30 5.39 74.10
N ARG C 651 -32.58 5.13 75.16
CA ARG C 651 -31.13 5.33 75.09
C ARG C 651 -30.63 4.37 74.07
N ILE C 652 -31.06 3.11 74.07
CA ILE C 652 -30.55 2.27 72.94
C ILE C 652 -31.17 2.72 71.61
N LEU C 653 -32.35 3.33 71.60
CA LEU C 653 -32.79 3.81 70.28
C LEU C 653 -31.91 4.92 69.77
N GLY C 654 -31.62 5.99 70.50
CA GLY C 654 -31.02 7.16 69.83
C GLY C 654 -29.70 6.90 69.20
N MET C 655 -28.83 6.36 69.99
CA MET C 655 -27.51 6.03 69.47
C MET C 655 -27.58 5.67 67.99
N VAL C 656 -28.47 4.73 67.64
CA VAL C 656 -28.58 4.33 66.24
C VAL C 656 -29.14 5.46 65.39
N TRP C 657 -29.93 6.36 65.99
CA TRP C 657 -30.43 7.51 65.24
C TRP C 657 -29.31 8.50 64.92
N ALA C 658 -28.41 8.72 65.87
CA ALA C 658 -27.23 9.53 65.61
C ALA C 658 -26.38 8.89 64.51
N GLY C 659 -26.24 7.57 64.57
CA GLY C 659 -25.56 6.85 63.51
C GLY C 659 -26.20 7.04 62.15
N PHE C 660 -27.54 6.99 62.11
CA PHE C 660 -28.29 7.21 60.89
C PHE C 660 -28.05 8.60 60.34
N ALA C 661 -28.09 9.62 61.22
CA ALA C 661 -27.84 10.99 60.78
C ALA C 661 -26.43 11.14 60.24
N MET C 662 -25.45 10.54 60.91
CA MET C 662 -24.07 10.57 60.42
C MET C 662 -23.97 9.94 59.04
N ILE C 663 -24.61 8.78 58.85
CA ILE C 663 -24.57 8.11 57.56
C ILE C 663 -25.23 8.96 56.48
N ILE C 664 -26.35 9.61 56.80
CA ILE C 664 -27.06 10.45 55.84
C ILE C 664 -26.18 11.62 55.42
N VAL C 665 -25.58 12.30 56.40
CA VAL C 665 -24.71 13.44 56.09
C VAL C 665 -23.50 12.99 55.27
N ALA C 666 -22.91 11.86 55.61
CA ALA C 666 -21.75 11.37 54.87
C ALA C 666 -22.12 11.01 53.44
N SER C 667 -23.29 10.40 53.24
CA SER C 667 -23.73 10.06 51.89
C SER C 667 -24.03 11.32 51.09
N TYR C 668 -24.61 12.33 51.72
CA TYR C 668 -24.87 13.62 51.08
C TYR C 668 -23.55 14.23 50.59
N THR C 669 -22.57 14.50 51.42
CA THR C 669 -21.51 15.19 50.72
C THR C 669 -20.82 14.27 49.77
N ALA C 670 -20.75 12.98 49.94
CA ALA C 670 -20.03 12.25 48.87
C ALA C 670 -20.81 12.41 47.61
N ASN C 671 -22.12 12.22 47.63
CA ASN C 671 -22.85 12.25 46.36
C ASN C 671 -22.79 13.63 45.73
N LEU C 672 -22.97 14.71 46.41
CA LEU C 672 -22.82 16.01 45.73
C LEU C 672 -21.39 16.14 45.33
N ALA C 673 -20.37 15.77 46.09
CA ALA C 673 -19.02 15.94 45.49
C ALA C 673 -18.77 15.00 44.31
N ALA C 674 -19.34 13.83 44.32
CA ALA C 674 -19.15 13.01 43.11
C ALA C 674 -19.85 13.71 41.98
N PHE C 675 -21.04 14.26 42.13
CA PHE C 675 -21.59 14.94 40.93
C PHE C 675 -20.78 16.18 40.62
N LEU C 676 -20.14 16.87 41.54
CA LEU C 676 -19.41 18.08 41.10
C LEU C 676 -18.05 17.71 40.50
N VAL C 677 -17.61 16.45 40.44
CA VAL C 677 -16.32 16.20 39.72
C VAL C 677 -16.45 15.39 38.44
N LEU C 678 -17.62 14.90 38.03
CA LEU C 678 -17.84 14.18 36.79
C LEU C 678 -18.61 15.01 35.76
N ASP C 679 -18.47 16.33 35.80
CA ASP C 679 -19.17 17.23 34.88
C ASP C 679 -18.13 17.85 33.94
N ARG C 680 -18.01 17.27 32.75
CA ARG C 680 -17.08 17.76 31.72
C ARG C 680 -17.86 18.02 30.44
N PRO C 681 -18.51 19.17 30.31
CA PRO C 681 -19.34 19.48 29.13
C PRO C 681 -18.60 20.05 27.93
N GLU C 682 -17.27 19.96 27.89
CA GLU C 682 -16.49 20.56 26.82
C GLU C 682 -16.37 19.64 25.60
N GLU C 683 -15.80 18.45 25.79
CA GLU C 683 -15.58 17.48 24.72
C GLU C 683 -14.86 18.16 23.54
N ARG C 684 -13.71 18.74 23.86
CA ARG C 684 -12.98 19.55 22.89
C ARG C 684 -12.43 18.69 21.76
N ILE C 685 -12.47 19.25 20.55
CA ILE C 685 -11.97 18.57 19.36
C ILE C 685 -10.45 18.50 19.45
N THR C 686 -9.91 17.28 19.51
CA THR C 686 -8.49 17.08 19.67
C THR C 686 -7.70 17.11 18.36
N GLY C 687 -8.36 16.96 17.22
CA GLY C 687 -7.67 17.00 15.95
C GLY C 687 -8.50 16.58 14.77
N ILE C 688 -7.94 15.76 13.89
CA ILE C 688 -8.62 15.28 12.69
C ILE C 688 -9.15 13.87 12.87
N ASN C 689 -8.76 13.16 13.93
CA ASN C 689 -9.26 11.81 14.22
C ASN C 689 -10.53 11.83 15.03
N ASP C 690 -11.29 12.91 14.98
CA ASP C 690 -12.51 13.13 15.73
C ASP C 690 -13.73 12.75 14.88
N PRO C 691 -14.93 12.67 15.49
CA PRO C 691 -16.13 12.32 14.70
C PRO C 691 -16.40 13.24 13.53
N ARG C 692 -15.72 14.38 13.48
CA ARG C 692 -15.81 15.25 12.30
C ARG C 692 -15.38 14.50 11.04
N LEU C 693 -14.36 13.65 11.16
CA LEU C 693 -13.93 12.82 10.04
C LEU C 693 -14.86 11.62 9.85
N ARG C 694 -15.37 11.06 10.94
CA ARG C 694 -16.23 9.88 10.83
C ARG C 694 -17.57 10.22 10.19
N ASN C 695 -18.34 11.10 10.82
CA ASN C 695 -19.65 11.48 10.32
C ASN C 695 -20.12 12.78 10.96
N PRO C 696 -20.53 13.76 10.16
CA PRO C 696 -21.03 15.02 10.72
C PRO C 696 -22.45 14.85 11.25
N SER C 697 -22.91 15.90 11.94
CA SER C 697 -24.24 15.93 12.53
C SER C 697 -24.85 17.30 12.30
N ASP C 698 -26.01 17.53 12.90
CA ASP C 698 -26.72 18.80 12.78
C ASP C 698 -26.52 19.71 13.99
N LYS C 699 -25.80 19.24 15.02
CA LYS C 699 -25.58 20.07 16.20
C LYS C 699 -24.55 21.16 15.91
N PHE C 700 -23.34 20.76 15.50
CA PHE C 700 -22.29 21.69 15.13
C PHE C 700 -21.92 21.49 13.68
N ILE C 701 -21.36 22.53 13.08
CA ILE C 701 -20.98 22.52 11.66
C ILE C 701 -19.51 22.87 11.53
N TYR C 702 -18.91 22.46 10.43
CA TYR C 702 -17.51 22.75 10.15
C TYR C 702 -17.25 22.79 8.65
N ALA C 703 -16.61 23.86 8.20
CA ALA C 703 -16.33 24.07 6.77
C ALA C 703 -15.24 25.15 6.69
N THR C 704 -14.96 25.59 5.46
CA THR C 704 -13.97 26.63 5.24
C THR C 704 -14.41 27.59 4.14
N VAL C 705 -13.53 28.48 3.72
CA VAL C 705 -13.85 29.46 2.68
C VAL C 705 -13.70 28.79 1.32
N LYS C 706 -14.68 29.01 0.44
CA LYS C 706 -14.64 28.44 -0.89
C LYS C 706 -13.51 29.05 -1.71
N GLN C 707 -12.98 28.27 -2.66
CA GLN C 707 -11.90 28.70 -3.55
C GLN C 707 -10.66 29.12 -2.75
N SER C 708 -10.16 28.14 -2.00
CA SER C 708 -8.97 28.35 -1.17
C SER C 708 -8.05 27.13 -1.29
N SER C 709 -6.83 27.29 -0.79
CA SER C 709 -5.87 26.19 -0.83
C SER C 709 -6.30 25.04 0.06
N VAL C 710 -6.92 25.36 1.20
CA VAL C 710 -7.41 24.31 2.09
C VAL C 710 -8.50 23.50 1.40
N ASP C 711 -9.34 24.16 0.61
CA ASP C 711 -10.37 23.45 -0.14
C ASP C 711 -9.74 22.53 -1.18
N ILE C 712 -8.66 22.95 -1.82
CA ILE C 712 -7.97 22.10 -2.79
C ILE C 712 -7.37 20.88 -2.09
N TYR C 713 -6.72 21.11 -0.94
CA TYR C 713 -6.13 20.00 -0.20
C TYR C 713 -7.20 19.04 0.32
N PHE C 714 -8.39 19.54 0.66
CA PHE C 714 -9.49 18.66 1.05
C PHE C 714 -10.04 17.87 -0.13
N ARG C 715 -10.19 18.51 -1.29
CA ARG C 715 -10.62 17.79 -2.48
C ARG C 715 -9.55 16.86 -3.02
N ARG C 716 -8.32 16.95 -2.51
CA ARG C 716 -7.22 16.10 -2.98
C ARG C 716 -7.37 14.65 -2.52
N GLN C 717 -7.42 14.43 -1.20
CA GLN C 717 -7.41 13.08 -0.66
C GLN C 717 -8.75 12.37 -0.85
N VAL C 718 -8.81 11.12 -0.41
CA VAL C 718 -9.99 10.29 -0.63
C VAL C 718 -11.05 10.56 0.44
N GLU C 719 -10.71 10.28 1.71
CA GLU C 719 -11.65 10.57 2.79
C GLU C 719 -11.84 12.07 2.96
N LEU C 720 -10.78 12.84 2.75
CA LEU C 720 -10.89 14.29 2.77
C LEU C 720 -11.84 14.79 1.68
N SER C 721 -12.05 14.02 0.61
CA SER C 721 -13.03 14.42 -0.40
C SER C 721 -14.44 14.37 0.16
N THR C 722 -14.79 13.29 0.87
CA THR C 722 -16.10 13.22 1.51
C THR C 722 -16.24 14.28 2.60
N MET C 723 -15.15 14.52 3.35
CA MET C 723 -15.18 15.58 4.35
C MET C 723 -15.44 16.94 3.71
N TYR C 724 -14.77 17.22 2.58
CA TYR C 724 -14.96 18.49 1.89
C TYR C 724 -16.36 18.60 1.31
N ARG C 725 -16.93 17.49 0.85
CA ARG C 725 -18.32 17.50 0.39
C ARG C 725 -19.26 17.88 1.53
N HIS C 726 -19.14 17.16 2.66
CA HIS C 726 -19.99 17.43 3.81
C HIS C 726 -19.79 18.85 4.35
N MET C 727 -18.61 19.43 4.17
CA MET C 727 -18.34 20.78 4.63
C MET C 727 -18.90 21.83 3.66
N GLU C 728 -18.61 21.68 2.37
CA GLU C 728 -19.04 22.62 1.34
C GLU C 728 -20.53 22.53 1.08
N LYS C 729 -21.20 21.53 1.68
CA LYS C 729 -22.65 21.52 1.68
C LYS C 729 -23.20 22.82 2.27
N HIS C 730 -22.52 23.37 3.28
CA HIS C 730 -22.90 24.65 3.88
C HIS C 730 -21.69 25.52 4.17
N ASN C 731 -20.73 25.57 3.25
CA ASN C 731 -19.49 26.31 3.48
C ASN C 731 -19.73 27.81 3.44
N TYR C 732 -18.83 28.55 4.08
CA TYR C 732 -18.85 30.01 4.06
C TYR C 732 -17.99 30.53 2.91
N GLU C 733 -17.91 31.86 2.78
CA GLU C 733 -17.14 32.47 1.70
C GLU C 733 -16.35 33.69 2.18
N SER C 734 -15.99 33.72 3.45
CA SER C 734 -15.23 34.84 3.99
C SER C 734 -14.56 34.42 5.28
N ALA C 735 -13.48 35.13 5.63
CA ALA C 735 -12.74 34.85 6.86
C ALA C 735 -13.30 35.66 8.03
N ALA C 736 -13.41 36.98 7.86
CA ALA C 736 -13.95 37.82 8.93
C ALA C 736 -15.41 37.49 9.22
N GLU C 737 -16.18 37.18 8.18
CA GLU C 737 -17.58 36.77 8.39
C GLU C 737 -17.65 35.47 9.20
N ALA C 738 -16.75 34.52 8.90
CA ALA C 738 -16.70 33.28 9.66
C ALA C 738 -16.29 33.54 11.11
N ILE C 739 -15.33 34.44 11.33
CA ILE C 739 -14.93 34.80 12.69
C ILE C 739 -16.13 35.36 13.45
N GLN C 740 -16.84 36.31 12.83
CA GLN C 740 -18.00 36.91 13.47
C GLN C 740 -19.08 35.86 13.76
N ALA C 741 -19.30 34.94 12.83
CA ALA C 741 -20.29 33.88 13.04
C ALA C 741 -19.89 32.99 14.20
N VAL C 742 -18.60 32.69 14.33
CA VAL C 742 -18.14 31.92 15.48
C VAL C 742 -18.33 32.71 16.77
N ARG C 743 -18.16 34.03 16.72
CA ARG C 743 -18.30 34.84 17.92
C ARG C 743 -19.75 34.91 18.42
N ASP C 744 -20.73 34.72 17.54
CA ASP C 744 -22.13 34.76 17.94
C ASP C 744 -22.81 33.40 17.76
N ASN C 745 -22.03 32.33 17.82
CA ASN C 745 -22.49 30.94 17.78
C ASN C 745 -23.25 30.59 16.51
N LYS C 746 -23.11 31.37 15.44
CA LYS C 746 -23.74 31.02 14.18
C LYS C 746 -23.07 29.79 13.57
N LEU C 747 -21.77 29.88 13.33
CA LEU C 747 -20.96 28.75 12.89
C LEU C 747 -20.06 28.30 14.04
N HIS C 748 -19.90 27.00 14.17
CA HIS C 748 -19.24 26.44 15.34
C HIS C 748 -17.73 26.34 15.20
N ALA C 749 -17.21 25.96 14.03
CA ALA C 749 -15.78 25.80 13.84
C ALA C 749 -15.42 25.83 12.36
N PHE C 750 -14.37 26.59 12.02
CA PHE C 750 -13.91 26.70 10.64
C PHE C 750 -12.40 26.51 10.61
N ILE C 751 -11.90 25.90 9.53
CA ILE C 751 -10.47 25.64 9.42
C ILE C 751 -9.84 26.66 8.48
N TRP C 752 -8.67 27.18 8.88
CA TRP C 752 -7.95 28.18 8.10
C TRP C 752 -6.49 28.11 8.48
N ASP C 753 -5.69 29.04 7.94
CA ASP C 753 -4.27 29.08 8.22
C ASP C 753 -4.01 29.24 9.71
N SER C 754 -2.95 28.59 10.19
CA SER C 754 -2.63 28.57 11.62
C SER C 754 -2.32 29.97 12.16
N ALA C 755 -1.44 30.70 11.49
CA ALA C 755 -1.01 31.99 12.00
C ALA C 755 -2.16 33.00 12.06
N VAL C 756 -3.06 32.95 11.09
CA VAL C 756 -4.16 33.92 11.03
C VAL C 756 -5.04 33.78 12.26
N LEU C 757 -5.54 32.57 12.51
CA LEU C 757 -6.42 32.36 13.66
C LEU C 757 -5.66 32.44 14.97
N GLU C 758 -4.36 32.13 14.95
CA GLU C 758 -3.53 32.27 16.15
C GLU C 758 -3.43 33.73 16.56
N PHE C 759 -3.29 34.62 15.59
CA PHE C 759 -3.30 36.05 15.88
C PHE C 759 -4.69 36.51 16.28
N GLU C 760 -5.72 36.02 15.57
CA GLU C 760 -7.09 36.41 15.86
C GLU C 760 -7.57 35.94 17.23
N ALA C 761 -6.90 34.95 17.83
CA ALA C 761 -7.31 34.45 19.14
C ALA C 761 -6.70 35.28 20.26
N SER C 762 -5.44 35.69 20.09
CA SER C 762 -4.72 36.41 21.14
C SER C 762 -4.98 37.90 21.10
N GLN C 763 -5.88 38.34 20.22
CA GLN C 763 -6.21 39.76 20.11
C GLN C 763 -7.53 40.14 20.79
N LYS C 764 -8.43 39.18 20.96
CA LYS C 764 -9.71 39.42 21.63
C LYS C 764 -9.87 38.65 22.93
N CYS C 765 -9.15 37.53 23.07
CA CYS C 765 -9.23 36.68 24.27
C CYS C 765 -10.65 36.21 24.51
N ASP C 766 -11.34 35.83 23.43
CA ASP C 766 -12.67 35.26 23.53
C ASP C 766 -12.78 33.84 22.99
N LEU C 767 -11.99 33.48 21.99
CA LEU C 767 -11.97 32.12 21.46
C LEU C 767 -10.52 31.65 21.36
N VAL C 768 -10.31 30.35 21.57
CA VAL C 768 -8.99 29.74 21.56
C VAL C 768 -8.92 28.72 20.44
N THR C 769 -7.69 28.37 20.08
CA THR C 769 -7.47 27.38 19.03
C THR C 769 -7.55 25.98 19.64
N THR C 770 -7.55 24.97 18.78
CA THR C 770 -7.61 23.58 19.22
C THR C 770 -7.04 22.65 18.17
N GLY C 771 -7.05 21.34 18.44
CA GLY C 771 -6.50 20.37 17.52
C GLY C 771 -5.00 20.46 17.38
N GLU C 772 -4.43 19.75 16.41
CA GLU C 772 -3.01 19.75 16.16
C GLU C 772 -2.75 19.98 14.67
N LEU C 773 -1.72 20.76 14.37
CA LEU C 773 -1.38 21.06 12.98
C LEU C 773 -0.75 19.84 12.33
N PHE C 774 -1.33 19.39 11.22
CA PHE C 774 -0.83 18.23 10.49
C PHE C 774 -0.25 18.62 9.13
N PHE C 775 -0.88 19.56 8.41
CA PHE C 775 -0.32 20.05 7.16
C PHE C 775 0.89 20.91 7.46
N ARG C 776 2.08 20.43 7.08
CA ARG C 776 3.34 21.02 7.49
C ARG C 776 3.94 21.93 6.42
N SER C 777 3.09 22.64 5.68
CA SER C 777 3.54 23.59 4.68
C SER C 777 3.72 24.97 5.30
N GLY C 778 4.94 25.48 5.24
CA GLY C 778 5.27 26.78 5.79
C GLY C 778 5.41 27.84 4.71
N PHE C 779 5.49 29.09 5.17
CA PHE C 779 5.63 30.21 4.25
C PHE C 779 7.05 30.23 3.68
N GLY C 780 7.32 31.23 2.85
CA GLY C 780 8.62 31.35 2.20
C GLY C 780 8.68 32.48 1.20
N ILE C 781 9.83 33.16 1.15
CA ILE C 781 10.05 34.24 0.20
C ILE C 781 10.02 33.69 -1.22
N GLY C 782 9.15 34.25 -2.05
CA GLY C 782 9.03 33.80 -3.43
C GLY C 782 9.94 34.58 -4.36
N MET C 783 10.92 33.91 -4.94
CA MET C 783 11.91 34.53 -5.79
C MET C 783 11.65 34.21 -7.25
N ARG C 784 12.16 35.05 -8.14
CA ARG C 784 12.08 34.82 -9.57
C ARG C 784 13.12 33.78 -9.97
N LYS C 785 12.79 32.99 -11.00
CA LYS C 785 13.57 31.82 -11.39
C LYS C 785 15.00 32.19 -11.77
N ASP C 786 15.96 31.45 -11.20
CA ASP C 786 17.38 31.51 -11.57
C ASP C 786 17.94 32.93 -11.39
N SER C 787 17.93 33.38 -10.14
CA SER C 787 18.58 34.63 -9.78
C SER C 787 19.51 34.43 -8.59
N PRO C 788 20.63 35.15 -8.56
CA PRO C 788 21.53 35.04 -7.39
C PRO C 788 20.90 35.53 -6.10
N TRP C 789 19.94 36.46 -6.19
CA TRP C 789 19.21 36.88 -5.00
C TRP C 789 18.47 35.73 -4.32
N LYS C 790 18.11 34.68 -5.05
CA LYS C 790 17.50 33.51 -4.43
C LYS C 790 18.44 32.90 -3.40
N GLN C 791 19.63 32.50 -3.84
CA GLN C 791 20.60 31.90 -2.93
C GLN C 791 21.02 32.89 -1.85
N GLN C 792 21.20 34.13 -2.23
CA GLN C 792 21.64 35.02 -1.17
C GLN C 792 20.50 35.07 -0.18
N VAL C 793 19.29 35.12 -0.71
CA VAL C 793 18.18 35.23 0.25
C VAL C 793 18.13 34.00 1.12
N SER C 794 18.31 32.79 0.63
CA SER C 794 18.15 31.69 1.59
C SER C 794 19.21 31.74 2.66
N LEU C 795 20.44 32.06 2.30
CA LEU C 795 21.44 32.10 3.38
C LEU C 795 21.08 33.21 4.36
N SER C 796 20.66 34.37 3.90
CA SER C 796 20.30 35.35 4.96
C SER C 796 19.08 34.90 5.75
N ILE C 797 18.02 34.35 5.17
CA ILE C 797 16.92 33.99 6.11
C ILE C 797 17.36 32.93 7.07
N LEU C 798 18.15 31.94 6.68
CA LEU C 798 18.53 30.97 7.73
C LEU C 798 19.38 31.64 8.82
N LYS C 799 20.25 32.57 8.48
CA LYS C 799 21.07 33.16 9.56
C LYS C 799 20.16 33.94 10.48
N SER C 800 19.23 34.65 9.89
CA SER C 800 18.28 35.37 10.74
C SER C 800 17.52 34.37 11.59
N HIS C 801 17.11 33.21 11.10
CA HIS C 801 16.37 32.25 11.97
C HIS C 801 17.19 31.84 13.17
N GLU C 802 18.49 31.69 13.03
CA GLU C 802 19.29 31.41 14.24
C GLU C 802 19.42 32.54 15.26
N ASN C 803 19.70 33.79 14.89
CA ASN C 803 19.97 34.73 16.03
C ASN C 803 18.78 35.41 16.72
N GLY C 804 17.86 34.64 17.28
CA GLY C 804 16.73 35.20 18.01
C GLY C 804 15.90 36.23 17.28
N PHE C 805 16.22 36.48 16.01
CA PHE C 805 15.54 37.53 15.27
C PHE C 805 14.09 37.16 14.98
N MET C 806 13.88 35.97 14.41
CA MET C 806 12.53 35.51 14.10
C MET C 806 11.71 35.33 15.37
N GLU C 807 12.33 34.80 16.42
CA GLU C 807 11.62 34.64 17.69
C GLU C 807 11.23 35.98 18.28
N ASP C 808 12.13 36.97 18.17
CA ASP C 808 11.81 38.32 18.63
C ASP C 808 10.64 38.91 17.86
N LEU C 809 10.67 38.79 16.53
CA LEU C 809 9.58 39.33 15.72
C LEU C 809 8.26 38.64 16.04
N ASP C 810 8.31 37.32 16.27
CA ASP C 810 7.11 36.58 16.63
C ASP C 810 6.55 37.07 17.97
N LYS C 811 7.40 37.14 18.99
CA LYS C 811 6.94 37.56 20.31
C LYS C 811 6.50 39.01 20.32
N THR C 812 6.96 39.81 19.35
CA THR C 812 6.66 41.23 19.38
C THR C 812 5.40 41.56 18.57
N TRP C 813 5.25 40.96 17.39
CA TRP C 813 4.24 41.39 16.43
C TRP C 813 2.95 40.60 16.46
N VAL C 814 3.00 39.27 16.60
CA VAL C 814 1.82 38.43 16.50
C VAL C 814 1.37 37.91 17.87
N ARG C 815 2.32 37.66 18.77
CA ARG C 815 2.03 37.16 20.12
C ARG C 815 2.11 38.35 21.08
N TYR C 816 0.99 39.08 21.21
CA TYR C 816 0.96 40.25 22.08
C TYR C 816 1.00 39.86 23.55
N GLN C 817 0.02 39.08 24.01
CA GLN C 817 -0.07 38.70 25.41
C GLN C 817 -0.67 37.30 25.52
N GLU C 818 -0.18 36.54 26.51
CA GLU C 818 -0.69 35.20 26.75
C GLU C 818 -1.96 35.23 27.59
N CYS C 819 -3.10 35.42 26.93
CA CYS C 819 -4.40 35.47 27.59
C CYS C 819 -5.09 34.11 27.62
N ASP C 820 -4.34 33.02 27.56
CA ASP C 820 -4.93 31.69 27.48
C ASP C 820 -5.77 31.33 28.70
N SER C 821 -5.12 31.24 29.87
CA SER C 821 -5.79 30.78 31.10
C SER C 821 -6.60 29.51 30.86
N ARG C 822 -6.00 28.57 30.14
CA ARG C 822 -6.68 27.37 29.65
C ARG C 822 -6.54 26.23 30.65
N SER C 823 -6.82 25.00 30.20
CA SER C 823 -6.64 23.76 30.96
C SER C 823 -7.72 23.58 32.02
N ASN C 824 -8.94 24.02 31.68
CA ASN C 824 -10.18 23.61 32.34
C ASN C 824 -10.10 23.76 33.87
N ALA C 825 -9.96 25.03 34.28
CA ALA C 825 -10.04 25.35 35.70
C ALA C 825 -11.35 24.84 36.27
N PRO C 826 -11.32 24.17 37.43
CA PRO C 826 -12.53 23.51 37.95
C PRO C 826 -13.66 24.47 38.28
N ALA C 827 -14.83 23.90 38.56
CA ALA C 827 -16.04 24.70 38.72
C ALA C 827 -15.99 25.53 39.99
N THR C 828 -15.94 26.84 39.92
CA THR C 828 -16.18 27.45 41.24
C THR C 828 -17.68 27.38 41.49
N LEU C 829 -18.19 27.22 42.72
CA LEU C 829 -19.66 27.31 42.97
C LEU C 829 -20.02 28.78 43.00
N THR C 830 -21.28 29.14 42.79
CA THR C 830 -21.49 30.60 42.79
C THR C 830 -22.90 31.05 43.15
N CYS C 831 -22.96 32.31 43.57
CA CYS C 831 -24.12 32.96 44.20
C CYS C 831 -25.37 32.70 43.43
N GLU C 832 -25.36 31.71 42.56
CA GLU C 832 -26.49 31.34 41.73
C GLU C 832 -27.12 30.00 42.09
N ASN C 833 -26.40 29.12 42.78
CA ASN C 833 -26.95 27.84 43.22
C ASN C 833 -27.32 27.85 44.70
N MET C 834 -26.55 28.57 45.51
CA MET C 834 -26.87 28.72 46.93
C MET C 834 -28.04 29.67 47.11
N ALA C 835 -28.46 30.31 46.02
CA ALA C 835 -29.65 31.17 46.05
C ALA C 835 -30.87 30.40 46.54
N GLY C 836 -30.92 29.10 46.24
CA GLY C 836 -31.97 28.25 46.77
C GLY C 836 -31.96 28.20 48.29
N VAL C 837 -30.77 28.02 48.87
CA VAL C 837 -30.66 27.97 50.32
C VAL C 837 -30.96 29.33 50.93
N PHE C 838 -30.58 30.40 50.24
CA PHE C 838 -30.90 31.74 50.75
C PHE C 838 -32.40 32.01 50.71
N MET C 839 -33.08 31.57 49.65
CA MET C 839 -34.54 31.68 49.61
C MET C 839 -35.18 30.81 50.68
N LEU C 840 -34.58 29.65 50.97
CA LEU C 840 -35.10 28.79 52.04
C LEU C 840 -34.97 29.47 53.40
N VAL C 841 -33.83 30.11 53.67
CA VAL C 841 -33.66 30.75 54.96
C VAL C 841 -34.51 32.01 55.06
N ALA C 842 -34.77 32.67 53.93
CA ALA C 842 -35.70 33.79 53.94
C ALA C 842 -37.13 33.34 54.23
N GLY C 843 -37.54 32.23 53.61
CA GLY C 843 -38.84 31.65 53.94
C GLY C 843 -38.91 31.21 55.39
N GLY C 844 -37.79 30.75 55.94
CA GLY C 844 -37.75 30.41 57.36
C GLY C 844 -37.90 31.63 58.25
N ILE C 845 -37.29 32.75 57.84
CA ILE C 845 -37.43 34.02 58.54
C ILE C 845 -38.90 34.43 58.54
N VAL C 846 -39.57 34.31 57.38
CA VAL C 846 -40.97 34.67 57.28
C VAL C 846 -41.82 33.75 58.15
N ALA C 847 -41.52 32.45 58.12
CA ALA C 847 -42.23 31.50 58.96
C ALA C 847 -42.05 31.81 60.44
N GLY C 848 -40.87 32.27 60.83
CA GLY C 848 -40.67 32.66 62.22
C GLY C 848 -41.42 33.93 62.58
N ILE C 849 -41.47 34.87 61.65
CA ILE C 849 -42.23 36.11 61.86
C ILE C 849 -43.72 35.79 62.03
N PHE C 850 -44.20 34.74 61.38
CA PHE C 850 -45.59 34.31 61.61
C PHE C 850 -45.71 33.51 62.91
N LEU C 851 -44.72 32.66 63.20
CA LEU C 851 -44.80 31.76 64.34
C LEU C 851 -44.66 32.48 65.67
N ILE C 852 -43.97 33.62 65.71
CA ILE C 852 -43.89 34.38 66.96
C ILE C 852 -45.29 34.85 67.37
N PHE C 853 -46.06 35.38 66.42
CA PHE C 853 -47.44 35.78 66.71
C PHE C 853 -48.33 34.57 66.98
N ILE C 854 -48.12 33.47 66.25
CA ILE C 854 -48.89 32.26 66.52
C ILE C 854 -48.68 31.80 67.95
N GLU C 855 -47.43 31.78 68.40
CA GLU C 855 -47.13 31.34 69.77
C GLU C 855 -47.61 32.35 70.80
N ILE C 856 -47.58 33.64 70.48
CA ILE C 856 -48.14 34.66 71.37
C ILE C 856 -49.63 34.40 71.58
N ALA C 857 -50.34 34.13 70.48
CA ALA C 857 -51.77 33.83 70.59
C ALA C 857 -52.00 32.54 71.37
N TYR C 858 -51.19 31.51 71.12
CA TYR C 858 -51.36 30.24 71.82
C TYR C 858 -51.11 30.39 73.32
N LYS C 859 -50.14 31.23 73.70
CA LYS C 859 -49.86 31.45 75.11
C LYS C 859 -50.91 32.34 75.78
N ARG C 860 -51.43 33.33 75.05
CA ARG C 860 -52.47 34.18 75.62
C ARG C 860 -53.79 33.42 75.76
N HIS C 861 -54.00 32.41 74.91
CA HIS C 861 -55.20 31.59 75.04
C HIS C 861 -55.24 30.86 76.36
N LYS C 862 -54.09 30.38 76.83
CA LYS C 862 -54.02 29.66 78.10
C LYS C 862 -53.58 30.59 79.23
N SER D 65 -28.99 37.38 -57.79
CA SER D 65 -28.88 35.93 -57.84
C SER D 65 -27.55 35.46 -57.28
N ILE D 66 -27.53 34.25 -56.73
CA ILE D 66 -26.33 33.65 -56.16
C ILE D 66 -25.82 32.59 -57.12
N GLY D 67 -24.57 32.73 -57.55
CA GLY D 67 -23.97 31.77 -58.44
C GLY D 67 -23.28 30.63 -57.72
N ILE D 68 -23.96 29.49 -57.63
CA ILE D 68 -23.41 28.31 -56.96
C ILE D 68 -23.15 27.24 -58.01
N ALA D 69 -22.07 26.48 -57.80
CA ALA D 69 -21.69 25.40 -58.69
C ALA D 69 -21.44 24.14 -57.87
N VAL D 70 -21.93 23.00 -58.39
CA VAL D 70 -21.78 21.71 -57.74
C VAL D 70 -20.90 20.87 -58.67
N ILE D 71 -19.61 20.79 -58.35
CA ILE D 71 -18.63 20.08 -59.17
C ILE D 71 -18.49 18.66 -58.65
N LEU D 72 -18.54 17.69 -59.56
CA LEU D 72 -18.38 16.29 -59.23
C LEU D 72 -17.48 15.63 -60.26
N VAL D 73 -16.54 14.82 -59.78
CA VAL D 73 -15.62 14.10 -60.63
C VAL D 73 -15.52 12.66 -60.14
N GLY D 74 -15.32 11.72 -61.06
CA GLY D 74 -15.18 10.33 -60.72
C GLY D 74 -16.50 9.60 -60.61
N THR D 75 -17.27 9.89 -59.56
CA THR D 75 -18.55 9.22 -59.34
C THR D 75 -19.68 10.05 -59.94
N SER D 76 -20.91 9.64 -59.68
CA SER D 76 -22.10 10.33 -60.19
C SER D 76 -23.15 10.37 -59.09
N ASP D 77 -23.58 11.57 -58.72
CA ASP D 77 -24.53 11.76 -57.63
C ASP D 77 -25.63 12.72 -58.06
N GLU D 78 -26.21 12.47 -59.24
CA GLU D 78 -27.33 13.27 -59.74
C GLU D 78 -28.53 13.06 -58.83
N VAL D 79 -28.90 14.09 -58.08
CA VAL D 79 -29.95 13.99 -57.07
C VAL D 79 -30.96 15.11 -57.27
N ALA D 80 -31.94 15.18 -56.36
CA ALA D 80 -33.02 16.16 -56.40
C ALA D 80 -32.64 17.47 -55.69
N ILE D 81 -31.36 17.84 -55.69
CA ILE D 81 -30.87 19.03 -55.02
C ILE D 81 -31.60 20.28 -55.51
N LYS D 82 -32.28 20.17 -56.65
CA LYS D 82 -33.03 21.30 -57.20
C LYS D 82 -34.14 21.78 -56.26
N ASP D 83 -34.43 21.05 -55.20
CA ASP D 83 -35.45 21.46 -54.23
C ASP D 83 -35.01 22.64 -53.37
N ALA D 84 -33.79 23.15 -53.56
CA ALA D 84 -33.35 24.32 -52.79
C ALA D 84 -34.23 25.53 -53.08
N HIS D 85 -34.61 25.71 -54.35
CA HIS D 85 -35.53 26.80 -54.68
C HIS D 85 -36.93 26.52 -54.16
N GLU D 86 -37.34 25.25 -54.13
CA GLU D 86 -38.65 24.90 -53.60
C GLU D 86 -38.72 25.05 -52.09
N LYS D 87 -37.58 25.09 -51.40
CA LYS D 87 -37.58 25.28 -49.96
C LYS D 87 -38.19 26.63 -49.58
N ASP D 88 -37.80 27.68 -50.31
CA ASP D 88 -38.34 29.03 -50.12
C ASP D 88 -38.15 29.52 -48.67
N ASP D 89 -36.89 29.65 -48.29
CA ASP D 89 -36.52 30.12 -46.97
C ASP D 89 -35.74 31.42 -46.96
N PHE D 90 -35.27 31.89 -48.12
CA PHE D 90 -34.50 33.13 -48.19
C PHE D 90 -35.45 34.31 -48.05
N HIS D 91 -35.33 35.04 -46.95
CA HIS D 91 -36.20 36.19 -46.72
C HIS D 91 -35.81 37.37 -47.61
N HIS D 92 -34.51 37.58 -47.80
CA HIS D 92 -34.04 38.68 -48.62
C HIS D 92 -34.31 38.40 -50.10
N LEU D 93 -34.97 39.33 -50.76
CA LEU D 93 -35.32 39.18 -52.18
C LEU D 93 -34.20 39.68 -53.09
N SER D 94 -32.98 39.21 -52.83
CA SER D 94 -31.85 39.55 -53.69
C SER D 94 -30.94 38.36 -53.99
N VAL D 95 -31.22 37.18 -53.46
CA VAL D 95 -30.38 36.00 -53.65
C VAL D 95 -31.24 34.92 -54.30
N VAL D 96 -30.84 34.46 -55.47
CA VAL D 96 -31.52 33.39 -56.20
C VAL D 96 -30.54 32.24 -56.35
N PRO D 97 -30.88 31.02 -55.91
CA PRO D 97 -29.95 29.90 -56.00
C PRO D 97 -29.79 29.39 -57.42
N ARG D 98 -29.00 30.10 -58.23
CA ARG D 98 -28.72 29.69 -59.61
C ARG D 98 -27.62 28.63 -59.59
N VAL D 99 -28.01 27.42 -59.22
CA VAL D 99 -27.06 26.32 -59.10
C VAL D 99 -26.67 25.82 -60.48
N GLU D 100 -25.50 25.18 -60.56
CA GLU D 100 -24.98 24.61 -61.81
C GLU D 100 -24.29 23.29 -61.46
N LEU D 101 -25.04 22.20 -61.58
CA LEU D 101 -24.53 20.87 -61.27
C LEU D 101 -23.66 20.39 -62.44
N VAL D 102 -22.42 20.88 -62.45
CA VAL D 102 -21.44 20.52 -63.48
C VAL D 102 -20.72 19.25 -63.07
N ALA D 103 -20.63 18.31 -63.99
CA ALA D 103 -19.98 17.03 -63.73
C ALA D 103 -18.87 16.81 -64.75
N MET D 104 -17.96 15.89 -64.41
CA MET D 104 -16.83 15.58 -65.27
C MET D 104 -16.28 14.22 -64.87
N ASN D 105 -15.52 13.63 -65.79
CA ASN D 105 -14.91 12.32 -65.58
C ASN D 105 -13.41 12.40 -65.30
N GLU D 106 -12.69 13.28 -65.99
CA GLU D 106 -11.26 13.41 -65.78
C GLU D 106 -10.96 14.14 -64.47
N THR D 107 -9.77 13.90 -63.95
CA THR D 107 -9.31 14.51 -62.71
C THR D 107 -7.91 15.08 -62.88
N ASP D 108 -7.69 15.79 -63.99
CA ASP D 108 -6.40 16.40 -64.26
C ASP D 108 -6.36 17.81 -63.70
N PRO D 109 -5.25 18.23 -63.09
CA PRO D 109 -5.21 19.57 -62.46
C PRO D 109 -5.47 20.70 -63.45
N LYS D 110 -4.81 20.67 -64.61
CA LYS D 110 -4.97 21.75 -65.59
C LYS D 110 -6.41 21.82 -66.09
N SER D 111 -6.99 20.67 -66.42
CA SER D 111 -8.38 20.64 -66.90
C SER D 111 -9.34 21.14 -65.83
N ILE D 112 -9.10 20.73 -64.56
CA ILE D 112 -9.97 21.17 -63.47
C ILE D 112 -9.89 22.68 -63.30
N ILE D 113 -8.68 23.23 -63.35
CA ILE D 113 -8.52 24.68 -63.19
C ILE D 113 -9.16 25.43 -64.36
N THR D 114 -9.00 24.93 -65.58
CA THR D 114 -9.63 25.59 -66.73
C THR D 114 -11.15 25.54 -66.63
N ARG D 115 -11.69 24.42 -66.16
CA ARG D 115 -13.13 24.31 -65.98
C ARG D 115 -13.62 25.25 -64.88
N ILE D 116 -12.83 25.40 -63.81
CA ILE D 116 -13.21 26.31 -62.73
C ILE D 116 -13.23 27.75 -63.23
N CYS D 117 -12.20 28.14 -64.00
CA CYS D 117 -12.19 29.49 -64.56
C CYS D 117 -13.34 29.70 -65.54
N ASP D 118 -13.64 28.71 -66.38
CA ASP D 118 -14.75 28.84 -67.32
C ASP D 118 -16.09 28.97 -66.60
N LEU D 119 -16.28 28.22 -65.50
CA LEU D 119 -17.51 28.33 -64.73
C LEU D 119 -17.60 29.68 -64.03
N MET D 120 -16.47 30.18 -63.51
CA MET D 120 -16.48 31.48 -62.86
C MET D 120 -16.70 32.61 -63.86
N SER D 121 -16.30 32.42 -65.11
CA SER D 121 -16.49 33.43 -66.14
C SER D 121 -17.86 33.35 -66.81
N ASP D 122 -18.51 32.18 -66.77
CA ASP D 122 -19.84 32.06 -67.37
C ASP D 122 -20.87 32.86 -66.59
N ARG D 123 -21.03 32.55 -65.32
CA ARG D 123 -21.98 33.23 -64.45
C ARG D 123 -21.25 33.87 -63.26
N LYS D 124 -22.01 34.61 -62.46
CA LYS D 124 -21.47 35.27 -61.29
C LYS D 124 -21.22 34.27 -60.17
N ILE D 125 -20.15 33.48 -60.29
CA ILE D 125 -19.86 32.45 -59.30
C ILE D 125 -19.30 33.08 -58.03
N GLN D 126 -19.91 32.75 -56.90
CA GLN D 126 -19.45 33.21 -55.59
C GLN D 126 -19.02 32.07 -54.67
N GLY D 127 -19.68 30.91 -54.76
CA GLY D 127 -19.34 29.77 -53.94
C GLY D 127 -19.59 28.45 -54.63
N VAL D 128 -18.59 27.57 -54.65
CA VAL D 128 -18.66 26.31 -55.37
C VAL D 128 -18.54 25.18 -54.37
N VAL D 129 -19.59 24.35 -54.28
CA VAL D 129 -19.51 23.12 -53.52
C VAL D 129 -18.88 22.04 -54.38
N PHE D 130 -17.98 21.26 -53.78
CA PHE D 130 -17.16 20.31 -54.52
C PHE D 130 -17.36 18.89 -53.99
N ALA D 131 -17.36 17.94 -54.91
CA ALA D 131 -17.43 16.53 -54.58
C ALA D 131 -16.51 15.75 -55.50
N ASP D 132 -15.98 14.64 -55.00
CA ASP D 132 -15.02 13.83 -55.76
C ASP D 132 -15.08 12.40 -55.24
N ASP D 133 -14.14 11.58 -55.72
CA ASP D 133 -14.03 10.21 -55.25
C ASP D 133 -12.58 9.76 -55.02
N THR D 134 -11.60 10.61 -55.31
CA THR D 134 -10.20 10.25 -55.16
C THR D 134 -9.78 10.44 -53.70
N ASP D 135 -8.47 10.34 -53.43
CA ASP D 135 -7.93 10.50 -52.09
C ASP D 135 -6.54 11.11 -52.22
N GLN D 136 -6.46 12.43 -52.06
CA GLN D 136 -5.20 13.15 -52.17
C GLN D 136 -5.40 14.57 -51.64
N GLU D 137 -4.36 15.11 -51.00
CA GLU D 137 -4.39 16.47 -50.50
C GLU D 137 -4.17 17.51 -51.60
N ALA D 138 -3.88 17.06 -52.82
CA ALA D 138 -3.70 18.01 -53.93
C ALA D 138 -4.98 18.78 -54.22
N ILE D 139 -6.14 18.19 -53.89
CA ILE D 139 -7.41 18.90 -54.06
C ILE D 139 -7.43 20.14 -53.17
N ALA D 140 -7.14 19.96 -51.88
CA ALA D 140 -7.09 21.10 -50.96
C ALA D 140 -5.97 22.05 -51.35
N GLN D 141 -4.87 21.52 -51.88
CA GLN D 141 -3.77 22.37 -52.32
C GLN D 141 -4.22 23.31 -53.42
N ILE D 142 -4.79 22.78 -54.50
CA ILE D 142 -5.24 23.62 -55.60
C ILE D 142 -6.41 24.50 -55.17
N LEU D 143 -7.20 24.05 -54.18
CA LEU D 143 -8.25 24.90 -53.65
C LEU D 143 -7.67 26.14 -52.98
N ASP D 144 -6.66 25.96 -52.12
CA ASP D 144 -6.00 27.11 -51.52
C ASP D 144 -5.32 27.97 -52.58
N PHE D 145 -4.76 27.35 -53.62
CA PHE D 145 -4.10 28.11 -54.68
C PHE D 145 -5.09 29.00 -55.42
N ILE D 146 -6.26 28.47 -55.78
CA ILE D 146 -7.24 29.29 -56.50
C ILE D 146 -7.86 30.31 -55.57
N SER D 147 -8.02 29.98 -54.28
CA SER D 147 -8.53 30.96 -53.33
C SER D 147 -7.53 32.08 -53.06
N ALA D 148 -6.24 31.84 -53.28
CA ALA D 148 -5.24 32.89 -53.14
C ALA D 148 -5.13 33.71 -54.41
N GLN D 149 -5.17 33.05 -55.57
CA GLN D 149 -5.01 33.75 -56.84
C GLN D 149 -6.28 34.52 -57.21
N THR D 150 -7.38 33.81 -57.42
CA THR D 150 -8.61 34.44 -57.89
C THR D 150 -9.48 34.97 -56.76
N LEU D 151 -9.18 34.60 -55.51
CA LEU D 151 -9.94 35.03 -54.33
C LEU D 151 -11.42 34.66 -54.47
N THR D 152 -11.66 33.35 -54.62
CA THR D 152 -13.01 32.81 -54.76
C THR D 152 -13.22 31.75 -53.70
N PRO D 153 -14.16 31.92 -52.78
CA PRO D 153 -14.41 30.90 -51.75
C PRO D 153 -15.20 29.73 -52.32
N ILE D 154 -14.76 28.52 -51.98
CA ILE D 154 -15.43 27.29 -52.40
C ILE D 154 -15.77 26.48 -51.15
N LEU D 155 -16.47 25.37 -51.35
CA LEU D 155 -16.93 24.54 -50.25
C LEU D 155 -16.63 23.08 -50.54
N GLY D 156 -15.86 22.46 -49.65
CA GLY D 156 -15.60 21.03 -49.72
C GLY D 156 -16.65 20.21 -48.99
N ILE D 157 -17.83 20.04 -49.58
CA ILE D 157 -18.95 19.39 -48.88
C ILE D 157 -18.72 17.89 -49.00
N HIS D 158 -17.85 17.39 -48.11
CA HIS D 158 -17.48 15.98 -47.95
C HIS D 158 -16.61 15.49 -49.11
N GLY D 159 -16.59 16.25 -50.21
CA GLY D 159 -15.57 16.20 -51.24
C GLY D 159 -14.89 14.88 -51.52
N GLY D 160 -15.63 13.76 -51.49
CA GLY D 160 -14.95 12.48 -51.51
C GLY D 160 -14.01 12.37 -50.32
N SER D 161 -12.71 12.50 -50.57
CA SER D 161 -11.72 12.58 -49.51
C SER D 161 -11.22 14.01 -49.28
N SER D 162 -11.94 15.01 -49.78
CA SER D 162 -11.55 16.40 -49.54
C SER D 162 -11.95 16.85 -48.15
N MET D 163 -12.79 16.07 -47.48
CA MET D 163 -13.18 16.35 -46.09
C MET D 163 -12.12 15.81 -45.13
N ILE D 164 -10.88 16.22 -45.39
CA ILE D 164 -9.72 15.82 -44.60
C ILE D 164 -9.09 17.10 -44.06
N MET D 165 -9.04 17.22 -42.74
CA MET D 165 -8.46 18.40 -42.11
C MET D 165 -7.01 18.59 -42.54
N ALA D 166 -6.75 19.66 -43.29
CA ALA D 166 -5.41 19.98 -43.77
C ALA D 166 -5.13 21.46 -43.56
N ASP D 167 -3.84 21.79 -43.47
CA ASP D 167 -3.45 23.17 -43.24
C ASP D 167 -3.76 24.03 -44.48
N LYS D 168 -3.74 25.34 -44.27
CA LYS D 168 -4.02 26.29 -45.33
C LYS D 168 -3.20 27.55 -45.07
N ASP D 169 -3.54 28.63 -45.75
CA ASP D 169 -2.83 29.90 -45.62
C ASP D 169 -3.88 31.00 -45.43
N GLU D 170 -3.43 32.25 -45.47
CA GLU D 170 -4.32 33.41 -45.30
C GLU D 170 -4.99 33.76 -46.63
N SER D 171 -5.60 32.75 -47.24
CA SER D 171 -6.36 32.90 -48.46
C SER D 171 -7.85 32.86 -48.13
N SER D 172 -8.69 32.83 -49.16
CA SER D 172 -10.13 32.70 -48.98
C SER D 172 -10.43 31.35 -48.35
N MET D 173 -10.94 31.37 -47.12
CA MET D 173 -11.16 30.14 -46.37
C MET D 173 -12.22 29.28 -47.02
N PHE D 174 -11.87 28.03 -47.33
CA PHE D 174 -12.80 27.04 -47.87
C PHE D 174 -13.04 25.98 -46.81
N PHE D 175 -14.31 25.77 -46.48
CA PHE D 175 -14.65 24.85 -45.40
C PHE D 175 -14.60 23.40 -45.88
N GLN D 176 -14.11 22.53 -45.01
CA GLN D 176 -14.05 21.09 -45.26
C GLN D 176 -14.90 20.38 -44.22
N PHE D 177 -15.66 19.38 -44.66
CA PHE D 177 -16.55 18.64 -43.77
C PHE D 177 -15.77 17.66 -42.89
N GLY D 178 -14.90 18.18 -42.02
CA GLY D 178 -14.12 17.35 -41.14
C GLY D 178 -13.64 18.12 -39.92
N PRO D 179 -13.49 17.43 -38.80
CA PRO D 179 -13.02 18.07 -37.57
C PRO D 179 -11.50 18.11 -37.48
N SER D 180 -11.03 18.87 -36.49
CA SER D 180 -9.60 18.92 -36.22
C SER D 180 -9.13 17.63 -35.57
N ILE D 181 -7.83 17.36 -35.67
CA ILE D 181 -7.25 16.20 -35.00
C ILE D 181 -7.37 16.32 -33.49
N GLU D 182 -7.43 17.55 -32.99
CA GLU D 182 -7.63 17.76 -31.56
C GLU D 182 -8.98 17.21 -31.11
N GLN D 183 -10.01 17.43 -31.94
CA GLN D 183 -11.33 16.88 -31.63
C GLN D 183 -11.32 15.35 -31.66
N GLN D 184 -10.57 14.76 -32.59
CA GLN D 184 -10.44 13.31 -32.67
C GLN D 184 -9.77 12.77 -31.41
N ALA D 185 -8.68 13.42 -30.98
CA ALA D 185 -8.03 13.02 -29.73
C ALA D 185 -8.95 13.18 -28.53
N SER D 186 -9.76 14.25 -28.50
CA SER D 186 -10.66 14.48 -27.38
C SER D 186 -11.74 13.41 -27.31
N VAL D 187 -12.33 13.06 -28.45
CA VAL D 187 -13.37 12.04 -28.46
C VAL D 187 -12.77 10.66 -28.17
N MET D 188 -11.52 10.44 -28.59
CA MET D 188 -10.85 9.18 -28.27
C MET D 188 -10.60 9.06 -26.77
N LEU D 189 -10.16 10.16 -26.14
CA LEU D 189 -9.98 10.16 -24.69
C LEU D 189 -11.31 10.00 -23.97
N ASN D 190 -12.39 10.59 -24.51
CA ASN D 190 -13.70 10.41 -23.89
C ASN D 190 -14.16 8.96 -23.98
N ILE D 191 -13.91 8.30 -25.12
CA ILE D 191 -14.25 6.89 -25.24
C ILE D 191 -13.42 6.05 -24.29
N MET D 192 -12.12 6.39 -24.16
CA MET D 192 -11.26 5.68 -23.21
C MET D 192 -11.76 5.85 -21.78
N GLU D 193 -12.22 7.05 -21.44
CA GLU D 193 -12.81 7.29 -20.12
C GLU D 193 -14.14 6.57 -19.92
N GLU D 194 -14.89 6.33 -21.00
CA GLU D 194 -16.09 5.51 -20.90
C GLU D 194 -15.74 4.06 -20.57
N TYR D 195 -14.55 3.61 -20.95
CA TYR D 195 -14.05 2.30 -20.57
C TYR D 195 -13.18 2.33 -19.32
N ASP D 196 -12.89 3.53 -18.79
CA ASP D 196 -12.12 3.70 -17.56
C ASP D 196 -10.71 3.13 -17.69
N TRP D 197 -10.17 3.14 -18.90
CA TRP D 197 -8.80 2.69 -19.16
C TRP D 197 -7.91 3.93 -19.26
N TYR D 198 -7.58 4.50 -18.11
CA TYR D 198 -6.78 5.72 -18.08
C TYR D 198 -5.29 5.42 -18.09
N ILE D 199 -4.85 4.59 -19.03
CA ILE D 199 -3.44 4.28 -19.24
C ILE D 199 -3.21 4.15 -20.74
N PHE D 200 -2.33 4.99 -21.27
CA PHE D 200 -2.09 5.00 -22.71
C PHE D 200 -0.69 5.51 -23.00
N SER D 201 -0.22 5.25 -24.21
CA SER D 201 1.07 5.72 -24.68
C SER D 201 0.91 6.25 -26.09
N ILE D 202 1.88 7.07 -26.52
CA ILE D 202 1.86 7.71 -27.83
C ILE D 202 3.03 7.21 -28.65
N VAL D 203 2.74 6.61 -29.79
CA VAL D 203 3.75 6.12 -30.73
C VAL D 203 3.41 6.64 -32.12
N THR D 204 4.28 7.49 -32.66
CA THR D 204 4.04 8.07 -33.97
C THR D 204 5.36 8.25 -34.70
N THR D 205 5.28 8.40 -36.02
CA THR D 205 6.43 8.61 -36.87
C THR D 205 6.55 10.09 -37.22
N TYR D 206 7.47 10.40 -38.13
CA TYR D 206 7.70 11.77 -38.57
C TYR D 206 6.62 12.20 -39.55
N PHE D 207 5.36 12.19 -39.11
CA PHE D 207 4.18 12.57 -39.87
C PHE D 207 3.77 14.00 -39.56
N PRO D 208 3.23 14.73 -40.53
CA PRO D 208 2.80 16.11 -40.27
C PRO D 208 1.64 16.15 -39.28
N GLY D 209 1.69 17.14 -38.39
CA GLY D 209 0.67 17.33 -37.39
C GLY D 209 0.92 16.61 -36.07
N TYR D 210 2.02 15.87 -35.96
CA TYR D 210 2.32 15.12 -34.74
C TYR D 210 2.52 16.04 -33.54
N GLN D 211 3.27 17.13 -33.75
CA GLN D 211 3.58 18.04 -32.65
C GLN D 211 2.31 18.66 -32.06
N ASP D 212 1.47 19.22 -32.93
CA ASP D 212 0.22 19.83 -32.47
C ASP D 212 -0.68 18.79 -31.80
N PHE D 213 -0.71 17.58 -32.35
CA PHE D 213 -1.54 16.52 -31.79
C PHE D 213 -1.09 16.16 -30.38
N VAL D 214 0.21 15.94 -30.19
CA VAL D 214 0.70 15.54 -28.87
C VAL D 214 0.58 16.70 -27.89
N ASN D 215 0.69 17.94 -28.38
CA ASN D 215 0.50 19.08 -27.50
C ASN D 215 -0.94 19.19 -27.04
N LYS D 216 -1.89 18.98 -27.95
CA LYS D 216 -3.30 18.99 -27.58
C LYS D 216 -3.62 17.86 -26.61
N ILE D 217 -3.00 16.69 -26.82
CA ILE D 217 -3.22 15.56 -25.91
C ILE D 217 -2.69 15.89 -24.52
N ARG D 218 -1.48 16.45 -24.45
CA ARG D 218 -0.90 16.82 -23.17
C ARG D 218 -1.74 17.89 -22.48
N SER D 219 -2.29 18.83 -23.25
CA SER D 219 -3.13 19.87 -22.66
C SER D 219 -4.42 19.28 -22.11
N THR D 220 -5.01 18.31 -22.82
CA THR D 220 -6.21 17.64 -22.32
C THR D 220 -5.90 16.79 -21.09
N ILE D 221 -4.68 16.26 -20.99
CA ILE D 221 -4.30 15.50 -19.80
C ILE D 221 -4.20 16.41 -18.60
N GLU D 222 -3.61 17.59 -18.76
CA GLU D 222 -3.44 18.54 -17.67
C GLU D 222 -4.67 19.40 -17.43
N ASN D 223 -5.83 19.00 -17.95
CA ASN D 223 -7.08 19.74 -17.76
C ASN D 223 -8.13 18.87 -17.06
N SER D 224 -7.70 17.80 -16.42
CA SER D 224 -8.58 16.90 -15.70
C SER D 224 -8.01 16.58 -14.32
N PHE D 225 -8.75 15.78 -13.56
CA PHE D 225 -8.35 15.38 -12.22
C PHE D 225 -8.28 13.86 -12.11
N VAL D 226 -8.06 13.17 -13.22
CA VAL D 226 -7.94 11.72 -13.26
C VAL D 226 -6.51 11.36 -13.62
N GLY D 227 -6.08 10.18 -13.17
CA GLY D 227 -4.71 9.75 -13.38
C GLY D 227 -4.42 9.30 -14.79
N TRP D 228 -4.49 10.22 -15.74
CA TRP D 228 -4.12 9.93 -17.13
C TRP D 228 -2.61 9.95 -17.24
N GLU D 229 -1.99 8.77 -17.25
CA GLU D 229 -0.54 8.62 -17.23
C GLU D 229 -0.07 8.24 -18.63
N LEU D 230 0.60 9.18 -19.30
CA LEU D 230 1.22 8.93 -20.60
C LEU D 230 2.52 8.16 -20.36
N GLU D 231 2.50 6.87 -20.70
CA GLU D 231 3.65 6.02 -20.42
C GLU D 231 4.89 6.47 -21.18
N GLU D 232 4.77 6.70 -22.48
CA GLU D 232 5.91 7.08 -23.30
C GLU D 232 5.48 7.68 -24.63
N VAL D 233 6.03 8.83 -24.98
CA VAL D 233 5.81 9.47 -26.28
C VAL D 233 6.97 9.11 -27.19
N LEU D 234 6.65 8.67 -28.41
CA LEU D 234 7.65 8.16 -29.33
C LEU D 234 7.54 8.88 -30.67
N LEU D 235 8.63 9.49 -31.11
CA LEU D 235 8.73 10.08 -32.44
C LEU D 235 9.68 9.21 -33.27
N LEU D 236 9.14 8.57 -34.30
CA LEU D 236 9.87 7.56 -35.06
C LEU D 236 10.00 8.01 -36.52
N ASP D 237 10.58 7.14 -37.34
CA ASP D 237 10.75 7.38 -38.76
C ASP D 237 11.05 6.07 -39.46
N MET D 238 10.54 5.93 -40.67
CA MET D 238 10.77 4.73 -41.48
C MET D 238 11.93 4.99 -42.45
N SER D 239 13.14 4.86 -41.89
CA SER D 239 14.36 5.16 -42.62
C SER D 239 15.13 3.91 -43.02
N LEU D 240 15.46 3.06 -42.06
CA LEU D 240 16.30 1.89 -42.33
C LEU D 240 15.88 0.77 -41.37
N ASP D 241 16.72 -0.25 -41.25
CA ASP D 241 16.44 -1.43 -40.44
C ASP D 241 16.89 -1.27 -38.99
N ASP D 242 17.96 -0.51 -38.74
CA ASP D 242 18.36 -0.24 -37.36
C ASP D 242 17.30 0.59 -36.65
N GLY D 243 16.70 1.56 -37.34
CA GLY D 243 15.58 2.27 -36.79
C GLY D 243 14.41 1.36 -36.49
N ASP D 244 14.18 0.35 -37.36
CA ASP D 244 13.11 -0.61 -37.11
C ASP D 244 13.41 -1.45 -35.88
N SER D 245 14.67 -1.85 -35.67
CA SER D 245 15.03 -2.61 -34.49
C SER D 245 14.85 -1.77 -33.22
N LYS D 246 15.23 -0.49 -33.30
CA LYS D 246 15.01 0.40 -32.17
C LYS D 246 13.51 0.59 -31.88
N ILE D 247 12.69 0.67 -32.94
CA ILE D 247 11.24 0.80 -32.74
C ILE D 247 10.69 -0.46 -32.10
N GLN D 248 11.19 -1.63 -32.53
CA GLN D 248 10.74 -2.89 -31.92
C GLN D 248 11.12 -2.96 -30.45
N ASN D 249 12.34 -2.52 -30.12
CA ASN D 249 12.75 -2.50 -28.72
C ASN D 249 11.88 -1.57 -27.90
N GLN D 250 11.63 -0.36 -28.42
CA GLN D 250 10.81 0.61 -27.69
C GLN D 250 9.37 0.12 -27.55
N LEU D 251 8.87 -0.64 -28.52
CA LEU D 251 7.52 -1.18 -28.41
C LEU D 251 7.48 -2.33 -27.41
N LYS D 252 8.54 -3.12 -27.34
CA LYS D 252 8.65 -4.12 -26.29
C LYS D 252 8.76 -3.48 -24.91
N LYS D 253 9.31 -2.27 -24.83
CA LYS D 253 9.38 -1.53 -23.57
C LYS D 253 8.19 -0.59 -23.37
N LEU D 254 7.16 -0.71 -24.21
CA LEU D 254 5.99 0.15 -24.08
C LEU D 254 5.15 -0.25 -22.86
N GLN D 255 4.65 -1.49 -22.87
CA GLN D 255 3.84 -2.06 -21.79
C GLN D 255 2.53 -1.29 -21.56
N SER D 256 1.96 -0.68 -22.62
CA SER D 256 0.72 0.05 -22.49
C SER D 256 -0.40 -0.63 -23.28
N PRO D 257 -1.60 -0.73 -22.71
CA PRO D 257 -2.72 -1.36 -23.43
C PRO D 257 -3.38 -0.45 -24.46
N ILE D 258 -3.15 0.86 -24.41
CA ILE D 258 -3.74 1.81 -25.34
C ILE D 258 -2.61 2.55 -26.04
N ILE D 259 -2.59 2.45 -27.37
CA ILE D 259 -1.56 3.10 -28.18
C ILE D 259 -2.25 3.87 -29.30
N LEU D 260 -1.75 5.08 -29.55
CA LEU D 260 -2.28 5.95 -30.60
C LEU D 260 -1.19 6.25 -31.62
N LEU D 261 -1.54 6.14 -32.90
CA LEU D 261 -0.62 6.41 -33.98
C LEU D 261 -1.34 7.20 -35.07
N TYR D 262 -0.57 7.78 -35.98
CA TYR D 262 -1.11 8.61 -37.06
C TYR D 262 -0.13 8.58 -38.23
N CYS D 263 -0.45 7.79 -39.25
CA CYS D 263 0.34 7.73 -40.48
C CYS D 263 -0.51 7.05 -41.55
N THR D 264 0.06 6.99 -42.76
CA THR D 264 -0.66 6.49 -43.93
C THR D 264 -1.03 5.02 -43.80
N LYS D 265 -1.77 4.50 -44.77
CA LYS D 265 -2.27 3.13 -44.69
C LYS D 265 -1.14 2.12 -44.87
N GLU D 266 -0.17 2.42 -45.73
CA GLU D 266 0.94 1.49 -45.94
C GLU D 266 1.83 1.41 -44.71
N GLU D 267 2.17 2.55 -44.12
CA GLU D 267 2.95 2.54 -42.88
C GLU D 267 2.15 1.93 -41.74
N ALA D 268 0.83 2.11 -41.74
CA ALA D 268 0.00 1.45 -40.73
C ALA D 268 0.05 -0.07 -40.88
N THR D 269 -0.03 -0.56 -42.12
CA THR D 269 0.11 -1.99 -42.36
C THR D 269 1.47 -2.50 -41.91
N TYR D 270 2.53 -1.74 -42.21
CA TYR D 270 3.88 -2.15 -41.81
C TYR D 270 4.02 -2.20 -40.29
N ILE D 271 3.52 -1.19 -39.60
CA ILE D 271 3.67 -1.14 -38.15
C ILE D 271 2.80 -2.20 -37.49
N PHE D 272 1.62 -2.50 -38.06
CA PHE D 272 0.81 -3.60 -37.53
C PHE D 272 1.49 -4.94 -37.75
N GLU D 273 2.14 -5.11 -38.90
CA GLU D 273 2.88 -6.35 -39.15
C GLU D 273 4.00 -6.53 -38.14
N VAL D 274 4.82 -5.49 -37.94
CA VAL D 274 5.92 -5.62 -36.99
C VAL D 274 5.40 -5.75 -35.57
N ALA D 275 4.21 -5.20 -35.29
CA ALA D 275 3.62 -5.30 -33.96
C ALA D 275 3.15 -6.72 -33.66
N ASN D 276 2.42 -7.34 -34.61
CA ASN D 276 2.01 -8.72 -34.40
C ASN D 276 3.20 -9.67 -34.50
N SER D 277 4.30 -9.22 -35.10
CA SER D 277 5.52 -10.02 -35.08
C SER D 277 6.17 -9.98 -33.70
N VAL D 278 6.30 -8.79 -33.11
CA VAL D 278 6.91 -8.68 -31.80
C VAL D 278 5.95 -9.10 -30.69
N GLY D 279 4.67 -9.27 -31.00
CA GLY D 279 3.72 -9.77 -30.02
C GLY D 279 2.65 -8.78 -29.58
N LEU D 280 2.24 -7.90 -30.49
CA LEU D 280 1.15 -6.96 -30.21
C LEU D 280 -0.05 -7.33 -31.08
N THR D 281 -1.03 -7.96 -30.45
CA THR D 281 -2.24 -8.42 -31.13
C THR D 281 -3.46 -7.80 -30.45
N GLY D 282 -4.64 -8.21 -30.90
CA GLY D 282 -5.89 -7.72 -30.37
C GLY D 282 -6.40 -8.44 -29.14
N TYR D 283 -5.54 -9.21 -28.45
CA TYR D 283 -5.97 -9.91 -27.25
C TYR D 283 -6.29 -8.93 -26.12
N GLY D 284 -5.30 -8.12 -25.74
CA GLY D 284 -5.49 -7.15 -24.69
C GLY D 284 -4.99 -5.77 -25.06
N TYR D 285 -4.30 -5.67 -26.19
CA TYR D 285 -3.73 -4.40 -26.65
C TYR D 285 -4.62 -3.84 -27.76
N THR D 286 -5.42 -2.83 -27.41
CA THR D 286 -6.27 -2.15 -28.36
C THR D 286 -5.64 -0.84 -28.79
N TRP D 287 -6.00 -0.38 -30.00
CA TRP D 287 -5.40 0.79 -30.60
C TRP D 287 -6.47 1.84 -30.90
N ILE D 288 -6.03 3.08 -31.03
CA ILE D 288 -6.89 4.20 -31.40
C ILE D 288 -6.18 4.99 -32.50
N VAL D 289 -6.69 4.91 -33.71
CA VAL D 289 -6.08 5.58 -34.86
C VAL D 289 -7.11 6.51 -35.50
N PRO D 290 -6.77 7.76 -35.78
CA PRO D 290 -7.72 8.66 -36.45
C PRO D 290 -7.97 8.24 -37.89
N SER D 291 -9.21 8.43 -38.33
CA SER D 291 -9.61 8.02 -39.68
C SER D 291 -9.00 8.91 -40.75
N LEU D 292 -8.56 10.11 -40.40
CA LEU D 292 -7.97 11.02 -41.39
C LEU D 292 -6.78 10.38 -42.08
N VAL D 293 -5.99 9.60 -41.33
CA VAL D 293 -4.85 8.90 -41.91
C VAL D 293 -5.14 7.44 -42.20
N ALA D 294 -6.19 6.86 -41.58
CA ALA D 294 -6.53 5.46 -41.84
C ALA D 294 -7.44 5.35 -43.06
N GLY D 295 -8.58 6.03 -43.03
CA GLY D 295 -9.51 6.00 -44.15
C GLY D 295 -10.48 4.83 -44.12
N ASP D 296 -11.73 5.09 -44.45
CA ASP D 296 -12.76 4.05 -44.50
C ASP D 296 -12.93 3.55 -45.93
N THR D 297 -11.90 2.84 -46.39
CA THR D 297 -11.88 2.32 -47.75
C THR D 297 -12.72 1.05 -47.92
N ASP D 298 -13.35 0.57 -46.86
CA ASP D 298 -14.20 -0.63 -46.86
C ASP D 298 -13.42 -1.90 -47.16
N THR D 299 -12.09 -1.86 -47.09
CA THR D 299 -11.27 -3.05 -47.30
C THR D 299 -10.04 -2.93 -46.40
N VAL D 300 -10.12 -3.53 -45.22
CA VAL D 300 -9.01 -3.45 -44.25
C VAL D 300 -8.03 -4.59 -44.53
N PRO D 301 -6.72 -4.33 -44.55
CA PRO D 301 -5.75 -5.42 -44.76
C PRO D 301 -5.66 -6.36 -43.58
N SER D 302 -4.91 -7.45 -43.74
CA SER D 302 -4.80 -8.44 -42.67
C SER D 302 -3.92 -7.95 -41.54
N GLU D 303 -3.12 -6.90 -41.78
CA GLU D 303 -2.23 -6.39 -40.76
C GLU D 303 -3.01 -5.84 -39.57
N PHE D 304 -3.98 -4.95 -39.84
CA PHE D 304 -4.79 -4.35 -38.79
C PHE D 304 -5.66 -5.40 -38.12
N PRO D 305 -5.47 -5.65 -36.82
CA PRO D 305 -6.27 -6.67 -36.14
C PRO D 305 -7.72 -6.23 -35.92
N THR D 306 -8.52 -7.10 -35.32
CA THR D 306 -9.92 -6.79 -35.05
C THR D 306 -10.09 -6.18 -33.66
N GLY D 307 -9.34 -5.12 -33.39
CA GLY D 307 -9.46 -4.42 -32.12
C GLY D 307 -9.36 -2.91 -32.27
N LEU D 308 -9.12 -2.46 -33.50
CA LEU D 308 -8.95 -1.03 -33.74
C LEU D 308 -10.31 -0.32 -33.76
N ILE D 309 -10.30 0.93 -33.31
CA ILE D 309 -11.49 1.77 -33.28
C ILE D 309 -11.08 3.15 -33.80
N SER D 310 -11.99 3.77 -34.56
CA SER D 310 -11.69 5.06 -35.18
C SER D 310 -12.98 5.87 -35.25
N VAL D 311 -12.80 7.18 -35.47
CA VAL D 311 -13.92 8.11 -35.60
C VAL D 311 -13.75 8.86 -36.90
N SER D 312 -14.81 8.87 -37.71
CA SER D 312 -14.80 9.51 -39.02
C SER D 312 -16.05 10.36 -39.18
N TYR D 313 -16.05 11.16 -40.26
CA TYR D 313 -17.22 11.95 -40.60
C TYR D 313 -18.42 11.03 -40.85
N ASP D 314 -19.62 11.58 -40.66
CA ASP D 314 -20.84 10.80 -40.80
C ASP D 314 -21.17 10.54 -42.25
N GLU D 315 -20.28 9.86 -42.98
CA GLU D 315 -20.56 9.51 -44.36
C GLU D 315 -21.66 8.47 -44.49
N TRP D 316 -21.76 7.56 -43.53
CA TRP D 316 -22.82 6.55 -43.55
C TRP D 316 -24.09 7.04 -42.86
N ASP D 317 -24.04 8.18 -42.18
CA ASP D 317 -25.21 8.71 -41.49
C ASP D 317 -25.68 10.05 -42.01
N TYR D 318 -24.78 10.95 -42.42
CA TYR D 318 -25.15 12.24 -43.00
C TYR D 318 -24.89 12.14 -44.51
N GLY D 319 -25.95 11.89 -45.28
CA GLY D 319 -25.82 11.67 -46.70
C GLY D 319 -25.23 12.84 -47.47
N LEU D 320 -24.62 12.52 -48.62
CA LEU D 320 -24.07 13.55 -49.50
C LEU D 320 -25.11 14.60 -49.92
N PRO D 321 -26.35 14.27 -50.27
CA PRO D 321 -27.32 15.35 -50.55
C PRO D 321 -27.55 16.27 -49.37
N ALA D 322 -27.65 15.72 -48.15
CA ALA D 322 -27.80 16.56 -46.98
C ALA D 322 -26.57 17.45 -46.78
N ARG D 323 -25.39 16.91 -47.03
CA ARG D 323 -24.17 17.70 -46.87
C ARG D 323 -24.11 18.85 -47.86
N VAL D 324 -24.41 18.57 -49.13
CA VAL D 324 -24.37 19.64 -50.13
C VAL D 324 -25.49 20.64 -49.90
N ARG D 325 -26.64 20.19 -49.37
CA ARG D 325 -27.71 21.12 -49.04
C ARG D 325 -27.30 22.04 -47.91
N ASP D 326 -26.68 21.50 -46.86
CA ASP D 326 -26.17 22.34 -45.79
C ASP D 326 -25.11 23.31 -46.29
N GLY D 327 -24.24 22.85 -47.20
CA GLY D 327 -23.22 23.74 -47.73
C GLY D 327 -23.80 24.89 -48.53
N ILE D 328 -24.73 24.61 -49.44
CA ILE D 328 -25.32 25.67 -50.24
C ILE D 328 -26.17 26.58 -49.37
N ALA D 329 -26.79 26.04 -48.31
CA ALA D 329 -27.56 26.88 -47.40
C ALA D 329 -26.65 27.83 -46.64
N ILE D 330 -25.51 27.33 -46.16
CA ILE D 330 -24.53 28.19 -45.49
C ILE D 330 -24.04 29.27 -46.45
N ILE D 331 -23.73 28.90 -47.69
CA ILE D 331 -23.26 29.88 -48.67
C ILE D 331 -24.32 30.95 -48.91
N THR D 332 -25.57 30.52 -49.07
CA THR D 332 -26.66 31.46 -49.33
C THR D 332 -26.86 32.41 -48.16
N THR D 333 -26.86 31.87 -46.93
CA THR D 333 -27.05 32.72 -45.75
C THR D 333 -25.91 33.70 -45.58
N ALA D 334 -24.66 33.25 -45.80
CA ALA D 334 -23.52 34.14 -45.67
C ALA D 334 -23.57 35.25 -46.71
N ALA D 335 -23.90 34.90 -47.95
CA ALA D 335 -23.99 35.91 -49.01
C ALA D 335 -25.10 36.91 -48.70
N SER D 336 -26.25 36.43 -48.26
CA SER D 336 -27.35 37.32 -47.93
C SER D 336 -26.96 38.27 -46.79
N ASP D 337 -26.37 37.73 -45.73
CA ASP D 337 -25.96 38.56 -44.60
C ASP D 337 -24.94 39.60 -45.03
N MET D 338 -23.97 39.21 -45.85
CA MET D 338 -22.93 40.14 -46.28
C MET D 338 -23.52 41.25 -47.16
N LEU D 339 -24.29 40.88 -48.18
CA LEU D 339 -24.85 41.88 -49.08
C LEU D 339 -26.01 42.65 -48.48
N SER D 340 -26.49 42.27 -47.30
CA SER D 340 -27.48 43.05 -46.57
C SER D 340 -26.83 43.99 -45.56
N GLU D 341 -25.75 43.57 -44.90
CA GLU D 341 -25.06 44.45 -43.98
C GLU D 341 -24.23 45.49 -44.72
N HIS D 342 -23.33 45.03 -45.60
CA HIS D 342 -22.47 45.96 -46.33
C HIS D 342 -23.25 46.71 -47.40
N SER D 343 -24.28 46.09 -47.97
CA SER D 343 -25.16 46.64 -49.01
C SER D 343 -24.41 46.97 -50.29
N PHE D 344 -23.14 46.56 -50.44
CA PHE D 344 -22.36 46.80 -51.63
C PHE D 344 -21.93 45.46 -52.21
N ILE D 345 -22.47 45.11 -53.37
CA ILE D 345 -22.18 43.83 -54.02
C ILE D 345 -20.85 43.92 -54.77
N PRO D 346 -19.84 43.15 -54.37
CA PRO D 346 -18.56 43.19 -55.09
C PRO D 346 -18.69 42.55 -56.47
N GLU D 347 -17.88 43.05 -57.40
CA GLU D 347 -17.87 42.52 -58.76
C GLU D 347 -16.90 41.36 -58.87
N PRO D 348 -17.38 40.13 -59.09
CA PRO D 348 -16.45 38.99 -59.22
C PRO D 348 -15.75 38.95 -60.56
N LYS D 349 -14.69 39.74 -60.72
CA LYS D 349 -13.93 39.77 -61.97
C LYS D 349 -13.30 38.41 -62.24
N SER D 350 -13.82 37.69 -63.24
CA SER D 350 -13.29 36.38 -63.62
C SER D 350 -12.39 36.55 -64.85
N SER D 351 -11.18 37.05 -64.59
CA SER D 351 -10.24 37.31 -65.69
C SER D 351 -9.44 36.06 -66.02
N CYS D 352 -8.74 35.51 -65.02
CA CYS D 352 -7.85 34.34 -65.14
C CYS D 352 -6.61 34.67 -65.97
N TYR D 353 -6.56 35.87 -66.56
CA TYR D 353 -5.42 36.24 -67.38
C TYR D 353 -4.98 37.69 -67.22
N ASN D 354 -5.59 38.47 -66.31
CA ASN D 354 -5.29 39.89 -66.15
C ASN D 354 -4.76 40.13 -64.75
N THR D 355 -3.50 40.59 -64.67
CA THR D 355 -2.92 40.92 -63.37
C THR D 355 -3.43 42.25 -62.83
N HIS D 356 -3.83 43.16 -63.72
CA HIS D 356 -4.36 44.45 -63.27
C HIS D 356 -5.67 44.28 -62.52
N GLU D 357 -6.41 43.19 -62.79
CA GLU D 357 -7.66 42.92 -62.10
C GLU D 357 -7.44 42.49 -60.65
N LYS D 358 -6.20 42.28 -60.23
CA LYS D 358 -5.92 41.90 -58.84
C LYS D 358 -6.19 43.02 -57.86
N ARG D 359 -6.41 44.25 -58.34
CA ARG D 359 -6.72 45.37 -57.46
C ARG D 359 -8.09 45.26 -56.83
N ILE D 360 -8.89 44.25 -57.21
CA ILE D 360 -10.21 44.05 -56.63
C ILE D 360 -10.08 43.42 -55.25
N TYR D 361 -8.86 43.07 -54.87
CA TYR D 361 -8.61 42.49 -53.56
C TYR D 361 -8.48 43.59 -52.50
N GLN D 362 -9.48 44.47 -52.42
CA GLN D 362 -9.49 45.55 -51.45
C GLN D 362 -10.70 45.54 -50.52
N SER D 363 -11.79 44.87 -50.89
CA SER D 363 -12.95 44.80 -50.02
C SER D 363 -12.67 43.89 -48.82
N ASN D 364 -13.64 43.85 -47.90
CA ASN D 364 -13.50 43.01 -46.71
C ASN D 364 -13.44 41.54 -47.10
N MET D 365 -12.67 40.77 -46.34
CA MET D 365 -12.53 39.34 -46.59
C MET D 365 -13.86 38.62 -46.40
N LEU D 366 -14.32 37.92 -47.45
CA LEU D 366 -15.59 37.21 -47.37
C LEU D 366 -15.55 36.08 -46.36
N ASN D 367 -14.35 35.55 -46.07
CA ASN D 367 -14.25 34.43 -45.13
C ASN D 367 -14.65 34.84 -43.72
N ARG D 368 -14.42 36.09 -43.35
CA ARG D 368 -14.77 36.59 -42.02
C ARG D 368 -16.27 36.45 -41.78
N TYR D 369 -17.09 36.94 -42.71
CA TYR D 369 -18.53 36.80 -42.58
C TYR D 369 -19.02 35.40 -42.94
N LEU D 370 -18.21 34.63 -43.68
CA LEU D 370 -18.63 33.28 -44.06
C LEU D 370 -18.50 32.32 -42.89
N ILE D 371 -17.47 32.47 -42.06
CA ILE D 371 -17.24 31.53 -40.96
C ILE D 371 -18.05 31.85 -39.72
N ASN D 372 -18.96 32.82 -39.79
CA ASN D 372 -19.75 33.23 -38.63
C ASN D 372 -21.25 33.26 -38.93
N VAL D 373 -21.73 32.31 -39.73
CA VAL D 373 -23.15 32.23 -40.05
C VAL D 373 -23.70 30.86 -39.69
N THR D 374 -25.03 30.73 -39.68
CA THR D 374 -25.67 29.47 -39.39
C THR D 374 -26.91 29.34 -40.27
N PHE D 375 -27.42 28.12 -40.38
CA PHE D 375 -28.57 27.84 -41.23
C PHE D 375 -29.27 26.58 -40.75
N GLU D 376 -30.52 26.42 -41.19
CA GLU D 376 -31.33 25.24 -40.88
C GLU D 376 -31.56 25.09 -39.39
N GLY D 377 -31.50 26.19 -38.66
CA GLY D 377 -31.74 26.19 -37.22
C GLY D 377 -30.71 25.40 -36.43
N ARG D 378 -29.56 25.14 -37.03
CA ARG D 378 -28.49 24.37 -36.40
C ARG D 378 -27.20 25.16 -36.49
N ASP D 379 -26.38 25.07 -35.44
CA ASP D 379 -25.10 25.78 -35.40
C ASP D 379 -24.15 25.17 -36.42
N LEU D 380 -23.95 25.87 -37.53
CA LEU D 380 -23.08 25.42 -38.61
C LEU D 380 -21.94 26.40 -38.84
N SER D 381 -21.34 26.89 -37.76
CA SER D 381 -20.23 27.82 -37.86
C SER D 381 -18.97 27.11 -38.33
N PHE D 382 -17.96 27.89 -38.67
CA PHE D 382 -16.69 27.37 -39.15
C PHE D 382 -15.54 27.94 -38.32
N SER D 383 -14.49 27.15 -38.19
CA SER D 383 -13.32 27.56 -37.44
C SER D 383 -12.41 28.45 -38.28
N GLU D 384 -11.32 28.91 -37.67
CA GLU D 384 -10.39 29.76 -38.38
C GLU D 384 -9.67 29.01 -39.51
N ASP D 385 -9.39 27.72 -39.30
CA ASP D 385 -8.73 26.94 -40.34
C ASP D 385 -9.70 26.38 -41.36
N GLY D 386 -11.00 26.42 -41.08
CA GLY D 386 -12.01 25.90 -41.97
C GLY D 386 -12.61 24.58 -41.56
N TYR D 387 -12.67 24.28 -40.26
CA TYR D 387 -13.21 23.02 -39.78
C TYR D 387 -14.71 23.17 -39.51
N GLN D 388 -15.32 22.13 -38.95
CA GLN D 388 -16.73 22.17 -38.59
C GLN D 388 -16.89 22.42 -37.11
N MET D 389 -17.81 23.33 -36.78
CA MET D 389 -18.23 23.56 -35.41
C MET D 389 -19.46 22.73 -35.03
N HIS D 390 -19.64 21.57 -35.66
CA HIS D 390 -20.85 20.78 -35.52
C HIS D 390 -20.53 19.38 -35.02
N PRO D 391 -21.24 18.91 -33.99
CA PRO D 391 -21.09 17.52 -33.52
C PRO D 391 -21.72 16.51 -34.47
N LYS D 392 -21.90 15.28 -33.97
CA LYS D 392 -22.52 14.17 -34.69
C LYS D 392 -21.66 13.61 -35.81
N LEU D 393 -20.42 13.21 -35.49
CA LEU D 393 -19.66 12.29 -36.30
C LEU D 393 -20.13 10.87 -36.00
N VAL D 394 -19.40 9.87 -36.48
CA VAL D 394 -19.75 8.46 -36.27
C VAL D 394 -18.52 7.73 -35.76
N ILE D 395 -18.66 7.09 -34.59
CA ILE D 395 -17.59 6.26 -34.05
C ILE D 395 -17.64 4.89 -34.71
N ILE D 396 -16.56 4.50 -35.37
CA ILE D 396 -16.52 3.29 -36.19
C ILE D 396 -15.59 2.28 -35.55
N LEU D 397 -16.09 1.06 -35.35
CA LEU D 397 -15.30 -0.05 -34.85
C LEU D 397 -15.48 -1.26 -35.77
N LEU D 398 -14.36 -1.85 -36.17
CA LEU D 398 -14.36 -2.98 -37.09
C LEU D 398 -14.53 -4.27 -36.28
N ASN D 399 -15.49 -5.10 -36.67
CA ASN D 399 -15.78 -6.33 -35.97
C ASN D 399 -14.82 -7.43 -36.42
N LYS D 400 -15.08 -8.65 -35.94
CA LYS D 400 -14.24 -9.79 -36.30
C LYS D 400 -14.45 -10.22 -37.76
N GLU D 401 -15.53 -9.77 -38.39
CA GLU D 401 -15.82 -10.11 -39.78
C GLU D 401 -15.09 -9.21 -40.78
N ARG D 402 -14.07 -8.47 -40.32
CA ARG D 402 -13.29 -7.59 -41.17
C ARG D 402 -14.18 -6.55 -41.86
N LYS D 403 -15.18 -6.07 -41.12
CA LYS D 403 -16.12 -5.07 -41.63
C LYS D 403 -16.28 -3.97 -40.60
N TRP D 404 -16.40 -2.74 -41.09
CA TRP D 404 -16.55 -1.58 -40.21
C TRP D 404 -17.99 -1.46 -39.74
N GLU D 405 -18.19 -1.50 -38.42
CA GLU D 405 -19.51 -1.42 -37.82
C GLU D 405 -19.64 -0.12 -37.03
N ARG D 406 -20.77 0.56 -37.19
CA ARG D 406 -21.03 1.81 -36.49
C ARG D 406 -21.67 1.49 -35.14
N VAL D 407 -20.83 1.30 -34.14
CA VAL D 407 -21.28 0.99 -32.79
C VAL D 407 -21.61 2.28 -32.05
N GLY D 408 -20.64 3.17 -31.91
CA GLY D 408 -20.85 4.43 -31.25
C GLY D 408 -21.17 5.55 -32.21
N LYS D 409 -21.76 6.62 -31.67
CA LYS D 409 -22.13 7.80 -32.44
C LYS D 409 -21.84 9.04 -31.58
N TRP D 410 -20.72 9.71 -31.86
CA TRP D 410 -20.36 10.91 -31.11
C TRP D 410 -21.23 12.08 -31.54
N LYS D 411 -22.47 12.13 -31.03
CA LYS D 411 -23.46 13.13 -31.42
C LYS D 411 -23.72 14.07 -30.25
N ASP D 412 -23.81 15.37 -30.55
CA ASP D 412 -24.06 16.40 -29.54
C ASP D 412 -22.99 16.36 -28.45
N LYS D 413 -21.75 16.12 -28.86
CA LYS D 413 -20.59 16.01 -27.97
C LYS D 413 -20.78 14.93 -26.91
N SER D 414 -21.64 13.95 -27.19
CA SER D 414 -21.91 12.85 -26.27
C SER D 414 -21.43 11.53 -26.87
N LEU D 415 -21.06 10.60 -25.99
CA LEU D 415 -20.58 9.28 -26.40
C LEU D 415 -21.75 8.30 -26.32
N GLN D 416 -22.42 8.13 -27.46
CA GLN D 416 -23.56 7.23 -27.53
C GLN D 416 -23.11 5.78 -27.68
N MET D 417 -22.54 5.22 -26.61
CA MET D 417 -22.09 3.84 -26.62
C MET D 417 -23.24 2.90 -26.30
N LYS D 418 -23.05 1.62 -26.60
CA LYS D 418 -24.05 0.59 -26.39
C LYS D 418 -23.48 -0.51 -25.49
N TYR D 419 -24.38 -1.34 -24.96
CA TYR D 419 -24.05 -2.51 -24.15
C TYR D 419 -23.45 -2.13 -22.80
N TYR D 420 -23.26 -0.83 -22.56
CA TYR D 420 -22.75 -0.30 -21.30
C TYR D 420 -21.36 -0.85 -20.95
N VAL D 421 -20.72 -1.51 -21.92
CA VAL D 421 -19.40 -2.09 -21.69
C VAL D 421 -18.77 -2.41 -23.05
N TRP D 422 -17.45 -2.35 -23.13
CA TRP D 422 -16.74 -2.66 -24.36
C TRP D 422 -16.89 -4.13 -24.70
N PRO D 423 -17.46 -4.49 -25.86
CA PRO D 423 -17.61 -5.91 -26.20
C PRO D 423 -16.28 -6.57 -26.54
N ARG D 424 -15.52 -6.95 -25.52
CA ARG D 424 -14.23 -7.59 -25.73
C ARG D 424 -14.44 -9.03 -26.22
N MET D 425 -13.34 -9.67 -26.60
CA MET D 425 -13.37 -11.04 -27.08
C MET D 425 -13.65 -12.02 -25.95
N ASP D 434 -14.93 -16.95 -20.13
CA ASP D 434 -15.14 -17.84 -19.00
C ASP D 434 -14.65 -17.19 -17.70
N ASP D 435 -13.76 -16.22 -17.84
CA ASP D 435 -13.18 -15.50 -16.70
C ASP D 435 -13.84 -14.14 -16.50
N HIS D 436 -15.11 -14.01 -16.87
CA HIS D 436 -15.89 -12.78 -16.70
C HIS D 436 -17.14 -13.16 -15.91
N LEU D 437 -16.98 -13.06 -14.59
CA LEU D 437 -18.02 -13.47 -13.63
C LEU D 437 -18.80 -12.25 -13.18
N SER D 438 -20.09 -12.38 -13.06
CA SER D 438 -20.87 -11.32 -12.42
C SER D 438 -21.12 -11.64 -10.95
N ILE D 439 -21.59 -10.63 -10.21
CA ILE D 439 -21.83 -10.75 -8.79
C ILE D 439 -23.06 -9.94 -8.41
N VAL D 440 -23.66 -10.27 -7.27
CA VAL D 440 -24.76 -9.51 -6.72
C VAL D 440 -24.26 -8.79 -5.48
N THR D 441 -24.91 -7.69 -5.13
CA THR D 441 -24.52 -6.88 -3.98
C THR D 441 -25.76 -6.34 -3.30
N LEU D 442 -25.56 -5.62 -2.19
CA LEU D 442 -26.65 -4.98 -1.48
C LEU D 442 -26.05 -3.96 -0.51
N GLU D 443 -26.77 -2.86 -0.31
CA GLU D 443 -26.29 -1.77 0.52
C GLU D 443 -26.94 -1.72 1.90
N GLU D 444 -27.45 -2.86 2.40
CA GLU D 444 -28.10 -2.86 3.71
C GLU D 444 -27.10 -2.91 4.86
N ALA D 445 -25.82 -3.19 4.59
CA ALA D 445 -24.82 -3.31 5.65
C ALA D 445 -23.64 -2.37 5.38
N PRO D 446 -22.95 -1.92 6.43
CA PRO D 446 -21.81 -1.00 6.21
C PRO D 446 -20.55 -1.72 5.75
N PHE D 447 -20.69 -2.62 4.77
CA PHE D 447 -19.56 -3.27 4.12
C PHE D 447 -19.43 -2.93 2.65
N VAL D 448 -20.51 -2.54 1.98
CA VAL D 448 -20.49 -2.04 0.61
C VAL D 448 -21.53 -0.94 0.52
N ILE D 449 -21.07 0.28 0.22
CA ILE D 449 -21.94 1.45 0.21
C ILE D 449 -22.31 1.78 -1.24
N VAL D 450 -23.30 2.65 -1.39
CA VAL D 450 -23.78 3.04 -2.72
C VAL D 450 -23.51 4.52 -2.96
N GLU D 451 -22.38 4.82 -3.60
CA GLU D 451 -22.07 6.18 -3.99
C GLU D 451 -22.65 6.45 -5.37
N SER D 452 -23.37 7.55 -5.51
CA SER D 452 -24.09 7.85 -6.75
C SER D 452 -23.13 8.02 -7.92
N VAL D 453 -22.35 9.10 -7.92
CA VAL D 453 -21.38 9.34 -8.99
C VAL D 453 -20.45 10.46 -8.51
N ASP D 454 -19.24 10.47 -9.04
CA ASP D 454 -18.35 11.62 -8.87
C ASP D 454 -18.66 12.66 -9.93
N PRO D 455 -18.98 13.91 -9.55
CA PRO D 455 -19.47 14.87 -10.55
C PRO D 455 -18.41 15.33 -11.54
N LEU D 456 -17.13 15.13 -11.23
CA LEU D 456 -16.08 15.65 -12.11
C LEU D 456 -15.87 14.76 -13.31
N SER D 457 -15.51 13.48 -13.09
CA SER D 457 -15.14 12.58 -14.17
C SER D 457 -16.32 12.09 -14.98
N GLY D 458 -17.56 12.31 -14.54
CA GLY D 458 -18.71 11.75 -15.21
C GLY D 458 -18.86 10.28 -14.89
N THR D 459 -18.03 9.79 -13.98
CA THR D 459 -18.05 8.39 -13.55
C THR D 459 -17.66 8.35 -12.07
N CYS D 460 -17.31 7.17 -11.57
CA CYS D 460 -16.93 7.02 -10.18
C CYS D 460 -15.57 7.66 -9.92
N MET D 461 -15.13 7.59 -8.66
CA MET D 461 -13.84 8.12 -8.26
C MET D 461 -12.73 7.13 -8.59
N ARG D 462 -11.52 7.41 -8.10
CA ARG D 462 -10.36 6.58 -8.43
C ARG D 462 -10.22 5.40 -7.47
N ASN D 463 -10.59 5.59 -6.21
CA ASN D 463 -10.37 4.55 -5.20
C ASN D 463 -11.33 3.38 -5.37
N THR D 464 -12.63 3.64 -5.24
CA THR D 464 -13.61 2.56 -5.27
C THR D 464 -13.82 2.03 -6.68
N VAL D 465 -14.47 0.88 -6.77
CA VAL D 465 -14.72 0.19 -8.02
C VAL D 465 -16.15 0.47 -8.45
N PRO D 466 -16.39 0.90 -9.69
CA PRO D 466 -17.76 1.20 -10.12
C PRO D 466 -18.61 -0.06 -10.19
N CYS D 467 -19.84 0.06 -9.67
CA CYS D 467 -20.82 -1.03 -9.70
C CYS D 467 -22.06 -0.54 -10.45
N GLN D 468 -22.28 -1.09 -11.64
CA GLN D 468 -23.43 -0.71 -12.44
C GLN D 468 -24.73 -1.10 -11.74
N LYS D 469 -25.80 -0.36 -12.03
CA LYS D 469 -27.12 -0.57 -11.44
C LYS D 469 -28.09 -0.94 -12.57
N ARG D 470 -28.19 -2.23 -12.88
CA ARG D 470 -29.12 -2.70 -13.90
C ARG D 470 -30.48 -2.99 -13.27
N ILE D 471 -31.08 -1.97 -12.67
CA ILE D 471 -32.34 -2.12 -11.94
C ILE D 471 -33.44 -1.43 -12.74
N ILE D 472 -34.58 -2.10 -12.89
CA ILE D 472 -35.75 -1.46 -13.48
C ILE D 472 -36.20 -0.32 -12.58
N SER D 473 -36.25 0.89 -13.13
CA SER D 473 -36.58 2.06 -12.32
C SER D 473 -38.00 1.98 -11.76
N GLU D 474 -38.98 1.81 -12.63
CA GLU D 474 -40.38 1.75 -12.21
C GLU D 474 -41.15 0.53 -12.71
N ASN D 475 -40.80 -0.01 -13.88
CA ASN D 475 -41.51 -1.16 -14.43
C ASN D 475 -40.58 -1.92 -15.37
N LYS D 476 -40.98 -3.15 -15.67
CA LYS D 476 -40.26 -4.03 -16.58
C LYS D 476 -40.91 -4.07 -17.96
N THR D 477 -41.45 -2.93 -18.41
CA THR D 477 -42.14 -2.90 -19.70
C THR D 477 -41.20 -3.22 -20.84
N ASP D 478 -39.96 -2.73 -20.78
CA ASP D 478 -38.97 -2.97 -21.83
C ASP D 478 -37.69 -3.46 -21.18
N GLU D 479 -36.64 -3.60 -22.00
CA GLU D 479 -35.33 -4.05 -21.53
C GLU D 479 -34.45 -2.92 -21.03
N GLU D 480 -35.05 -1.78 -20.65
CA GLU D 480 -34.29 -0.65 -20.14
C GLU D 480 -33.65 -0.99 -18.81
N PRO D 481 -32.32 -1.07 -18.74
CA PRO D 481 -31.66 -1.47 -17.49
C PRO D 481 -31.59 -0.38 -16.45
N GLY D 482 -31.79 0.88 -16.83
CA GLY D 482 -31.62 1.98 -15.90
C GLY D 482 -30.20 2.06 -15.37
N TYR D 483 -29.24 1.78 -16.25
CA TYR D 483 -27.83 1.69 -15.85
C TYR D 483 -27.29 3.06 -15.42
N ILE D 484 -27.08 3.23 -14.12
CA ILE D 484 -26.47 4.44 -13.57
C ILE D 484 -25.09 4.05 -13.07
N LYS D 485 -24.08 4.86 -13.41
CA LYS D 485 -22.71 4.55 -13.03
C LYS D 485 -22.48 4.78 -11.55
N LYS D 486 -23.00 3.89 -10.72
CA LYS D 486 -22.82 3.97 -9.28
C LYS D 486 -21.52 3.30 -8.87
N CYS D 487 -21.08 3.59 -7.65
CA CYS D 487 -19.82 3.05 -7.14
C CYS D 487 -20.03 2.41 -5.79
N CYS D 488 -19.34 1.28 -5.58
CA CYS D 488 -19.46 0.49 -4.36
C CYS D 488 -18.10 0.48 -3.66
N LYS D 489 -18.05 0.98 -2.44
CA LYS D 489 -16.84 1.01 -1.63
C LYS D 489 -17.09 0.33 -0.30
N GLY D 490 -15.99 -0.07 0.36
CA GLY D 490 -16.09 -0.67 1.68
C GLY D 490 -15.25 -1.91 1.88
N PHE D 491 -15.75 -2.83 2.70
CA PHE D 491 -15.01 -4.03 3.09
C PHE D 491 -15.10 -5.12 2.02
N CYS D 492 -16.33 -5.48 1.61
CA CYS D 492 -16.51 -6.52 0.61
C CYS D 492 -15.91 -6.13 -0.73
N ILE D 493 -15.98 -4.84 -1.09
CA ILE D 493 -15.38 -4.40 -2.34
C ILE D 493 -13.87 -4.54 -2.28
N ASP D 494 -13.28 -4.20 -1.14
CA ASP D 494 -11.83 -4.35 -0.99
C ASP D 494 -11.42 -5.81 -1.05
N ILE D 495 -12.20 -6.69 -0.42
CA ILE D 495 -11.85 -8.11 -0.45
C ILE D 495 -12.03 -8.67 -1.86
N LEU D 496 -13.01 -8.17 -2.61
CA LEU D 496 -13.21 -8.60 -4.00
C LEU D 496 -12.06 -8.13 -4.87
N LYS D 497 -11.59 -6.91 -4.65
CA LYS D 497 -10.43 -6.38 -5.36
C LYS D 497 -9.20 -7.21 -5.05
N LYS D 498 -9.03 -7.61 -3.78
CA LYS D 498 -7.89 -8.43 -3.40
C LYS D 498 -7.96 -9.80 -4.07
N ILE D 499 -9.16 -10.39 -4.13
CA ILE D 499 -9.33 -11.69 -4.78
C ILE D 499 -9.02 -11.56 -6.28
N SER D 500 -9.50 -10.48 -6.90
CA SER D 500 -9.23 -10.28 -8.33
C SER D 500 -7.76 -10.05 -8.59
N LYS D 501 -7.06 -9.42 -7.65
CA LYS D 501 -5.62 -9.23 -7.79
C LYS D 501 -4.87 -10.54 -7.64
N SER D 502 -5.29 -11.37 -6.69
CA SER D 502 -4.66 -12.68 -6.50
C SER D 502 -5.07 -13.65 -7.59
N VAL D 503 -6.37 -13.92 -7.71
CA VAL D 503 -6.92 -14.77 -8.76
C VAL D 503 -7.36 -13.86 -9.89
N LYS D 504 -6.72 -13.99 -11.05
CA LYS D 504 -6.97 -13.10 -12.17
C LYS D 504 -8.31 -13.43 -12.81
N PHE D 505 -9.26 -12.50 -12.69
CA PHE D 505 -10.55 -12.63 -13.36
C PHE D 505 -11.20 -11.25 -13.41
N THR D 506 -12.04 -11.04 -14.43
CA THR D 506 -12.80 -9.81 -14.59
C THR D 506 -14.20 -10.02 -14.02
N TYR D 507 -14.83 -8.91 -13.64
CA TYR D 507 -16.12 -8.97 -12.98
C TYR D 507 -16.96 -7.76 -13.34
N ASP D 508 -18.28 -7.93 -13.25
CA ASP D 508 -19.23 -6.85 -13.40
C ASP D 508 -20.33 -7.06 -12.36
N LEU D 509 -20.77 -5.95 -11.76
CA LEU D 509 -21.64 -5.99 -10.60
C LEU D 509 -23.09 -5.79 -11.03
N TYR D 510 -23.82 -6.90 -11.10
CA TYR D 510 -25.28 -6.84 -11.23
C TYR D 510 -25.86 -6.50 -9.87
N LEU D 511 -26.06 -5.20 -9.62
CA LEU D 511 -26.28 -4.65 -8.28
C LEU D 511 -27.28 -5.43 -7.45
N VAL D 512 -28.54 -5.48 -7.88
CA VAL D 512 -29.60 -6.09 -7.08
C VAL D 512 -30.67 -6.64 -8.03
N THR D 513 -31.34 -7.70 -7.60
CA THR D 513 -32.60 -8.12 -8.19
C THR D 513 -33.80 -7.39 -7.59
N ASN D 514 -33.62 -6.76 -6.42
CA ASN D 514 -34.63 -5.91 -5.79
C ASN D 514 -35.90 -6.70 -5.47
N GLY D 515 -35.70 -7.90 -4.93
CA GLY D 515 -36.83 -8.69 -4.47
C GLY D 515 -36.80 -8.99 -2.98
N LYS D 516 -35.61 -9.20 -2.43
CA LYS D 516 -35.44 -9.52 -1.02
C LYS D 516 -33.96 -9.63 -0.65
N HIS D 517 -33.66 -9.77 0.64
CA HIS D 517 -32.31 -10.09 1.06
C HIS D 517 -32.06 -11.60 0.95
N GLY D 518 -33.13 -12.36 0.68
CA GLY D 518 -33.05 -13.80 0.58
C GLY D 518 -34.00 -14.50 1.53
N LYS D 519 -34.98 -15.22 0.98
CA LYS D 519 -35.99 -15.90 1.77
C LYS D 519 -36.77 -16.86 0.86
N LYS D 520 -37.05 -18.06 1.37
CA LYS D 520 -37.83 -19.04 0.62
C LYS D 520 -39.31 -18.68 0.62
N ILE D 521 -39.82 -18.28 -0.54
CA ILE D 521 -41.23 -17.91 -0.71
C ILE D 521 -41.87 -18.92 -1.65
N ASN D 522 -42.77 -19.73 -1.10
CA ASN D 522 -43.48 -20.76 -1.86
C ASN D 522 -42.52 -21.67 -2.62
N GLY D 523 -41.42 -22.05 -1.96
CA GLY D 523 -40.43 -22.91 -2.60
C GLY D 523 -39.66 -22.21 -3.69
N THR D 524 -39.34 -20.94 -3.48
CA THR D 524 -38.59 -20.16 -4.46
C THR D 524 -37.82 -19.08 -3.73
N TRP D 525 -36.54 -18.95 -4.08
CA TRP D 525 -35.66 -17.96 -3.48
C TRP D 525 -35.73 -16.66 -4.27
N ASN D 526 -35.47 -15.55 -3.57
CA ASN D 526 -35.56 -14.23 -4.17
C ASN D 526 -34.30 -13.44 -3.84
N GLY D 527 -34.15 -12.29 -4.50
CA GLY D 527 -33.03 -11.43 -4.22
C GLY D 527 -31.70 -12.01 -4.70
N MET D 528 -30.71 -11.92 -3.81
CA MET D 528 -29.37 -12.41 -4.10
C MET D 528 -29.36 -13.91 -4.33
N ILE D 529 -29.99 -14.66 -3.43
CA ILE D 529 -30.06 -16.11 -3.56
C ILE D 529 -30.88 -16.49 -4.79
N GLY D 530 -31.97 -15.75 -5.03
CA GLY D 530 -32.78 -16.03 -6.20
C GLY D 530 -32.04 -15.81 -7.50
N GLU D 531 -31.16 -14.80 -7.53
CA GLU D 531 -30.37 -14.53 -8.72
C GLU D 531 -29.21 -15.51 -8.86
N VAL D 532 -28.67 -16.01 -7.75
CA VAL D 532 -27.55 -16.95 -7.79
C VAL D 532 -27.99 -18.38 -7.99
N VAL D 533 -29.28 -18.68 -7.80
CA VAL D 533 -29.79 -20.03 -7.99
C VAL D 533 -30.26 -20.26 -9.43
N MET D 534 -30.69 -19.20 -10.11
CA MET D 534 -31.18 -19.29 -11.47
C MET D 534 -30.09 -19.04 -12.51
N LYS D 535 -28.83 -19.10 -12.11
CA LYS D 535 -27.68 -18.88 -12.99
C LYS D 535 -27.73 -17.50 -13.65
N ARG D 536 -28.38 -16.53 -13.01
CA ARG D 536 -28.46 -15.19 -13.58
C ARG D 536 -27.20 -14.38 -13.30
N ALA D 537 -26.50 -14.67 -12.20
CA ALA D 537 -25.30 -13.94 -11.86
C ALA D 537 -24.10 -14.82 -11.51
N TYR D 538 -24.28 -16.10 -11.22
CA TYR D 538 -23.21 -17.07 -11.01
C TYR D 538 -22.43 -16.79 -9.72
N MET D 539 -22.73 -15.69 -9.03
CA MET D 539 -22.04 -15.35 -7.79
C MET D 539 -22.78 -14.26 -7.03
N ALA D 540 -22.37 -14.01 -5.78
CA ALA D 540 -22.97 -12.97 -4.96
C ALA D 540 -21.97 -12.59 -3.88
N VAL D 541 -22.11 -11.36 -3.37
CA VAL D 541 -21.19 -10.84 -2.36
C VAL D 541 -21.93 -9.87 -1.45
N GLY D 542 -21.36 -9.58 -0.29
CA GLY D 542 -21.99 -8.70 0.67
C GLY D 542 -22.14 -9.32 2.04
N SER D 543 -23.39 -9.51 2.48
CA SER D 543 -23.69 -10.11 3.79
C SER D 543 -24.61 -11.30 3.53
N LEU D 544 -24.11 -12.50 3.40
CA LEU D 544 -25.23 -13.43 3.32
C LEU D 544 -25.55 -14.01 4.69
N THR D 545 -24.53 -14.23 5.51
CA THR D 545 -24.83 -14.86 6.80
C THR D 545 -25.17 -16.35 6.64
N ILE D 546 -24.11 -17.12 6.43
CA ILE D 546 -24.13 -18.56 6.04
C ILE D 546 -25.15 -19.25 6.89
N ASN D 547 -26.05 -20.03 6.31
CA ASN D 547 -27.03 -20.74 7.12
C ASN D 547 -27.34 -22.08 6.46
N GLU D 548 -27.87 -23.00 7.26
CA GLU D 548 -28.21 -24.33 6.76
C GLU D 548 -29.19 -24.24 5.59
N GLU D 549 -30.25 -23.46 5.76
CA GLU D 549 -31.27 -23.35 4.71
C GLU D 549 -30.68 -22.78 3.42
N ARG D 550 -29.77 -21.82 3.54
CA ARG D 550 -29.13 -21.26 2.35
C ARG D 550 -28.11 -22.23 1.78
N SER D 551 -27.41 -22.97 2.65
CA SER D 551 -26.38 -23.90 2.21
C SER D 551 -26.98 -25.14 1.57
N GLU D 552 -28.28 -25.37 1.78
CA GLU D 552 -28.93 -26.53 1.18
C GLU D 552 -28.89 -26.47 -0.34
N VAL D 553 -29.06 -25.29 -0.91
CA VAL D 553 -29.07 -25.10 -2.35
C VAL D 553 -27.79 -24.44 -2.85
N VAL D 554 -27.49 -23.24 -2.35
CA VAL D 554 -26.32 -22.49 -2.80
C VAL D 554 -25.10 -22.90 -1.98
N ASP D 555 -23.93 -22.91 -2.61
CA ASP D 555 -22.68 -23.23 -1.95
C ASP D 555 -22.14 -21.99 -1.25
N PHE D 556 -21.17 -22.22 -0.34
CA PHE D 556 -20.59 -21.08 0.38
C PHE D 556 -19.14 -21.35 0.65
N SER D 557 -18.35 -20.31 0.76
CA SER D 557 -16.95 -20.40 1.08
C SER D 557 -16.77 -20.38 2.61
N VAL D 558 -15.54 -20.22 3.06
CA VAL D 558 -15.23 -20.19 4.49
C VAL D 558 -15.60 -18.81 5.03
N PRO D 559 -16.08 -18.72 6.27
CA PRO D 559 -16.43 -17.40 6.81
C PRO D 559 -15.19 -16.55 7.03
N PHE D 560 -15.26 -15.29 6.60
CA PHE D 560 -14.17 -14.35 6.73
C PHE D 560 -14.39 -13.33 7.85
N ILE D 561 -15.54 -13.37 8.51
CA ILE D 561 -15.82 -12.44 9.59
C ILE D 561 -16.91 -13.06 10.47
N GLU D 562 -16.81 -12.82 11.78
CA GLU D 562 -17.76 -13.39 12.72
C GLU D 562 -18.99 -12.50 12.86
N THR D 563 -20.09 -13.12 13.24
CA THR D 563 -21.37 -12.45 13.45
C THR D 563 -22.22 -13.36 14.33
N GLY D 564 -23.49 -13.03 14.47
CA GLY D 564 -24.42 -13.82 15.26
C GLY D 564 -25.54 -12.97 15.81
N ILE D 565 -26.55 -13.66 16.36
CA ILE D 565 -27.68 -12.96 16.95
C ILE D 565 -27.23 -12.23 18.20
N SER D 566 -27.48 -10.92 18.24
CA SER D 566 -27.11 -10.08 19.37
C SER D 566 -28.28 -9.17 19.70
N VAL D 567 -28.14 -8.39 20.77
CA VAL D 567 -29.18 -7.47 21.22
C VAL D 567 -28.52 -6.19 21.69
N MET D 568 -28.94 -5.07 21.13
CA MET D 568 -28.39 -3.76 21.47
C MET D 568 -29.43 -2.96 22.23
N VAL D 569 -29.11 -2.61 23.49
CA VAL D 569 -30.00 -1.84 24.34
C VAL D 569 -29.30 -0.54 24.71
N SER D 570 -30.10 0.47 25.02
CA SER D 570 -29.55 1.77 25.39
C SER D 570 -28.85 1.70 26.74
N ARG D 571 -27.89 2.60 26.94
CA ARG D 571 -27.16 2.67 28.19
C ARG D 571 -28.04 3.30 29.27
N SER D 572 -28.68 2.46 30.08
CA SER D 572 -29.56 2.94 31.14
C SER D 572 -28.79 3.83 32.11
N ASN D 573 -29.55 4.62 32.88
CA ASN D 573 -28.95 5.51 33.87
C ASN D 573 -28.13 4.73 34.87
N GLY D 574 -27.10 5.38 35.41
CA GLY D 574 -26.20 4.75 36.36
C GLY D 574 -26.87 4.23 37.61
N THR D 575 -26.27 3.23 38.25
CA THR D 575 -26.82 2.62 39.45
C THR D 575 -25.72 2.54 40.51
N VAL D 576 -26.08 2.00 41.68
CA VAL D 576 -25.15 1.89 42.79
C VAL D 576 -25.61 0.74 43.69
N SER D 577 -24.65 0.07 44.35
CA SER D 577 -24.95 -1.04 45.24
C SER D 577 -25.82 -0.57 46.40
N PRO D 578 -26.82 -1.36 46.81
CA PRO D 578 -27.68 -0.95 47.92
C PRO D 578 -26.97 -0.92 49.27
N SER D 579 -25.75 -1.46 49.36
CA SER D 579 -24.97 -1.45 50.61
C SER D 579 -23.82 -0.46 50.51
N ALA D 580 -24.03 0.66 49.81
CA ALA D 580 -23.01 1.69 49.67
C ALA D 580 -22.57 2.25 51.00
N PHE D 581 -23.51 2.36 51.95
CA PHE D 581 -23.19 2.92 53.26
C PHE D 581 -22.29 2.00 54.08
N LEU D 582 -22.41 0.69 53.90
CA LEU D 582 -21.60 -0.27 54.64
C LEU D 582 -20.37 -0.75 53.86
N GLU D 583 -20.28 -0.40 52.58
CA GLU D 583 -19.18 -0.84 51.73
C GLU D 583 -17.80 -0.27 52.09
N PRO D 584 -17.63 1.05 52.26
CA PRO D 584 -16.29 1.63 52.31
C PRO D 584 -15.47 1.31 53.56
N PHE D 585 -15.94 0.45 54.45
CA PHE D 585 -15.18 0.07 55.63
C PHE D 585 -15.41 -1.41 55.92
N SER D 586 -14.32 -2.15 56.12
CA SER D 586 -14.43 -3.56 56.43
C SER D 586 -14.96 -3.74 57.85
N ALA D 587 -15.38 -4.99 58.04
CA ALA D 587 -16.12 -5.51 59.20
C ALA D 587 -15.16 -5.75 60.34
N CYS D 588 -13.92 -5.52 60.07
CA CYS D 588 -12.83 -5.56 61.04
C CYS D 588 -12.66 -4.22 61.75
N VAL D 589 -12.72 -3.13 60.99
CA VAL D 589 -12.58 -1.81 61.58
C VAL D 589 -13.72 -1.55 62.57
N TRP D 590 -14.93 -1.95 62.22
CA TRP D 590 -16.08 -1.73 63.09
C TRP D 590 -15.92 -2.50 64.40
N VAL D 591 -15.59 -3.79 64.32
CA VAL D 591 -15.50 -4.59 65.54
C VAL D 591 -14.30 -4.15 66.39
N MET D 592 -13.18 -3.77 65.76
CA MET D 592 -12.04 -3.30 66.52
C MET D 592 -12.34 -1.96 67.20
N MET D 593 -13.05 -1.07 66.51
CA MET D 593 -13.47 0.20 67.08
C MET D 593 -14.39 -0.04 68.26
N PHE D 594 -15.31 -0.99 68.17
CA PHE D 594 -16.17 -1.22 69.36
C PHE D 594 -15.36 -1.80 70.50
N VAL D 595 -14.48 -2.75 70.24
CA VAL D 595 -13.69 -3.31 71.35
C VAL D 595 -12.87 -2.21 72.02
N MET D 596 -12.20 -1.38 71.21
CA MET D 596 -11.41 -0.29 71.76
C MET D 596 -12.29 0.69 72.51
N LEU D 597 -13.49 0.97 72.00
CA LEU D 597 -14.41 1.87 72.67
C LEU D 597 -14.80 1.33 74.04
N LEU D 598 -15.18 0.04 74.10
CA LEU D 598 -15.55 -0.57 75.37
C LEU D 598 -14.40 -0.52 76.37
N ILE D 599 -13.21 -0.94 75.94
CA ILE D 599 -12.10 -0.99 76.89
C ILE D 599 -11.66 0.40 77.30
N VAL D 600 -11.74 1.38 76.41
CA VAL D 600 -11.38 2.75 76.75
C VAL D 600 -12.35 3.31 77.77
N SER D 601 -13.66 3.11 77.56
CA SER D 601 -14.64 3.56 78.53
C SER D 601 -14.40 2.92 79.89
N ALA D 602 -14.17 1.61 79.90
CA ALA D 602 -13.98 0.89 81.16
C ALA D 602 -12.74 1.40 81.90
N VAL D 603 -11.60 1.48 81.21
CA VAL D 603 -10.36 1.94 81.80
C VAL D 603 -10.53 3.37 82.31
N ALA D 604 -11.04 4.25 81.47
CA ALA D 604 -11.26 5.64 81.86
C ALA D 604 -12.05 5.71 83.16
N VAL D 605 -13.26 5.14 83.16
CA VAL D 605 -14.12 5.20 84.35
C VAL D 605 -13.37 4.66 85.55
N PHE D 606 -12.97 3.39 85.51
CA PHE D 606 -12.43 2.73 86.70
C PHE D 606 -11.19 3.44 87.23
N VAL D 607 -10.22 3.75 86.36
CA VAL D 607 -8.97 4.32 86.82
C VAL D 607 -9.15 5.80 87.16
N PHE D 608 -9.53 6.62 86.17
CA PHE D 608 -9.51 8.06 86.37
C PHE D 608 -10.59 8.52 87.34
N GLU D 609 -11.77 7.92 87.26
CA GLU D 609 -12.91 8.37 88.05
C GLU D 609 -12.68 8.19 89.54
N TYR D 610 -12.40 6.95 89.96
CA TYR D 610 -12.27 6.66 91.39
C TYR D 610 -10.92 7.13 91.94
N PHE D 611 -9.83 6.77 91.26
CA PHE D 611 -8.48 7.01 91.76
C PHE D 611 -7.97 8.41 91.44
N SER D 612 -8.84 9.37 91.16
CA SER D 612 -8.42 10.73 90.85
C SER D 612 -7.78 11.39 92.07
N PRO D 629 -24.56 12.49 90.31
CA PRO D 629 -23.69 13.31 89.47
C PRO D 629 -22.30 12.70 89.29
N SER D 630 -22.23 11.37 89.30
CA SER D 630 -20.98 10.65 89.14
C SER D 630 -20.88 10.08 87.74
N PHE D 631 -19.65 9.79 87.32
CA PHE D 631 -19.40 9.27 85.98
C PHE D 631 -19.47 7.75 86.02
N THR D 632 -20.61 7.19 85.62
CA THR D 632 -20.79 5.75 85.55
C THR D 632 -20.34 5.21 84.19
N ILE D 633 -20.58 3.92 83.95
CA ILE D 633 -20.21 3.34 82.66
C ILE D 633 -21.21 3.69 81.56
N GLY D 634 -22.48 3.82 81.89
CA GLY D 634 -23.49 4.19 80.91
C GLY D 634 -23.29 5.58 80.37
N LYS D 635 -23.07 6.54 81.26
CA LYS D 635 -22.80 7.92 80.85
C LYS D 635 -21.57 7.98 79.96
N ALA D 636 -20.52 7.22 80.32
CA ALA D 636 -19.29 7.26 79.54
C ALA D 636 -19.48 6.63 78.15
N ILE D 637 -20.18 5.50 78.08
CA ILE D 637 -20.38 4.86 76.78
C ILE D 637 -21.28 5.71 75.90
N TRP D 638 -22.28 6.38 76.50
CA TRP D 638 -23.12 7.29 75.74
C TRP D 638 -22.31 8.48 75.22
N LEU D 639 -21.44 9.04 76.08
CA LEU D 639 -20.59 10.14 75.69
C LEU D 639 -19.70 9.76 74.52
N LEU D 640 -19.07 8.59 74.60
CA LEU D 640 -18.17 8.16 73.52
C LEU D 640 -18.94 7.89 72.24
N TRP D 641 -20.09 7.21 72.33
CA TRP D 641 -20.87 6.90 71.15
C TRP D 641 -21.43 8.16 70.49
N GLY D 642 -21.71 9.19 71.29
CA GLY D 642 -22.16 10.45 70.70
C GLY D 642 -21.01 11.27 70.15
N LEU D 643 -19.83 11.13 70.75
CA LEU D 643 -18.65 11.84 70.29
C LEU D 643 -18.10 11.28 68.99
N VAL D 644 -18.29 9.98 68.73
CA VAL D 644 -17.91 9.40 67.46
C VAL D 644 -18.94 9.63 66.37
N PHE D 645 -20.24 9.59 66.70
CA PHE D 645 -21.31 9.79 65.72
C PHE D 645 -21.86 11.22 65.77
N ASN D 646 -21.02 12.14 65.41
CA ASN D 646 -21.60 13.47 65.18
C ASN D 646 -22.62 13.96 66.20
N ASN D 647 -22.11 14.05 67.39
CA ASN D 647 -22.61 14.80 68.56
C ASN D 647 -24.10 14.87 68.82
N SER D 648 -24.48 14.10 69.81
CA SER D 648 -25.84 14.06 70.36
C SER D 648 -25.77 14.97 71.58
N VAL D 649 -25.97 14.47 72.80
CA VAL D 649 -25.89 15.39 73.97
C VAL D 649 -25.31 14.68 75.20
N PRO D 650 -24.01 14.55 75.49
CA PRO D 650 -23.62 13.83 76.69
C PRO D 650 -23.49 14.72 77.92
N VAL D 651 -23.07 14.15 79.03
CA VAL D 651 -22.72 14.90 80.24
C VAL D 651 -21.21 14.91 80.34
N GLN D 652 -20.63 16.11 80.42
CA GLN D 652 -19.18 16.26 80.39
C GLN D 652 -18.52 15.51 81.54
N ASN D 653 -17.33 14.97 81.28
CA ASN D 653 -16.59 14.25 82.29
C ASN D 653 -16.17 15.19 83.41
N PRO D 654 -15.84 14.68 84.61
CA PRO D 654 -15.42 15.56 85.71
C PRO D 654 -14.07 16.22 85.45
N LYS D 655 -13.57 16.94 86.45
CA LYS D 655 -12.35 17.72 86.33
C LYS D 655 -11.10 16.86 86.22
N GLY D 656 -11.26 15.54 86.16
CA GLY D 656 -10.14 14.64 85.99
C GLY D 656 -9.33 14.91 84.75
N THR D 657 -8.05 15.25 84.92
CA THR D 657 -7.21 15.62 83.78
C THR D 657 -6.96 14.44 82.87
N THR D 658 -6.66 13.26 83.43
CA THR D 658 -6.41 12.09 82.60
C THR D 658 -7.66 11.68 81.83
N SER D 659 -8.83 11.79 82.46
CA SER D 659 -10.08 11.49 81.76
C SER D 659 -10.30 12.46 80.61
N LYS D 660 -9.99 13.74 80.82
CA LYS D 660 -10.11 14.74 79.77
C LYS D 660 -9.15 14.45 78.61
N ILE D 661 -7.92 14.03 78.94
CA ILE D 661 -6.96 13.68 77.90
C ILE D 661 -7.44 12.48 77.10
N MET D 662 -7.99 11.48 77.80
CA MET D 662 -8.54 10.30 77.13
C MET D 662 -9.68 10.69 76.20
N VAL D 663 -10.56 11.59 76.67
CA VAL D 663 -11.68 12.05 75.86
C VAL D 663 -11.17 12.80 74.63
N SER D 664 -10.13 13.60 74.80
CA SER D 664 -9.55 14.34 73.69
C SER D 664 -8.96 13.41 72.64
N VAL D 665 -8.21 12.39 73.09
CA VAL D 665 -7.65 11.42 72.17
C VAL D 665 -8.75 10.65 71.46
N TRP D 666 -9.83 10.32 72.18
CA TRP D 666 -10.94 9.60 71.56
C TRP D 666 -11.65 10.47 70.53
N ALA D 667 -11.77 11.77 70.81
CA ALA D 667 -12.38 12.68 69.84
C ALA D 667 -11.51 12.84 68.61
N PHE D 668 -10.19 12.88 68.78
CA PHE D 668 -9.29 12.91 67.63
C PHE D 668 -9.45 11.64 66.79
N PHE D 669 -9.46 10.48 67.45
CA PHE D 669 -9.70 9.23 66.75
C PHE D 669 -11.04 9.25 66.01
N ALA D 670 -12.07 9.81 66.63
CA ALA D 670 -13.41 9.85 66.05
C ALA D 670 -13.46 10.75 64.82
N VAL D 671 -12.83 11.93 64.89
CA VAL D 671 -12.87 12.86 63.77
C VAL D 671 -12.04 12.27 62.62
N ILE D 672 -10.94 11.60 62.95
CA ILE D 672 -10.15 10.94 61.90
C ILE D 672 -10.93 9.78 61.27
N PHE D 673 -11.68 9.03 62.07
CA PHE D 673 -12.50 7.94 61.55
C PHE D 673 -13.58 8.47 60.63
N LEU D 674 -14.25 9.54 61.04
CA LEU D 674 -15.29 10.15 60.20
C LEU D 674 -14.71 10.68 58.90
N ALA D 675 -13.53 11.31 58.98
CA ALA D 675 -12.87 11.81 57.78
C ALA D 675 -12.53 10.68 56.82
N SER D 676 -11.94 9.60 57.34
CA SER D 676 -11.58 8.47 56.49
C SER D 676 -12.83 7.82 55.90
N TYR D 677 -13.90 7.72 56.68
CA TYR D 677 -15.14 7.13 56.22
C TYR D 677 -15.72 7.93 55.08
N THR D 678 -15.86 9.25 55.26
CA THR D 678 -16.35 10.10 54.18
C THR D 678 -15.46 10.06 52.95
N ALA D 679 -14.14 10.03 53.13
CA ALA D 679 -13.23 10.00 52.00
C ALA D 679 -13.39 8.72 51.19
N ASN D 680 -13.33 7.57 51.86
CA ASN D 680 -13.47 6.29 51.16
C ASN D 680 -14.88 6.03 50.69
N LEU D 681 -15.88 6.75 51.22
CA LEU D 681 -17.24 6.65 50.69
C LEU D 681 -17.41 7.48 49.43
N ALA D 682 -16.82 8.68 49.39
CA ALA D 682 -16.82 9.44 48.15
C ALA D 682 -16.04 8.72 47.06
N ALA D 683 -14.88 8.14 47.42
CA ALA D 683 -14.10 7.38 46.45
C ALA D 683 -14.85 6.13 46.00
N PHE D 684 -15.69 5.58 46.88
CA PHE D 684 -16.50 4.43 46.50
C PHE D 684 -17.64 4.83 45.57
N MET D 685 -18.21 6.02 45.79
CA MET D 685 -19.40 6.43 45.06
C MET D 685 -19.04 6.98 43.68
N ILE D 686 -17.87 7.60 43.55
CA ILE D 686 -17.47 8.21 42.28
C ILE D 686 -17.26 7.12 41.23
N GLN D 687 -16.67 6.00 41.62
CA GLN D 687 -16.36 4.92 40.70
C GLN D 687 -17.37 3.77 40.87
N GLU D 688 -18.50 3.93 40.17
CA GLU D 688 -19.57 2.94 40.16
C GLU D 688 -20.13 2.82 38.76
N GLU D 689 -20.41 1.57 38.34
CA GLU D 689 -20.95 1.33 37.02
C GLU D 689 -22.08 0.30 37.07
N TYR D 690 -22.71 0.09 35.92
CA TYR D 690 -23.74 -0.92 35.76
C TYR D 690 -23.08 -2.22 35.33
N VAL D 691 -23.92 -3.23 35.03
CA VAL D 691 -23.36 -4.53 34.65
C VAL D 691 -23.69 -4.86 33.21
N ASP D 692 -24.98 -5.08 32.90
CA ASP D 692 -25.40 -5.50 31.57
C ASP D 692 -26.91 -5.68 31.51
N GLN D 693 -27.41 -6.08 30.34
CA GLN D 693 -28.74 -6.65 30.26
C GLN D 693 -28.71 -8.09 30.76
N VAL D 694 -29.76 -8.86 30.46
CA VAL D 694 -29.86 -10.19 31.04
C VAL D 694 -29.22 -11.24 30.13
N SER D 695 -29.79 -11.45 28.95
CA SER D 695 -29.27 -12.42 27.98
C SER D 695 -30.18 -12.44 26.76
N GLY D 696 -29.77 -13.24 25.77
CA GLY D 696 -30.61 -13.41 24.58
C GLY D 696 -31.72 -14.42 24.78
N LEU D 697 -31.38 -15.63 25.22
CA LEU D 697 -32.37 -16.68 25.47
C LEU D 697 -32.37 -17.00 26.96
N SER D 698 -33.10 -16.19 27.72
CA SER D 698 -33.23 -16.30 29.17
C SER D 698 -34.38 -15.43 29.61
N ASP D 699 -34.45 -15.13 30.91
CA ASP D 699 -35.32 -14.05 31.37
C ASP D 699 -36.78 -14.33 31.04
N LYS D 700 -37.39 -15.29 31.74
CA LYS D 700 -38.73 -15.81 31.46
C LYS D 700 -39.73 -14.70 31.11
N LYS D 701 -39.49 -13.48 31.57
CA LYS D 701 -40.22 -12.33 31.03
C LYS D 701 -40.21 -12.33 29.50
N PHE D 702 -39.13 -12.83 28.89
CA PHE D 702 -39.10 -13.05 27.45
C PHE D 702 -39.96 -14.23 27.02
N GLN D 703 -40.06 -15.28 27.84
CA GLN D 703 -40.97 -16.39 27.57
C GLN D 703 -42.38 -16.14 28.09
N ARG D 704 -42.58 -15.05 28.83
CA ARG D 704 -43.90 -14.66 29.30
C ARG D 704 -43.92 -13.14 29.41
N PRO D 705 -44.43 -12.44 28.40
CA PRO D 705 -44.32 -10.98 28.36
C PRO D 705 -45.22 -10.27 29.35
N ASN D 706 -45.91 -11.02 30.21
CA ASN D 706 -46.80 -10.44 31.21
C ASN D 706 -46.15 -10.31 32.58
N ASP D 707 -44.83 -10.42 32.66
CA ASP D 707 -44.12 -10.31 33.93
C ASP D 707 -44.26 -8.91 34.51
N PHE D 708 -43.74 -7.91 33.81
CA PHE D 708 -43.81 -6.52 34.26
C PHE D 708 -43.49 -5.59 33.09
N SER D 709 -44.28 -4.52 32.93
CA SER D 709 -44.17 -3.61 31.80
C SER D 709 -44.23 -4.40 30.49
N PRO D 710 -45.41 -4.90 30.12
CA PRO D 710 -45.52 -5.76 28.93
C PRO D 710 -44.89 -5.15 27.69
N PRO D 711 -45.05 -3.83 27.42
CA PRO D 711 -44.38 -3.27 26.23
C PRO D 711 -42.87 -3.18 26.36
N PHE D 712 -42.22 -4.31 26.64
CA PHE D 712 -40.76 -4.39 26.55
C PHE D 712 -40.38 -4.50 25.08
N ARG D 713 -40.43 -3.37 24.37
CA ARG D 713 -40.37 -3.36 22.92
C ARG D 713 -39.07 -3.96 22.39
N PHE D 714 -39.21 -4.94 21.50
CA PHE D 714 -38.11 -5.48 20.72
C PHE D 714 -38.69 -6.04 19.43
N GLY D 715 -37.84 -6.17 18.42
CA GLY D 715 -38.31 -6.68 17.15
C GLY D 715 -37.16 -6.86 16.17
N THR D 716 -37.49 -7.50 15.05
CA THR D 716 -36.53 -7.76 13.99
C THR D 716 -37.12 -7.29 12.68
N VAL D 717 -36.25 -7.12 11.69
CA VAL D 717 -36.68 -6.78 10.33
C VAL D 717 -37.12 -8.07 9.64
N PRO D 718 -38.26 -8.07 8.94
CA PRO D 718 -38.71 -9.30 8.28
C PRO D 718 -37.80 -9.69 7.12
N ASN D 719 -37.95 -10.93 6.65
CA ASN D 719 -37.16 -11.46 5.53
C ASN D 719 -35.66 -11.42 5.82
N GLY D 720 -35.26 -11.89 7.01
CA GLY D 720 -33.86 -11.88 7.38
C GLY D 720 -33.45 -13.20 7.99
N SER D 721 -32.15 -13.31 8.28
CA SER D 721 -31.61 -14.52 8.89
C SER D 721 -32.12 -14.69 10.31
N THR D 722 -32.03 -13.64 11.12
CA THR D 722 -32.51 -13.72 12.49
C THR D 722 -34.01 -14.01 12.56
N GLU D 723 -34.78 -13.49 11.60
CA GLU D 723 -36.21 -13.76 11.56
C GLU D 723 -36.47 -15.25 11.38
N ARG D 724 -35.82 -15.86 10.40
CA ARG D 724 -35.99 -17.30 10.15
C ARG D 724 -35.48 -18.12 11.32
N ASN D 725 -34.40 -17.65 11.97
CA ASN D 725 -33.86 -18.36 13.13
C ASN D 725 -34.86 -18.37 14.27
N ILE D 726 -35.43 -17.21 14.58
CA ILE D 726 -36.45 -17.14 15.63
C ILE D 726 -37.68 -17.95 15.24
N ARG D 727 -38.02 -17.96 13.95
CA ARG D 727 -39.14 -18.75 13.47
C ARG D 727 -38.95 -20.23 13.74
N ASN D 728 -37.81 -20.77 13.32
CA ASN D 728 -37.56 -22.20 13.48
C ASN D 728 -37.30 -22.57 14.94
N ASN D 729 -36.82 -21.61 15.74
CA ASN D 729 -36.46 -21.92 17.12
C ASN D 729 -37.63 -21.69 18.07
N TYR D 730 -38.30 -20.55 17.95
CA TYR D 730 -39.33 -20.14 18.90
C TYR D 730 -40.65 -19.93 18.19
N ALA D 731 -41.74 -20.01 18.94
CA ALA D 731 -43.08 -19.72 18.45
C ALA D 731 -43.72 -18.55 19.17
N GLU D 732 -43.79 -18.60 20.50
CA GLU D 732 -44.36 -17.48 21.25
C GLU D 732 -43.46 -16.25 21.16
N MET D 733 -42.14 -16.46 21.27
CA MET D 733 -41.20 -15.36 21.09
C MET D 733 -41.34 -14.73 19.71
N HIS D 734 -41.46 -15.57 18.66
CA HIS D 734 -41.62 -15.05 17.32
C HIS D 734 -42.93 -14.27 17.18
N ALA D 735 -44.01 -14.77 17.78
CA ALA D 735 -45.29 -14.08 17.70
C ALA D 735 -45.22 -12.72 18.39
N TYR D 736 -44.61 -12.68 19.58
CA TYR D 736 -44.52 -11.42 20.31
C TYR D 736 -43.58 -10.45 19.62
N MET D 737 -42.55 -10.96 18.93
CA MET D 737 -41.67 -10.09 18.16
C MET D 737 -42.40 -9.51 16.95
N GLY D 738 -43.19 -10.33 16.26
CA GLY D 738 -43.99 -9.85 15.15
C GLY D 738 -45.09 -8.89 15.56
N LYS D 739 -45.55 -9.00 16.81
CA LYS D 739 -46.53 -8.03 17.31
C LYS D 739 -45.91 -6.63 17.39
N PHE D 740 -44.60 -6.57 17.63
CA PHE D 740 -43.85 -5.30 17.67
C PHE D 740 -42.91 -5.17 16.49
N ASN D 741 -43.36 -5.54 15.30
CA ASN D 741 -42.54 -5.42 14.10
C ASN D 741 -42.14 -3.97 13.87
N GLN D 742 -40.93 -3.77 13.35
CA GLN D 742 -40.38 -2.43 13.14
C GLN D 742 -39.97 -2.26 11.68
N ARG D 743 -39.53 -1.05 11.36
CA ARG D 743 -39.12 -0.69 10.02
C ARG D 743 -37.64 -1.01 9.83
N GLY D 744 -37.04 -0.48 8.77
CA GLY D 744 -35.64 -0.70 8.45
C GLY D 744 -34.67 -0.38 9.57
N VAL D 745 -33.42 -0.81 9.41
CA VAL D 745 -32.38 -0.68 10.44
C VAL D 745 -32.25 0.75 10.92
N ASP D 746 -32.24 1.71 9.99
CA ASP D 746 -32.12 3.11 10.37
C ASP D 746 -33.35 3.58 11.14
N ASP D 747 -34.54 3.26 10.64
CA ASP D 747 -35.77 3.64 11.31
C ASP D 747 -35.90 2.91 12.65
N ALA D 748 -35.45 1.66 12.71
CA ALA D 748 -35.49 0.92 13.96
C ALA D 748 -34.56 1.55 14.99
N LEU D 749 -33.36 1.95 14.59
CA LEU D 749 -32.45 2.60 15.52
C LEU D 749 -33.00 3.95 15.97
N LEU D 750 -33.65 4.68 15.05
CA LEU D 750 -34.26 5.95 15.41
C LEU D 750 -35.37 5.76 16.43
N SER D 751 -36.20 4.73 16.23
CA SER D 751 -37.27 4.43 17.19
C SER D 751 -36.71 4.00 18.53
N LEU D 752 -35.61 3.25 18.51
CA LEU D 752 -34.96 2.83 19.75
C LEU D 752 -34.41 4.03 20.51
N LYS D 753 -33.81 4.98 19.79
CA LYS D 753 -33.24 6.16 20.42
C LYS D 753 -34.28 7.12 20.95
N THR D 754 -35.54 7.02 20.50
CA THR D 754 -36.60 7.93 20.93
C THR D 754 -37.48 7.30 22.01
N GLY D 755 -37.01 6.24 22.66
CA GLY D 755 -37.76 5.60 23.72
C GLY D 755 -38.93 4.76 23.28
N LYS D 756 -39.30 4.77 21.99
CA LYS D 756 -40.41 3.95 21.53
C LYS D 756 -40.05 2.47 21.60
N LEU D 757 -38.79 2.13 21.38
CA LEU D 757 -38.31 0.75 21.45
C LEU D 757 -37.36 0.60 22.62
N ASP D 758 -37.20 -0.63 23.09
CA ASP D 758 -36.32 -0.94 24.21
C ASP D 758 -35.16 -1.86 23.84
N ALA D 759 -35.37 -2.79 22.90
CA ALA D 759 -34.31 -3.68 22.45
C ALA D 759 -34.43 -3.89 20.96
N PHE D 760 -33.36 -4.42 20.36
CA PHE D 760 -33.33 -4.67 18.93
C PHE D 760 -32.44 -5.88 18.66
N ILE D 761 -32.87 -6.71 17.72
CA ILE D 761 -32.16 -7.95 17.39
C ILE D 761 -31.68 -7.82 15.94
N TYR D 762 -30.39 -8.09 15.72
CA TYR D 762 -29.77 -7.96 14.41
C TYR D 762 -28.43 -8.69 14.46
N ASP D 763 -27.84 -8.91 13.29
CA ASP D 763 -26.56 -9.60 13.24
C ASP D 763 -25.49 -8.81 14.00
N ALA D 764 -24.48 -9.54 14.50
CA ALA D 764 -23.50 -8.93 15.39
C ALA D 764 -22.65 -7.87 14.72
N ALA D 765 -22.31 -8.03 13.44
CA ALA D 765 -21.39 -7.10 12.80
C ALA D 765 -22.00 -5.70 12.67
N VAL D 766 -23.20 -5.62 12.09
CA VAL D 766 -23.84 -4.32 11.86
C VAL D 766 -24.15 -3.65 13.19
N LEU D 767 -24.70 -4.42 14.14
CA LEU D 767 -25.03 -3.85 15.44
C LEU D 767 -23.79 -3.34 16.16
N ASN D 768 -22.70 -4.11 16.14
CA ASN D 768 -21.47 -3.68 16.79
C ASN D 768 -20.91 -2.42 16.13
N TYR D 769 -20.91 -2.39 14.79
CA TYR D 769 -20.42 -1.21 14.08
C TYR D 769 -21.23 0.02 14.43
N MET D 770 -22.56 -0.11 14.45
CA MET D 770 -23.42 1.04 14.73
C MET D 770 -23.27 1.51 16.17
N ALA D 771 -23.23 0.56 17.12
CA ALA D 771 -23.09 0.91 18.52
C ALA D 771 -21.71 1.42 18.89
N GLY D 772 -20.68 1.14 18.09
CA GLY D 772 -19.36 1.66 18.40
C GLY D 772 -19.03 2.93 17.65
N ARG D 773 -19.68 3.14 16.50
CA ARG D 773 -19.38 4.32 15.69
C ARG D 773 -20.12 5.54 16.19
N ASP D 774 -21.35 5.36 16.67
CA ASP D 774 -22.14 6.49 17.14
C ASP D 774 -21.49 7.12 18.38
N GLU D 775 -21.46 8.45 18.38
CA GLU D 775 -20.87 9.19 19.49
C GLU D 775 -21.85 9.28 20.66
N GLY D 776 -21.31 9.55 21.84
CA GLY D 776 -22.08 9.64 23.06
C GLY D 776 -22.18 8.35 23.83
N CYS D 777 -21.94 7.21 23.18
CA CYS D 777 -21.99 5.89 23.79
C CYS D 777 -23.36 5.58 24.41
N LYS D 778 -24.42 6.10 23.79
CA LYS D 778 -25.76 5.89 24.36
C LYS D 778 -26.26 4.48 24.07
N LEU D 779 -26.02 3.96 22.87
CA LEU D 779 -26.45 2.63 22.48
C LEU D 779 -25.27 1.68 22.48
N VAL D 780 -25.35 0.64 23.33
CA VAL D 780 -24.32 -0.36 23.47
C VAL D 780 -24.96 -1.74 23.32
N THR D 781 -24.14 -2.78 23.44
CA THR D 781 -24.61 -4.16 23.38
C THR D 781 -24.51 -4.79 24.76
N ILE D 782 -25.17 -5.94 24.92
CA ILE D 782 -25.16 -6.61 26.22
C ILE D 782 -23.76 -7.14 26.52
N GLY D 783 -23.37 -7.05 27.79
CA GLY D 783 -22.07 -7.50 28.23
C GLY D 783 -20.92 -6.90 27.44
N SER D 784 -19.83 -7.66 27.29
CA SER D 784 -18.71 -7.25 26.46
C SER D 784 -18.86 -7.70 25.00
N GLY D 785 -20.04 -8.17 24.62
CA GLY D 785 -20.26 -8.68 23.27
C GLY D 785 -20.28 -10.19 23.22
N LYS D 786 -21.47 -10.77 23.15
CA LYS D 786 -21.64 -12.22 23.17
C LYS D 786 -22.59 -12.63 22.05
N VAL D 787 -22.16 -13.58 21.23
CA VAL D 787 -22.98 -14.09 20.13
C VAL D 787 -23.66 -15.37 20.57
N PHE D 788 -24.80 -15.67 19.95
CA PHE D 788 -25.59 -16.84 20.29
C PHE D 788 -25.80 -17.79 19.12
N ALA D 789 -25.75 -17.31 17.88
CA ALA D 789 -25.93 -18.14 16.70
C ALA D 789 -24.82 -17.83 15.69
N SER D 790 -23.58 -17.81 16.19
CA SER D 790 -22.43 -17.43 15.38
C SER D 790 -22.20 -18.40 14.22
N THR D 791 -22.49 -17.97 13.00
CA THR D 791 -22.25 -18.78 11.82
C THR D 791 -21.19 -18.13 10.94
N GLY D 792 -21.35 -16.83 10.67
CA GLY D 792 -20.38 -16.09 9.88
C GLY D 792 -20.88 -15.71 8.51
N TYR D 793 -20.32 -14.64 7.95
CA TYR D 793 -20.66 -14.20 6.61
C TYR D 793 -19.94 -15.10 5.59
N GLY D 794 -20.09 -14.79 4.31
CA GLY D 794 -19.45 -15.56 3.28
C GLY D 794 -19.80 -15.04 1.90
N ILE D 795 -19.01 -15.45 0.93
CA ILE D 795 -19.23 -15.09 -0.46
C ILE D 795 -19.92 -16.26 -1.14
N ALA D 796 -21.14 -16.02 -1.64
CA ALA D 796 -21.91 -17.06 -2.30
C ALA D 796 -21.23 -17.50 -3.58
N ILE D 797 -21.41 -18.78 -3.95
CA ILE D 797 -20.76 -19.36 -5.12
C ILE D 797 -21.77 -20.27 -5.80
N GLN D 798 -21.78 -20.22 -7.13
CA GLN D 798 -22.65 -21.10 -7.92
C GLN D 798 -22.41 -22.55 -7.56
N LYS D 799 -23.48 -23.34 -7.58
CA LYS D 799 -23.40 -24.75 -7.24
C LYS D 799 -22.46 -25.48 -8.18
N ASP D 800 -21.62 -26.35 -7.62
CA ASP D 800 -20.66 -27.17 -8.34
C ASP D 800 -19.65 -26.36 -9.13
N SER D 801 -19.40 -25.11 -8.75
CA SER D 801 -18.41 -24.30 -9.44
C SER D 801 -17.01 -24.69 -9.01
N GLY D 802 -16.06 -24.63 -9.94
CA GLY D 802 -14.69 -25.00 -9.66
C GLY D 802 -13.85 -23.86 -9.09
N TRP D 803 -14.50 -22.73 -8.77
CA TRP D 803 -13.78 -21.59 -8.23
C TRP D 803 -13.80 -21.58 -6.71
N LYS D 804 -14.54 -22.50 -6.10
CA LYS D 804 -14.66 -22.55 -4.65
C LYS D 804 -13.30 -22.76 -3.96
N ARG D 805 -12.52 -23.72 -4.48
CA ARG D 805 -11.22 -24.00 -3.87
C ARG D 805 -10.27 -22.82 -4.02
N GLN D 806 -10.30 -22.14 -5.17
CA GLN D 806 -9.41 -21.01 -5.40
C GLN D 806 -9.73 -19.86 -4.45
N VAL D 807 -11.00 -19.47 -4.36
CA VAL D 807 -11.37 -18.38 -3.47
C VAL D 807 -11.16 -18.78 -2.01
N ASP D 808 -11.33 -20.07 -1.69
CA ASP D 808 -11.08 -20.57 -0.36
C ASP D 808 -9.62 -20.37 0.02
N LEU D 809 -8.71 -20.83 -0.84
CA LEU D 809 -7.28 -20.66 -0.58
C LEU D 809 -6.89 -19.19 -0.55
N ALA D 810 -7.53 -18.36 -1.38
CA ALA D 810 -7.24 -16.94 -1.39
C ALA D 810 -7.64 -16.29 -0.06
N ILE D 811 -8.83 -16.60 0.42
CA ILE D 811 -9.29 -16.05 1.70
C ILE D 811 -8.39 -16.54 2.84
N LEU D 812 -7.98 -17.80 2.79
CA LEU D 812 -7.11 -18.34 3.83
C LEU D 812 -5.74 -17.67 3.84
N GLN D 813 -5.13 -17.50 2.66
CA GLN D 813 -3.82 -16.85 2.60
C GLN D 813 -3.91 -15.37 2.92
N LEU D 814 -5.06 -14.74 2.68
CA LEU D 814 -5.24 -13.35 3.08
C LEU D 814 -5.40 -13.24 4.59
N PHE D 815 -6.07 -14.22 5.19
CA PHE D 815 -6.12 -14.30 6.65
C PHE D 815 -4.73 -14.49 7.24
N GLY D 816 -3.91 -15.33 6.59
CA GLY D 816 -2.55 -15.51 7.06
C GLY D 816 -1.64 -14.33 6.82
N ASP D 817 -2.03 -13.46 5.88
CA ASP D 817 -1.22 -12.30 5.53
C ASP D 817 -1.52 -11.08 6.40
N GLY D 818 -2.53 -11.15 7.26
CA GLY D 818 -2.86 -10.05 8.14
C GLY D 818 -3.39 -8.82 7.43
N GLU D 819 -3.89 -9.00 6.20
CA GLU D 819 -4.47 -7.88 5.46
C GLU D 819 -5.84 -7.52 6.03
N MET D 820 -6.66 -8.53 6.33
CA MET D 820 -7.98 -8.27 6.89
C MET D 820 -7.89 -7.64 8.28
N GLU D 821 -6.81 -7.88 9.01
CA GLU D 821 -6.60 -7.19 10.28
C GLU D 821 -6.54 -5.68 10.07
N GLU D 822 -5.89 -5.25 8.99
CA GLU D 822 -5.85 -3.82 8.67
C GLU D 822 -7.18 -3.35 8.09
N LEU D 823 -7.84 -4.20 7.29
CA LEU D 823 -9.14 -3.84 6.74
C LEU D 823 -10.17 -3.60 7.84
N GLU D 824 -10.03 -4.33 8.96
CA GLU D 824 -10.91 -4.11 10.09
C GLU D 824 -10.80 -2.69 10.62
N ALA D 825 -9.58 -2.24 10.90
CA ALA D 825 -9.38 -0.86 11.35
C ALA D 825 -9.77 0.12 10.25
N LEU D 826 -9.72 -0.33 9.00
CA LEU D 826 -10.06 0.55 7.88
C LEU D 826 -11.57 0.78 7.79
N TRP D 827 -12.39 -0.22 8.11
CA TRP D 827 -13.82 -0.11 7.87
C TRP D 827 -14.71 -0.56 9.01
N LEU D 828 -14.17 -0.93 10.18
CA LEU D 828 -14.98 -1.46 11.27
C LEU D 828 -14.81 -0.73 12.59
N THR D 829 -13.71 0.01 12.77
CA THR D 829 -13.49 0.71 14.02
C THR D 829 -14.55 1.78 14.26
N GLY D 830 -14.86 2.01 15.54
CA GLY D 830 -15.88 2.96 15.92
C GLY D 830 -15.33 4.12 16.72
N ILE D 831 -16.21 4.74 17.50
CA ILE D 831 -15.88 5.93 18.29
C ILE D 831 -15.89 5.59 19.77
N CYS D 832 -16.78 4.69 20.18
CA CYS D 832 -16.92 4.31 21.59
C CYS D 832 -16.04 3.12 21.95
N HIS D 833 -14.91 2.94 21.26
CA HIS D 833 -13.96 1.90 21.61
C HIS D 833 -13.02 2.31 22.74
N ASN D 834 -13.36 3.34 23.49
CA ASN D 834 -12.55 3.82 24.59
C ASN D 834 -12.89 3.05 25.86
N GLU D 835 -12.40 3.54 27.00
CA GLU D 835 -12.61 2.86 28.27
C GLU D 835 -14.03 3.00 28.79
N LYS D 836 -14.86 3.84 28.18
CA LYS D 836 -16.25 4.05 28.59
C LYS D 836 -16.32 4.53 30.04
N ASN D 837 -15.82 5.75 30.25
CA ASN D 837 -15.79 6.37 31.57
C ASN D 837 -17.17 6.35 32.23
N GLU D 838 -17.21 5.86 33.46
CA GLU D 838 -18.46 5.72 34.22
C GLU D 838 -18.89 7.09 34.72
N VAL D 839 -19.85 7.68 34.01
CA VAL D 839 -20.43 8.95 34.42
C VAL D 839 -21.57 8.67 35.39
N MET D 840 -21.27 8.62 36.68
CA MET D 840 -22.24 8.27 37.70
C MET D 840 -22.94 9.51 38.25
N SER D 841 -23.54 10.31 37.37
CA SER D 841 -24.31 11.48 37.78
C SER D 841 -25.76 11.04 38.00
N SER D 842 -25.95 10.23 39.04
CA SER D 842 -27.24 9.64 39.34
C SER D 842 -27.79 10.21 40.64
N GLN D 843 -28.92 9.70 41.10
CA GLN D 843 -29.55 10.16 42.33
C GLN D 843 -29.61 9.02 43.35
N LEU D 844 -30.26 9.25 44.48
CA LEU D 844 -30.45 8.23 45.51
C LEU D 844 -31.93 8.15 45.85
N ASP D 845 -32.64 7.24 45.17
CA ASP D 845 -34.03 7.00 45.49
C ASP D 845 -34.14 6.02 46.65
N ILE D 846 -35.38 5.65 46.98
CA ILE D 846 -35.60 4.68 48.05
C ILE D 846 -35.00 3.32 47.68
N ASP D 847 -35.05 2.95 46.40
CA ASP D 847 -34.48 1.68 45.98
C ASP D 847 -32.95 1.73 45.93
N ASN D 848 -32.38 2.92 45.70
CA ASN D 848 -30.93 3.03 45.62
C ASN D 848 -30.28 2.95 47.00
N MET D 849 -31.04 3.24 48.06
CA MET D 849 -30.50 3.20 49.42
C MET D 849 -31.63 2.82 50.36
N ALA D 850 -31.64 1.56 50.81
CA ALA D 850 -32.66 1.07 51.72
C ALA D 850 -32.05 0.30 52.88
N GLY D 851 -30.75 -0.01 52.77
CA GLY D 851 -30.09 -0.75 53.83
C GLY D 851 -30.00 0.03 55.13
N VAL D 852 -29.88 1.36 55.04
CA VAL D 852 -29.82 2.19 56.24
C VAL D 852 -31.16 2.15 56.97
N PHE D 853 -32.25 2.24 56.21
CA PHE D 853 -33.58 2.14 56.81
C PHE D 853 -33.84 0.75 57.36
N TYR D 854 -33.30 -0.28 56.69
CA TYR D 854 -33.42 -1.65 57.22
C TYR D 854 -32.69 -1.77 58.56
N MET D 855 -31.52 -1.16 58.64
CA MET D 855 -30.84 -1.25 59.95
C MET D 855 -31.61 -0.46 60.99
N LEU D 856 -32.14 0.68 60.61
CA LEU D 856 -32.91 1.46 61.57
C LEU D 856 -34.10 0.67 62.10
N GLY D 857 -34.78 -0.06 61.20
CA GLY D 857 -35.88 -0.90 61.64
C GLY D 857 -35.43 -2.05 62.52
N ALA D 858 -34.27 -2.65 62.20
CA ALA D 858 -33.71 -3.69 63.04
C ALA D 858 -33.35 -3.14 64.41
N ALA D 859 -32.85 -1.91 64.47
CA ALA D 859 -32.54 -1.31 65.76
C ALA D 859 -33.81 -0.99 66.54
N MET D 860 -34.87 -0.58 65.85
CA MET D 860 -36.15 -0.38 66.53
C MET D 860 -36.66 -1.68 67.13
N ALA D 861 -36.57 -2.78 66.37
CA ALA D 861 -36.97 -4.08 66.90
C ALA D 861 -36.11 -4.50 68.07
N LEU D 862 -34.80 -4.24 67.99
CA LEU D 862 -33.90 -4.59 69.09
C LEU D 862 -34.21 -3.77 70.34
N SER D 863 -34.58 -2.50 70.17
CA SER D 863 -34.97 -1.69 71.33
C SER D 863 -36.28 -2.19 71.93
N LEU D 864 -37.23 -2.58 71.07
CA LEU D 864 -38.51 -3.07 71.56
C LEU D 864 -38.34 -4.37 72.34
N ILE D 865 -37.63 -5.35 71.78
CA ILE D 865 -37.48 -6.59 72.60
C ILE D 865 -36.69 -6.32 73.87
N THR D 866 -35.67 -5.47 73.83
CA THR D 866 -34.97 -5.20 75.08
C THR D 866 -35.88 -4.55 76.11
N PHE D 867 -36.76 -3.65 75.68
CA PHE D 867 -37.75 -3.07 76.59
C PHE D 867 -38.66 -4.16 77.16
N ILE D 868 -39.12 -5.06 76.30
CA ILE D 868 -39.98 -6.15 76.76
C ILE D 868 -39.23 -7.06 77.73
N SER D 869 -37.96 -7.36 77.43
CA SER D 869 -37.15 -8.20 78.30
C SER D 869 -36.96 -7.56 79.67
N GLU D 870 -36.72 -6.25 79.70
CA GLU D 870 -36.55 -5.55 80.97
C GLU D 870 -37.86 -5.52 81.75
N HIS D 871 -38.98 -5.25 81.06
CA HIS D 871 -40.27 -5.22 81.74
C HIS D 871 -40.62 -6.57 82.32
N LEU D 872 -40.22 -7.65 81.64
CA LEU D 872 -40.45 -8.99 82.17
C LEU D 872 -39.48 -9.30 83.31
N PHE D 873 -38.26 -8.77 83.22
CA PHE D 873 -37.28 -8.98 84.29
C PHE D 873 -37.71 -8.32 85.58
N TYR D 874 -38.39 -7.17 85.50
CA TYR D 874 -38.81 -6.66 86.82
C TYR D 874 -39.82 -7.63 87.41
N TRP D 875 -40.74 -8.09 86.56
CA TRP D 875 -41.79 -8.95 87.08
C TRP D 875 -41.21 -10.27 87.59
#